data_7ZM8
#
_entry.id   7ZM8
#
_cell.length_a   1.00
_cell.length_b   1.00
_cell.length_c   1.00
_cell.angle_alpha   90.00
_cell.angle_beta   90.00
_cell.angle_gamma   90.00
#
_symmetry.space_group_name_H-M   'P 1'
#
loop_
_entity.id
_entity.type
_entity.pdbx_description
1 polymer 'NADH-ubiquinone oxidoreductase chain 1'
2 polymer 'NADH dehydrogenase subunit 2'
3 polymer 'NADH-ubiquinone oxidoreductase chain 3'
4 polymer 'NADH-ubiquinone oxidoreductase chain 4'
5 polymer 'NADH-ubiquinone oxidoreductase chain 5'
6 polymer 'NADH-ubiquinone oxidoreductase chain 6'
7 polymer 'NADH dehydrogenase [ubiquinone] 1 beta subcomplex subunit 7'
8 polymer 'Subunit NDUFS5 of NADH-ubiquinone oxidoreductase (Complex I)'
9 polymer 'Subunit NDUFA1 of NADH-ubiquinone oxidoreductase (Complex I)'
10 polymer 'NADH-ubiquinone oxidoreductase-like protein'
11 polymer 'NADH-ubiquinone oxidoreductase chain 4L'
12 polymer 'Acyl carrier protein'
13 polymer 'Complex I-B22'
14 polymer 'Complex I-ESSS'
15 polymer 'NADH-ubiquinone oxidoreductase'
16 polymer 'NADH dehydrogenase [ubiquinone] 1 alpha subcomplex subunit 13'
17 polymer 'NADH-ubiquinone oxidoreductase-like protein'
18 polymer 'NADH dehydrogenase (Ubiquinone)-like protein'
19 polymer 'Subunit NDUFC2 of NADH-ubiquinone oxidoreductase (Complex I)'
20 polymer 'Subunit NDUFB3 of NADH-ubiquinone oxidoreductase (Complex I)'
21 polymer 'Subunit NDUFB10 of NADH-ubiquinone oxidoreductase (Complex I)'
22 polymer 'Subunit NDUFB2 of NADH-ubiquinone oxidoreductase (Complex I)'
23 polymer 'Subunit NDUFA3 of NADH-ubiquinone oxidoreductase (Complex I)'
24 polymer 'Subunit NDUFB6 of NADH-ubiquinone oxidoreductase (Complex I)'
25 polymer 'Subunit NDUFB4 of NADH-ubiquinone oxidoreductase (Complex I)'
26 polymer 'Subunit NDUFB5 of NADH-ubiquinone oxidoreductase (Complex I)'
27 non-polymer 1,2-Distearoyl-sn-glycerophosphoethanolamine
28 non-polymer 1,2-DIACYL-SN-GLYCERO-3-PHOSPHOCHOLINE
29 non-polymer DODECYL-BETA-D-MALTOSIDE
30 non-polymer CARDIOLIPIN
31 non-polymer 'S-[2-({N-[(2S)-2-hydroxy-3,3-dimethyl-4-(phosphonooxy)butanoyl]-beta-alanyl}amino)ethyl] tetradecanethioate'
32 water water
#
loop_
_entity_poly.entity_id
_entity_poly.type
_entity_poly.pdbx_seq_one_letter_code
_entity_poly.pdbx_strand_id
1 'polypeptide(L)'
;MSYSQTINSLVEVVLVLVPSLVGIAYVTVGERKTMGSMQRRLGPNAVGIYGLLQAFADALKLLLKEYVGPTQANLVLFFL
GPVITLIFSLLGYAVIPYGPGLAVNDLSTGILYMLAVSSLATYGILLAGWSANSKYAFLGSLRSTAQLISYELVLSSSIL
LVIMLSGSLSLTVIVESQRAIWYILPLLPVFIIFFIGSVAETNRAPFDLAEAESELVSGFMTEHAAVIFVFFFLAEYGSI
VLMCILTSILFLGGYLLISLLDIIYNNLLSWIVIGKYIIFIFPFWGPVFIDLGLYEIISYLYNAPTVEGSFYGLSLGVKT
SILIFVFIWTRASFPRIRFDQLMSFCWTVLLPILFALIVLVPCILYSFNIFPVNISLL
;
1
2 'polypeptide(L)'
;MIMISILSLLLSTSVTLRRDMSILFNRISIIALAYCILHDTMSLSFISKGIGLHGGLLHITNLTQIFHIFIFIISILILQ
LTSFYPRKVWIPEYSSLKDIFFNKILYYRTKIINKMGEHMKIIEYPLILLFVISGAVFLISTNDLVSIFLSIELQSYGLY
LLSTIYRNSELSTTGGLIYFLLGGLSSCFILLGTSLLYVNSGTTSLDGLYILNSISDVNPVVAGVGEDGGLTSWYKPYYL
NFSLLIFSIGFLFKVSAAPFHFWSPDVYDAIPTIVTTFVAIIAKISIFIFLLELVYYTNSNANSYLSEFSWTYALLISSL
LSLIIGTVVGLTQFRIKRLLAYSTISHVGFILLALSVSSIESTQAFIFYLIQYSISNLNAFFILITIGFSLYGYVTNNKE
YKSLLDKNNSPIQLISQLKGYFYINPLLSLSLAITIFSFVGVPPLVGFFAKQMVLSAALDNGYIFLSLIAIITSVIGAVY
YLNVIKEIFFYSPEHEVNPVLNESDSNFSLRILNEKNVLIRSVLLKGRNIFISSPFSITISIITNVILLFIFMNKEWLSM
GTILVQILFSA
;
2
3 'polypeptide(L)'
;MSAMSIYIIFVSIIAILFLAIDLIFAPHNPYKEKLSAFECGFHSFSQSRSPFNISFFIYGLVFLLLDLEILLLYPFAVSE
YVNSAYGLAAALIFIGIITIGFVYELGHDALKVHSRQNISTKDLKSSVVISYLGNINNDSVNLHIK
;
3
4 'polypeptide(L)'
;MSLLYVLLIIPIIGIFLISTIDSFYPVTNTNIVLNKKFFRGFNDARQPIKYLYFSEGESFNIENKEDSFFNVSYYKKIAL
ITTILNLIVSLIIYILFDFSNNQFQFIQENLDLSFYDIYLGVDGVSIYFVLLTTIIMPIALVSNWNSITNNIKSYLIIML
LLETLLLAVFLVLDVLLFYIFFESILPPLFILIGLFGSSNKVRASFYIFLYTLLGSLFLLLSILTMSSIVGTTYFDVLLK
SSFEYTTQLFLFFGIFIAFAVKTPVWGLNSWLLRAHVESPLGGSIVLAAIVLKLSLYGVFRLILPILPQASLNLTYIVYA
IGAITVLYASFSTLRTVDVKELIAYSSVAHAAIYLMGVFSNTIQGLEGAILLGLAHGFVSSGLFICAGGILYDRTGTRLI
YFFRGLTQIMPLFSLFFFILCLGNAGTPLTLNFVGEFMSLYGTLERLPIAGMLASTSIIFSAAYSIYMYNRIAFGGSVSL
YFIDCFRDLTKREFFILFTLVSFTVILGIYPSFVLDGLHYNISSVVYGIEPNASYLTQGGNL
;
4
5 'polypeptide(L)'
;MYLSIIILPLLGSVVSGFFGRKVGVSGAQLITCSSVIITTILSIIAFFEVGFNNIPVTINIFRWIDSEWFIINWGFQYDS
LTVSMLIPVLIISSLVHIYSISYMSSDPHNQRFFSYLSLFTFMMIILVTANNYLLMFVGWEGVGVCSYLLVSFWFTRIAA
NQSSISAFLTNRVGDCFLTVGMFAILWSLGNLDYATVFSLAPYINSNVVIIIGICLLIGAMAKSSQVGLHVWLPMAMEGP
TPVSALIHAATMVTAGVYLLMRSSPLIEYSSTVLLLCLWLGAITTVFSSLIGLFQQDIKKVIAYSTMSQLGMMVLSIGLS
SYNIALFHLVNHAFYKALLFLGAGSVIHAVADNQDFRKFGGLISYLPLTYSVMLIASLSLVAFPFMTGFYSKDFILESAY
GQFSFSGVAVYIIATIGAIFTTLYSVKVLYLTFLSNPNGPRTYYRLAIDNFFSAQAIKSYKPAHEGDFFLTLPLVILALF
SIFFGFITKDIFIGLGSNFFVDNSLFIHPIHEIMIDTEFAVPVLFKLLPFIFTISFSVIALTLSELLSELVIYFKFSRFG
YNIFGFFNQRFLIEFFYNKYITNLILNLGGQITKILDKGSIELFGPYGLERGLVKLSKNISSLSTSHVTTYALYILVGFI
LYLIYNNLLLDYSYLLLIIILLLLLMMIGESNSEDVTLH
;
5
6 'polypeptide(L)'
;MNSQISLLLLKEIYTNGSTHIMLDILSVLAVISGICVIISKNPIVSVLHLIGLFAYVSFYLILIGLNFVGLSYLIVYIGA
VSILFLFILMLINIRTSELQSNTSNSIPLTILVGIIISSFLFKMLPYGVIISNQFNSSNLNENLYTIQIVGGEDNNINNI
NTDKNDLFFITSKIWDGALAENNHISSIGNIMYTNYNVWLILASFILLLAMVGAIVITIKPRKI
;
6
7 'polypeptide(L)'
;MATDAAETSRRATREEMRDAKVPLAYRDSCAHLLIPLNRCRYETYYLPWKCEDERHSYEKCQYLEFKKRVQKMEELREAK
GGARSN
;
8
8 'polypeptide(L)'
;MASGYGLNGGPSRCFPFWQELLACYVTNSSEDNPDGKNKCIPVMEDYYECLHHRKEAARVRALQAAYREAEAKKLQENPP
TAGQIRNLGLLNKEEDTKKVHCATATQQWMKMCFALSAKMPCLRGIEVFLTTRPDNEKIPEYPHPEGTSARVICGQHLIR
SPSLASNLSNSAITPPSSFSPRKANPLVSVYLPSVPGTPFTINYKISQVPPEPCKYLFFRLYINARPMVSWGIDPHSRPY
GKVIKSLWLPSDDRYRGLVGFEKRSFVFLPGEEFKSVAEDGGLIEVQVFRAKDRRARTPKLETFRFRDNYGIAAPSIGLL
DKPQNAFFYDWLLIDPKDEPFAKFRMHYRSWRNLKSLNLIPSSEWELLLAVSPKALRTAASTGKIEKPTSPAFSDSDSDD
SLCSATDSDECVFDDHSKKTKSNRSKESPFAFLNSPPERFRAMAPSSEKLPQPSKLLRDSQRAPYQSRPLPELPVEAGVN
STGLNPPSVKVAADLRRKPSATSMESNAVSITPSLLRCMEEGTLDLEKAEVGIAKLVKVAASGSEPSSSSSSATQLTVSA
VREVELRPPQPERKGGLPMDYSFSDYEKSSQSSFGDDERMSNISDMEEKPFPAPPTCYLPTTGSGLERELAMFDSPSPSP
VPYSAMEPPVTPSPSSTPYKTKLGRKPLLFSRRLGLFSPRKSLPSDFLLGQAKKLVVEEETTNSNVSLAFGELTVTDMRA
ESPSPAPKGKPLRRFSTIRVEEISIKEKRPLFNSLRRIASASPRKLAGRVLSMDLGKKGGEEKEG
;
9
9 'polypeptide(L)'
;MPVPFETLIPYGIIIAMFGVTGAGMAKVRHMFNGDKRHRWSVDQWDKQQMERDRRLTGHLRGQTDNPIAPPGFEFNNPWK
V(UNK)(UNK)(UNK)(UNK)(UNK)
;
D
10 'polypeptide(L)'
;MAPIEEEHEHYHPKDAVHLGLKGAAVVGGIGLLFAAVRTSLARKNVGPWAIFTRNGKLAATFAAVGGAYDFTRAAAANLR
EKEDWVNNGIGGLFAGATMGLTTGRIPRVLGFAALTGVVLATAEYAGSGLRGVFKRDVDEYERKEFLRKNRRRPIEETLA
EIGEGRGIKPPGYYERRAQRLKEKYGVDINPVCADPDQA
;
J
11 'polypeptide(L)'
;MNITLILFLIGILGFVLNRKNIILMLISIEIMLLSITFLILLSSLNMDDIIGQTYAIYIIVVAGAESAIGLGILVAFYRL
RGSIAIEYK
;
L
12 'polypeptide(L)'
;MFRSAVLRSAAAATRTTIRSIPPAAAKKFAVAPVSRVTSFIPKTASWQVIRCYASNEGLQKVEVYERIKSLLAGFDKVND
PNNITETAHFANDLGLDSLDTVEVVMAIEEEFSIEIPDKDADQIHSVDKAIEYILRQPDAH
;
Q
13 'polypeptide(L)'
;MSNRQAALSLYRRALKLALDWTVHRNLWRGQALYIRSLFEKNRNVTDPRLQRALLKETEKLLEKWKHPDPYCPPTAPGGS
KYERNLPVPNLEPPPPLKF
;
R
14 'polypeptide(L)'
;MDGGPPTFAFRPTARQAPGKLSSAPVTTRLAAAALSRASTVSSKALTPARFRFFSTTQRRAGGHGMQYDPPTGWLWGVRP
GEKYQNEGWEGPFFYGFWGSLIVFAIAYAYKPDTSIQTWALEEARRRLEAEGILEDPNPTKKE
;
S
15 'polypeptide(L)'
;MATRKPAFNQHVLLDTTPLPDSIPKVKEIGASSAPLLSASFFIGARCKDYNDDYMQCKNENPGRGEFECLKEGRRVTRCA
RSVLKDINTHCLEQFRAHWQCLDNNNQQLWQCRPAEWKLNKCVYENLKLEKVIPDQPKNSTPVHLRQRQIFAHHAIPPWE
RPFIPGQPEPQLPAGIEIPEKYKNQS
;
U
16 'polypeptide(L)'
;MPQDMPPPGGYEAVQYKRNLPSRGLFRPRPLLAGAAVLMLYGWYKLVKGIREQNELAREKMWARIHLIPLLQAEEDRDHV
RRYLADQAREKGLLGENIKVYNSDRYVRPTFAVTPSKPAQE
;
W
17 'polypeptide(L)'
;MSNTPTQTYQFPSKTVKTDYPLIDNDPHFTRVIRYARPSDYAHGLAAAAAGPAALWLMERISPSQVGRGGFAKAMRLAGF
IGLAGGFLYFYQRSILRFYGMSENAREVEMDMREMTDRVKAGLPLYGESRLSPAMQGVAARQSRYSALFFGVMPWFNFVN
HNQHGVDTAKYYQQAERELEAERLAREQAQQ
;
X
18 'polypeptide(L)'
;MLSRRLVRAVAPLRSPVLPAARRLPLIQQRTFLPEAMVGRSKIDEKYPDSDYPTLTDKEDPDMNGGYINPPRIKRQFRDP
HADWWDKQERRNFGEPVHEDHDILGMFSPYEYTWITPGKGLFQIGLFIASFLGLCYVVKLTYPDRVSYPREFEGGLEREL
GGAGAVRAFLCLDDEIMWMVSLYCLPASKLISSPVALQDKSTSSASAMRYDDWDVILFPTGRDSKIPFKEFKVACHVVPD
IELAHLHGAVGSPVMTCFVPSLPPGTPFQVSIHCWRRPEISQFARTYSKNPDLVKFEARVTLDGRLVASAILDRDVNGPH
LITSTFEFTKTGELERLTFPAFRQEILRQNHWHPGDDLGRIKVIISEGFPRDSLTVPIERVKNIVTFSFQHAPLGKIPGI
AWPNPGMWRRPTPNPAVSVPTYFPGDGAESHAHSPGKRSLLLKGIRNHGFPSTVIPGSIFHHQSNPAGLLNPPGFKVPHF
SASNPSVPNIFSPHDPFAEPTYRDWMSSITNVQAGDFWDGRTTWPINPRNFHKSDTIMADCPSQGGDPMQISGSSLEDDP
LRLKAPQNTPTEGGEGPNPGAQFAHPIPSELTADLESALSQSLLNQAPTSAISQRNFPMPHSDGLSRKEGRQVSLGQGTS
AQMPSTSSSMEARRLSQALFGMNNLPIEASVNNGVSASVTPLFAANQRSVNNPLVATFGSAILSQGSTNPSGTEQSTDTT
ATTTAAAAAAVTDVQVEPPAPTSNAANESVINLTSGTSSTSTVHANVPTSVSKRPRNFTPASARVIDEEDEPRRTSPQVQ
VGGFAETTSVEESIQ
;
a
19 'polypeptide(L)'
;MVNRILFWTGFGLAVRFWQLGIEMRPFFNRKSLWAYPLFGGVGASFGYWLQSIDEKQTKMLEERKQAILEKRARRAQRQA
EAAATAPSPSAQEA
;
b
20 'polypeptide(L)'
;MQPTRILRNNGEKPNITGFDMREFLRHTKTPTYDPWERHEAWRYTGRFSRFNRFKGALPGFGIATVAFTAYCVFEHFFLK
DDHHGHHGEKEHH
;
c
21 'polypeptide(L)'
;MPTPESEAFLAKKPQVPPTFDGVDYEDNKRLKQAQDAIIREQWVQVMMGRLVREELSKCYYREGVNHLEKCGKLRERYLQ
LLANAKVKGYLFEQQNYWSKENQQQ
;
d
22 'polypeptide(L)' MAGGGQHVSRVHRFLATGLGASMWFWIFYRAKKDGPVLLGWKHPWD e
23 'polypeptide(L)'
;MSATTPRFWSTPLKYCRWAARERPALFFSVVIGALGPVTLATVPPLRRLIGDVDAAPIPLTYPIPPGPRKQLKGYDDDTE
DN
;
g
24 'polypeptide(L)'
;MGGGPKIPYPKHVWSPAGGWYAQPANWKQNTAIFGLVIFGITAMVWKYSAEHEVRHKMPEPDRFYPSRYWVKQIKDYERA
QKEKQQNNTEASS
;
i
25 'polypeptide(L)' MAGLQHYKIAMDPALVRLGSMISNRYKYFRWTKRTALVSFMYVVVVPSTIGYLAYKTDGLWDLRAKRRGDLISER j
26 'polypeptide(L)'
;MLALRQRAALLARRVRPTVVVPRNARTYASSHDHDHHDHHHDHGHNVEEPLGAAFYIAVGGIASSFVIYNISRPGPNGEP
SSLHKWFSKISDYKDEWETRNTLMAAALEQAAHDKHLLLTAERSRHIELKYPEVFSHGSPFNVPAGFYPNLDHVIEHYRK
QHLEEEERKAKKLAAAAAAASEAR
;
n
#
# COMPACT_ATOMS: atom_id res chain seq x y z
N MET A 1 -52.81 62.25 -12.82
CA MET A 1 -52.09 63.52 -12.91
C MET A 1 -52.73 64.42 -13.96
N SER A 2 -52.30 65.69 -13.99
CA SER A 2 -53.01 66.71 -14.74
C SER A 2 -52.50 66.86 -16.17
N TYR A 3 -51.17 66.88 -16.30
CA TYR A 3 -50.54 66.98 -17.64
C TYR A 3 -49.57 65.81 -17.81
N SER A 4 -48.91 65.74 -18.97
CA SER A 4 -47.99 64.63 -19.28
C SER A 4 -46.76 64.61 -18.36
N GLN A 5 -46.34 63.41 -17.98
CA GLN A 5 -45.16 63.23 -17.10
C GLN A 5 -43.90 63.72 -17.81
N THR A 6 -43.78 63.47 -19.10
CA THR A 6 -42.56 63.84 -19.85
C THR A 6 -42.37 65.35 -19.79
N ILE A 7 -43.44 66.12 -19.97
CA ILE A 7 -43.33 67.60 -19.82
C ILE A 7 -42.90 67.90 -18.38
N ASN A 8 -43.61 67.33 -17.40
CA ASN A 8 -43.27 67.57 -15.98
C ASN A 8 -41.78 67.32 -15.79
N SER A 9 -41.28 66.19 -16.25
CA SER A 9 -39.86 65.81 -16.06
C SER A 9 -38.95 66.87 -16.66
N LEU A 10 -39.22 67.29 -17.90
CA LEU A 10 -38.36 68.28 -18.58
C LEU A 10 -38.39 69.61 -17.85
N VAL A 11 -39.56 70.05 -17.42
CA VAL A 11 -39.68 71.37 -16.74
C VAL A 11 -38.85 71.34 -15.46
N GLU A 12 -38.92 70.25 -14.69
CA GLU A 12 -38.13 70.14 -13.45
C GLU A 12 -36.64 70.06 -13.74
N VAL A 13 -36.25 69.29 -14.74
CA VAL A 13 -34.82 69.15 -15.10
C VAL A 13 -34.22 70.49 -15.54
N VAL A 14 -34.91 71.27 -16.39
CA VAL A 14 -34.43 72.62 -16.80
C VAL A 14 -34.45 73.61 -15.62
N LEU A 15 -35.45 73.51 -14.74
CA LEU A 15 -35.62 74.48 -13.62
C LEU A 15 -34.53 74.25 -12.57
N VAL A 16 -33.92 73.07 -12.58
CA VAL A 16 -32.87 72.75 -11.57
C VAL A 16 -31.53 72.95 -12.22
N LEU A 17 -31.34 72.39 -13.41
CA LEU A 17 -30.00 72.41 -14.06
C LEU A 17 -29.63 73.82 -14.53
N VAL A 18 -30.51 74.50 -15.26
CA VAL A 18 -30.11 75.83 -15.84
C VAL A 18 -29.80 76.85 -14.75
N PRO A 19 -30.62 77.03 -13.67
CA PRO A 19 -30.26 77.94 -12.58
C PRO A 19 -29.02 77.50 -11.77
N SER A 20 -28.75 76.20 -11.74
CA SER A 20 -27.55 75.69 -11.04
C SER A 20 -26.30 75.97 -11.86
N LEU A 21 -26.38 75.84 -13.18
CA LEU A 21 -25.23 76.14 -14.08
C LEU A 21 -24.88 77.63 -14.05
N VAL A 22 -25.88 78.50 -14.03
CA VAL A 22 -25.61 79.97 -13.95
C VAL A 22 -25.02 80.28 -12.58
N GLY A 23 -25.45 79.57 -11.53
CA GLY A 23 -24.86 79.76 -10.20
C GLY A 23 -23.42 79.29 -10.12
N ILE A 24 -23.09 78.16 -10.73
CA ILE A 24 -21.69 77.62 -10.72
C ILE A 24 -20.78 78.59 -11.47
N ALA A 25 -21.33 79.37 -12.39
CA ALA A 25 -20.55 80.33 -13.20
C ALA A 25 -20.38 81.63 -12.43
N TYR A 26 -21.21 81.92 -11.44
CA TYR A 26 -21.00 83.13 -10.60
C TYR A 26 -20.17 82.82 -9.34
N VAL A 27 -20.00 81.55 -8.99
CA VAL A 27 -19.10 81.17 -7.85
C VAL A 27 -17.67 81.55 -8.25
N THR A 28 -17.32 81.35 -9.52
CA THR A 28 -15.97 81.69 -10.03
C THR A 28 -15.70 83.20 -9.95
N VAL A 29 -16.69 84.00 -10.32
CA VAL A 29 -16.55 85.48 -10.22
C VAL A 29 -16.48 85.85 -8.75
N GLY A 30 -17.31 85.21 -7.92
CA GLY A 30 -17.35 85.49 -6.48
C GLY A 30 -16.07 85.15 -5.75
N GLU A 31 -15.40 84.07 -6.14
CA GLU A 31 -14.12 83.72 -5.52
C GLU A 31 -13.16 84.89 -5.74
N ARG A 32 -13.06 85.37 -6.97
CA ARG A 32 -12.09 86.44 -7.29
C ARG A 32 -12.50 87.73 -6.55
N LYS A 33 -13.78 88.08 -6.56
CA LYS A 33 -14.26 89.32 -5.91
C LYS A 33 -14.07 89.27 -4.39
N THR A 34 -14.29 88.12 -3.77
CA THR A 34 -14.10 87.96 -2.31
C THR A 34 -12.62 88.04 -1.94
N MET A 35 -11.76 87.27 -2.62
CA MET A 35 -10.30 87.24 -2.33
C MET A 35 -9.75 88.65 -2.45
N GLY A 36 -10.28 89.44 -3.38
CA GLY A 36 -9.83 90.83 -3.58
C GLY A 36 -10.26 91.71 -2.45
N SER A 37 -11.48 91.62 -1.93
CA SER A 37 -11.81 92.44 -0.76
C SER A 37 -10.92 92.11 0.42
N MET A 38 -10.69 90.82 0.69
CA MET A 38 -9.80 90.45 1.78
C MET A 38 -8.37 90.85 1.49
N GLN A 39 -7.98 90.87 0.22
CA GLN A 39 -6.63 91.28 -0.17
C GLN A 39 -6.56 92.75 -0.55
N ARG A 40 -7.56 93.54 -0.14
CA ARG A 40 -7.55 95.00 -0.26
C ARG A 40 -7.48 95.47 -1.71
N ARG A 41 -7.86 94.60 -2.64
CA ARG A 41 -7.97 94.94 -4.05
C ARG A 41 -9.43 94.77 -4.46
N LEU A 42 -9.66 94.84 -5.76
CA LEU A 42 -10.96 94.57 -6.33
C LEU A 42 -10.93 93.23 -7.05
N GLY A 43 -12.11 92.66 -7.24
CA GLY A 43 -12.23 91.52 -8.11
C GLY A 43 -12.37 91.97 -9.55
N PRO A 44 -12.90 91.10 -10.41
CA PRO A 44 -13.24 91.54 -11.76
C PRO A 44 -14.31 92.62 -11.74
N ASN A 45 -14.06 93.69 -12.48
CA ASN A 45 -15.01 94.78 -12.61
C ASN A 45 -15.11 95.34 -14.02
N ALA A 46 -14.51 94.69 -15.01
CA ALA A 46 -14.39 95.23 -16.36
C ALA A 46 -15.11 94.41 -17.42
N VAL A 47 -15.05 93.09 -17.36
CA VAL A 47 -15.77 92.27 -18.32
C VAL A 47 -17.21 92.17 -17.86
N GLY A 48 -18.03 93.12 -18.28
CA GLY A 48 -19.35 93.30 -17.73
C GLY A 48 -19.47 94.60 -16.98
N ILE A 49 -20.72 94.95 -16.64
CA ILE A 49 -21.00 96.22 -15.99
C ILE A 49 -20.35 96.28 -14.62
N TYR A 50 -20.49 95.22 -13.84
CA TYR A 50 -19.80 95.08 -12.56
C TYR A 50 -18.91 93.85 -12.55
N GLY A 51 -18.35 93.50 -13.71
CA GLY A 51 -17.62 92.26 -13.83
C GLY A 51 -18.51 91.03 -13.86
N LEU A 52 -19.79 91.19 -14.20
CA LEU A 52 -20.74 90.10 -14.17
C LEU A 52 -20.73 89.25 -15.42
N LEU A 53 -19.98 89.64 -16.44
CA LEU A 53 -19.76 88.81 -17.62
C LEU A 53 -18.39 88.16 -17.64
N GLN A 54 -17.63 88.31 -16.55
CA GLN A 54 -16.26 87.79 -16.54
C GLN A 54 -16.24 86.28 -16.71
N ALA A 55 -17.17 85.58 -16.07
CA ALA A 55 -17.22 84.12 -16.22
C ALA A 55 -17.54 83.74 -17.65
N PHE A 56 -18.40 84.51 -18.31
CA PHE A 56 -18.81 84.18 -19.67
C PHE A 56 -17.65 84.33 -20.65
N ALA A 57 -16.88 85.40 -20.53
CA ALA A 57 -15.73 85.61 -21.41
C ALA A 57 -14.68 84.54 -21.20
N ASP A 58 -14.39 84.21 -19.94
CA ASP A 58 -13.37 83.21 -19.66
C ASP A 58 -13.80 81.84 -20.13
N ALA A 59 -15.08 81.50 -19.94
CA ALA A 59 -15.59 80.22 -20.42
C ALA A 59 -15.59 80.17 -21.94
N LEU A 60 -15.99 81.27 -22.58
CA LEU A 60 -16.01 81.31 -24.04
C LEU A 60 -14.61 81.34 -24.62
N LYS A 61 -13.68 82.03 -23.95
CA LYS A 61 -12.31 82.12 -24.43
C LYS A 61 -11.67 80.74 -24.50
N LEU A 62 -11.90 79.91 -23.47
CA LEU A 62 -11.35 78.56 -23.48
C LEU A 62 -11.94 77.73 -24.61
N LEU A 63 -13.24 77.87 -24.85
CA LEU A 63 -13.92 77.06 -25.86
C LEU A 63 -13.35 77.29 -27.24
N LEU A 64 -12.97 78.53 -27.56
CA LEU A 64 -12.44 78.89 -28.86
C LEU A 64 -10.93 78.76 -28.94
N LYS A 65 -10.30 78.19 -27.91
CA LYS A 65 -8.86 78.02 -27.88
C LYS A 65 -8.48 76.69 -28.54
N GLU A 66 -7.39 76.73 -29.29
CA GLU A 66 -6.86 75.51 -29.89
C GLU A 66 -6.42 74.55 -28.80
N TYR A 67 -6.71 73.27 -29.00
CA TYR A 67 -6.29 72.22 -28.11
C TYR A 67 -5.17 71.43 -28.76
N VAL A 68 -4.10 71.19 -28.01
CA VAL A 68 -2.90 70.55 -28.54
C VAL A 68 -2.83 69.08 -28.10
N GLY A 69 -3.97 68.47 -27.78
CA GLY A 69 -4.02 67.11 -27.30
C GLY A 69 -3.30 66.14 -28.21
N PRO A 70 -2.46 65.27 -27.63
CA PRO A 70 -1.61 64.40 -28.45
C PRO A 70 -2.37 63.51 -29.41
N THR A 71 -3.51 62.97 -28.98
CA THR A 71 -4.34 62.08 -29.79
C THR A 71 -3.53 60.89 -30.33
N GLN A 72 -2.48 60.51 -29.63
CA GLN A 72 -1.63 59.39 -30.02
C GLN A 72 -2.15 58.13 -29.36
N ALA A 73 -2.70 57.21 -30.16
CA ALA A 73 -3.29 55.96 -29.67
C ALA A 73 -4.38 56.24 -28.64
N ASN A 74 -5.03 57.39 -28.76
CA ASN A 74 -6.10 57.77 -27.84
C ASN A 74 -7.01 58.78 -28.52
N LEU A 75 -8.21 58.32 -28.89
CA LEU A 75 -9.22 59.22 -29.45
C LEU A 75 -10.51 59.05 -28.64
N VAL A 76 -10.47 58.16 -27.65
CA VAL A 76 -11.58 58.00 -26.73
C VAL A 76 -11.29 58.58 -25.36
N LEU A 77 -10.03 58.60 -24.93
CA LEU A 77 -9.67 59.21 -23.66
C LEU A 77 -9.71 60.73 -23.72
N PHE A 78 -9.29 61.32 -24.84
CA PHE A 78 -9.25 62.77 -24.94
C PHE A 78 -10.63 63.38 -25.13
N PHE A 79 -11.48 62.77 -25.95
CA PHE A 79 -12.76 63.36 -26.31
C PHE A 79 -13.95 62.69 -25.63
N LEU A 80 -13.73 61.61 -24.87
CA LEU A 80 -14.81 61.03 -24.08
C LEU A 80 -14.43 60.84 -22.62
N GLY A 81 -13.18 61.05 -22.25
CA GLY A 81 -12.78 61.01 -20.86
C GLY A 81 -13.30 62.19 -20.06
N PRO A 82 -12.83 63.39 -20.39
CA PRO A 82 -13.26 64.58 -19.63
C PRO A 82 -14.75 64.85 -19.71
N VAL A 83 -15.44 64.39 -20.76
CA VAL A 83 -16.85 64.73 -20.90
C VAL A 83 -17.67 64.05 -19.81
N ILE A 84 -17.30 62.81 -19.43
CA ILE A 84 -18.07 62.10 -18.42
C ILE A 84 -17.74 62.57 -17.01
N THR A 85 -16.60 63.32 -16.90
CA THR A 85 -16.24 63.92 -15.61
C THR A 85 -17.29 64.97 -15.28
N LEU A 86 -17.75 65.69 -16.27
CA LEU A 86 -18.77 66.71 -16.11
C LEU A 86 -20.16 66.09 -15.95
N ILE A 87 -20.38 64.92 -16.53
CA ILE A 87 -21.68 64.22 -16.32
C ILE A 87 -21.76 63.82 -14.84
N PHE A 88 -20.66 63.29 -14.30
CA PHE A 88 -20.61 62.88 -12.87
C PHE A 88 -20.80 64.09 -11.97
N SER A 89 -20.23 65.23 -12.34
CA SER A 89 -20.30 66.43 -11.48
C SER A 89 -21.75 66.87 -11.30
N LEU A 90 -22.54 66.81 -12.37
CA LEU A 90 -23.95 67.28 -12.31
C LEU A 90 -24.90 66.18 -11.82
N LEU A 91 -24.48 64.94 -11.73
CA LEU A 91 -25.38 63.81 -11.35
C LEU A 91 -25.88 63.92 -9.92
N GLY A 92 -25.03 64.46 -9.01
CA GLY A 92 -25.42 64.59 -7.59
C GLY A 92 -26.55 65.59 -7.36
N TYR A 93 -26.72 66.54 -8.26
CA TYR A 93 -27.75 67.59 -8.10
C TYR A 93 -29.15 66.99 -8.09
N ALA A 94 -29.36 65.92 -8.85
CA ALA A 94 -30.73 65.35 -9.00
C ALA A 94 -31.33 64.85 -7.68
N VAL A 95 -30.52 64.70 -6.63
CA VAL A 95 -31.09 64.29 -5.30
C VAL A 95 -31.26 65.50 -4.37
N ILE A 96 -31.09 66.73 -4.87
CA ILE A 96 -31.15 67.94 -4.00
C ILE A 96 -32.60 68.43 -3.83
N PRO A 97 -33.20 68.45 -2.61
CA PRO A 97 -34.52 68.98 -2.44
C PRO A 97 -34.58 70.50 -2.21
N TYR A 98 -35.36 71.21 -3.02
CA TYR A 98 -35.51 72.68 -2.92
C TYR A 98 -36.81 72.91 -2.16
N GLY A 99 -37.19 71.93 -1.35
CA GLY A 99 -38.47 71.98 -0.66
C GLY A 99 -38.79 70.56 -0.25
N PRO A 100 -39.83 70.25 0.56
CA PRO A 100 -40.17 68.87 0.91
C PRO A 100 -40.46 68.01 -0.31
N GLY A 101 -39.56 67.06 -0.58
CA GLY A 101 -39.66 66.21 -1.73
C GLY A 101 -39.50 66.89 -3.07
N LEU A 102 -39.13 68.16 -3.08
CA LEU A 102 -38.98 68.90 -4.36
C LEU A 102 -37.60 68.65 -4.91
N ALA A 103 -37.40 67.49 -5.54
CA ALA A 103 -36.11 67.09 -6.13
C ALA A 103 -36.45 66.44 -7.47
N VAL A 104 -35.49 66.30 -8.38
CA VAL A 104 -35.74 65.54 -9.62
C VAL A 104 -36.05 64.10 -9.20
N ASN A 105 -35.26 63.56 -8.29
CA ASN A 105 -35.52 62.21 -7.76
C ASN A 105 -35.68 62.30 -6.24
N ASP A 106 -36.84 61.92 -5.72
CA ASP A 106 -37.02 61.83 -4.25
C ASP A 106 -36.62 60.41 -3.90
N LEU A 107 -35.35 60.18 -3.57
CA LEU A 107 -34.81 58.81 -3.38
C LEU A 107 -34.59 58.50 -1.91
N SER A 108 -35.11 57.36 -1.45
CA SER A 108 -34.97 56.93 -0.02
C SER A 108 -33.50 56.66 0.28
N THR A 109 -32.79 56.06 -0.65
CA THR A 109 -31.33 55.87 -0.48
C THR A 109 -30.58 57.04 -1.11
N GLY A 110 -31.02 58.28 -0.89
CA GLY A 110 -30.39 59.45 -1.47
C GLY A 110 -28.96 59.65 -1.04
N ILE A 111 -28.64 59.30 0.20
CA ILE A 111 -27.28 59.45 0.72
C ILE A 111 -26.34 58.47 0.03
N LEU A 112 -26.72 57.20 -0.06
CA LEU A 112 -25.89 56.23 -0.78
C LEU A 112 -25.78 56.55 -2.26
N TYR A 113 -26.71 57.34 -2.80
CA TYR A 113 -26.57 57.79 -4.21
C TYR A 113 -25.40 58.76 -4.30
N MET A 114 -25.33 59.69 -3.36
CA MET A 114 -24.25 60.73 -3.36
C MET A 114 -22.87 60.10 -3.09
N LEU A 115 -22.80 59.09 -2.24
CA LEU A 115 -21.51 58.40 -1.98
C LEU A 115 -21.01 57.74 -3.27
N ALA A 116 -21.93 57.14 -4.05
CA ALA A 116 -21.55 56.49 -5.33
C ALA A 116 -20.99 57.51 -6.33
N VAL A 117 -21.60 58.70 -6.40
CA VAL A 117 -21.14 59.74 -7.37
C VAL A 117 -19.78 60.30 -6.94
N SER A 118 -19.51 60.35 -5.64
CA SER A 118 -18.20 60.82 -5.11
C SER A 118 -17.09 59.84 -5.47
N SER A 119 -17.36 58.54 -5.33
CA SER A 119 -16.36 57.50 -5.63
C SER A 119 -16.00 57.57 -7.13
N LEU A 120 -17.00 57.83 -7.99
CA LEU A 120 -16.76 57.96 -9.45
C LEU A 120 -15.87 59.16 -9.73
N ALA A 121 -15.99 60.24 -8.94
CA ALA A 121 -15.25 61.49 -9.18
C ALA A 121 -13.73 61.29 -9.12
N THR A 122 -13.26 60.33 -8.32
CA THR A 122 -11.79 60.12 -8.15
C THR A 122 -11.12 59.84 -9.50
N TYR A 123 -11.84 59.21 -10.42
CA TYR A 123 -11.27 58.83 -11.74
C TYR A 123 -10.80 60.06 -12.53
N GLY A 124 -11.55 61.15 -12.47
CA GLY A 124 -11.18 62.33 -13.27
C GLY A 124 -9.81 62.84 -12.89
N ILE A 125 -9.49 62.91 -11.61
CA ILE A 125 -8.13 63.33 -11.17
C ILE A 125 -7.11 62.29 -11.64
N LEU A 126 -7.40 61.00 -11.46
CA LEU A 126 -6.44 59.93 -11.84
C LEU A 126 -6.24 59.93 -13.36
N LEU A 127 -7.29 60.15 -14.14
CA LEU A 127 -7.10 60.14 -15.57
C LEU A 127 -6.51 61.44 -16.10
N ALA A 128 -6.84 62.56 -15.46
CA ALA A 128 -6.29 63.84 -15.91
C ALA A 128 -4.77 63.86 -15.81
N GLY A 129 -4.23 63.32 -14.71
CA GLY A 129 -2.80 63.25 -14.54
C GLY A 129 -2.14 62.08 -15.24
N TRP A 130 -2.91 61.29 -15.97
CA TRP A 130 -2.31 60.21 -16.76
C TRP A 130 -1.64 60.74 -18.01
N SER A 131 -2.16 61.83 -18.58
CA SER A 131 -1.53 62.45 -19.74
C SER A 131 -0.32 63.29 -19.37
N ALA A 132 -0.07 63.51 -18.07
CA ALA A 132 1.08 64.28 -17.65
C ALA A 132 2.37 63.54 -17.98
N ASN A 133 3.18 64.14 -18.84
CA ASN A 133 4.43 63.54 -19.29
C ASN A 133 5.56 63.96 -18.35
N SER A 134 5.50 63.43 -17.13
CA SER A 134 6.53 63.67 -16.13
C SER A 134 6.46 62.57 -15.09
N LYS A 135 7.62 62.17 -14.56
CA LYS A 135 7.65 61.16 -13.52
C LYS A 135 6.99 61.66 -12.25
N TYR A 136 7.39 62.85 -11.78
CA TYR A 136 6.87 63.36 -10.53
C TYR A 136 5.44 63.83 -10.66
N ALA A 137 5.07 64.37 -11.83
CA ALA A 137 3.71 64.86 -12.02
C ALA A 137 2.70 63.73 -12.00
N PHE A 138 3.04 62.62 -12.64
CA PHE A 138 2.15 61.43 -12.62
C PHE A 138 1.94 60.99 -11.16
N LEU A 139 3.02 60.98 -10.38
CA LEU A 139 2.94 60.57 -8.96
C LEU A 139 2.05 61.55 -8.18
N GLY A 140 2.08 62.84 -8.53
CA GLY A 140 1.21 63.84 -7.88
C GLY A 140 -0.27 63.55 -8.10
N SER A 141 -0.62 62.96 -9.24
CA SER A 141 -2.03 62.60 -9.53
C SER A 141 -2.43 61.42 -8.65
N LEU A 142 -1.51 60.48 -8.43
CA LEU A 142 -1.77 59.34 -7.52
C LEU A 142 -1.92 59.86 -6.09
N ARG A 143 -1.09 60.84 -5.73
CA ARG A 143 -1.12 61.43 -4.36
C ARG A 143 -2.44 62.19 -4.20
N SER A 144 -2.87 62.91 -5.24
CA SER A 144 -4.19 63.59 -5.16
C SER A 144 -5.31 62.56 -5.08
N THR A 145 -5.16 61.44 -5.78
CA THR A 145 -6.16 60.34 -5.72
C THR A 145 -6.18 59.75 -4.31
N ALA A 146 -5.04 59.76 -3.62
CA ALA A 146 -4.92 59.14 -2.29
C ALA A 146 -5.52 60.11 -1.25
N GLN A 147 -5.44 61.40 -1.52
CA GLN A 147 -6.10 62.41 -0.65
C GLN A 147 -7.62 62.31 -0.78
N LEU A 148 -8.15 62.12 -1.99
CA LEU A 148 -9.61 61.96 -2.19
C LEU A 148 -10.13 60.70 -1.52
N ILE A 149 -9.46 59.55 -1.67
CA ILE A 149 -10.02 58.29 -1.10
C ILE A 149 -10.00 58.38 0.42
N SER A 150 -8.99 59.03 0.98
CA SER A 150 -8.83 59.12 2.46
C SER A 150 -9.88 60.04 3.05
N TYR A 151 -10.16 61.16 2.38
CA TYR A 151 -11.08 62.17 2.96
C TYR A 151 -12.51 61.76 2.63
N GLU A 152 -12.68 60.81 1.71
CA GLU A 152 -14.03 60.26 1.41
C GLU A 152 -14.47 59.42 2.61
N LEU A 153 -13.53 58.68 3.21
CA LEU A 153 -13.82 57.87 4.41
C LEU A 153 -14.23 58.82 5.53
N VAL A 154 -13.57 59.96 5.65
CA VAL A 154 -13.96 60.97 6.69
C VAL A 154 -15.38 61.43 6.39
N LEU A 155 -15.68 61.72 5.13
CA LEU A 155 -17.04 62.21 4.74
C LEU A 155 -18.10 61.13 4.95
N SER A 156 -17.76 59.88 4.69
CA SER A 156 -18.78 58.79 4.73
C SER A 156 -18.97 58.36 6.19
N SER A 157 -17.90 58.37 6.98
CA SER A 157 -18.03 58.03 8.39
C SER A 157 -18.80 59.09 9.15
N SER A 158 -18.65 60.35 8.72
CA SER A 158 -19.33 61.53 9.34
C SER A 158 -20.83 61.51 9.00
N ILE A 159 -21.16 61.19 7.74
CA ILE A 159 -22.59 61.14 7.29
C ILE A 159 -23.29 60.06 8.12
N LEU A 160 -22.57 58.98 8.44
CA LEU A 160 -23.17 57.86 9.19
C LEU A 160 -23.64 58.37 10.56
N LEU A 161 -23.08 59.47 11.06
CA LEU A 161 -23.53 59.98 12.35
C LEU A 161 -24.81 60.79 12.23
N VAL A 162 -25.04 61.41 11.07
CA VAL A 162 -26.32 62.07 10.83
C VAL A 162 -27.43 61.04 10.62
N ILE A 163 -27.12 59.97 9.90
CA ILE A 163 -28.11 58.93 9.62
C ILE A 163 -28.60 58.27 10.89
N MET A 164 -27.71 58.14 11.88
CA MET A 164 -28.07 57.61 13.21
C MET A 164 -29.13 58.50 13.87
N LEU A 165 -28.99 59.82 13.85
CA LEU A 165 -29.99 60.76 14.41
C LEU A 165 -31.27 60.83 13.58
N SER A 166 -31.15 60.83 12.26
CA SER A 166 -32.31 60.99 11.34
C SER A 166 -33.06 59.67 11.19
N GLY A 167 -32.34 58.57 11.05
CA GLY A 167 -32.97 57.31 10.79
C GLY A 167 -33.17 56.97 9.32
N SER A 168 -32.93 57.92 8.42
CA SER A 168 -33.21 57.73 7.00
C SER A 168 -32.04 58.23 6.17
N LEU A 169 -31.97 57.72 4.93
CA LEU A 169 -30.97 58.21 3.93
C LEU A 169 -31.67 59.11 2.93
N SER A 170 -32.94 59.46 3.12
CA SER A 170 -33.64 60.43 2.23
C SER A 170 -33.28 61.84 2.66
N LEU A 171 -32.73 62.64 1.76
CA LEU A 171 -32.34 64.03 2.05
C LEU A 171 -33.56 64.83 2.51
N THR A 172 -34.75 64.53 1.99
CA THR A 172 -35.92 65.22 2.50
C THR A 172 -36.17 64.90 3.96
N VAL A 173 -36.09 63.62 4.32
CA VAL A 173 -36.33 63.21 5.70
C VAL A 173 -35.25 63.75 6.62
N ILE A 174 -34.00 63.81 6.13
CA ILE A 174 -32.90 64.33 6.94
C ILE A 174 -33.15 65.79 7.30
N VAL A 175 -33.63 66.58 6.35
CA VAL A 175 -33.94 68.02 6.65
C VAL A 175 -35.16 68.12 7.56
N GLU A 176 -36.20 67.36 7.31
CA GLU A 176 -37.46 67.46 8.09
C GLU A 176 -37.22 67.11 9.56
N SER A 177 -36.27 66.23 9.84
CA SER A 177 -35.89 65.83 11.21
C SER A 177 -35.31 67.03 11.94
N GLN A 178 -34.67 67.91 11.20
CA GLN A 178 -34.01 69.11 11.77
C GLN A 178 -35.01 70.18 12.18
N ARG A 179 -36.32 69.90 12.10
CA ARG A 179 -37.32 70.87 12.62
C ARG A 179 -37.16 70.91 14.13
N ALA A 180 -36.75 69.81 14.76
CA ALA A 180 -36.46 69.80 16.21
C ALA A 180 -35.24 70.66 16.54
N ILE A 181 -34.17 70.51 15.78
CA ILE A 181 -32.89 71.25 16.03
C ILE A 181 -32.01 71.04 14.81
N TRP A 182 -31.20 72.02 14.44
CA TRP A 182 -30.23 71.80 13.34
C TRP A 182 -29.13 70.87 13.85
N TYR A 183 -28.62 69.97 13.02
CA TYR A 183 -27.63 68.94 13.44
C TYR A 183 -26.28 69.54 13.80
N ILE A 184 -26.04 70.80 13.47
CA ILE A 184 -24.76 71.49 13.80
C ILE A 184 -24.67 71.61 15.31
N LEU A 185 -25.79 71.77 15.99
CA LEU A 185 -25.70 72.00 17.43
C LEU A 185 -25.40 70.72 18.20
N PRO A 186 -26.18 69.64 18.06
CA PRO A 186 -25.84 68.41 18.79
C PRO A 186 -24.66 67.64 18.22
N LEU A 187 -24.28 67.89 16.96
CA LEU A 187 -23.15 67.22 16.34
C LEU A 187 -22.10 68.22 15.94
N LEU A 188 -21.75 69.13 16.85
CA LEU A 188 -20.81 70.20 16.52
C LEU A 188 -19.46 69.70 16.04
N PRO A 189 -18.75 68.80 16.78
CA PRO A 189 -17.50 68.25 16.27
C PRO A 189 -17.67 67.61 14.90
N VAL A 190 -18.74 66.85 14.68
CA VAL A 190 -18.95 66.12 13.44
C VAL A 190 -19.10 67.08 12.27
N PHE A 191 -19.73 68.24 12.50
CA PHE A 191 -19.88 69.22 11.44
C PHE A 191 -18.52 69.77 11.00
N ILE A 192 -17.63 70.09 11.94
CA ILE A 192 -16.35 70.79 11.62
C ILE A 192 -15.41 69.78 10.98
N ILE A 193 -15.71 68.51 11.14
CA ILE A 193 -14.83 67.44 10.59
C ILE A 193 -15.33 67.20 9.18
N PHE A 194 -16.65 67.25 9.02
CA PHE A 194 -17.22 67.14 7.67
C PHE A 194 -16.78 68.29 6.78
N PHE A 195 -16.79 69.53 7.25
CA PHE A 195 -16.39 70.68 6.41
C PHE A 195 -14.94 70.54 5.95
N ILE A 196 -14.03 70.22 6.86
CA ILE A 196 -12.59 70.04 6.51
C ILE A 196 -12.47 68.90 5.50
N GLY A 197 -13.14 67.79 5.71
CA GLY A 197 -13.13 66.68 4.75
C GLY A 197 -13.61 67.12 3.39
N SER A 198 -14.65 67.95 3.34
CA SER A 198 -15.23 68.45 2.06
C SER A 198 -14.23 69.33 1.30
N VAL A 199 -13.45 70.14 1.99
CA VAL A 199 -12.40 70.95 1.32
C VAL A 199 -11.30 70.03 0.79
N ALA A 200 -10.89 69.03 1.58
CA ALA A 200 -9.85 68.08 1.14
C ALA A 200 -10.37 67.24 -0.04
N GLU A 201 -11.64 66.83 0.01
CA GLU A 201 -12.24 66.05 -1.10
C GLU A 201 -12.26 66.90 -2.38
N THR A 202 -12.57 68.19 -2.26
CA THR A 202 -12.64 69.08 -3.45
C THR A 202 -11.22 69.39 -3.94
N ASN A 203 -10.20 69.02 -3.17
CA ASN A 203 -8.77 69.22 -3.55
C ASN A 203 -8.44 70.71 -3.56
N ARG A 204 -9.18 71.49 -2.75
CA ARG A 204 -8.94 72.95 -2.68
C ARG A 204 -7.93 73.28 -1.58
N ALA A 205 -7.33 74.48 -1.64
CA ALA A 205 -6.37 74.94 -0.62
C ALA A 205 -7.08 75.11 0.73
N PRO A 206 -6.48 74.69 1.88
CA PRO A 206 -5.04 74.37 1.98
C PRO A 206 -4.61 72.91 1.73
N PHE A 207 -5.42 72.14 1.02
CA PHE A 207 -5.20 70.69 0.81
C PHE A 207 -4.81 70.35 -0.65
N ASP A 208 -4.32 71.31 -1.43
CA ASP A 208 -4.01 71.06 -2.87
C ASP A 208 -2.52 70.93 -3.20
N LEU A 209 -1.62 70.75 -2.22
CA LEU A 209 -0.16 70.74 -2.51
C LEU A 209 0.19 69.61 -3.47
N ALA A 210 -0.47 68.45 -3.36
CA ALA A 210 -0.13 67.29 -4.22
C ALA A 210 -0.21 67.73 -5.68
N GLU A 211 -1.39 68.23 -6.08
CA GLU A 211 -1.60 68.67 -7.48
C GLU A 211 -0.88 69.99 -7.77
N ALA A 212 -0.39 70.68 -6.74
CA ALA A 212 0.25 72.00 -6.95
C ALA A 212 1.71 71.81 -7.37
N GLU A 213 2.43 70.90 -6.71
CA GLU A 213 3.85 70.66 -7.05
C GLU A 213 3.97 70.15 -8.48
N SER A 214 2.88 69.64 -9.05
CA SER A 214 2.96 69.08 -10.40
C SER A 214 3.39 70.14 -11.42
N GLU A 215 2.90 71.37 -11.29
CA GLU A 215 3.24 72.43 -12.23
C GLU A 215 4.68 72.89 -12.11
N LEU A 216 5.40 72.48 -11.07
CA LEU A 216 6.76 72.94 -10.86
C LEU A 216 7.80 72.10 -11.60
N VAL A 217 7.46 70.88 -11.95
CA VAL A 217 8.42 69.95 -12.53
C VAL A 217 8.14 69.69 -14.02
N SER A 218 7.31 70.53 -14.64
CA SER A 218 6.97 70.32 -16.05
C SER A 218 8.20 70.44 -16.93
N GLY A 219 9.05 71.41 -16.67
CA GLY A 219 10.28 71.57 -17.44
C GLY A 219 10.09 72.42 -18.66
N PHE A 220 10.91 72.15 -19.67
CA PHE A 220 10.88 72.89 -20.93
C PHE A 220 10.63 71.98 -22.12
N MET A 221 10.00 70.82 -21.91
CA MET A 221 9.71 69.90 -22.99
C MET A 221 8.33 69.26 -22.92
N THR A 222 7.52 69.58 -21.91
CA THR A 222 6.23 68.90 -21.75
C THR A 222 5.07 69.90 -21.73
N GLU A 223 3.87 69.40 -21.47
CA GLU A 223 2.67 70.22 -21.43
C GLU A 223 1.64 69.55 -20.52
N HIS A 224 0.59 70.30 -20.20
CA HIS A 224 -0.50 69.80 -19.36
C HIS A 224 -1.69 69.44 -20.23
N ALA A 225 -2.69 68.83 -19.60
CA ALA A 225 -3.85 68.27 -20.36
C ALA A 225 -5.10 69.08 -20.00
N ALA A 226 -4.92 70.31 -19.50
CA ALA A 226 -6.06 71.18 -19.18
C ALA A 226 -5.72 72.56 -19.74
N VAL A 227 -5.64 72.65 -21.07
CA VAL A 227 -5.19 73.92 -21.70
C VAL A 227 -6.39 74.62 -22.33
N ILE A 228 -7.51 73.90 -22.48
CA ILE A 228 -8.62 74.52 -23.21
C ILE A 228 -9.95 74.01 -22.69
N PHE A 229 -9.93 72.97 -21.88
CA PHE A 229 -11.16 72.35 -21.39
C PHE A 229 -11.75 73.16 -20.24
N VAL A 230 -12.93 73.73 -20.47
CA VAL A 230 -13.76 74.25 -19.39
C VAL A 230 -14.40 73.14 -18.59
N PHE A 231 -14.35 71.90 -19.10
CA PHE A 231 -15.03 70.75 -18.46
C PHE A 231 -14.57 70.57 -17.02
N PHE A 232 -13.26 70.43 -16.81
CA PHE A 232 -12.71 70.15 -15.46
C PHE A 232 -13.02 71.30 -14.49
N PHE A 233 -12.92 72.55 -14.93
CA PHE A 233 -13.24 73.71 -14.06
C PHE A 233 -14.72 73.70 -13.66
N LEU A 234 -15.62 73.39 -14.60
CA LEU A 234 -17.06 73.32 -14.29
C LEU A 234 -17.28 72.18 -13.30
N ALA A 235 -16.58 71.06 -13.50
CA ALA A 235 -16.67 69.93 -12.55
C ALA A 235 -16.18 70.37 -11.17
N GLU A 236 -15.06 71.08 -11.12
CA GLU A 236 -14.47 71.53 -9.83
C GLU A 236 -15.45 72.43 -9.08
N TYR A 237 -15.88 73.52 -9.73
CA TYR A 237 -16.78 74.48 -9.05
C TYR A 237 -18.11 73.82 -8.71
N GLY A 238 -18.64 72.99 -9.62
CA GLY A 238 -19.88 72.24 -9.34
C GLY A 238 -19.73 71.38 -8.12
N SER A 239 -18.59 70.70 -7.95
CA SER A 239 -18.32 69.86 -6.77
C SER A 239 -18.33 70.71 -5.50
N ILE A 240 -17.74 71.91 -5.56
CA ILE A 240 -17.68 72.80 -4.35
C ILE A 240 -19.10 73.20 -3.96
N VAL A 241 -19.92 73.60 -4.93
CA VAL A 241 -21.30 74.04 -4.62
C VAL A 241 -22.09 72.84 -4.08
N LEU A 242 -21.93 71.67 -4.70
CA LEU A 242 -22.69 70.46 -4.30
C LEU A 242 -22.28 70.09 -2.87
N MET A 243 -20.99 70.17 -2.56
CA MET A 243 -20.50 69.85 -1.19
C MET A 243 -21.12 70.82 -0.19
N CYS A 244 -21.17 72.11 -0.53
CA CYS A 244 -21.77 73.13 0.37
C CYS A 244 -23.28 72.89 0.56
N ILE A 245 -24.00 72.53 -0.51
CA ILE A 245 -25.45 72.23 -0.40
C ILE A 245 -25.63 71.01 0.51
N LEU A 246 -24.80 69.98 0.32
CA LEU A 246 -24.89 68.75 1.16
C LEU A 246 -24.56 69.10 2.60
N THR A 247 -23.55 69.94 2.81
CA THR A 247 -23.19 70.35 4.19
C THR A 247 -24.39 71.09 4.79
N SER A 248 -25.09 71.90 3.98
CA SER A 248 -26.21 72.62 4.55
C SER A 248 -27.41 71.71 4.77
N ILE A 249 -27.57 70.69 3.94
CA ILE A 249 -28.64 69.72 4.13
C ILE A 249 -28.44 68.95 5.42
N LEU A 250 -27.20 68.54 5.71
CA LEU A 250 -26.95 67.62 6.82
C LEU A 250 -26.82 68.32 8.17
N PHE A 251 -26.35 69.56 8.21
CA PHE A 251 -26.01 70.17 9.49
C PHE A 251 -26.71 71.49 9.75
N LEU A 252 -26.87 72.33 8.73
CA LEU A 252 -27.71 73.51 8.85
C LEU A 252 -29.14 73.07 8.60
N GLY A 253 -30.05 73.99 8.40
CA GLY A 253 -31.41 73.51 8.34
C GLY A 253 -31.85 72.91 7.03
N GLY A 254 -30.95 72.83 6.05
CA GLY A 254 -31.39 72.47 4.70
C GLY A 254 -32.16 73.64 4.13
N TYR A 255 -33.46 73.48 3.89
CA TYR A 255 -34.32 74.57 3.36
C TYR A 255 -35.16 75.15 4.50
N LEU A 256 -34.91 74.68 5.72
CA LEU A 256 -35.71 75.13 6.89
C LEU A 256 -35.33 76.54 7.29
N LEU A 257 -36.31 77.43 7.36
CA LEU A 257 -36.04 78.84 7.74
C LEU A 257 -36.77 79.13 9.06
N ILE A 258 -36.13 79.85 9.99
CA ILE A 258 -36.79 80.25 11.26
C ILE A 258 -38.15 80.88 10.93
N SER A 259 -39.23 80.46 11.60
CA SER A 259 -40.59 80.95 11.25
C SER A 259 -41.04 82.07 12.19
N LEU A 260 -41.28 83.26 11.65
CA LEU A 260 -41.79 84.39 12.48
C LEU A 260 -43.19 84.08 13.01
N LEU A 261 -44.02 83.40 12.22
CA LEU A 261 -45.43 83.12 12.63
C LEU A 261 -45.45 82.56 14.06
N ASP A 262 -44.52 81.65 14.38
CA ASP A 262 -44.50 81.04 15.73
C ASP A 262 -44.18 82.13 16.77
N ILE A 263 -43.20 82.99 16.47
CA ILE A 263 -42.80 84.05 17.43
C ILE A 263 -43.96 85.03 17.65
N ILE A 264 -44.65 85.41 16.57
CA ILE A 264 -45.72 86.45 16.72
C ILE A 264 -46.93 85.83 17.43
N TYR A 265 -47.16 84.52 17.25
CA TYR A 265 -48.28 83.86 17.90
C TYR A 265 -48.13 83.90 19.41
N ASN A 266 -46.93 83.58 19.91
CA ASN A 266 -46.70 83.57 21.35
C ASN A 266 -46.86 84.96 21.95
N ASN A 267 -46.32 85.98 21.28
CA ASN A 267 -46.37 87.33 21.84
C ASN A 267 -47.77 87.92 21.74
N LEU A 268 -48.43 87.77 20.60
CA LEU A 268 -49.75 88.37 20.40
C LEU A 268 -50.81 87.61 21.18
N LEU A 269 -51.65 88.35 21.90
CA LEU A 269 -52.75 87.75 22.64
C LEU A 269 -54.08 88.48 22.49
N SER A 270 -54.09 89.71 21.98
CA SER A 270 -55.32 90.49 21.85
C SER A 270 -55.87 90.36 20.44
N TRP A 271 -56.28 89.14 20.10
CA TRP A 271 -56.91 88.89 18.81
C TRP A 271 -58.20 89.69 18.70
N ILE A 272 -58.36 90.40 17.59
CA ILE A 272 -59.52 91.25 17.35
C ILE A 272 -60.08 90.94 15.98
N VAL A 273 -61.39 90.68 15.92
CA VAL A 273 -62.05 90.41 14.64
C VAL A 273 -62.30 91.67 13.82
N ILE A 274 -62.18 92.85 14.44
CA ILE A 274 -62.41 94.10 13.73
C ILE A 274 -61.23 94.52 12.86
N GLY A 275 -60.17 93.72 12.79
CA GLY A 275 -59.01 94.05 12.00
C GLY A 275 -57.99 94.92 12.71
N LYS A 276 -58.25 95.34 13.94
CA LYS A 276 -57.28 96.15 14.67
C LYS A 276 -56.01 95.36 14.95
N TYR A 277 -56.14 94.10 15.37
CA TYR A 277 -55.02 93.23 15.69
C TYR A 277 -54.13 93.83 16.77
N ILE A 278 -54.76 94.11 17.92
CA ILE A 278 -54.02 94.63 19.06
C ILE A 278 -53.08 93.56 19.59
N ILE A 279 -51.96 94.01 20.15
CA ILE A 279 -50.93 93.12 20.67
C ILE A 279 -50.74 93.39 22.15
N PHE A 280 -50.55 92.31 22.92
CA PHE A 280 -50.35 92.42 24.37
C PHE A 280 -48.85 92.40 24.67
N ILE A 281 -48.18 93.45 24.20
CA ILE A 281 -46.73 93.60 24.39
C ILE A 281 -46.45 95.04 24.81
N PHE A 282 -45.25 95.25 25.35
CA PHE A 282 -44.85 96.57 25.82
C PHE A 282 -44.60 97.59 24.71
N PRO A 283 -44.09 97.23 23.53
CA PRO A 283 -44.02 98.21 22.44
C PRO A 283 -45.24 98.21 21.52
N PHE A 284 -46.33 97.57 21.93
CA PHE A 284 -47.49 97.38 21.07
C PHE A 284 -48.36 98.63 21.04
N TRP A 285 -49.26 98.65 20.07
CA TRP A 285 -50.22 99.73 19.88
C TRP A 285 -51.42 99.14 19.15
N GLY A 286 -52.27 100.01 18.59
CA GLY A 286 -53.36 99.58 17.76
C GLY A 286 -53.05 99.70 16.28
N PRO A 287 -52.68 98.59 15.65
CA PRO A 287 -52.38 98.64 14.22
C PRO A 287 -53.61 98.95 13.38
N VAL A 288 -53.37 99.55 12.22
CA VAL A 288 -54.45 99.98 11.33
C VAL A 288 -54.37 99.22 10.01
N PHE A 289 -53.94 97.96 10.08
CA PHE A 289 -53.83 97.15 8.86
C PHE A 289 -55.19 97.02 8.19
N ILE A 290 -55.20 97.22 6.88
CA ILE A 290 -56.45 97.24 6.11
C ILE A 290 -56.86 95.80 5.80
N ASP A 291 -58.03 95.41 6.29
CA ASP A 291 -58.52 94.05 6.05
C ASP A 291 -58.80 93.83 4.56
N LEU A 292 -59.42 94.80 3.90
CA LEU A 292 -59.76 94.63 2.49
C LEU A 292 -58.55 94.79 1.58
N GLY A 293 -57.55 95.57 2.00
CA GLY A 293 -56.46 95.89 1.12
C GLY A 293 -55.17 95.11 1.34
N LEU A 294 -54.76 94.95 2.60
CA LEU A 294 -53.47 94.35 2.92
C LEU A 294 -53.58 92.94 3.48
N TYR A 295 -54.37 92.75 4.54
CA TYR A 295 -54.39 91.44 5.21
C TYR A 295 -54.91 90.35 4.29
N GLU A 296 -55.93 90.65 3.49
CA GLU A 296 -56.44 89.65 2.56
C GLU A 296 -55.39 89.25 1.54
N ILE A 297 -54.65 90.23 1.00
CA ILE A 297 -53.61 89.93 0.02
C ILE A 297 -52.43 89.22 0.68
N ILE A 298 -52.02 89.69 1.86
CA ILE A 298 -50.86 89.09 2.52
C ILE A 298 -51.13 87.65 2.89
N SER A 299 -52.32 87.35 3.43
CA SER A 299 -52.63 86.00 3.83
C SER A 299 -52.61 85.05 2.64
N TYR A 300 -53.20 85.46 1.51
CA TYR A 300 -53.20 84.61 0.32
C TYR A 300 -51.79 84.46 -0.23
N LEU A 301 -51.00 85.53 -0.23
CA LEU A 301 -49.65 85.46 -0.77
C LEU A 301 -48.73 84.63 0.11
N TYR A 302 -49.09 84.38 1.36
CA TYR A 302 -48.26 83.51 2.19
C TYR A 302 -48.43 82.05 1.80
N ASN A 303 -49.64 81.61 1.53
CA ASN A 303 -49.93 80.21 1.27
C ASN A 303 -49.84 79.84 -0.21
N ALA A 304 -49.47 80.78 -1.07
CA ALA A 304 -49.29 80.45 -2.48
C ALA A 304 -48.13 79.49 -2.65
N PRO A 305 -48.26 78.48 -3.51
CA PRO A 305 -47.17 77.49 -3.65
C PRO A 305 -45.87 78.11 -4.14
N THR A 306 -45.93 79.13 -4.97
CA THR A 306 -44.70 79.75 -5.48
C THR A 306 -43.97 80.50 -4.38
N VAL A 307 -44.70 81.15 -3.49
CA VAL A 307 -44.08 81.95 -2.44
C VAL A 307 -43.36 81.06 -1.43
N GLU A 308 -44.05 80.02 -0.97
CA GLU A 308 -43.44 79.12 0.01
C GLU A 308 -42.26 78.38 -0.59
N GLY A 309 -42.38 77.95 -1.85
CA GLY A 309 -41.26 77.33 -2.52
C GLY A 309 -40.09 78.29 -2.70
N SER A 310 -40.41 79.56 -2.96
CA SER A 310 -39.34 80.58 -3.17
C SER A 310 -38.55 80.81 -1.87
N PHE A 311 -39.21 80.80 -0.72
CA PHE A 311 -38.50 81.10 0.54
C PHE A 311 -37.76 79.86 1.05
N TYR A 312 -38.11 78.69 0.53
CA TYR A 312 -37.41 77.43 0.93
C TYR A 312 -36.12 77.39 0.10
N GLY A 313 -36.20 77.77 -1.17
CA GLY A 313 -34.98 77.87 -2.00
C GLY A 313 -34.05 78.95 -1.53
N LEU A 314 -34.59 80.11 -1.14
CA LEU A 314 -33.77 81.24 -0.65
C LEU A 314 -33.08 80.84 0.65
N SER A 315 -33.76 80.07 1.51
CA SER A 315 -33.13 79.58 2.75
C SER A 315 -31.94 78.70 2.39
N LEU A 316 -32.15 77.72 1.51
CA LEU A 316 -31.06 76.80 1.10
C LEU A 316 -30.04 77.59 0.31
N GLY A 317 -30.46 78.64 -0.40
CA GLY A 317 -29.51 79.46 -1.13
C GLY A 317 -28.62 80.30 -0.24
N VAL A 318 -29.19 80.90 0.80
CA VAL A 318 -28.40 81.68 1.75
C VAL A 318 -27.38 80.79 2.45
N LYS A 319 -27.78 79.60 2.88
CA LYS A 319 -26.88 78.75 3.64
C LYS A 319 -25.77 78.17 2.76
N THR A 320 -26.07 77.86 1.51
CA THR A 320 -25.00 77.45 0.60
C THR A 320 -24.03 78.60 0.35
N SER A 321 -24.56 79.81 0.19
CA SER A 321 -23.72 80.97 -0.05
C SER A 321 -22.79 81.24 1.11
N ILE A 322 -23.29 81.11 2.34
CA ILE A 322 -22.46 81.31 3.53
C ILE A 322 -21.32 80.31 3.56
N LEU A 323 -21.59 79.07 3.17
CA LEU A 323 -20.56 78.05 3.19
C LEU A 323 -19.59 78.22 2.02
N ILE A 324 -20.07 78.71 0.88
CA ILE A 324 -19.16 79.05 -0.22
C ILE A 324 -18.20 80.14 0.23
N PHE A 325 -18.69 81.08 1.04
CA PHE A 325 -17.83 82.11 1.59
C PHE A 325 -16.72 81.51 2.44
N VAL A 326 -17.02 80.48 3.21
CA VAL A 326 -16.04 79.87 4.15
C VAL A 326 -14.99 79.12 3.32
N PHE A 327 -15.39 78.53 2.21
CA PHE A 327 -14.39 77.91 1.31
C PHE A 327 -13.43 79.01 0.82
N ILE A 328 -13.95 80.12 0.31
CA ILE A 328 -13.08 81.19 -0.26
C ILE A 328 -12.23 81.81 0.85
N TRP A 329 -12.82 82.02 2.02
CA TRP A 329 -12.09 82.59 3.19
C TRP A 329 -10.96 81.66 3.60
N THR A 330 -11.21 80.36 3.62
CA THR A 330 -10.18 79.35 3.99
C THR A 330 -9.03 79.40 3.00
N ARG A 331 -9.32 79.53 1.71
CA ARG A 331 -8.24 79.56 0.69
C ARG A 331 -7.38 80.81 0.89
N ALA A 332 -8.00 81.94 1.25
CA ALA A 332 -7.26 83.20 1.46
C ALA A 332 -6.67 83.30 2.87
N SER A 333 -6.75 82.26 3.70
CA SER A 333 -6.32 82.40 5.08
C SER A 333 -5.10 81.58 5.46
N PHE A 334 -4.89 80.48 4.79
CA PHE A 334 -3.86 79.58 5.29
C PHE A 334 -2.82 79.21 4.25
N PRO A 335 -1.59 78.79 4.64
CA PRO A 335 -0.65 78.19 3.69
C PRO A 335 -1.08 76.79 3.32
N ARG A 336 -0.25 76.07 2.57
CA ARG A 336 -0.56 74.72 2.14
C ARG A 336 0.06 73.69 3.08
N ILE A 337 -0.68 72.62 3.34
CA ILE A 337 -0.15 71.49 4.11
C ILE A 337 0.60 70.57 3.16
N ARG A 338 1.70 69.96 3.62
CA ARG A 338 2.41 68.93 2.82
C ARG A 338 1.54 67.67 2.76
N PHE A 339 1.71 66.84 1.75
CA PHE A 339 0.84 65.64 1.55
C PHE A 339 0.96 64.70 2.74
N ASP A 340 2.16 64.49 3.24
CA ASP A 340 2.36 63.58 4.39
C ASP A 340 1.58 64.13 5.57
N GLN A 341 1.64 65.44 5.79
CA GLN A 341 0.98 66.04 6.96
C GLN A 341 -0.54 65.92 6.85
N LEU A 342 -1.12 66.10 5.66
CA LEU A 342 -2.58 65.95 5.48
C LEU A 342 -3.00 64.51 5.70
N MET A 343 -2.12 63.58 5.34
CA MET A 343 -2.44 62.15 5.49
C MET A 343 -2.44 61.81 6.97
N SER A 344 -1.53 62.39 7.73
CA SER A 344 -1.54 62.17 9.19
C SER A 344 -2.81 62.77 9.80
N PHE A 345 -3.20 63.94 9.33
CA PHE A 345 -4.39 64.62 9.88
C PHE A 345 -5.63 63.74 9.67
N CYS A 346 -5.76 63.15 8.49
CA CYS A 346 -6.89 62.28 8.20
C CYS A 346 -6.84 61.00 9.03
N TRP A 347 -5.68 60.35 9.08
CA TRP A 347 -5.58 58.99 9.57
C TRP A 347 -5.21 58.90 11.03
N THR A 348 -4.53 59.90 11.58
CA THR A 348 -4.11 59.86 12.96
C THR A 348 -4.81 60.90 13.84
N VAL A 349 -5.64 61.75 13.24
CA VAL A 349 -6.39 62.74 14.06
C VAL A 349 -7.90 62.66 13.85
N LEU A 350 -8.39 62.71 12.63
CA LEU A 350 -9.85 62.84 12.37
C LEU A 350 -10.54 61.49 12.29
N LEU A 351 -9.91 60.48 11.73
CA LEU A 351 -10.58 59.17 11.76
C LEU A 351 -10.67 58.55 13.16
N PRO A 352 -9.64 58.60 14.01
CA PRO A 352 -9.83 58.11 15.39
C PRO A 352 -10.95 58.83 16.14
N ILE A 353 -11.08 60.14 15.96
CA ILE A 353 -12.14 60.88 16.63
C ILE A 353 -13.50 60.44 16.11
N LEU A 354 -13.62 60.28 14.80
CA LEU A 354 -14.89 59.85 14.21
C LEU A 354 -15.28 58.45 14.70
N PHE A 355 -14.31 57.54 14.75
CA PHE A 355 -14.61 56.19 15.20
C PHE A 355 -15.03 56.17 16.66
N ALA A 356 -14.42 57.02 17.49
CA ALA A 356 -14.84 57.16 18.87
C ALA A 356 -16.25 57.72 18.97
N LEU A 357 -16.58 58.67 18.09
CA LEU A 357 -17.92 59.22 18.07
C LEU A 357 -18.91 58.24 17.46
N ILE A 358 -18.44 57.36 16.58
CA ILE A 358 -19.28 56.31 16.02
C ILE A 358 -19.73 55.36 17.12
N VAL A 359 -18.86 55.12 18.10
CA VAL A 359 -19.25 54.32 19.26
C VAL A 359 -20.21 55.09 20.14
N LEU A 360 -19.85 56.34 20.48
CA LEU A 360 -20.55 57.08 21.52
C LEU A 360 -21.98 57.41 21.14
N VAL A 361 -22.20 57.87 19.90
CA VAL A 361 -23.51 58.43 19.55
C VAL A 361 -24.64 57.42 19.65
N PRO A 362 -24.54 56.21 19.09
CA PRO A 362 -25.62 55.23 19.33
C PRO A 362 -25.76 54.84 20.79
N CYS A 363 -24.68 54.88 21.56
CA CYS A 363 -24.77 54.55 22.98
C CYS A 363 -25.59 55.58 23.74
N ILE A 364 -25.44 56.86 23.39
CA ILE A 364 -26.27 57.90 23.99
C ILE A 364 -27.71 57.81 23.49
N LEU A 365 -27.88 57.51 22.20
CA LEU A 365 -29.22 57.43 21.64
C LEU A 365 -30.04 56.35 22.33
N TYR A 366 -29.43 55.20 22.61
CA TYR A 366 -30.13 54.13 23.35
C TYR A 366 -30.36 54.57 24.78
N SER A 367 -29.40 55.25 25.38
CA SER A 367 -29.50 55.57 26.80
C SER A 367 -30.64 56.52 27.10
N PHE A 368 -30.96 57.41 26.18
CA PHE A 368 -32.07 58.39 26.36
C PHE A 368 -33.31 57.98 25.55
N ASN A 369 -33.44 56.72 25.15
CA ASN A 369 -34.61 56.21 24.38
C ASN A 369 -34.85 57.08 23.14
N ILE A 370 -33.83 57.33 22.33
CA ILE A 370 -33.97 58.33 21.23
C ILE A 370 -33.66 57.75 19.88
N PHE A 371 -33.54 56.44 19.75
CA PHE A 371 -33.54 55.86 18.41
C PHE A 371 -34.79 56.31 17.67
N PRO A 372 -34.67 56.89 16.49
CA PRO A 372 -35.86 57.20 15.71
C PRO A 372 -36.43 55.97 15.02
N VAL A 373 -37.65 56.11 14.54
CA VAL A 373 -38.29 55.00 13.78
C VAL A 373 -37.75 55.06 12.35
N ASN A 374 -37.67 53.91 11.66
CA ASN A 374 -37.05 53.90 10.32
C ASN A 374 -38.15 53.69 9.28
N ILE A 375 -39.40 53.85 9.68
CA ILE A 375 -40.56 53.78 8.72
C ILE A 375 -40.70 55.14 8.04
N SER A 376 -41.53 55.21 7.00
CA SER A 376 -41.79 56.50 6.31
C SER A 376 -42.68 57.40 7.17
N LEU A 377 -42.09 58.36 7.87
CA LEU A 377 -42.80 59.40 8.63
C LEU A 377 -42.04 60.65 8.22
N LEU A 378 -42.63 61.84 8.28
CA LEU A 378 -41.81 63.04 7.94
C LEU A 378 -41.25 62.85 6.52
N MET B 1 -12.55 31.64 22.97
CA MET B 1 -11.22 31.68 23.57
C MET B 1 -10.16 31.90 22.50
N ILE B 2 -10.32 31.28 21.32
CA ILE B 2 -9.42 31.58 20.22
C ILE B 2 -9.59 33.03 19.77
N MET B 3 -10.79 33.56 19.93
CA MET B 3 -11.08 34.92 19.46
C MET B 3 -10.63 35.91 20.54
N ILE B 4 -10.70 35.54 21.82
CA ILE B 4 -10.16 36.37 22.89
C ILE B 4 -8.64 36.41 22.80
N SER B 5 -8.03 35.30 22.40
CA SER B 5 -6.58 35.24 22.25
C SER B 5 -6.10 36.06 21.06
N ILE B 6 -6.83 36.04 19.95
CA ILE B 6 -6.38 36.76 18.73
C ILE B 6 -6.39 38.24 19.04
N LEU B 7 -7.49 38.77 19.55
CA LEU B 7 -7.63 40.21 19.79
C LEU B 7 -6.63 40.69 20.84
N SER B 8 -6.39 39.91 21.88
CA SER B 8 -5.43 40.28 22.96
C SER B 8 -4.00 40.28 22.43
N LEU B 9 -3.61 39.24 21.69
CA LEU B 9 -2.26 39.16 21.08
C LEU B 9 -2.13 40.28 20.06
N LEU B 10 -3.19 40.56 19.30
CA LEU B 10 -3.16 41.61 18.27
C LEU B 10 -2.91 42.96 18.91
N LEU B 11 -3.59 43.28 20.02
CA LEU B 11 -3.44 44.59 20.68
C LEU B 11 -2.00 44.75 21.18
N SER B 12 -1.46 43.70 21.80
CA SER B 12 -0.06 43.74 22.31
C SER B 12 0.93 43.88 21.15
N THR B 13 0.69 43.16 20.06
CA THR B 13 1.59 43.16 18.89
C THR B 13 1.49 44.51 18.18
N SER B 14 0.32 45.13 18.20
CA SER B 14 0.07 46.42 17.53
C SER B 14 0.91 47.54 18.13
N VAL B 15 1.07 47.55 19.46
CA VAL B 15 1.77 48.66 20.15
C VAL B 15 3.27 48.37 20.27
N THR B 16 3.74 47.24 19.74
CA THR B 16 5.21 46.97 19.77
C THR B 16 5.82 46.90 18.38
N LEU B 17 7.12 47.22 18.25
CA LEU B 17 7.83 46.99 16.98
C LEU B 17 9.11 46.21 17.27
N ARG B 18 9.23 45.62 18.48
CA ARG B 18 10.44 44.86 18.86
C ARG B 18 10.39 43.43 18.32
N ARG B 19 11.42 43.03 17.57
CA ARG B 19 11.45 41.69 16.92
C ARG B 19 12.01 40.66 17.89
N ASP B 20 12.50 41.10 19.05
CA ASP B 20 13.02 40.18 20.10
C ASP B 20 11.82 39.66 20.89
N MET B 21 10.67 40.32 20.76
CA MET B 21 9.47 39.92 21.47
C MET B 21 8.72 38.80 20.77
N SER B 22 9.20 38.34 19.61
CA SER B 22 8.54 37.28 18.87
C SER B 22 8.59 35.97 19.64
N ILE B 23 9.72 35.70 20.30
CA ILE B 23 9.88 34.47 21.06
C ILE B 23 8.77 34.31 22.08
N LEU B 24 8.37 35.40 22.72
CA LEU B 24 7.39 35.35 23.80
C LEU B 24 5.95 35.41 23.30
N PHE B 25 5.72 35.99 22.12
CA PHE B 25 4.39 35.94 21.53
C PHE B 25 4.04 34.54 21.06
N ASN B 26 5.03 33.74 20.70
CA ASN B 26 4.81 32.34 20.25
C ASN B 26 4.57 31.49 21.51
N ARG B 27 5.23 31.82 22.61
CA ARG B 27 5.07 31.09 23.89
C ARG B 27 3.66 31.34 24.46
N ILE B 28 3.15 32.54 24.30
CA ILE B 28 1.82 32.93 24.84
C ILE B 28 0.77 32.30 23.92
N SER B 29 1.09 32.13 22.65
CA SER B 29 0.21 31.42 21.74
C SER B 29 0.04 29.96 22.14
N ILE B 30 1.10 29.33 22.61
CA ILE B 30 1.01 27.96 23.12
C ILE B 30 0.12 27.91 24.36
N ILE B 31 0.30 28.87 25.26
CA ILE B 31 -0.51 28.92 26.48
C ILE B 31 -1.96 29.23 26.14
N ALA B 32 -2.19 30.11 25.17
CA ALA B 32 -3.56 30.44 24.78
C ALA B 32 -4.27 29.23 24.19
N LEU B 33 -3.58 28.46 23.35
CA LEU B 33 -4.18 27.28 22.76
C LEU B 33 -4.45 26.19 23.79
N ALA B 34 -3.76 26.22 24.93
CA ALA B 34 -3.99 25.24 26.01
C ALA B 34 -5.29 25.54 26.73
N TYR B 35 -5.68 26.82 26.82
CA TYR B 35 -6.98 27.15 27.41
C TYR B 35 -8.12 26.74 26.50
N CYS B 36 -7.91 26.83 25.18
CA CYS B 36 -8.91 26.38 24.23
C CYS B 36 -9.12 24.88 24.36
N ILE B 37 -8.04 24.16 24.65
CA ILE B 37 -8.13 22.68 24.84
C ILE B 37 -8.95 22.38 26.10
N LEU B 38 -8.80 23.19 27.13
CA LEU B 38 -9.48 22.93 28.42
C LEU B 38 -10.94 23.34 28.29
N HIS B 39 -11.24 24.30 27.43
CA HIS B 39 -12.64 24.63 27.27
C HIS B 39 -13.38 23.62 26.40
N ASP B 40 -12.77 23.20 25.29
CA ASP B 40 -13.40 22.20 24.43
C ASP B 40 -13.44 20.84 25.11
N THR B 41 -12.52 20.56 26.04
CA THR B 41 -12.50 19.28 26.79
C THR B 41 -13.74 19.21 27.68
N MET B 42 -14.22 20.32 28.18
CA MET B 42 -15.43 20.28 28.99
C MET B 42 -16.70 20.22 28.14
N SER B 43 -16.60 20.53 26.86
CA SER B 43 -17.74 20.50 25.96
C SER B 43 -18.02 19.10 25.44
N LEU B 44 -17.50 18.07 26.08
CA LEU B 44 -17.76 16.69 25.73
C LEU B 44 -18.47 16.03 26.91
N SER B 45 -19.78 16.25 26.99
CA SER B 45 -20.57 15.67 28.08
C SER B 45 -21.97 15.30 27.62
N PHE B 46 -22.13 15.02 26.33
CA PHE B 46 -23.44 14.77 25.76
C PHE B 46 -23.29 13.81 24.59
N ILE B 47 -24.37 13.13 24.25
CA ILE B 47 -24.37 12.22 23.08
C ILE B 47 -25.38 12.83 22.11
N SER B 48 -24.89 13.36 20.99
CA SER B 48 -25.79 14.08 20.06
C SER B 48 -25.22 14.01 18.65
N LYS B 49 -26.08 13.76 17.67
CA LYS B 49 -25.61 13.81 16.27
C LYS B 49 -25.19 15.26 16.00
N GLY B 50 -25.86 16.23 16.64
CA GLY B 50 -25.44 17.63 16.50
C GLY B 50 -26.39 18.60 17.17
N ILE B 51 -25.87 19.74 17.64
CA ILE B 51 -26.73 20.79 18.24
C ILE B 51 -26.41 22.06 17.46
N GLY B 52 -27.43 22.79 16.99
CA GLY B 52 -27.24 24.03 16.24
C GLY B 52 -27.09 25.19 17.17
N LEU B 53 -26.06 26.00 16.98
CA LEU B 53 -25.78 27.11 17.91
C LEU B 53 -25.80 28.44 17.17
N HIS B 54 -26.00 29.55 17.89
CA HIS B 54 -25.91 30.89 17.30
C HIS B 54 -26.85 31.05 16.10
N GLY B 55 -28.11 30.64 16.22
CA GLY B 55 -29.10 30.86 15.14
C GLY B 55 -29.08 29.77 14.09
N GLY B 56 -28.43 28.65 14.36
CA GLY B 56 -28.37 27.53 13.43
C GLY B 56 -27.28 27.69 12.42
N LEU B 57 -26.42 28.68 12.59
CA LEU B 57 -25.37 28.95 11.57
C LEU B 57 -24.14 28.14 11.95
N LEU B 58 -24.14 27.58 13.16
CA LEU B 58 -23.03 26.74 13.65
C LEU B 58 -23.63 25.46 14.24
N HIS B 59 -22.81 24.45 14.48
CA HIS B 59 -23.24 23.19 15.14
C HIS B 59 -22.11 22.65 15.99
N ILE B 60 -22.42 21.83 16.98
CA ILE B 60 -21.39 21.14 17.81
C ILE B 60 -21.76 19.67 17.74
N THR B 61 -20.77 18.80 17.61
CA THR B 61 -20.96 17.33 17.55
C THR B 61 -19.83 16.80 18.41
N ASN B 62 -19.91 15.55 18.84
CA ASN B 62 -18.81 14.93 19.59
C ASN B 62 -17.60 14.93 18.66
N LEU B 63 -17.80 14.63 17.38
CA LEU B 63 -16.73 14.63 16.36
C LEU B 63 -16.14 16.05 16.17
N THR B 64 -16.99 17.08 16.15
CA THR B 64 -16.54 18.49 16.05
C THR B 64 -15.64 18.89 17.23
N GLN B 65 -15.99 18.50 18.44
CA GLN B 65 -15.21 18.93 19.62
C GLN B 65 -14.00 18.04 19.75
N ILE B 66 -14.14 16.78 19.38
CA ILE B 66 -12.95 15.94 19.41
C ILE B 66 -11.88 16.50 18.48
N PHE B 67 -12.27 16.92 17.28
CA PHE B 67 -11.32 17.41 16.29
C PHE B 67 -10.98 18.88 16.43
N HIS B 68 -11.68 19.59 17.32
CA HIS B 68 -11.24 20.97 17.68
C HIS B 68 -10.03 20.75 18.61
N ILE B 69 -10.10 19.76 19.50
CA ILE B 69 -8.98 19.45 20.44
C ILE B 69 -7.76 19.00 19.63
N PHE B 70 -7.98 18.14 18.64
CA PHE B 70 -6.87 17.64 17.84
C PHE B 70 -6.18 18.77 17.08
N ILE B 71 -6.95 19.70 16.53
CA ILE B 71 -6.37 20.82 15.78
C ILE B 71 -5.54 21.70 16.70
N PHE B 72 -6.05 21.98 17.91
CA PHE B 72 -5.31 22.80 18.86
C PHE B 72 -4.01 22.14 19.29
N ILE B 73 -4.00 20.83 19.47
CA ILE B 73 -2.75 20.10 19.89
C ILE B 73 -1.75 20.09 18.73
N ILE B 74 -2.21 19.84 17.52
CA ILE B 74 -1.28 19.83 16.40
C ILE B 74 -0.67 21.21 16.22
N SER B 75 -1.45 22.25 16.47
CA SER B 75 -0.95 23.60 16.38
C SER B 75 0.07 23.89 17.48
N ILE B 76 -0.16 23.35 18.68
CA ILE B 76 0.76 23.58 19.79
C ILE B 76 2.12 22.97 19.50
N LEU B 77 2.13 21.76 18.94
CA LEU B 77 3.39 21.08 18.56
C LEU B 77 4.14 21.86 17.49
N ILE B 78 3.46 22.41 16.49
CA ILE B 78 4.10 23.21 15.46
C ILE B 78 4.59 24.54 16.02
N LEU B 79 3.84 25.12 16.96
CA LEU B 79 4.18 26.45 17.52
C LEU B 79 5.51 26.40 18.27
N GLN B 80 5.90 25.23 18.78
CA GLN B 80 7.16 25.06 19.54
C GLN B 80 8.32 25.43 18.63
N LEU B 81 8.22 25.11 17.35
CA LEU B 81 9.29 25.39 16.35
C LEU B 81 9.69 26.87 16.35
N THR B 82 8.84 27.76 16.86
CA THR B 82 9.18 29.20 16.93
C THR B 82 9.15 29.70 18.38
N SER B 83 8.88 28.83 19.36
CA SER B 83 8.81 29.21 20.79
C SER B 83 10.12 28.90 21.52
N PHE B 84 11.01 28.14 20.90
CA PHE B 84 12.26 27.73 21.58
C PHE B 84 13.40 27.80 20.58
N TYR B 85 14.59 28.16 21.05
CA TYR B 85 15.79 28.25 20.18
C TYR B 85 16.16 26.85 19.71
N PRO B 86 16.61 26.67 18.44
CA PRO B 86 16.92 25.35 17.89
C PRO B 86 17.96 24.50 18.65
N ARG B 87 19.02 25.12 19.17
CA ARG B 87 20.12 24.39 19.83
C ARG B 87 20.33 24.98 21.23
N LYS B 88 20.91 24.17 22.11
CA LYS B 88 21.16 24.61 23.50
C LYS B 88 22.58 24.22 23.88
N VAL B 89 23.06 24.70 25.01
CA VAL B 89 24.39 24.26 25.51
C VAL B 89 24.09 23.52 26.81
N TRP B 90 24.61 22.31 26.97
CA TRP B 90 24.32 21.50 28.19
C TRP B 90 25.63 20.98 28.78
N ILE B 91 25.79 21.09 30.10
CA ILE B 91 26.99 20.52 30.78
C ILE B 91 26.50 19.69 31.97
N PRO B 92 27.15 18.55 32.30
CA PRO B 92 26.76 17.75 33.47
C PRO B 92 26.78 18.52 34.80
N GLU B 93 27.57 19.58 34.90
CA GLU B 93 27.62 20.45 36.11
C GLU B 93 26.39 21.34 36.30
N TYR B 94 25.57 21.55 35.26
CA TYR B 94 24.34 22.37 35.38
C TYR B 94 23.22 21.48 34.85
N SER B 95 22.83 20.48 35.64
CA SER B 95 21.84 19.51 35.13
C SER B 95 20.85 19.07 36.21
N SER B 96 20.96 19.60 37.43
CA SER B 96 20.09 19.16 38.52
C SER B 96 18.93 20.12 38.70
N LEU B 97 18.03 19.79 39.63
CA LEU B 97 16.93 20.70 39.95
C LEU B 97 17.46 22.01 40.52
N LYS B 98 18.35 21.93 41.47
CA LYS B 98 18.95 23.13 42.08
C LYS B 98 19.56 24.02 40.99
N ASP B 99 20.16 23.42 39.95
CA ASP B 99 20.82 24.22 38.91
C ASP B 99 19.77 24.82 37.99
N ILE B 100 18.90 23.99 37.41
CA ILE B 100 17.91 24.44 36.39
C ILE B 100 16.93 25.45 36.99
N PHE B 101 16.69 25.42 38.29
CA PHE B 101 15.64 26.32 38.82
C PHE B 101 16.22 27.43 39.67
N PHE B 102 17.34 27.19 40.34
CA PHE B 102 17.85 28.20 41.29
C PHE B 102 19.13 28.86 40.79
N ASN B 103 19.97 28.12 40.08
CA ASN B 103 21.19 28.67 39.52
C ASN B 103 20.90 29.26 38.15
N LYS B 104 21.95 29.80 37.53
CA LYS B 104 21.83 30.38 36.15
C LYS B 104 23.15 30.20 35.38
N ILE B 105 23.08 30.12 34.06
CA ILE B 105 24.29 29.99 33.20
C ILE B 105 24.49 31.28 32.41
N LEU B 106 25.73 31.77 32.31
CA LEU B 106 26.03 32.97 31.50
C LEU B 106 27.01 32.58 30.40
N TYR B 107 26.71 32.93 29.14
CA TYR B 107 27.64 32.71 28.00
C TYR B 107 27.10 33.47 26.80
N TYR B 108 27.91 33.63 25.77
CA TYR B 108 27.51 34.31 24.53
C TYR B 108 26.59 33.35 23.76
N ARG B 109 25.28 33.48 23.91
CA ARG B 109 24.35 32.50 23.29
C ARG B 109 23.97 32.88 21.87
N THR B 110 24.30 34.07 21.36
CA THR B 110 23.77 34.55 20.06
C THR B 110 24.09 33.66 18.86
N LYS B 111 25.34 33.25 18.66
CA LYS B 111 25.65 32.51 17.41
C LYS B 111 25.39 31.03 17.64
N ILE B 112 25.39 30.62 18.90
CA ILE B 112 25.15 29.21 19.19
C ILE B 112 23.67 28.86 19.01
N ILE B 113 22.77 29.71 19.49
CA ILE B 113 21.34 29.40 19.46
C ILE B 113 20.64 29.99 18.25
N ASN B 114 21.31 30.80 17.43
CA ASN B 114 20.70 31.52 16.28
C ASN B 114 19.56 32.40 16.82
N LYS B 115 19.88 33.33 17.72
CA LYS B 115 18.87 34.18 18.38
C LYS B 115 18.16 35.04 17.36
N MET B 116 18.90 35.56 16.39
CA MET B 116 18.32 36.50 15.40
C MET B 116 18.11 35.82 14.06
N GLY B 117 17.69 34.56 14.05
CA GLY B 117 17.34 33.86 12.80
C GLY B 117 16.03 34.38 12.25
N GLU B 118 15.74 34.14 10.97
CA GLU B 118 14.55 34.75 10.34
C GLU B 118 13.27 34.32 11.07
N HIS B 119 13.18 33.05 11.46
CA HIS B 119 11.96 32.51 12.12
C HIS B 119 11.74 33.18 13.47
N MET B 120 12.80 33.64 14.11
CA MET B 120 12.70 34.25 15.45
C MET B 120 12.52 35.78 15.35
N LYS B 121 12.01 36.29 14.23
CA LYS B 121 11.94 37.77 14.06
C LYS B 121 10.65 38.20 13.37
N ILE B 122 9.68 37.29 13.22
CA ILE B 122 8.36 37.70 12.66
C ILE B 122 7.39 37.82 13.83
N ILE B 123 7.02 39.04 14.21
CA ILE B 123 6.15 39.29 15.40
C ILE B 123 4.75 38.73 15.16
N GLU B 124 4.24 38.84 13.94
CA GLU B 124 2.82 38.46 13.67
C GLU B 124 2.71 37.01 13.19
N TYR B 125 3.80 36.26 13.22
CA TYR B 125 3.72 34.83 12.84
C TYR B 125 2.85 34.02 13.81
N PRO B 126 2.96 34.15 15.15
CA PRO B 126 2.07 33.41 16.05
C PRO B 126 0.62 33.87 15.86
N LEU B 127 0.42 35.12 15.46
CA LEU B 127 -0.91 35.71 15.27
C LEU B 127 -1.61 35.12 14.07
N ILE B 128 -0.88 34.94 12.97
CA ILE B 128 -1.50 34.51 11.71
C ILE B 128 -1.84 33.03 11.75
N LEU B 129 -1.05 32.22 12.46
CA LEU B 129 -1.45 30.83 12.68
C LEU B 129 -2.78 30.75 13.41
N LEU B 130 -2.95 31.59 14.43
CA LEU B 130 -4.21 31.68 15.15
C LEU B 130 -5.37 32.03 14.22
N PHE B 131 -5.14 32.89 13.24
CA PHE B 131 -6.18 33.20 12.27
C PHE B 131 -6.51 31.98 11.40
N VAL B 132 -5.49 31.22 11.00
CA VAL B 132 -5.73 30.01 10.23
C VAL B 132 -6.48 28.99 11.08
N ILE B 133 -6.04 28.81 12.32
CA ILE B 133 -6.69 27.85 13.22
C ILE B 133 -8.16 28.20 13.40
N SER B 134 -8.46 29.50 13.51
CA SER B 134 -9.83 29.94 13.69
C SER B 134 -10.71 29.53 12.52
N GLY B 135 -10.24 29.73 11.29
CA GLY B 135 -11.01 29.31 10.14
C GLY B 135 -11.13 27.81 10.03
N ALA B 136 -10.15 27.07 10.55
CA ALA B 136 -10.23 25.61 10.57
C ALA B 136 -11.32 25.13 11.50
N VAL B 137 -11.35 25.65 12.73
CA VAL B 137 -12.35 25.20 13.69
C VAL B 137 -13.73 25.76 13.40
N PHE B 138 -13.83 26.75 12.52
CA PHE B 138 -15.15 27.18 12.07
C PHE B 138 -15.67 26.25 10.97
N LEU B 139 -14.85 25.86 10.00
CA LEU B 139 -15.26 24.92 8.94
C LEU B 139 -15.88 23.69 9.58
N ILE B 140 -15.24 23.11 10.58
CA ILE B 140 -15.72 21.87 11.25
C ILE B 140 -17.12 22.14 11.83
N SER B 141 -17.37 23.33 12.34
CA SER B 141 -18.65 23.63 13.02
C SER B 141 -19.69 24.39 12.17
N THR B 142 -19.57 24.41 10.84
CA THR B 142 -20.49 25.21 9.96
C THR B 142 -21.76 24.43 9.61
N ASN B 143 -22.93 25.04 9.77
CA ASN B 143 -24.23 24.38 9.50
C ASN B 143 -24.94 25.13 8.36
N ASP B 144 -24.29 26.12 7.79
CA ASP B 144 -24.93 26.97 6.74
C ASP B 144 -23.98 27.15 5.54
N LEU B 145 -24.53 27.40 4.35
CA LEU B 145 -23.70 27.57 3.13
C LEU B 145 -22.84 28.79 3.35
N VAL B 146 -23.43 29.88 3.85
CA VAL B 146 -22.67 31.11 3.98
C VAL B 146 -21.51 30.92 4.94
N SER B 147 -21.78 30.25 6.07
CA SER B 147 -20.73 30.05 7.10
C SER B 147 -19.60 29.20 6.51
N ILE B 148 -19.93 28.21 5.67
CA ILE B 148 -18.90 27.41 5.02
C ILE B 148 -17.99 28.31 4.19
N PHE B 149 -18.58 29.14 3.35
CA PHE B 149 -17.79 29.97 2.46
C PHE B 149 -16.92 30.95 3.24
N LEU B 150 -17.48 31.58 4.27
CA LEU B 150 -16.72 32.55 5.04
C LEU B 150 -15.62 31.88 5.83
N SER B 151 -15.85 30.66 6.31
CA SER B 151 -14.83 29.95 7.07
C SER B 151 -13.70 29.46 6.17
N ILE B 152 -14.04 28.95 4.99
CA ILE B 152 -13.00 28.37 4.11
C ILE B 152 -12.05 29.48 3.67
N GLU B 153 -12.59 30.65 3.35
CA GLU B 153 -11.77 31.83 2.98
C GLU B 153 -10.93 32.30 4.17
N LEU B 154 -11.50 32.36 5.37
CA LEU B 154 -10.69 32.71 6.56
C LEU B 154 -9.47 31.79 6.66
N GLN B 155 -9.64 30.49 6.39
CA GLN B 155 -8.51 29.59 6.46
C GLN B 155 -7.58 29.78 5.27
N SER B 156 -8.12 29.81 4.06
CA SER B 156 -7.33 29.95 2.81
C SER B 156 -6.49 31.23 2.80
N TYR B 157 -7.08 32.36 3.12
CA TYR B 157 -6.39 33.68 3.07
C TYR B 157 -5.23 33.74 4.04
N GLY B 158 -5.33 33.02 5.16
CA GLY B 158 -4.26 33.05 6.16
C GLY B 158 -3.15 32.13 5.73
N LEU B 159 -3.47 31.04 5.05
CA LEU B 159 -2.45 30.16 4.48
C LEU B 159 -1.66 30.86 3.39
N TYR B 160 -2.31 31.72 2.60
CA TYR B 160 -1.60 32.50 1.59
C TYR B 160 -0.61 33.46 2.24
N LEU B 161 -1.02 34.08 3.34
CA LEU B 161 -0.16 35.03 4.03
C LEU B 161 1.01 34.36 4.73
N LEU B 162 0.80 33.13 5.22
CA LEU B 162 1.89 32.36 5.78
C LEU B 162 2.95 32.05 4.74
N SER B 163 2.52 31.72 3.53
CA SER B 163 3.44 31.36 2.48
C SER B 163 4.24 32.54 1.98
N THR B 164 3.76 33.76 2.20
CA THR B 164 4.42 34.96 1.71
C THR B 164 5.13 35.72 2.82
N ILE B 165 5.05 35.23 4.06
CA ILE B 165 5.57 35.97 5.25
C ILE B 165 7.09 36.14 5.24
N TYR B 166 7.84 35.24 4.62
CA TYR B 166 9.30 35.50 4.48
C TYR B 166 9.38 36.39 3.26
N ARG B 167 9.34 37.71 3.49
CA ARG B 167 9.27 38.67 2.36
C ARG B 167 10.60 38.81 1.63
N ASN B 168 11.71 38.44 2.26
CA ASN B 168 13.02 38.65 1.61
C ASN B 168 13.35 37.42 0.78
N SER B 169 12.52 36.39 0.86
CA SER B 169 12.71 35.16 0.05
C SER B 169 11.98 35.27 -1.28
N GLU B 170 12.71 35.13 -2.39
CA GLU B 170 12.11 35.18 -3.74
C GLU B 170 11.48 33.83 -4.04
N LEU B 171 11.67 32.85 -3.15
CA LEU B 171 11.02 31.54 -3.33
C LEU B 171 9.69 31.58 -2.59
N SER B 172 9.64 32.25 -1.45
CA SER B 172 8.39 32.25 -0.64
C SER B 172 7.36 33.15 -1.32
N THR B 173 7.78 34.27 -1.87
CA THR B 173 6.86 35.24 -2.52
C THR B 173 6.24 34.57 -3.75
N THR B 174 7.02 33.79 -4.49
CA THR B 174 6.54 33.07 -5.67
C THR B 174 5.51 32.03 -5.24
N GLY B 175 5.84 31.25 -4.21
CA GLY B 175 4.96 30.18 -3.74
C GLY B 175 3.64 30.72 -3.26
N GLY B 176 3.67 31.82 -2.52
CA GLY B 176 2.43 32.43 -2.05
C GLY B 176 1.64 32.99 -3.21
N LEU B 177 2.34 33.50 -4.20
CA LEU B 177 1.64 34.01 -5.37
C LEU B 177 0.97 32.88 -6.14
N ILE B 178 1.70 31.80 -6.37
CA ILE B 178 1.12 30.60 -6.98
C ILE B 178 -0.08 30.12 -6.18
N TYR B 179 0.07 30.04 -4.85
CA TYR B 179 -1.00 29.52 -3.94
C TYR B 179 -2.25 30.41 -3.97
N PHE B 180 -2.09 31.72 -3.85
CA PHE B 180 -3.25 32.65 -3.88
C PHE B 180 -3.97 32.57 -5.21
N LEU B 181 -3.23 32.40 -6.29
CA LEU B 181 -3.85 32.49 -7.63
C LEU B 181 -4.53 31.18 -7.94
N LEU B 182 -3.90 30.06 -7.62
CA LEU B 182 -4.62 28.83 -7.88
C LEU B 182 -5.65 28.51 -6.81
N GLY B 183 -5.52 29.14 -5.66
CA GLY B 183 -6.44 28.96 -4.53
C GLY B 183 -7.68 29.78 -4.74
N GLY B 184 -7.55 30.95 -5.34
CA GLY B 184 -8.71 31.79 -5.70
C GLY B 184 -9.60 31.16 -6.74
N LEU B 185 -9.00 30.50 -7.71
CA LEU B 185 -9.83 29.80 -8.70
C LEU B 185 -10.55 28.65 -8.01
N SER B 186 -9.92 28.04 -7.01
CA SER B 186 -10.62 27.02 -6.24
C SER B 186 -11.79 27.60 -5.46
N SER B 187 -11.63 28.82 -4.96
CA SER B 187 -12.69 29.44 -4.17
C SER B 187 -13.92 29.75 -5.01
N CYS B 188 -13.72 30.07 -6.30
CA CYS B 188 -14.85 30.28 -7.20
C CYS B 188 -15.69 29.01 -7.33
N PHE B 189 -15.05 27.85 -7.41
CA PHE B 189 -15.79 26.60 -7.51
C PHE B 189 -16.59 26.33 -6.25
N ILE B 190 -16.02 26.63 -5.09
CA ILE B 190 -16.77 26.46 -3.84
C ILE B 190 -17.93 27.45 -3.77
N LEU B 191 -17.71 28.67 -4.26
CA LEU B 191 -18.77 29.66 -4.24
C LEU B 191 -19.83 29.39 -5.30
N LEU B 192 -19.43 28.91 -6.47
CA LEU B 192 -20.40 28.49 -7.47
C LEU B 192 -21.26 27.36 -6.94
N GLY B 193 -20.65 26.41 -6.23
CA GLY B 193 -21.39 25.27 -5.74
C GLY B 193 -22.47 25.65 -4.75
N THR B 194 -22.13 26.52 -3.79
CA THR B 194 -23.12 26.95 -2.81
C THR B 194 -24.18 27.83 -3.43
N SER B 195 -23.78 28.69 -4.36
CA SER B 195 -24.75 29.54 -5.05
C SER B 195 -25.78 28.72 -5.80
N LEU B 196 -25.35 27.68 -6.50
CA LEU B 196 -26.27 26.83 -7.24
C LEU B 196 -27.14 25.99 -6.31
N LEU B 197 -26.72 25.79 -5.06
CA LEU B 197 -27.57 25.12 -4.11
C LEU B 197 -28.72 26.00 -3.66
N TYR B 198 -28.42 27.27 -3.36
CA TYR B 198 -29.44 28.17 -2.82
C TYR B 198 -30.48 28.53 -3.86
N VAL B 199 -30.08 28.64 -5.12
CA VAL B 199 -30.99 29.08 -6.23
C VAL B 199 -32.00 27.97 -6.57
N ASN B 200 -31.70 26.72 -6.24
CA ASN B 200 -32.59 25.60 -6.62
C ASN B 200 -33.35 25.11 -5.41
N SER B 201 -33.01 25.57 -4.22
CA SER B 201 -33.63 25.06 -2.97
C SER B 201 -34.25 26.18 -2.15
N GLY B 202 -33.84 27.42 -2.32
CA GLY B 202 -34.31 28.54 -1.49
C GLY B 202 -33.74 28.54 -0.09
N THR B 203 -32.79 27.66 0.20
CA THR B 203 -32.30 27.51 1.58
C THR B 203 -30.79 27.63 1.63
N THR B 204 -30.25 28.04 2.77
CA THR B 204 -28.78 28.12 2.96
C THR B 204 -28.40 27.11 4.03
N SER B 205 -29.39 26.57 4.75
CA SER B 205 -29.17 25.59 5.85
C SER B 205 -28.88 24.19 5.31
N LEU B 206 -27.85 23.53 5.85
CA LEU B 206 -27.48 22.17 5.42
C LEU B 206 -28.59 21.18 5.77
N ASP B 207 -29.21 21.33 6.93
CA ASP B 207 -30.30 20.42 7.38
C ASP B 207 -31.51 20.46 6.45
N GLY B 208 -31.93 21.64 5.98
CA GLY B 208 -33.03 21.70 4.99
C GLY B 208 -32.66 20.99 3.71
N LEU B 209 -31.44 21.16 3.22
CA LEU B 209 -30.92 20.47 2.02
C LEU B 209 -30.88 18.97 2.29
N TYR B 210 -30.51 18.57 3.52
CA TYR B 210 -30.48 17.14 3.91
C TYR B 210 -31.88 16.55 3.87
N ILE B 211 -32.88 17.30 4.33
CA ILE B 211 -34.29 16.83 4.36
C ILE B 211 -34.87 16.83 2.94
N LEU B 212 -34.49 17.81 2.12
CA LEU B 212 -34.94 17.82 0.70
C LEU B 212 -34.37 16.59 0.01
N ASN B 213 -33.09 16.29 0.25
CA ASN B 213 -32.43 15.09 -0.32
C ASN B 213 -33.09 13.83 0.25
N SER B 214 -33.43 13.86 1.54
CA SER B 214 -34.04 12.68 2.22
C SER B 214 -35.38 12.32 1.56
N ILE B 215 -36.21 13.32 1.28
CA ILE B 215 -37.58 13.04 0.75
C ILE B 215 -37.46 12.59 -0.71
N SER B 216 -36.54 13.18 -1.46
CA SER B 216 -36.32 12.80 -2.87
C SER B 216 -35.88 11.33 -3.01
N ASP B 217 -35.26 10.75 -1.98
CA ASP B 217 -34.76 9.37 -2.07
C ASP B 217 -35.90 8.37 -1.86
N VAL B 218 -36.80 8.26 -2.83
CA VAL B 218 -37.88 7.22 -2.79
C VAL B 218 -37.79 6.42 -4.10
N ASN B 219 -37.60 5.09 -4.03
CA ASN B 219 -37.46 4.22 -5.19
C ASN B 219 -38.72 4.23 -6.05
N SER B 233 -41.74 15.48 -9.54
CA SER B 233 -41.94 15.04 -10.95
C SER B 233 -41.58 16.21 -11.87
N TRP B 234 -42.15 17.39 -11.61
CA TRP B 234 -41.80 18.59 -12.40
C TRP B 234 -40.52 19.15 -11.81
N TYR B 235 -40.13 18.64 -10.64
CA TYR B 235 -38.93 19.14 -9.93
C TYR B 235 -38.10 17.96 -9.45
N LYS B 236 -37.33 17.38 -10.35
CA LYS B 236 -36.43 16.26 -10.00
C LYS B 236 -35.15 16.85 -9.41
N PRO B 237 -34.66 16.47 -8.20
CA PRO B 237 -33.52 17.15 -7.56
C PRO B 237 -32.10 16.86 -8.09
N TYR B 238 -31.89 16.96 -9.40
CA TYR B 238 -30.56 16.68 -10.02
C TYR B 238 -29.53 17.70 -9.54
N TYR B 239 -30.00 18.86 -9.06
CA TYR B 239 -29.09 19.96 -8.68
C TYR B 239 -28.20 19.59 -7.49
N LEU B 240 -28.70 18.80 -6.53
CA LEU B 240 -27.88 18.56 -5.32
C LEU B 240 -26.59 17.83 -5.68
N ASN B 241 -26.67 16.80 -6.53
CA ASN B 241 -25.47 16.01 -6.86
C ASN B 241 -24.60 16.78 -7.84
N PHE B 242 -25.19 17.66 -8.66
CA PHE B 242 -24.39 18.53 -9.55
C PHE B 242 -23.73 19.64 -8.74
N SER B 243 -24.48 20.30 -7.86
CA SER B 243 -23.91 21.39 -7.07
C SER B 243 -22.79 20.89 -6.17
N LEU B 244 -23.00 19.75 -5.50
CA LEU B 244 -21.97 19.19 -4.64
C LEU B 244 -20.76 18.72 -5.42
N LEU B 245 -20.94 18.41 -6.71
CA LEU B 245 -19.81 18.00 -7.54
C LEU B 245 -18.86 19.17 -7.79
N ILE B 246 -19.39 20.33 -8.19
CA ILE B 246 -18.56 21.52 -8.31
C ILE B 246 -18.00 21.91 -6.95
N PHE B 247 -18.84 21.85 -5.93
CA PHE B 247 -18.41 22.11 -4.55
C PHE B 247 -17.29 21.18 -4.12
N SER B 248 -17.24 19.96 -4.66
CA SER B 248 -16.16 19.04 -4.31
C SER B 248 -14.86 19.38 -5.03
N ILE B 249 -14.92 19.95 -6.23
CA ILE B 249 -13.70 20.31 -6.95
C ILE B 249 -12.89 21.34 -6.18
N GLY B 250 -13.56 22.31 -5.58
CA GLY B 250 -12.84 23.32 -4.81
C GLY B 250 -12.11 22.73 -3.63
N PHE B 251 -12.77 21.84 -2.89
CA PHE B 251 -12.15 21.20 -1.73
C PHE B 251 -11.14 20.14 -2.12
N LEU B 252 -11.33 19.50 -3.28
CA LEU B 252 -10.31 18.57 -3.79
C LEU B 252 -9.02 19.31 -4.08
N PHE B 253 -9.11 20.51 -4.65
CA PHE B 253 -7.91 21.31 -4.87
C PHE B 253 -7.24 21.66 -3.56
N LYS B 254 -8.02 22.06 -2.56
CA LYS B 254 -7.47 22.54 -1.32
C LYS B 254 -6.84 21.44 -0.47
N VAL B 255 -7.15 20.17 -0.74
CA VAL B 255 -6.42 19.06 -0.14
C VAL B 255 -5.43 18.45 -1.10
N SER B 256 -5.32 18.99 -2.31
CA SER B 256 -4.35 18.55 -3.32
C SER B 256 -4.56 17.08 -3.69
N ALA B 257 -5.78 16.75 -4.05
CA ALA B 257 -6.10 15.44 -4.61
C ALA B 257 -5.98 15.51 -6.11
N ALA B 258 -5.31 14.54 -6.70
CA ALA B 258 -5.17 14.49 -8.15
C ALA B 258 -6.55 14.39 -8.80
N PRO B 259 -6.77 15.05 -9.93
CA PRO B 259 -5.78 15.74 -10.76
C PRO B 259 -5.45 17.18 -10.37
N PHE B 260 -6.08 17.70 -9.31
CA PHE B 260 -5.89 19.10 -8.92
C PHE B 260 -4.77 19.24 -7.90
N HIS B 261 -3.60 18.73 -8.28
CA HIS B 261 -2.51 18.53 -7.33
C HIS B 261 -1.22 19.25 -7.69
N PHE B 262 -1.10 19.83 -8.90
CA PHE B 262 0.19 20.29 -9.39
C PHE B 262 0.78 21.41 -8.54
N TRP B 263 -0.04 22.11 -7.77
CA TRP B 263 0.43 23.26 -7.02
C TRP B 263 1.25 22.85 -5.80
N SER B 264 0.84 21.78 -5.12
CA SER B 264 1.45 21.44 -3.83
C SER B 264 2.93 21.13 -3.92
N PRO B 265 3.43 20.32 -4.86
CA PRO B 265 4.88 20.10 -4.90
C PRO B 265 5.66 21.39 -5.10
N ASP B 266 5.12 22.33 -5.87
CA ASP B 266 5.81 23.58 -6.12
C ASP B 266 5.76 24.51 -4.92
N VAL B 267 4.59 24.62 -4.28
CA VAL B 267 4.44 25.54 -3.17
C VAL B 267 5.12 25.00 -1.93
N TYR B 268 5.01 23.70 -1.67
CA TYR B 268 5.64 23.14 -0.47
C TYR B 268 7.16 23.17 -0.57
N ASP B 269 7.70 23.10 -1.78
CA ASP B 269 9.13 23.18 -1.99
C ASP B 269 9.67 24.59 -1.84
N ALA B 270 8.86 25.60 -2.15
CA ALA B 270 9.32 26.97 -2.25
C ALA B 270 9.28 27.75 -0.94
N ILE B 271 8.34 27.46 -0.07
CA ILE B 271 8.20 28.22 1.18
C ILE B 271 9.13 27.61 2.22
N PRO B 272 9.45 28.31 3.31
CA PRO B 272 10.37 27.76 4.30
C PRO B 272 9.81 26.53 5.00
N THR B 273 10.72 25.69 5.48
CA THR B 273 10.35 24.39 6.03
C THR B 273 9.53 24.54 7.31
N ILE B 274 9.84 25.53 8.14
CA ILE B 274 9.01 25.80 9.31
C ILE B 274 7.57 26.03 8.88
N VAL B 275 7.38 26.79 7.80
CA VAL B 275 6.04 27.15 7.32
C VAL B 275 5.33 25.95 6.72
N THR B 276 6.02 25.15 5.92
CA THR B 276 5.34 24.03 5.25
C THR B 276 4.90 22.96 6.23
N THR B 277 5.48 22.90 7.42
CA THR B 277 4.96 22.01 8.45
C THR B 277 3.49 22.34 8.73
N PHE B 278 3.19 23.62 8.97
CA PHE B 278 1.83 24.03 9.26
C PHE B 278 0.95 23.99 8.01
N VAL B 279 1.45 24.49 6.89
CA VAL B 279 0.62 24.63 5.69
C VAL B 279 0.18 23.27 5.17
N ALA B 280 1.04 22.27 5.26
CA ALA B 280 0.79 20.95 4.67
C ALA B 280 0.01 20.02 5.59
N ILE B 281 -0.43 20.46 6.76
CA ILE B 281 -1.09 19.59 7.73
C ILE B 281 -2.49 20.09 8.07
N ILE B 282 -2.60 21.35 8.49
CA ILE B 282 -3.81 21.81 9.14
C ILE B 282 -4.99 21.88 8.15
N ALA B 283 -4.72 22.28 6.91
CA ALA B 283 -5.79 22.47 5.95
C ALA B 283 -6.52 21.17 5.66
N LYS B 284 -5.78 20.06 5.55
CA LYS B 284 -6.40 18.78 5.27
C LYS B 284 -7.19 18.24 6.46
N ILE B 285 -6.82 18.62 7.68
CA ILE B 285 -7.57 18.15 8.85
C ILE B 285 -8.98 18.71 8.82
N SER B 286 -9.12 20.00 8.55
CA SER B 286 -10.44 20.62 8.63
C SER B 286 -11.31 20.28 7.43
N ILE B 287 -10.72 20.20 6.23
CA ILE B 287 -11.51 19.94 5.04
C ILE B 287 -12.07 18.53 5.05
N PHE B 288 -11.28 17.57 5.50
CA PHE B 288 -11.73 16.16 5.46
C PHE B 288 -12.83 15.90 6.49
N ILE B 289 -12.77 16.52 7.65
CA ILE B 289 -13.87 16.39 8.65
C ILE B 289 -15.16 16.95 8.06
N PHE B 290 -15.13 18.16 7.50
CA PHE B 290 -16.39 18.74 7.03
C PHE B 290 -17.04 17.83 5.96
N LEU B 291 -16.25 17.26 5.06
CA LEU B 291 -16.74 16.41 3.96
C LEU B 291 -17.44 15.17 4.50
N LEU B 292 -16.97 14.61 5.60
CA LEU B 292 -17.50 13.33 6.12
C LEU B 292 -18.97 13.42 6.44
N GLU B 293 -19.39 14.47 7.15
CA GLU B 293 -20.80 14.66 7.54
C GLU B 293 -21.64 14.92 6.29
N LEU B 294 -21.10 15.64 5.33
CA LEU B 294 -21.82 15.93 4.06
C LEU B 294 -22.00 14.63 3.27
N VAL B 295 -21.00 13.77 3.21
CA VAL B 295 -21.10 12.45 2.52
C VAL B 295 -22.17 11.58 3.20
N TYR B 296 -22.22 11.59 4.53
CA TYR B 296 -23.19 10.76 5.25
C TYR B 296 -24.64 11.14 4.98
N TYR B 297 -24.97 12.42 5.01
CA TYR B 297 -26.39 12.85 4.89
C TYR B 297 -26.75 13.09 3.43
N THR B 298 -25.83 12.82 2.50
CA THR B 298 -26.16 12.95 1.05
C THR B 298 -26.17 11.56 0.44
N ASN B 299 -26.18 10.53 1.28
CA ASN B 299 -26.10 9.13 0.82
C ASN B 299 -27.42 8.71 0.21
N SER B 300 -27.42 7.66 -0.59
CA SER B 300 -28.70 7.13 -1.10
C SER B 300 -28.97 5.81 -0.38
N ASN B 301 -30.15 5.68 0.21
CA ASN B 301 -30.53 4.44 0.94
C ASN B 301 -31.37 3.60 -0.01
N ALA B 302 -31.79 4.21 -1.12
CA ALA B 302 -32.57 3.48 -2.15
C ALA B 302 -31.94 3.71 -3.53
N ASN B 303 -31.46 2.66 -4.18
CA ASN B 303 -30.78 2.83 -5.47
C ASN B 303 -31.78 3.34 -6.49
N SER B 304 -31.71 4.63 -6.79
CA SER B 304 -32.56 5.26 -7.80
C SER B 304 -31.67 6.05 -8.74
N TYR B 305 -32.29 6.80 -9.65
CA TYR B 305 -31.52 7.60 -10.60
C TYR B 305 -30.75 8.72 -9.91
N LEU B 306 -31.15 9.13 -8.71
CA LEU B 306 -30.38 10.11 -7.96
C LEU B 306 -29.02 9.53 -7.57
N SER B 307 -28.98 8.25 -7.21
CA SER B 307 -27.74 7.60 -6.80
C SER B 307 -26.78 7.39 -7.96
N GLU B 308 -27.26 7.42 -9.20
CA GLU B 308 -26.39 7.20 -10.35
C GLU B 308 -25.49 8.39 -10.63
N PHE B 309 -25.84 9.55 -10.07
CA PHE B 309 -25.05 10.79 -10.32
C PHE B 309 -24.44 11.24 -9.00
N SER B 310 -24.08 10.30 -8.15
CA SER B 310 -23.58 10.68 -6.81
C SER B 310 -22.34 11.55 -6.96
N TRP B 311 -22.26 12.61 -6.18
CA TRP B 311 -21.09 13.50 -6.22
C TRP B 311 -19.88 12.75 -5.68
N THR B 312 -20.11 11.72 -4.87
CA THR B 312 -19.03 10.97 -4.21
C THR B 312 -18.18 10.20 -5.23
N TYR B 313 -18.65 10.05 -6.47
CA TYR B 313 -17.83 9.41 -7.53
C TYR B 313 -16.55 10.20 -7.82
N ALA B 314 -16.58 11.53 -7.79
CA ALA B 314 -15.40 12.36 -8.01
C ALA B 314 -14.33 12.07 -6.97
N LEU B 315 -14.74 11.87 -5.72
CA LEU B 315 -13.81 11.45 -4.65
C LEU B 315 -13.25 10.05 -4.96
N LEU B 316 -14.04 9.13 -5.52
CA LEU B 316 -13.56 7.78 -5.90
C LEU B 316 -12.58 7.84 -7.07
N ILE B 317 -12.72 8.83 -7.93
CA ILE B 317 -11.85 8.97 -9.13
C ILE B 317 -10.62 9.73 -8.66
N SER B 318 -10.79 10.73 -7.79
CA SER B 318 -9.64 11.41 -7.22
C SER B 318 -8.77 10.45 -6.43
N SER B 319 -9.39 9.58 -5.65
CA SER B 319 -8.62 8.61 -4.88
C SER B 319 -7.83 7.69 -5.80
N LEU B 320 -8.47 7.18 -6.86
CA LEU B 320 -7.76 6.35 -7.81
C LEU B 320 -6.62 7.10 -8.47
N LEU B 321 -6.87 8.35 -8.88
CA LEU B 321 -5.84 9.15 -9.51
C LEU B 321 -4.77 9.57 -8.52
N SER B 322 -5.14 9.82 -7.27
CA SER B 322 -4.17 10.25 -6.27
C SER B 322 -3.24 9.11 -5.89
N LEU B 323 -3.77 7.88 -5.82
CA LEU B 323 -2.94 6.73 -5.55
C LEU B 323 -1.89 6.53 -6.64
N ILE B 324 -2.29 6.69 -7.90
CA ILE B 324 -1.35 6.46 -9.00
C ILE B 324 -0.35 7.61 -9.10
N ILE B 325 -0.85 8.84 -9.20
CA ILE B 325 0.04 9.99 -9.37
C ILE B 325 1.00 10.12 -8.19
N GLY B 326 0.48 9.99 -6.96
CA GLY B 326 1.31 10.19 -5.80
C GLY B 326 2.47 9.22 -5.71
N THR B 327 2.27 7.99 -6.15
CA THR B 327 3.32 6.99 -6.07
C THR B 327 4.18 6.91 -7.32
N VAL B 328 3.62 7.20 -8.49
CA VAL B 328 4.39 7.04 -9.72
C VAL B 328 5.26 8.25 -9.98
N VAL B 329 4.70 9.45 -9.82
CA VAL B 329 5.49 10.66 -10.07
C VAL B 329 6.59 10.83 -9.02
N GLY B 330 6.39 10.28 -7.82
CA GLY B 330 7.38 10.43 -6.77
C GLY B 330 8.67 9.67 -7.01
N LEU B 331 8.71 8.78 -8.00
CA LEU B 331 9.87 7.92 -8.18
C LEU B 331 11.11 8.70 -8.55
N THR B 332 10.97 9.73 -9.39
CA THR B 332 12.11 10.47 -9.91
C THR B 332 12.31 11.82 -9.22
N GLN B 333 11.79 11.99 -8.02
CA GLN B 333 12.00 13.22 -7.29
C GLN B 333 13.34 13.14 -6.56
N PHE B 334 14.11 14.21 -6.64
CA PHE B 334 15.37 14.31 -5.91
C PHE B 334 15.35 15.39 -4.84
N ARG B 335 14.29 16.19 -4.79
CA ARG B 335 14.14 17.21 -3.77
C ARG B 335 13.19 16.69 -2.69
N ILE B 336 13.59 16.82 -1.42
CA ILE B 336 12.92 16.12 -0.34
C ILE B 336 11.52 16.68 -0.10
N LYS B 337 11.34 18.00 -0.24
CA LYS B 337 10.03 18.58 0.00
C LYS B 337 9.07 18.31 -1.16
N ARG B 338 9.59 18.20 -2.39
CA ARG B 338 8.76 17.72 -3.48
C ARG B 338 8.35 16.27 -3.27
N LEU B 339 9.25 15.45 -2.72
CA LEU B 339 8.92 14.06 -2.44
C LEU B 339 7.86 13.94 -1.37
N LEU B 340 7.97 14.72 -0.29
CA LEU B 340 6.98 14.65 0.77
C LEU B 340 5.64 15.21 0.32
N ALA B 341 5.66 16.15 -0.62
CA ALA B 341 4.40 16.64 -1.19
C ALA B 341 3.68 15.54 -1.96
N TYR B 342 4.41 14.78 -2.77
CA TYR B 342 3.79 13.70 -3.52
C TYR B 342 3.39 12.55 -2.61
N SER B 343 4.14 12.32 -1.53
CA SER B 343 3.76 11.31 -0.57
C SER B 343 2.43 11.65 0.12
N THR B 344 2.18 12.94 0.33
CA THR B 344 0.90 13.35 0.90
C THR B 344 -0.25 13.09 -0.08
N ILE B 345 0.01 13.24 -1.38
CA ILE B 345 -1.03 13.01 -2.37
C ILE B 345 -1.47 11.55 -2.36
N SER B 346 -0.52 10.61 -2.29
CA SER B 346 -0.90 9.21 -2.26
C SER B 346 -1.56 8.82 -0.94
N HIS B 347 -1.27 9.56 0.13
CA HIS B 347 -1.95 9.30 1.43
C HIS B 347 -3.39 9.82 1.40
N VAL B 348 -3.70 10.89 0.65
CA VAL B 348 -5.08 11.33 0.60
C VAL B 348 -5.89 10.48 -0.35
N GLY B 349 -5.23 9.74 -1.25
CA GLY B 349 -5.93 8.73 -2.01
C GLY B 349 -6.46 7.62 -1.13
N PHE B 350 -5.75 7.31 -0.04
CA PHE B 350 -6.27 6.36 0.94
C PHE B 350 -7.36 6.97 1.79
N ILE B 351 -7.19 8.24 2.18
CA ILE B 351 -8.21 8.93 2.95
C ILE B 351 -9.48 9.10 2.12
N LEU B 352 -9.32 9.43 0.83
CA LEU B 352 -10.47 9.63 -0.03
C LEU B 352 -11.20 8.34 -0.33
N LEU B 353 -10.50 7.21 -0.34
CA LEU B 353 -11.17 5.94 -0.58
C LEU B 353 -12.07 5.56 0.59
N ALA B 354 -11.71 5.91 1.82
CA ALA B 354 -12.53 5.46 2.96
C ALA B 354 -13.71 6.41 3.08
N LEU B 355 -13.54 7.67 2.71
CA LEU B 355 -14.64 8.66 2.71
C LEU B 355 -15.70 8.24 1.70
N SER B 356 -15.28 7.80 0.52
CA SER B 356 -16.22 7.45 -0.59
C SER B 356 -17.02 6.20 -0.26
N VAL B 357 -16.43 5.26 0.48
CA VAL B 357 -17.23 4.08 0.91
C VAL B 357 -17.92 4.55 2.19
N SER B 358 -19.14 4.85 2.24
CA SER B 358 -19.72 5.37 3.51
C SER B 358 -20.26 4.19 4.30
N SER B 359 -19.49 3.58 5.11
CA SER B 359 -19.84 2.40 5.92
C SER B 359 -19.38 2.68 7.34
N ILE B 360 -19.98 2.01 8.33
CA ILE B 360 -19.49 2.17 9.73
C ILE B 360 -17.98 1.92 9.75
N GLU B 361 -17.50 0.81 9.16
CA GLU B 361 -16.06 0.44 9.22
C GLU B 361 -15.18 1.50 8.53
N SER B 362 -15.59 1.98 7.35
CA SER B 362 -14.80 2.97 6.58
C SER B 362 -14.68 4.30 7.35
N THR B 363 -15.77 4.73 7.99
CA THR B 363 -15.75 6.00 8.76
C THR B 363 -14.77 5.88 9.93
N GLN B 364 -14.74 4.73 10.62
CA GLN B 364 -13.75 4.51 11.71
C GLN B 364 -12.33 4.51 11.12
N ALA B 365 -12.16 3.89 9.95
CA ALA B 365 -10.84 3.85 9.29
C ALA B 365 -10.41 5.26 8.89
N PHE B 366 -11.36 6.05 8.40
CA PHE B 366 -11.07 7.47 8.02
C PHE B 366 -10.60 8.25 9.25
N ILE B 367 -11.26 8.08 10.40
CA ILE B 367 -10.89 8.91 11.58
C ILE B 367 -9.47 8.53 12.01
N PHE B 368 -9.17 7.23 12.02
CA PHE B 368 -7.81 6.78 12.39
C PHE B 368 -6.78 7.23 11.35
N TYR B 369 -7.07 7.12 10.06
CA TYR B 369 -6.04 7.40 9.04
C TYR B 369 -5.70 8.86 9.17
N LEU B 370 -6.74 9.67 9.37
CA LEU B 370 -6.49 11.10 9.40
C LEU B 370 -5.63 11.50 10.59
N ILE B 371 -5.99 11.06 11.79
CA ILE B 371 -5.26 11.47 12.99
C ILE B 371 -3.86 10.90 12.97
N GLN B 372 -3.71 9.60 12.70
CA GLN B 372 -2.39 9.00 12.76
C GLN B 372 -1.46 9.57 11.70
N TYR B 373 -1.98 9.91 10.52
CA TYR B 373 -1.13 10.46 9.47
C TYR B 373 -0.76 11.91 9.75
N SER B 374 -1.68 12.69 10.29
CA SER B 374 -1.35 14.09 10.66
C SER B 374 -0.22 14.06 11.68
N ILE B 375 -0.29 13.15 12.65
CA ILE B 375 0.77 13.00 13.69
C ILE B 375 2.09 12.52 13.06
N SER B 376 2.03 11.55 12.14
CA SER B 376 3.27 10.96 11.57
C SER B 376 3.93 11.91 10.56
N ASN B 377 3.14 12.59 9.75
CA ASN B 377 3.71 13.54 8.81
C ASN B 377 4.28 14.75 9.55
N LEU B 378 3.83 14.98 10.78
CA LEU B 378 4.46 15.98 11.64
C LEU B 378 5.86 15.56 12.06
N ASN B 379 6.04 14.28 12.39
CA ASN B 379 7.36 13.79 12.77
C ASN B 379 8.35 13.92 11.61
N ALA B 380 7.88 13.65 10.40
CA ALA B 380 8.75 13.78 9.23
C ALA B 380 9.25 15.22 9.06
N PHE B 381 8.36 16.19 9.26
CA PHE B 381 8.78 17.59 9.17
C PHE B 381 9.70 17.97 10.33
N PHE B 382 9.39 17.52 11.54
CA PHE B 382 10.21 17.84 12.70
C PHE B 382 11.62 17.27 12.57
N ILE B 383 11.73 16.02 12.11
CA ILE B 383 13.04 15.42 11.93
C ILE B 383 13.85 16.20 10.91
N LEU B 384 13.21 16.58 9.80
CA LEU B 384 13.89 17.36 8.73
C LEU B 384 14.43 18.68 9.28
N ILE B 385 13.62 19.42 10.03
CA ILE B 385 14.03 20.74 10.60
C ILE B 385 15.19 20.55 11.57
N THR B 386 15.16 19.51 12.39
CA THR B 386 16.21 19.20 13.39
C THR B 386 17.51 18.78 12.71
N ILE B 387 17.42 18.01 11.64
CA ILE B 387 18.63 17.57 10.86
C ILE B 387 19.33 18.80 10.28
N GLY B 388 18.59 19.76 9.74
CA GLY B 388 19.17 21.00 9.23
C GLY B 388 19.79 21.84 10.33
N PHE B 389 19.14 21.92 11.50
CA PHE B 389 19.76 22.65 12.61
C PHE B 389 20.93 21.92 13.27
N SER B 390 21.33 20.76 12.77
CA SER B 390 22.38 19.95 13.45
C SER B 390 23.65 20.03 12.63
N LEU B 391 23.55 20.57 11.43
CA LEU B 391 24.71 20.63 10.51
C LEU B 391 25.46 21.93 10.79
N TYR B 392 25.09 22.61 11.87
CA TYR B 392 25.78 23.84 12.30
C TYR B 392 27.24 23.54 12.63
N GLY B 393 27.50 22.37 13.20
CA GLY B 393 28.88 21.97 13.54
C GLY B 393 29.49 21.12 12.44
N TYR B 394 28.94 21.20 11.23
CA TYR B 394 29.43 20.34 10.12
C TYR B 394 29.76 21.21 8.91
N VAL B 395 30.70 20.75 8.08
CA VAL B 395 31.13 21.49 6.87
C VAL B 395 31.03 20.53 5.67
N THR B 396 30.73 21.06 4.49
CA THR B 396 30.66 20.20 3.27
C THR B 396 31.40 20.87 2.12
N ASN B 397 32.03 20.07 1.25
CA ASN B 397 32.69 20.65 0.05
C ASN B 397 31.92 20.24 -1.20
N ASN B 398 30.82 19.48 -1.06
CA ASN B 398 30.02 19.11 -2.21
C ASN B 398 29.65 20.35 -3.02
N LYS B 399 29.80 20.25 -4.33
CA LYS B 399 29.51 21.38 -5.20
C LYS B 399 28.02 21.59 -5.39
N GLU B 400 27.23 20.53 -5.35
CA GLU B 400 25.78 20.64 -5.56
C GLU B 400 25.07 21.34 -4.42
N TYR B 401 25.74 21.57 -3.30
CA TYR B 401 25.09 22.25 -2.19
C TYR B 401 25.36 23.75 -2.17
N LYS B 402 26.49 24.19 -2.73
CA LYS B 402 26.75 25.62 -2.77
C LYS B 402 25.81 26.36 -3.72
N SER B 403 25.20 25.65 -4.65
CA SER B 403 24.32 26.27 -5.64
C SER B 403 22.88 26.36 -5.17
N LEU B 404 22.57 25.89 -3.97
CA LEU B 404 21.20 25.88 -3.49
C LEU B 404 20.74 27.30 -3.15
N LEU B 405 19.43 27.46 -3.09
CA LEU B 405 18.79 28.74 -2.84
C LEU B 405 18.05 28.70 -1.50
N ASP B 406 18.02 29.85 -0.83
CA ASP B 406 17.30 30.03 0.43
C ASP B 406 17.71 28.97 1.44
N LYS B 407 19.02 28.81 1.61
CA LYS B 407 19.57 27.74 2.42
C LYS B 407 19.25 27.89 3.90
N ASN B 408 18.75 29.05 4.32
CA ASN B 408 18.31 29.23 5.70
C ASN B 408 16.83 28.90 5.85
N ASN B 409 16.04 29.16 4.83
CA ASN B 409 14.61 28.85 4.90
C ASN B 409 14.37 27.35 4.76
N SER B 410 15.12 26.69 3.89
CA SER B 410 15.10 25.24 3.76
C SER B 410 16.55 24.76 3.78
N PRO B 411 17.11 24.50 4.97
CA PRO B 411 18.49 23.97 5.02
C PRO B 411 18.66 22.64 4.32
N ILE B 412 17.70 21.73 4.45
CA ILE B 412 17.72 20.46 3.77
C ILE B 412 16.75 20.56 2.61
N GLN B 413 17.27 20.58 1.39
CA GLN B 413 16.45 20.61 0.19
C GLN B 413 16.63 19.38 -0.69
N LEU B 414 17.78 18.72 -0.63
CA LEU B 414 18.06 17.55 -1.43
C LEU B 414 18.11 16.31 -0.55
N ILE B 415 17.67 15.18 -1.12
CA ILE B 415 17.85 13.90 -0.47
C ILE B 415 19.33 13.52 -0.42
N SER B 416 20.13 14.09 -1.37
CA SER B 416 21.60 13.90 -1.32
C SER B 416 22.19 14.46 -0.02
N GLN B 417 21.58 15.42 0.64
CA GLN B 417 22.15 16.00 1.85
C GLN B 417 22.01 15.10 3.07
N LEU B 418 21.23 14.04 2.96
CA LEU B 418 21.00 13.13 4.12
C LEU B 418 21.89 11.91 3.96
N LYS B 419 22.77 11.91 2.96
CA LYS B 419 23.69 10.77 2.73
C LYS B 419 24.56 10.62 3.98
N GLY B 420 24.63 9.42 4.55
CA GLY B 420 25.46 9.17 5.73
C GLY B 420 24.98 9.81 7.02
N TYR B 421 23.72 10.26 7.12
CA TYR B 421 23.27 10.77 8.42
C TYR B 421 23.30 9.73 9.53
N PHE B 422 23.21 8.44 9.19
CA PHE B 422 23.29 7.37 10.22
C PHE B 422 24.58 7.56 11.02
N TYR B 423 25.68 7.87 10.32
CA TYR B 423 26.98 8.11 10.98
C TYR B 423 26.95 9.38 11.84
N ILE B 424 26.33 10.46 11.33
CA ILE B 424 26.22 11.75 12.08
C ILE B 424 25.29 11.64 13.31
N ASN B 425 24.11 11.02 13.17
CA ASN B 425 23.11 10.93 14.27
C ASN B 425 22.30 9.63 14.11
N PRO B 426 22.64 8.50 14.78
CA PRO B 426 21.95 7.22 14.55
C PRO B 426 20.49 7.18 14.94
N LEU B 427 20.12 7.64 16.14
CA LEU B 427 18.70 7.58 16.50
C LEU B 427 17.85 8.60 15.78
N LEU B 428 18.40 9.77 15.44
CA LEU B 428 17.65 10.66 14.57
C LEU B 428 17.42 10.01 13.21
N SER B 429 18.43 9.31 12.70
CA SER B 429 18.27 8.55 11.47
C SER B 429 17.25 7.43 11.64
N LEU B 430 17.22 6.78 12.79
CA LEU B 430 16.31 5.64 13.01
C LEU B 430 14.91 6.17 13.24
N SER B 431 14.78 7.36 13.82
CA SER B 431 13.46 7.96 13.95
C SER B 431 12.86 8.26 12.59
N LEU B 432 13.66 8.82 11.68
CA LEU B 432 13.19 9.06 10.32
C LEU B 432 12.93 7.75 9.59
N ALA B 433 13.71 6.71 9.90
CA ALA B 433 13.44 5.39 9.36
C ALA B 433 12.09 4.86 9.82
N ILE B 434 11.82 4.99 11.12
CA ILE B 434 10.56 4.48 11.67
C ILE B 434 9.37 5.24 11.09
N THR B 435 9.53 6.56 10.93
CA THR B 435 8.48 7.36 10.31
C THR B 435 8.25 6.96 8.87
N ILE B 436 9.32 6.79 8.09
CA ILE B 436 9.21 6.51 6.68
C ILE B 436 8.58 5.13 6.45
N PHE B 437 9.00 4.14 7.23
CA PHE B 437 8.41 2.81 7.10
C PHE B 437 6.93 2.81 7.50
N SER B 438 6.52 3.77 8.33
CA SER B 438 5.10 3.91 8.65
C SER B 438 4.33 4.42 7.43
N PHE B 439 4.91 5.33 6.66
CA PHE B 439 4.29 5.78 5.42
C PHE B 439 4.15 4.63 4.42
N VAL B 440 5.11 3.69 4.41
CA VAL B 440 5.01 2.52 3.55
C VAL B 440 3.87 1.62 4.01
N GLY B 441 3.73 1.45 5.32
CA GLY B 441 2.67 0.57 5.86
C GLY B 441 3.28 -0.71 6.38
N VAL B 442 4.46 -0.67 6.96
CA VAL B 442 5.11 -1.94 7.40
C VAL B 442 4.72 -2.22 8.85
N PRO B 443 4.22 -3.42 9.19
CA PRO B 443 3.91 -3.77 10.59
C PRO B 443 5.19 -3.96 11.43
N PRO B 444 5.24 -3.68 12.75
CA PRO B 444 4.05 -3.41 13.57
C PRO B 444 3.68 -1.93 13.62
N LEU B 445 4.27 -1.10 12.75
CA LEU B 445 4.10 0.38 12.76
C LEU B 445 2.65 0.83 12.59
N VAL B 446 2.31 1.96 13.17
CA VAL B 446 0.90 2.47 13.20
C VAL B 446 0.34 2.65 11.78
N GLY B 447 1.16 3.14 10.84
CA GLY B 447 0.69 3.39 9.46
C GLY B 447 0.20 2.13 8.79
N PHE B 448 0.63 0.95 9.26
CA PHE B 448 0.09 -0.28 8.71
C PHE B 448 -1.35 -0.48 9.12
N PHE B 449 -1.63 -0.31 10.42
CA PHE B 449 -2.97 -0.55 10.92
C PHE B 449 -3.96 0.42 10.30
N ALA B 450 -3.49 1.60 9.90
CA ALA B 450 -4.38 2.55 9.25
C ALA B 450 -4.77 2.07 7.85
N LYS B 451 -3.79 1.67 7.06
CA LYS B 451 -4.09 1.16 5.72
C LYS B 451 -4.85 -0.15 5.78
N GLN B 452 -4.57 -0.97 6.79
CA GLN B 452 -5.29 -2.26 7.01
C GLN B 452 -6.78 -1.99 7.12
N MET B 453 -7.17 -1.04 7.98
CA MET B 453 -8.59 -0.70 8.24
C MET B 453 -9.27 -0.16 6.98
N VAL B 454 -8.54 0.52 6.11
CA VAL B 454 -9.12 1.13 4.89
C VAL B 454 -9.11 0.05 3.81
N LEU B 455 -8.27 -0.97 3.89
CA LEU B 455 -8.37 -2.06 2.88
C LEU B 455 -9.53 -2.98 3.25
N SER B 456 -9.72 -3.28 4.53
CA SER B 456 -10.80 -4.17 5.03
C SER B 456 -12.18 -3.57 4.86
N ALA B 457 -12.27 -2.24 4.98
CA ALA B 457 -13.56 -1.55 4.82
C ALA B 457 -13.98 -1.63 3.34
N ALA B 458 -13.06 -1.28 2.44
CA ALA B 458 -13.35 -1.30 1.00
C ALA B 458 -13.65 -2.72 0.54
N LEU B 459 -12.87 -3.70 0.99
CA LEU B 459 -13.06 -5.11 0.56
C LEU B 459 -14.43 -5.60 0.99
N ASP B 460 -14.84 -5.30 2.21
CA ASP B 460 -16.12 -5.81 2.76
C ASP B 460 -17.29 -5.15 2.03
N ASN B 461 -17.08 -3.98 1.42
CA ASN B 461 -18.20 -3.26 0.76
C ASN B 461 -18.19 -3.46 -0.77
N GLY B 462 -17.21 -4.17 -1.30
CA GLY B 462 -17.20 -4.48 -2.74
C GLY B 462 -16.27 -3.58 -3.54
N TYR B 463 -15.38 -2.86 -2.86
CA TYR B 463 -14.37 -2.02 -3.57
C TYR B 463 -13.09 -2.84 -3.70
N ILE B 464 -13.19 -4.07 -4.21
CA ILE B 464 -12.03 -4.99 -4.37
C ILE B 464 -11.11 -4.45 -5.46
N PHE B 465 -11.66 -3.93 -6.55
CA PHE B 465 -10.80 -3.46 -7.67
C PHE B 465 -9.93 -2.30 -7.19
N LEU B 466 -10.51 -1.38 -6.43
CA LEU B 466 -9.76 -0.23 -5.87
C LEU B 466 -8.72 -0.69 -4.84
N SER B 467 -9.04 -1.69 -4.02
CA SER B 467 -8.11 -2.21 -2.99
C SER B 467 -6.86 -2.80 -3.67
N LEU B 468 -7.05 -3.53 -4.78
CA LEU B 468 -5.91 -4.13 -5.51
C LEU B 468 -5.03 -3.01 -6.06
N ILE B 469 -5.65 -1.94 -6.55
CA ILE B 469 -4.89 -0.78 -7.10
C ILE B 469 -4.12 -0.08 -5.97
N ALA B 470 -4.67 -0.05 -4.75
CA ALA B 470 -3.99 0.60 -3.63
C ALA B 470 -2.76 -0.18 -3.18
N ILE B 471 -2.83 -1.51 -3.16
CA ILE B 471 -1.67 -2.28 -2.72
C ILE B 471 -0.60 -2.33 -3.79
N ILE B 472 -0.97 -2.17 -5.06
CA ILE B 472 0.03 -2.07 -6.12
C ILE B 472 0.79 -0.75 -6.04
N THR B 473 0.07 0.35 -5.83
CA THR B 473 0.74 1.63 -5.73
C THR B 473 1.52 1.75 -4.42
N SER B 474 1.08 1.01 -3.39
CA SER B 474 1.83 0.98 -2.14
C SER B 474 3.20 0.34 -2.33
N VAL B 475 3.32 -0.60 -3.26
CA VAL B 475 4.63 -1.11 -3.62
C VAL B 475 5.41 -0.06 -4.42
N ILE B 476 4.75 0.61 -5.36
CA ILE B 476 5.42 1.62 -6.16
C ILE B 476 5.85 2.79 -5.29
N GLY B 477 4.97 3.24 -4.39
CA GLY B 477 5.32 4.34 -3.51
C GLY B 477 6.37 3.98 -2.49
N ALA B 478 6.47 2.70 -2.14
CA ALA B 478 7.51 2.24 -1.23
C ALA B 478 8.88 2.30 -1.86
N VAL B 479 8.98 2.46 -3.18
CA VAL B 479 10.28 2.56 -3.84
C VAL B 479 10.97 3.86 -3.47
N TYR B 480 10.25 4.98 -3.57
CA TYR B 480 10.89 6.26 -3.27
C TYR B 480 11.03 6.49 -1.78
N TYR B 481 10.24 5.81 -0.94
CA TYR B 481 10.49 5.83 0.49
C TYR B 481 11.79 5.12 0.83
N LEU B 482 12.06 3.99 0.17
CA LEU B 482 13.27 3.22 0.44
C LEU B 482 14.51 3.94 -0.05
N ASN B 483 14.38 4.74 -1.11
CA ASN B 483 15.52 5.49 -1.68
C ASN B 483 16.02 6.51 -0.64
N VAL B 484 15.13 7.13 0.12
CA VAL B 484 15.57 8.04 1.21
C VAL B 484 16.35 7.24 2.27
N ILE B 485 15.89 6.05 2.61
CA ILE B 485 16.56 5.18 3.61
C ILE B 485 17.93 4.74 3.10
N LYS B 486 18.03 4.40 1.82
CA LYS B 486 19.30 3.96 1.23
C LYS B 486 20.31 5.10 1.37
N GLU B 487 19.86 6.33 1.15
CA GLU B 487 20.77 7.49 1.27
C GLU B 487 21.29 7.58 2.71
N ILE B 488 20.40 7.63 3.70
CA ILE B 488 20.82 7.85 5.11
C ILE B 488 21.72 6.72 5.63
N PHE B 489 21.41 5.45 5.34
CA PHE B 489 22.16 4.34 5.98
C PHE B 489 23.17 3.63 5.07
N PHE B 490 22.99 3.63 3.75
CA PHE B 490 23.85 2.77 2.88
C PHE B 490 25.13 3.48 2.45
N TYR B 491 25.31 4.75 2.79
CA TYR B 491 26.49 5.49 2.29
C TYR B 491 27.17 6.29 3.40
N SER B 492 28.46 6.61 3.23
CA SER B 492 29.20 7.43 4.15
C SER B 492 28.81 8.90 3.98
N PRO B 493 28.91 9.75 5.04
CA PRO B 493 28.55 11.16 4.95
C PRO B 493 29.50 12.13 4.23
N GLU B 494 28.95 12.99 3.38
CA GLU B 494 29.75 14.01 2.68
C GLU B 494 29.87 15.20 3.62
N HIS B 495 29.14 15.15 4.72
CA HIS B 495 29.22 16.22 5.75
C HIS B 495 30.29 15.81 6.75
N GLU B 496 31.19 16.73 7.07
CA GLU B 496 32.30 16.43 8.01
C GLU B 496 32.26 17.47 9.12
N VAL B 497 32.75 17.13 10.30
CA VAL B 497 32.70 18.09 11.45
C VAL B 497 33.51 19.34 11.08
N ASN B 498 33.05 20.52 11.49
CA ASN B 498 33.81 21.76 11.25
C ASN B 498 35.13 21.60 11.99
N PRO B 499 36.30 21.80 11.33
CA PRO B 499 37.59 21.67 11.98
C PRO B 499 37.80 22.71 13.08
N VAL B 500 37.33 23.94 12.87
CA VAL B 500 37.62 25.03 13.86
C VAL B 500 36.87 24.78 15.17
N LEU B 501 35.65 24.26 15.14
CA LEU B 501 34.87 24.05 16.37
C LEU B 501 35.55 23.10 17.34
N ASN B 502 36.54 22.34 16.89
CA ASN B 502 37.36 21.50 17.78
C ASN B 502 38.82 21.64 17.36
N GLU B 503 39.47 22.68 17.87
CA GLU B 503 40.88 22.95 17.48
C GLU B 503 41.76 22.73 18.72
N SER B 504 41.16 22.56 19.89
CA SER B 504 41.89 22.33 21.18
C SER B 504 42.35 23.67 21.75
N ASP B 505 42.17 24.76 20.99
CA ASP B 505 42.49 26.12 21.51
C ASP B 505 41.22 26.95 21.43
N SER B 506 40.17 26.41 20.80
CA SER B 506 38.91 27.18 20.61
C SER B 506 37.88 26.76 21.65
N ASN B 507 37.77 27.50 22.76
CA ASN B 507 36.82 27.15 23.85
C ASN B 507 35.98 28.37 24.18
N PHE B 508 34.73 28.18 24.60
CA PHE B 508 33.89 29.32 25.02
C PHE B 508 33.62 29.19 26.53
N SER B 509 33.83 30.28 27.27
CA SER B 509 33.69 30.23 28.74
C SER B 509 32.23 30.31 29.18
N LEU B 510 31.75 29.27 29.88
CA LEU B 510 30.41 29.40 30.49
C LEU B 510 30.61 29.66 31.96
N ARG B 511 29.81 30.55 32.54
CA ARG B 511 29.84 30.84 33.96
C ARG B 511 28.58 30.30 34.63
N ILE B 512 28.76 29.72 35.81
CA ILE B 512 27.67 29.26 36.65
C ILE B 512 27.48 30.26 37.77
N LEU B 513 26.25 30.72 37.95
CA LEU B 513 25.93 31.76 38.91
C LEU B 513 24.82 31.27 39.82
N ASN B 514 24.95 31.51 41.12
CA ASN B 514 23.86 31.17 42.03
C ASN B 514 22.78 32.26 41.95
N GLU B 515 21.84 32.23 42.89
CA GLU B 515 20.67 33.09 42.80
C GLU B 515 21.06 34.56 42.81
N LYS B 516 21.94 34.96 43.71
CA LYS B 516 22.36 36.36 43.77
C LYS B 516 23.62 36.61 42.95
N ASN B 517 23.61 36.12 41.71
CA ASN B 517 24.60 36.45 40.68
C ASN B 517 26.04 36.35 41.20
N VAL B 518 26.33 35.29 41.94
CA VAL B 518 27.67 35.01 42.44
C VAL B 518 28.21 33.81 41.70
N LEU B 519 29.44 33.92 41.22
CA LEU B 519 30.03 32.89 40.37
C LEU B 519 30.25 31.61 41.16
N ILE B 520 29.38 30.63 40.94
CA ILE B 520 29.60 29.29 41.48
C ILE B 520 30.80 28.63 40.84
N ARG B 521 30.91 28.73 39.52
CA ARG B 521 31.88 27.97 38.76
C ARG B 521 32.04 28.62 37.40
N SER B 522 33.14 28.32 36.71
CA SER B 522 33.34 28.77 35.32
C SER B 522 33.80 27.53 34.57
N VAL B 523 33.23 27.27 33.39
CA VAL B 523 33.56 26.02 32.65
C VAL B 523 34.10 26.40 31.27
N LEU B 524 34.93 25.53 30.67
CA LEU B 524 35.46 25.78 29.32
C LEU B 524 34.72 24.82 28.40
N LEU B 525 34.06 25.35 27.37
CA LEU B 525 33.18 24.47 26.56
C LEU B 525 33.61 24.45 25.09
N LYS B 526 33.48 23.28 24.45
CA LYS B 526 33.76 23.17 23.01
C LYS B 526 32.45 22.95 22.24
N GLY B 527 32.50 22.95 20.90
CA GLY B 527 31.32 22.61 20.08
C GLY B 527 30.69 21.26 20.40
N ARG B 528 31.36 20.42 21.19
CA ARG B 528 30.84 19.10 21.63
C ARG B 528 29.84 19.28 22.77
N ASN B 529 29.79 20.47 23.36
CA ASN B 529 28.89 20.74 24.52
C ASN B 529 27.64 21.45 23.99
N ILE B 530 27.47 21.49 22.66
CA ILE B 530 26.25 22.08 22.03
C ILE B 530 25.40 20.92 21.52
N PHE B 531 24.10 20.94 21.80
CA PHE B 531 23.18 19.82 21.46
C PHE B 531 21.87 20.38 20.95
N ILE B 532 20.92 19.50 20.65
CA ILE B 532 19.58 19.96 20.17
C ILE B 532 18.76 20.38 21.38
N SER B 533 17.91 21.40 21.23
CA SER B 533 17.02 21.84 22.33
C SER B 533 16.02 20.73 22.70
N SER B 534 15.71 20.58 23.99
CA SER B 534 14.82 19.50 24.47
C SER B 534 13.41 19.58 23.85
N PRO B 535 12.77 20.75 23.59
CA PRO B 535 11.46 20.76 22.93
C PRO B 535 11.35 19.97 21.62
N PHE B 536 12.42 19.88 20.83
CA PHE B 536 12.40 19.17 19.53
C PHE B 536 12.79 17.70 19.70
N SER B 537 13.56 17.38 20.73
CA SER B 537 14.10 16.01 20.93
C SER B 537 13.02 15.18 21.60
N ILE B 538 12.31 15.78 22.54
CA ILE B 538 11.22 15.10 23.22
C ILE B 538 10.02 14.91 22.31
N THR B 539 9.69 15.93 21.52
CA THR B 539 8.58 15.80 20.59
C THR B 539 8.83 14.68 19.58
N ILE B 540 10.04 14.62 19.02
CA ILE B 540 10.38 13.54 18.10
C ILE B 540 10.31 12.20 18.81
N SER B 541 10.80 12.15 20.04
CA SER B 541 10.84 10.91 20.80
C SER B 541 9.45 10.37 21.08
N ILE B 542 8.49 11.24 21.39
CA ILE B 542 7.12 10.81 21.78
C ILE B 542 6.39 10.24 20.57
N ILE B 543 6.60 10.80 19.40
CA ILE B 543 5.81 10.38 18.21
C ILE B 543 6.44 9.13 17.63
N THR B 544 7.77 9.04 17.61
CA THR B 544 8.41 7.81 17.16
C THR B 544 7.99 6.63 18.01
N ASN B 545 7.86 6.84 19.32
CA ASN B 545 7.40 5.79 20.22
C ASN B 545 5.95 5.41 19.95
N VAL B 546 5.13 6.41 19.66
CA VAL B 546 3.71 6.13 19.34
C VAL B 546 3.62 5.30 18.06
N ILE B 547 4.44 5.60 17.05
CA ILE B 547 4.44 4.82 15.83
C ILE B 547 4.93 3.40 16.09
N LEU B 548 5.89 3.27 17.04
CA LEU B 548 6.49 1.94 17.30
C LEU B 548 5.67 1.11 18.29
N LEU B 549 5.13 1.68 19.35
CA LEU B 549 4.48 0.93 20.41
C LEU B 549 2.96 0.94 20.31
N PHE B 550 2.42 1.24 19.14
CA PHE B 550 0.97 1.39 19.00
C PHE B 550 0.24 0.10 19.33
N ILE B 551 0.85 -1.06 19.05
CA ILE B 551 0.16 -2.36 19.21
C ILE B 551 0.03 -2.74 20.69
N PHE B 552 0.47 -1.86 21.58
CA PHE B 552 0.37 -2.11 23.03
C PHE B 552 -0.51 -1.01 23.64
N MET B 553 -0.91 -0.03 22.84
CA MET B 553 -1.64 1.14 23.38
C MET B 553 -2.77 1.51 22.42
N ASN B 554 -3.48 0.53 21.89
CA ASN B 554 -4.46 0.85 20.81
C ASN B 554 -5.90 0.93 21.30
N LYS B 555 -6.24 0.47 22.50
CA LYS B 555 -7.67 0.39 22.91
C LYS B 555 -8.43 1.73 22.92
N GLU B 556 -7.91 2.78 23.54
CA GLU B 556 -8.72 4.01 23.74
C GLU B 556 -8.74 4.90 22.50
N TRP B 557 -7.68 4.85 21.69
CA TRP B 557 -7.62 5.59 20.41
C TRP B 557 -8.66 5.03 19.43
N LEU B 558 -8.74 3.70 19.31
CA LEU B 558 -9.67 3.10 18.32
C LEU B 558 -11.08 3.04 18.90
N SER B 559 -11.21 2.93 20.22
CA SER B 559 -12.53 2.93 20.91
C SER B 559 -13.22 4.28 20.73
N MET B 560 -12.46 5.37 20.74
CA MET B 560 -13.02 6.72 20.56
C MET B 560 -13.67 6.81 19.19
N GLY B 561 -12.97 6.33 18.16
CA GLY B 561 -13.51 6.31 16.79
C GLY B 561 -14.68 5.36 16.64
N THR B 562 -14.66 4.20 17.28
CA THR B 562 -15.84 3.30 17.22
C THR B 562 -17.06 4.00 17.81
N ILE B 563 -16.90 4.72 18.91
CA ILE B 563 -18.02 5.47 19.54
C ILE B 563 -18.43 6.67 18.66
N LEU B 564 -17.47 7.40 18.07
CA LEU B 564 -17.87 8.60 17.31
C LEU B 564 -18.72 8.18 16.11
N VAL B 565 -18.30 7.12 15.42
CA VAL B 565 -19.06 6.62 14.23
C VAL B 565 -20.39 6.01 14.68
N GLN B 566 -20.47 5.48 15.91
CA GLN B 566 -21.72 4.81 16.32
C GLN B 566 -22.76 5.91 16.50
N ILE B 567 -22.40 7.08 17.02
CA ILE B 567 -23.32 8.24 17.17
C ILE B 567 -23.75 8.77 15.80
N LEU B 568 -22.82 8.89 14.87
CA LEU B 568 -23.12 9.43 13.51
C LEU B 568 -24.10 8.53 12.77
N PHE B 569 -23.92 7.22 12.84
CA PHE B 569 -24.78 6.25 12.11
C PHE B 569 -25.99 5.89 12.97
N SER B 570 -25.93 6.18 14.27
CA SER B 570 -26.98 5.75 15.23
C SER B 570 -28.37 6.19 14.81
N ALA B 571 -29.38 5.38 15.18
CA ALA B 571 -30.76 5.63 14.73
C ALA B 571 -30.73 5.48 13.20
N MET C 1 -41.67 60.32 -19.70
CA MET C 1 -40.53 59.51 -19.20
C MET C 1 -40.19 59.92 -17.76
N SER C 2 -39.30 59.18 -17.11
CA SER C 2 -38.90 59.52 -15.72
C SER C 2 -37.99 60.75 -15.72
N ALA C 3 -38.01 61.51 -14.63
CA ALA C 3 -37.17 62.72 -14.50
C ALA C 3 -35.69 62.34 -14.49
N MET C 4 -35.36 61.23 -13.83
CA MET C 4 -33.95 60.79 -13.71
C MET C 4 -33.43 60.56 -15.12
N SER C 5 -34.20 59.87 -15.94
CA SER C 5 -33.74 59.54 -17.32
C SER C 5 -33.57 60.84 -18.12
N ILE C 6 -34.59 61.70 -18.15
CA ILE C 6 -34.54 62.98 -18.92
C ILE C 6 -33.39 63.84 -18.38
N TYR C 7 -33.14 63.82 -17.07
CA TYR C 7 -32.02 64.58 -16.45
C TYR C 7 -30.67 64.09 -16.99
N ILE C 8 -30.47 62.78 -17.02
CA ILE C 8 -29.17 62.19 -17.46
C ILE C 8 -28.97 62.53 -18.93
N ILE C 9 -30.01 62.43 -19.73
CA ILE C 9 -29.93 62.77 -21.17
C ILE C 9 -29.59 64.25 -21.34
N PHE C 10 -30.20 65.14 -20.56
CA PHE C 10 -29.98 66.59 -20.72
C PHE C 10 -28.54 66.92 -20.34
N VAL C 11 -28.05 66.30 -19.27
CA VAL C 11 -26.65 66.53 -18.85
C VAL C 11 -25.77 66.01 -19.98
N SER C 12 -26.16 64.85 -20.54
CA SER C 12 -25.39 64.27 -21.67
C SER C 12 -25.40 65.20 -22.87
N ILE C 13 -26.56 65.78 -23.19
CA ILE C 13 -26.71 66.69 -24.37
C ILE C 13 -25.87 67.94 -24.15
N ILE C 14 -25.89 68.52 -22.96
CA ILE C 14 -25.15 69.79 -22.70
C ILE C 14 -23.67 69.50 -22.93
N ALA C 15 -23.22 68.33 -22.47
CA ALA C 15 -21.80 67.98 -22.61
C ALA C 15 -21.47 67.89 -24.10
N ILE C 16 -22.36 67.31 -24.89
CA ILE C 16 -22.13 67.23 -26.36
C ILE C 16 -22.04 68.65 -26.94
N LEU C 17 -22.93 69.56 -26.53
CA LEU C 17 -22.92 70.88 -27.15
C LEU C 17 -21.64 71.65 -26.81
N PHE C 18 -21.20 71.59 -25.55
CA PHE C 18 -19.94 72.22 -25.20
C PHE C 18 -18.79 71.61 -25.99
N LEU C 19 -18.81 70.29 -26.19
CA LEU C 19 -17.79 69.65 -27.01
C LEU C 19 -17.88 70.11 -28.46
N ALA C 20 -19.09 70.28 -28.99
CA ALA C 20 -19.24 70.64 -30.40
C ALA C 20 -18.63 72.00 -30.69
N ILE C 21 -18.77 72.96 -29.78
CA ILE C 21 -18.19 74.29 -30.00
C ILE C 21 -16.68 74.18 -30.18
N ASP C 22 -16.04 73.31 -29.41
CA ASP C 22 -14.59 73.13 -29.56
C ASP C 22 -14.25 72.53 -30.93
N LEU C 23 -14.96 71.48 -31.33
CA LEU C 23 -14.68 70.87 -32.63
C LEU C 23 -15.07 71.79 -33.78
N ILE C 24 -16.22 72.46 -33.67
CA ILE C 24 -16.68 73.31 -34.77
C ILE C 24 -15.80 74.54 -34.91
N PHE C 25 -15.50 75.21 -33.81
CA PHE C 25 -14.98 76.57 -33.87
C PHE C 25 -13.50 76.70 -33.49
N ALA C 26 -13.04 75.97 -32.49
CA ALA C 26 -11.66 76.14 -32.03
C ALA C 26 -10.70 75.76 -33.15
N PRO C 27 -9.54 76.42 -33.25
CA PRO C 27 -8.61 76.11 -34.33
C PRO C 27 -8.05 74.69 -34.20
N HIS C 28 -7.70 74.11 -35.34
CA HIS C 28 -7.16 72.77 -35.40
C HIS C 28 -5.91 72.75 -36.28
N ASN C 29 -4.95 71.91 -35.91
CA ASN C 29 -3.73 71.72 -36.69
C ASN C 29 -3.50 70.24 -36.89
N PRO C 30 -3.20 69.79 -38.11
CA PRO C 30 -2.96 68.36 -38.32
C PRO C 30 -1.79 67.82 -37.51
N TYR C 31 -0.77 68.64 -37.28
CA TYR C 31 0.43 68.18 -36.58
C TYR C 31 0.12 67.92 -35.12
N LYS C 32 0.13 66.65 -34.73
CA LYS C 32 -0.05 66.25 -33.35
C LYS C 32 1.28 65.98 -32.65
N GLU C 33 2.40 66.24 -33.31
CA GLU C 33 3.72 66.00 -32.73
C GLU C 33 4.03 66.99 -31.62
N GLN C 47 10.92 56.02 -20.76
CA GLN C 47 11.70 54.79 -20.79
C GLN C 47 12.73 54.78 -19.65
N SER C 48 12.24 54.53 -18.44
CA SER C 48 13.11 54.47 -17.27
C SER C 48 12.41 53.64 -16.21
N ARG C 49 13.19 53.17 -15.24
CA ARG C 49 12.68 52.33 -14.16
C ARG C 49 13.14 52.88 -12.81
N SER C 50 12.19 52.95 -11.88
CA SER C 50 12.49 53.35 -10.51
C SER C 50 11.46 52.71 -9.60
N PRO C 51 11.84 52.32 -8.40
CA PRO C 51 10.87 51.72 -7.48
C PRO C 51 9.80 52.72 -7.08
N PHE C 52 8.59 52.20 -6.89
CA PHE C 52 7.49 53.01 -6.40
C PHE C 52 7.33 52.82 -4.90
N ASN C 53 6.84 53.86 -4.24
CA ASN C 53 6.68 53.83 -2.79
C ASN C 53 5.57 52.87 -2.39
N ILE C 54 5.83 52.08 -1.34
CA ILE C 54 4.83 51.16 -0.82
C ILE C 54 3.65 51.91 -0.24
N SER C 55 3.80 53.19 -0.01
CA SER C 55 2.74 54.00 0.63
C SER C 55 1.50 54.02 -0.25
N PHE C 56 1.69 54.14 -1.57
CA PHE C 56 0.56 54.18 -2.53
C PHE C 56 -0.31 52.92 -2.39
N PHE C 57 0.31 51.76 -2.18
CA PHE C 57 -0.47 50.54 -1.97
C PHE C 57 -1.26 50.63 -0.67
N ILE C 58 -0.64 51.15 0.39
CA ILE C 58 -1.27 51.15 1.70
C ILE C 58 -2.48 52.07 1.73
N TYR C 59 -2.42 53.18 1.01
CA TYR C 59 -3.54 54.11 0.99
C TYR C 59 -4.79 53.46 0.42
N GLY C 60 -4.64 52.72 -0.68
CA GLY C 60 -5.77 52.02 -1.24
C GLY C 60 -6.17 50.79 -0.45
N LEU C 61 -5.21 50.15 0.19
CA LEU C 61 -5.48 48.97 1.01
C LEU C 61 -6.35 49.32 2.20
N VAL C 62 -5.93 50.32 2.97
CA VAL C 62 -6.65 50.68 4.19
C VAL C 62 -7.96 51.34 3.85
N PHE C 63 -8.02 52.11 2.77
CA PHE C 63 -9.28 52.66 2.30
C PHE C 63 -10.26 51.54 1.95
N LEU C 64 -9.80 50.54 1.21
CA LEU C 64 -10.70 49.48 0.78
C LEU C 64 -11.29 48.73 1.96
N LEU C 65 -10.48 48.48 2.98
CA LEU C 65 -10.98 47.72 4.12
C LEU C 65 -11.90 48.54 5.01
N LEU C 66 -11.51 49.79 5.31
CA LEU C 66 -12.36 50.66 6.13
C LEU C 66 -13.62 51.08 5.39
N ASP C 67 -13.54 51.26 4.07
CA ASP C 67 -14.73 51.59 3.28
C ASP C 67 -15.76 50.47 3.35
N LEU C 68 -15.31 49.22 3.28
CA LEU C 68 -16.21 48.07 3.43
C LEU C 68 -16.80 48.02 4.84
N GLU C 69 -15.99 48.28 5.86
CA GLU C 69 -16.48 48.19 7.23
C GLU C 69 -17.49 49.29 7.54
N ILE C 70 -17.23 50.52 7.09
CA ILE C 70 -18.18 51.60 7.27
C ILE C 70 -19.45 51.32 6.50
N LEU C 71 -19.32 50.70 5.32
CA LEU C 71 -20.49 50.31 4.55
C LEU C 71 -21.37 49.34 5.31
N LEU C 72 -20.76 48.36 5.98
CA LEU C 72 -21.52 47.36 6.71
C LEU C 72 -22.24 47.94 7.91
N LEU C 73 -21.89 49.15 8.33
CA LEU C 73 -22.55 49.83 9.42
C LEU C 73 -23.75 50.67 8.98
N TYR C 74 -23.80 51.05 7.71
CA TYR C 74 -24.93 51.84 7.22
C TYR C 74 -26.28 51.16 7.39
N PRO C 75 -26.44 49.84 7.19
CA PRO C 75 -27.74 49.23 7.50
C PRO C 75 -28.15 49.37 8.94
N PHE C 76 -27.20 49.41 9.89
CA PHE C 76 -27.56 49.57 11.28
C PHE C 76 -28.20 50.91 11.55
N ALA C 77 -27.71 51.97 10.91
CA ALA C 77 -28.20 53.31 11.15
C ALA C 77 -29.64 53.49 10.69
N VAL C 78 -30.06 52.79 9.63
CA VAL C 78 -31.43 52.87 9.15
C VAL C 78 -32.28 51.72 9.66
N SER C 79 -31.81 51.01 10.69
CA SER C 79 -32.63 49.99 11.33
C SER C 79 -32.41 49.99 12.85
N GLU C 80 -32.13 51.13 13.47
CA GLU C 80 -31.81 51.19 14.93
C GLU C 80 -33.02 50.96 15.83
N TYR C 81 -34.21 51.33 15.42
CA TYR C 81 -35.41 51.21 16.28
C TYR C 81 -35.69 49.74 16.58
N VAL C 82 -35.42 48.88 15.60
CA VAL C 82 -35.64 47.41 15.76
C VAL C 82 -34.36 46.78 16.33
N ASN C 83 -33.19 47.11 15.81
CA ASN C 83 -31.97 46.43 16.34
C ASN C 83 -32.00 46.62 17.84
N SER C 84 -32.23 47.86 18.31
CA SER C 84 -32.33 48.18 19.75
C SER C 84 -31.07 47.79 20.52
N ALA C 85 -31.23 47.24 21.73
CA ALA C 85 -30.08 46.95 22.61
C ALA C 85 -29.28 45.74 22.12
N TYR C 86 -29.98 44.67 21.72
CA TYR C 86 -29.30 43.48 21.18
C TYR C 86 -28.50 43.84 19.93
N GLY C 87 -29.12 44.62 19.03
CA GLY C 87 -28.42 45.05 17.81
C GLY C 87 -27.26 45.97 18.13
N LEU C 88 -27.46 46.89 19.09
CA LEU C 88 -26.38 47.79 19.51
C LEU C 88 -25.20 46.94 19.96
N ALA C 89 -25.45 45.95 20.82
CA ALA C 89 -24.33 45.15 21.34
C ALA C 89 -23.54 44.54 20.18
N ALA C 90 -24.20 43.88 19.24
CA ALA C 90 -23.50 43.21 18.15
C ALA C 90 -22.74 44.21 17.30
N ALA C 91 -23.37 45.36 17.01
CA ALA C 91 -22.71 46.40 16.24
C ALA C 91 -21.51 46.98 16.97
N LEU C 92 -21.54 47.01 18.30
CA LEU C 92 -20.37 47.49 19.09
C LEU C 92 -19.25 46.46 19.02
N ILE C 93 -19.58 45.17 19.08
CA ILE C 93 -18.57 44.09 18.92
C ILE C 93 -18.01 44.17 17.51
N PHE C 94 -18.83 44.49 16.51
CA PHE C 94 -18.27 44.64 15.17
C PHE C 94 -17.39 45.88 15.08
N ILE C 95 -17.77 46.98 15.73
CA ILE C 95 -16.91 48.20 15.78
C ILE C 95 -15.59 47.88 16.48
N GLY C 96 -15.61 47.23 17.65
CA GLY C 96 -14.38 46.95 18.39
C GLY C 96 -13.34 46.13 17.64
N ILE C 97 -13.77 45.09 16.93
CA ILE C 97 -12.82 44.26 16.11
C ILE C 97 -12.13 45.14 15.06
N ILE C 98 -12.91 45.92 14.31
CA ILE C 98 -12.33 46.79 13.24
C ILE C 98 -11.44 47.88 13.85
N THR C 99 -11.80 48.44 15.00
CA THR C 99 -10.95 49.44 15.69
C THR C 99 -9.58 48.82 16.04
N ILE C 100 -9.55 47.61 16.57
CA ILE C 100 -8.28 46.94 16.95
C ILE C 100 -7.37 46.86 15.72
N GLY C 101 -7.91 46.57 14.53
CA GLY C 101 -7.10 46.57 13.30
C GLY C 101 -6.56 47.94 12.97
N PHE C 102 -7.33 49.00 13.19
CA PHE C 102 -6.89 50.39 12.99
C PHE C 102 -5.76 50.73 13.96
N VAL C 103 -5.84 50.27 15.20
CA VAL C 103 -4.79 50.58 16.21
C VAL C 103 -3.50 49.89 15.77
N TYR C 104 -3.62 48.82 14.99
CA TYR C 104 -2.43 48.08 14.51
C TYR C 104 -1.72 48.88 13.42
N GLU C 105 -2.48 49.58 12.58
CA GLU C 105 -1.88 50.38 11.48
C GLU C 105 -1.40 51.68 12.08
N LEU C 106 -2.07 52.12 13.13
CA LEU C 106 -1.52 53.25 13.87
C LEU C 106 -0.25 52.86 14.61
N GLY C 107 -0.21 51.66 15.16
CA GLY C 107 0.95 51.19 15.93
C GLY C 107 2.15 50.95 15.07
N HIS C 108 1.98 50.44 13.86
CA HIS C 108 3.16 50.07 13.05
C HIS C 108 3.45 51.19 12.06
N ASP C 109 2.74 52.31 12.18
CA ASP C 109 2.85 53.41 11.20
C ASP C 109 2.83 52.78 9.80
N ALA C 110 1.88 51.88 9.57
CA ALA C 110 1.82 51.22 8.27
C ALA C 110 1.64 52.24 7.16
N LEU C 111 0.88 53.30 7.44
CA LEU C 111 0.66 54.36 6.47
C LEU C 111 1.96 55.08 6.14
N LYS C 112 3.00 54.89 6.96
CA LYS C 112 4.33 55.45 6.75
C LYS C 112 4.24 56.95 6.54
N VAL C 113 3.52 57.61 7.44
CA VAL C 113 3.22 59.03 7.29
C VAL C 113 4.04 59.81 8.32
N HIS C 114 4.23 59.23 9.49
CA HIS C 114 5.04 59.85 10.53
C HIS C 114 6.53 59.71 10.23
N MET D 1 4.10 -13.93 34.44
CA MET D 1 3.98 -14.00 32.99
C MET D 1 4.20 -15.42 32.49
N SER D 2 3.91 -15.65 31.21
CA SER D 2 4.08 -16.97 30.63
C SER D 2 5.55 -17.22 30.29
N LEU D 3 5.82 -18.46 29.87
CA LEU D 3 7.16 -18.83 29.44
C LEU D 3 7.41 -18.53 27.98
N LEU D 4 6.35 -18.34 27.19
CA LEU D 4 6.51 -17.96 25.80
C LEU D 4 6.80 -16.48 25.63
N TYR D 5 6.49 -15.67 26.65
CA TYR D 5 6.84 -14.26 26.61
C TYR D 5 8.27 -14.03 27.07
N VAL D 6 8.81 -14.93 27.88
CA VAL D 6 10.22 -14.87 28.24
C VAL D 6 11.10 -15.09 27.01
N LEU D 7 10.63 -15.91 26.07
CA LEU D 7 11.35 -16.09 24.82
C LEU D 7 11.52 -14.78 24.07
N LEU D 8 10.54 -13.89 24.18
CA LEU D 8 10.58 -12.65 23.41
C LEU D 8 11.34 -11.55 24.13
N ILE D 9 11.23 -11.49 25.46
CA ILE D 9 11.83 -10.38 26.20
C ILE D 9 13.35 -10.49 26.24
N ILE D 10 13.90 -11.70 26.34
CA ILE D 10 15.35 -11.85 26.48
C ILE D 10 16.10 -11.21 25.32
N PRO D 11 15.77 -11.46 24.05
CA PRO D 11 16.48 -10.75 22.97
C PRO D 11 16.27 -9.25 23.02
N ILE D 12 15.14 -8.78 23.56
CA ILE D 12 14.92 -7.35 23.73
C ILE D 12 15.81 -6.81 24.84
N ILE D 13 15.96 -7.57 25.93
CA ILE D 13 16.83 -7.17 27.03
C ILE D 13 18.28 -7.08 26.55
N GLY D 14 18.68 -7.99 25.67
CA GLY D 14 20.03 -7.92 25.13
C GLY D 14 20.27 -6.68 24.29
N ILE D 15 19.25 -6.25 23.54
CA ILE D 15 19.36 -5.01 22.79
C ILE D 15 19.60 -3.84 23.73
N PHE D 16 18.89 -3.81 24.87
CA PHE D 16 19.07 -2.72 25.83
C PHE D 16 20.48 -2.71 26.41
N LEU D 17 21.04 -3.87 26.70
CA LEU D 17 22.36 -3.90 27.38
C LEU D 17 23.47 -3.46 26.43
N ILE D 18 23.40 -3.84 25.16
CA ILE D 18 24.40 -3.42 24.14
C ILE D 18 24.33 -1.90 24.03
N SER D 19 23.14 -1.34 24.03
CA SER D 19 22.92 0.12 23.91
C SER D 19 23.40 0.90 25.14
N THR D 20 23.40 0.31 26.33
CA THR D 20 23.75 1.05 27.56
C THR D 20 25.15 0.76 28.14
N ILE D 21 25.90 -0.24 27.66
CA ILE D 21 27.21 -0.61 28.32
C ILE D 21 28.26 0.49 28.17
N ASP D 22 28.26 1.17 26.96
CA ASP D 22 29.18 2.31 26.70
C ASP D 22 28.95 3.39 27.75
N SER D 23 27.81 3.43 28.40
CA SER D 23 27.45 4.46 29.40
C SER D 23 27.99 4.07 30.78
N PHE D 24 28.77 3.00 30.86
CA PHE D 24 29.37 2.60 32.12
C PHE D 24 30.87 2.41 32.05
N TYR D 25 31.49 2.74 30.92
CA TYR D 25 32.92 2.52 30.75
C TYR D 25 33.57 3.65 29.96
N PHE D 69 33.31 3.79 24.86
CA PHE D 69 34.72 3.43 24.85
C PHE D 69 34.90 1.93 25.09
N PHE D 70 33.79 1.24 25.35
CA PHE D 70 33.84 -0.19 25.59
C PHE D 70 34.26 -0.94 24.33
N ASN D 71 34.88 -2.10 24.54
CA ASN D 71 35.35 -2.90 23.41
C ASN D 71 34.19 -3.50 22.64
N VAL D 72 34.44 -3.80 21.36
CA VAL D 72 33.44 -4.50 20.57
C VAL D 72 33.34 -5.96 20.99
N SER D 73 34.40 -6.50 21.59
CA SER D 73 34.33 -7.87 22.09
C SER D 73 33.32 -8.00 23.22
N TYR D 74 33.10 -6.93 23.98
CA TYR D 74 32.12 -6.96 25.07
C TYR D 74 30.69 -6.91 24.51
N TYR D 75 30.50 -6.21 23.40
CA TYR D 75 29.18 -6.13 22.73
C TYR D 75 28.84 -7.51 22.18
N LYS D 76 29.86 -8.23 21.71
CA LYS D 76 29.64 -9.52 21.03
C LYS D 76 29.45 -10.66 22.01
N LYS D 77 29.95 -10.54 23.24
CA LYS D 77 29.65 -11.53 24.26
C LYS D 77 28.24 -11.36 24.80
N ILE D 78 27.77 -10.10 24.90
CA ILE D 78 26.41 -9.86 25.37
C ILE D 78 25.41 -10.48 24.40
N ALA D 79 25.62 -10.25 23.10
CA ALA D 79 24.67 -10.76 22.11
C ALA D 79 24.69 -12.29 22.06
N LEU D 80 25.85 -12.89 22.27
CA LEU D 80 25.94 -14.34 22.21
C LEU D 80 25.37 -15.01 23.46
N ILE D 81 25.66 -14.45 24.64
CA ILE D 81 25.09 -15.01 25.90
C ILE D 81 23.56 -14.87 25.85
N THR D 82 23.06 -13.76 25.30
CA THR D 82 21.59 -13.52 25.21
C THR D 82 20.92 -14.60 24.35
N THR D 83 21.54 -14.98 23.23
CA THR D 83 20.95 -15.98 22.31
C THR D 83 20.99 -17.38 22.94
N ILE D 84 22.02 -17.68 23.73
CA ILE D 84 22.13 -18.99 24.43
C ILE D 84 21.04 -19.13 25.48
N LEU D 85 20.73 -18.06 26.21
CA LEU D 85 19.67 -18.10 27.24
C LEU D 85 18.32 -18.37 26.59
N ASN D 86 18.05 -17.78 25.43
CA ASN D 86 16.80 -18.06 24.69
C ASN D 86 16.76 -19.55 24.32
N LEU D 87 17.88 -20.13 23.92
CA LEU D 87 18.02 -21.57 23.58
C LEU D 87 17.81 -22.45 24.81
N ILE D 88 18.16 -21.98 26.00
CA ILE D 88 18.00 -22.78 27.24
C ILE D 88 16.52 -22.73 27.60
N VAL D 89 15.88 -21.56 27.51
CA VAL D 89 14.46 -21.50 27.75
C VAL D 89 13.71 -22.42 26.78
N SER D 90 14.09 -22.40 25.51
CA SER D 90 13.38 -23.19 24.52
C SER D 90 13.56 -24.69 24.74
N LEU D 91 14.69 -25.10 25.31
CA LEU D 91 14.86 -26.49 25.68
C LEU D 91 14.05 -26.83 26.93
N ILE D 92 13.85 -25.86 27.82
CA ILE D 92 12.97 -26.07 28.96
C ILE D 92 11.53 -26.25 28.50
N ILE D 93 11.10 -25.43 27.54
CA ILE D 93 9.75 -25.57 26.99
C ILE D 93 9.55 -26.94 26.38
N TYR D 94 10.57 -27.45 25.68
CA TYR D 94 10.41 -28.72 25.00
C TYR D 94 10.38 -29.89 25.98
N ILE D 95 11.02 -29.76 27.14
CA ILE D 95 10.96 -30.82 28.15
C ILE D 95 9.55 -30.93 28.72
N LEU D 96 8.87 -29.81 28.92
CA LEU D 96 7.54 -29.79 29.51
C LEU D 96 6.44 -30.07 28.51
N PHE D 97 6.74 -30.02 27.22
CA PHE D 97 5.72 -30.03 26.18
C PHE D 97 5.01 -31.38 26.12
N ASP D 98 3.68 -31.36 25.95
CA ASP D 98 2.88 -32.61 25.82
C ASP D 98 2.78 -32.97 24.35
N PHE D 99 3.34 -34.12 23.96
CA PHE D 99 3.41 -34.52 22.53
C PHE D 99 2.05 -34.98 21.99
N SER D 100 1.07 -35.26 22.84
CA SER D 100 -0.26 -35.63 22.27
C SER D 100 -1.38 -34.81 22.91
N ASN D 101 -1.37 -33.49 22.71
CA ASN D 101 -2.40 -32.58 23.29
C ASN D 101 -2.99 -31.71 22.19
N ASN D 102 -4.31 -31.57 22.14
CA ASN D 102 -4.96 -30.80 21.06
C ASN D 102 -5.26 -29.37 21.53
N GLN D 103 -4.90 -29.04 22.76
CA GLN D 103 -5.07 -27.65 23.25
C GLN D 103 -3.74 -26.91 23.11
N PHE D 104 -3.73 -25.62 22.75
CA PHE D 104 -2.47 -24.83 22.74
C PHE D 104 -1.90 -24.78 24.15
N GLN D 105 -0.58 -24.92 24.30
CA GLN D 105 0.08 -24.99 25.62
C GLN D 105 0.88 -23.73 25.96
N PHE D 106 1.21 -23.51 27.24
CA PHE D 106 1.98 -22.37 27.74
C PHE D 106 1.33 -21.05 27.35
N ILE D 107 0.00 -21.04 27.34
CA ILE D 107 -0.77 -19.85 27.04
C ILE D 107 -0.95 -19.04 28.32
N GLN D 108 -1.39 -17.80 28.19
CA GLN D 108 -1.67 -16.95 29.34
C GLN D 108 -3.10 -16.44 29.23
N GLU D 109 -3.84 -16.44 30.35
CA GLU D 109 -5.24 -15.95 30.33
C GLU D 109 -5.23 -14.43 30.12
N ASN D 110 -5.42 -13.95 28.89
CA ASN D 110 -5.49 -12.49 28.63
C ASN D 110 -6.62 -11.91 29.47
N LEU D 111 -7.88 -12.20 29.13
CA LEU D 111 -9.06 -11.76 29.93
C LEU D 111 -9.33 -10.28 29.67
N ASP D 112 -8.48 -9.63 28.87
CA ASP D 112 -8.70 -8.20 28.50
C ASP D 112 -8.60 -8.13 26.98
N LEU D 113 -9.69 -7.78 26.29
CA LEU D 113 -9.65 -7.82 24.81
C LEU D 113 -9.52 -6.43 24.20
N SER D 114 -8.60 -6.27 23.24
CA SER D 114 -8.45 -4.98 22.53
C SER D 114 -8.64 -5.26 21.04
N PHE D 115 -8.44 -4.25 20.19
CA PHE D 115 -8.50 -4.44 18.72
C PHE D 115 -7.38 -5.39 18.27
N TYR D 116 -6.16 -5.18 18.76
CA TYR D 116 -5.00 -6.05 18.43
C TYR D 116 -4.34 -6.48 19.74
N ASP D 117 -4.25 -7.79 20.00
CA ASP D 117 -3.70 -8.31 21.29
C ASP D 117 -2.81 -9.52 21.00
N ILE D 118 -1.65 -9.60 21.67
CA ILE D 118 -0.69 -10.70 21.44
C ILE D 118 -1.13 -11.92 22.23
N TYR D 119 -1.36 -13.03 21.53
CA TYR D 119 -1.78 -14.31 22.16
C TYR D 119 -0.73 -15.37 21.83
N LEU D 120 0.02 -15.85 22.83
CA LEU D 120 1.08 -16.85 22.54
C LEU D 120 0.68 -18.26 22.95
N GLY D 121 0.99 -19.27 22.13
CA GLY D 121 0.73 -20.66 22.43
C GLY D 121 1.65 -21.52 21.59
N VAL D 122 1.76 -22.79 21.98
CA VAL D 122 2.62 -23.72 21.29
C VAL D 122 1.88 -25.03 21.04
N ASP D 123 2.07 -25.56 19.82
CA ASP D 123 1.52 -26.88 19.45
C ASP D 123 2.69 -27.64 18.82
N GLY D 124 2.57 -28.95 18.66
CA GLY D 124 3.63 -29.75 18.08
C GLY D 124 4.01 -29.29 16.69
N VAL D 125 3.07 -28.64 15.99
CA VAL D 125 3.34 -28.15 14.65
C VAL D 125 4.33 -27.00 14.68
N SER D 126 4.41 -26.27 15.79
CA SER D 126 5.26 -25.08 15.88
C SER D 126 6.47 -25.23 16.79
N ILE D 127 6.53 -26.27 17.63
CA ILE D 127 7.59 -26.35 18.63
C ILE D 127 8.97 -26.50 17.98
N TYR D 128 9.04 -27.28 16.89
CA TYR D 128 10.34 -27.53 16.26
C TYR D 128 10.81 -26.35 15.42
N PHE D 129 9.89 -25.53 14.93
CA PHE D 129 10.28 -24.29 14.27
C PHE D 129 10.89 -23.31 15.27
N VAL D 130 10.35 -23.26 16.49
CA VAL D 130 10.93 -22.43 17.54
C VAL D 130 12.33 -22.93 17.89
N LEU D 131 12.49 -24.25 18.06
CA LEU D 131 13.79 -24.81 18.42
C LEU D 131 14.82 -24.55 17.33
N LEU D 132 14.42 -24.68 16.07
CA LEU D 132 15.35 -24.40 14.97
C LEU D 132 15.82 -22.95 15.00
N THR D 133 14.93 -22.01 15.28
CA THR D 133 15.29 -20.58 15.38
C THR D 133 16.29 -20.37 16.52
N THR D 134 16.14 -21.11 17.61
CA THR D 134 16.97 -20.88 18.81
C THR D 134 18.32 -21.61 18.76
N ILE D 135 18.52 -22.47 17.77
CA ILE D 135 19.80 -23.21 17.62
C ILE D 135 20.56 -22.48 16.53
N ILE D 136 19.82 -21.87 15.59
CA ILE D 136 20.54 -21.25 14.49
C ILE D 136 21.16 -19.92 14.92
N MET D 137 20.34 -19.05 15.49
CA MET D 137 20.75 -17.67 15.88
C MET D 137 22.05 -17.63 16.69
N PRO D 138 22.34 -18.54 17.64
CA PRO D 138 23.63 -18.54 18.30
C PRO D 138 24.79 -18.82 17.32
N ILE D 139 24.62 -19.75 16.38
CA ILE D 139 25.65 -20.13 15.37
C ILE D 139 25.80 -18.99 14.37
N ALA D 140 24.68 -18.40 13.94
CA ALA D 140 24.68 -17.26 13.02
C ALA D 140 25.52 -16.11 13.56
N LEU D 141 25.49 -15.91 14.87
CA LEU D 141 26.35 -14.90 15.49
C LEU D 141 27.81 -15.34 15.52
N VAL D 142 28.05 -16.59 15.93
CA VAL D 142 29.42 -17.09 16.02
C VAL D 142 30.06 -17.17 14.64
N SER D 143 29.28 -17.53 13.62
CA SER D 143 29.84 -17.69 12.29
C SER D 143 30.42 -16.38 11.76
N ASN D 144 29.83 -15.26 12.14
CA ASN D 144 30.14 -13.98 11.54
C ASN D 144 30.85 -13.09 12.57
N TRP D 145 31.62 -13.76 13.44
CA TRP D 145 32.19 -13.13 14.64
C TRP D 145 33.30 -12.14 14.31
N ASN D 146 34.10 -12.45 13.28
CA ASN D 146 35.18 -11.56 12.88
C ASN D 146 34.88 -10.75 11.63
N SER D 147 33.90 -11.18 10.83
CA SER D 147 33.71 -10.68 9.47
C SER D 147 33.02 -9.32 9.39
N ILE D 148 32.44 -8.83 10.48
CA ILE D 148 31.67 -7.60 10.41
C ILE D 148 32.57 -6.37 10.44
N THR D 149 33.33 -6.22 11.52
CA THR D 149 34.35 -5.13 11.61
C THR D 149 33.79 -3.71 11.84
N ASN D 150 32.78 -3.28 11.11
CA ASN D 150 32.28 -1.89 11.23
C ASN D 150 30.78 -1.94 11.53
N ASN D 151 30.25 -0.97 12.28
CA ASN D 151 28.83 -0.96 12.68
C ASN D 151 28.48 -2.27 13.40
N ILE D 152 29.24 -2.65 14.42
CA ILE D 152 29.05 -3.98 15.04
C ILE D 152 27.87 -3.96 16.00
N LYS D 153 27.69 -2.88 16.77
CA LYS D 153 26.50 -2.75 17.63
C LYS D 153 25.23 -2.82 16.81
N SER D 154 25.19 -2.08 15.71
CA SER D 154 24.00 -2.07 14.82
C SER D 154 23.75 -3.48 14.30
N TYR D 155 24.80 -4.18 13.94
CA TYR D 155 24.65 -5.54 13.42
C TYR D 155 24.08 -6.46 14.48
N LEU D 156 24.60 -6.38 15.71
CA LEU D 156 24.11 -7.24 16.78
C LEU D 156 22.68 -6.90 17.16
N ILE D 157 22.31 -5.61 17.10
CA ILE D 157 20.96 -5.20 17.49
C ILE D 157 19.94 -5.70 16.47
N ILE D 158 20.30 -5.71 15.19
CA ILE D 158 19.37 -6.18 14.17
C ILE D 158 19.11 -7.68 14.31
N MET D 159 20.17 -8.46 14.55
CA MET D 159 19.99 -9.90 14.76
C MET D 159 19.22 -10.19 16.04
N LEU D 160 19.51 -9.46 17.12
CA LEU D 160 18.76 -9.66 18.34
C LEU D 160 17.31 -9.26 18.17
N LEU D 161 17.05 -8.28 17.30
CA LEU D 161 15.68 -7.90 16.98
C LEU D 161 15.03 -8.90 16.05
N LEU D 162 15.77 -9.43 15.07
CA LEU D 162 15.25 -10.46 14.14
C LEU D 162 14.83 -11.70 14.93
N GLU D 163 15.61 -12.09 15.94
CA GLU D 163 15.31 -13.32 16.71
C GLU D 163 13.96 -13.21 17.37
N THR D 164 13.64 -12.06 17.94
CA THR D 164 12.32 -11.80 18.55
C THR D 164 11.22 -11.89 17.50
N LEU D 165 11.41 -11.25 16.34
CA LEU D 165 10.35 -11.20 15.34
C LEU D 165 10.11 -12.55 14.71
N LEU D 166 11.16 -13.33 14.49
CA LEU D 166 10.99 -14.67 13.94
C LEU D 166 10.50 -15.66 14.99
N LEU D 167 10.82 -15.44 16.25
CA LEU D 167 10.23 -16.27 17.30
C LEU D 167 8.73 -16.00 17.43
N ALA D 168 8.34 -14.74 17.30
CA ALA D 168 6.93 -14.37 17.48
C ALA D 168 6.06 -15.03 16.43
N VAL D 169 6.52 -15.07 15.18
CA VAL D 169 5.70 -15.53 14.06
C VAL D 169 5.29 -16.99 14.24
N PHE D 170 6.04 -17.76 15.00
CA PHE D 170 5.65 -19.14 15.32
C PHE D 170 4.78 -19.23 16.56
N LEU D 171 4.79 -18.22 17.42
CA LEU D 171 4.12 -18.31 18.72
C LEU D 171 2.74 -17.68 18.75
N VAL D 172 2.45 -16.84 17.75
CA VAL D 172 1.16 -16.08 17.71
C VAL D 172 -0.02 -17.00 17.38
N LEU D 173 -1.17 -16.77 18.02
CA LEU D 173 -2.35 -17.64 17.84
C LEU D 173 -3.43 -16.90 17.04
N ASP D 174 -3.05 -15.90 16.24
CA ASP D 174 -4.02 -15.19 15.34
C ASP D 174 -3.36 -15.14 13.97
N VAL D 175 -4.17 -14.94 12.92
CA VAL D 175 -3.63 -14.91 11.53
C VAL D 175 -3.26 -13.48 11.12
N LEU D 176 -3.80 -12.46 11.78
CA LEU D 176 -3.35 -11.08 11.46
C LEU D 176 -2.06 -10.83 12.22
N LEU D 177 -1.91 -11.46 13.39
CA LEU D 177 -0.71 -11.30 14.22
C LEU D 177 0.39 -12.07 13.52
N PHE D 178 0.03 -13.17 12.86
CA PHE D 178 1.00 -13.94 12.07
C PHE D 178 1.50 -13.02 10.97
N TYR D 179 0.58 -12.36 10.27
CA TYR D 179 1.00 -11.45 9.20
C TYR D 179 1.85 -10.31 9.75
N ILE D 180 1.52 -9.84 10.96
CA ILE D 180 2.21 -8.69 11.53
C ILE D 180 3.69 -8.99 11.70
N PHE D 181 4.03 -10.18 12.20
CA PHE D 181 5.42 -10.54 12.40
C PHE D 181 6.04 -11.17 11.16
N PHE D 182 5.22 -11.83 10.33
CA PHE D 182 5.72 -12.43 9.07
C PHE D 182 6.23 -11.31 8.17
N GLU D 183 5.91 -10.06 8.51
CA GLU D 183 6.28 -8.93 7.62
C GLU D 183 7.00 -7.82 8.41
N SER D 184 7.17 -7.96 9.71
CA SER D 184 7.91 -6.99 10.49
C SER D 184 9.42 -7.16 10.35
N ILE D 185 9.83 -8.17 9.59
CA ILE D 185 11.24 -8.62 9.53
C ILE D 185 11.84 -7.91 8.32
N LEU D 186 10.98 -7.24 7.55
CA LEU D 186 11.42 -6.68 6.26
C LEU D 186 12.25 -5.41 6.50
N PRO D 187 11.90 -4.47 7.42
CA PRO D 187 12.80 -3.33 7.69
C PRO D 187 14.19 -3.66 8.26
N PRO D 188 14.37 -4.56 9.26
CA PRO D 188 15.71 -4.94 9.72
C PRO D 188 16.52 -5.61 8.59
N LEU D 189 15.88 -6.42 7.75
CA LEU D 189 16.60 -7.16 6.67
C LEU D 189 16.98 -6.20 5.54
N PHE D 190 16.19 -5.16 5.28
CA PHE D 190 16.61 -4.16 4.30
C PHE D 190 17.90 -3.49 4.72
N ILE D 191 18.03 -3.19 6.01
CA ILE D 191 19.19 -2.49 6.54
C ILE D 191 20.34 -3.45 6.87
N LEU D 192 20.04 -4.71 7.15
CA LEU D 192 21.16 -5.67 7.34
C LEU D 192 21.94 -5.80 6.01
N ILE D 193 21.25 -6.02 4.89
CA ILE D 193 21.90 -6.18 3.57
C ILE D 193 22.59 -4.87 3.15
N GLY D 194 21.94 -3.73 3.27
CA GLY D 194 22.50 -2.43 2.91
C GLY D 194 23.72 -2.02 3.71
N LEU D 195 23.77 -2.33 5.01
CA LEU D 195 24.93 -1.92 5.85
C LEU D 195 26.05 -2.95 5.79
N PHE D 196 25.75 -4.24 5.76
CA PHE D 196 26.82 -5.27 5.90
C PHE D 196 26.86 -6.23 4.71
N GLY D 197 26.21 -5.86 3.62
CA GLY D 197 26.17 -6.72 2.43
C GLY D 197 27.36 -6.59 1.50
N SER D 198 27.34 -7.32 0.39
CA SER D 198 28.44 -7.31 -0.61
C SER D 198 28.27 -6.18 -1.62
N SER D 199 28.90 -6.29 -2.78
CA SER D 199 28.92 -5.21 -3.80
C SER D 199 27.54 -4.86 -4.36
N ASN D 200 26.73 -5.85 -4.71
CA ASN D 200 25.43 -5.56 -5.37
C ASN D 200 24.35 -5.51 -4.29
N LYS D 201 24.72 -5.01 -3.12
CA LYS D 201 23.81 -4.97 -1.95
C LYS D 201 22.58 -4.07 -2.15
N VAL D 202 22.73 -2.91 -2.79
CA VAL D 202 21.59 -1.95 -2.85
C VAL D 202 20.47 -2.59 -3.65
N ARG D 203 20.77 -3.18 -4.80
CA ARG D 203 19.74 -3.82 -5.59
C ARG D 203 19.22 -5.07 -4.91
N ALA D 204 20.10 -5.81 -4.23
CA ALA D 204 19.67 -7.01 -3.53
C ALA D 204 18.67 -6.69 -2.43
N SER D 205 18.89 -5.59 -1.71
CA SER D 205 17.99 -5.23 -0.62
C SER D 205 16.68 -4.65 -1.14
N PHE D 206 16.71 -3.95 -2.27
CA PHE D 206 15.46 -3.49 -2.87
C PHE D 206 14.63 -4.65 -3.37
N TYR D 207 15.27 -5.69 -3.93
CA TYR D 207 14.52 -6.84 -4.42
C TYR D 207 13.79 -7.56 -3.30
N ILE D 208 14.51 -7.90 -2.24
CA ILE D 208 13.87 -8.66 -1.13
C ILE D 208 12.71 -7.85 -0.56
N PHE D 209 12.91 -6.56 -0.28
CA PHE D 209 11.85 -5.81 0.39
C PHE D 209 10.64 -5.71 -0.53
N LEU D 210 10.83 -5.24 -1.77
CA LEU D 210 9.67 -4.96 -2.67
C LEU D 210 8.91 -6.23 -3.08
N TYR D 211 9.61 -7.31 -3.39
CA TYR D 211 8.92 -8.60 -3.72
C TYR D 211 8.17 -9.11 -2.50
N THR D 212 8.80 -9.06 -1.33
CA THR D 212 8.17 -9.60 -0.10
C THR D 212 7.03 -8.66 0.31
N LEU D 213 7.18 -7.37 0.06
CA LEU D 213 6.08 -6.47 0.36
C LEU D 213 4.92 -6.68 -0.61
N LEU D 214 5.22 -6.81 -1.90
CA LEU D 214 4.17 -7.01 -2.88
C LEU D 214 3.46 -8.33 -2.68
N GLY D 215 4.22 -9.41 -2.54
CA GLY D 215 3.60 -10.71 -2.38
C GLY D 215 2.78 -10.81 -1.12
N SER D 216 3.22 -10.16 -0.04
CA SER D 216 2.53 -10.27 1.23
C SER D 216 1.29 -9.40 1.30
N LEU D 217 1.11 -8.47 0.37
CA LEU D 217 -0.09 -7.65 0.38
C LEU D 217 -1.28 -8.32 -0.29
N PHE D 218 -1.05 -9.44 -0.99
CA PHE D 218 -2.15 -10.27 -1.45
C PHE D 218 -2.61 -11.24 -0.38
N LEU D 219 -1.69 -11.64 0.51
CA LEU D 219 -2.08 -12.39 1.69
C LEU D 219 -2.94 -11.53 2.62
N LEU D 220 -2.61 -10.25 2.75
CA LEU D 220 -3.36 -9.38 3.64
C LEU D 220 -4.81 -9.24 3.22
N LEU D 221 -5.05 -9.10 1.92
CA LEU D 221 -6.42 -9.02 1.43
C LEU D 221 -7.22 -10.27 1.77
N SER D 222 -6.60 -11.45 1.64
CA SER D 222 -7.31 -12.72 1.96
C SER D 222 -7.59 -12.81 3.47
N ILE D 223 -6.64 -12.40 4.29
CA ILE D 223 -6.79 -12.46 5.77
C ILE D 223 -7.91 -11.52 6.20
N LEU D 224 -7.97 -10.34 5.61
CA LEU D 224 -8.96 -9.32 5.98
C LEU D 224 -10.35 -9.83 5.65
N THR D 225 -10.48 -10.53 4.52
CA THR D 225 -11.78 -11.12 4.13
C THR D 225 -12.24 -12.17 5.14
N MET D 226 -11.36 -13.05 5.57
CA MET D 226 -11.74 -14.10 6.54
C MET D 226 -12.17 -13.46 7.86
N SER D 227 -11.47 -12.41 8.30
CA SER D 227 -11.78 -11.71 9.56
C SER D 227 -13.15 -11.06 9.44
N SER D 228 -13.47 -10.52 8.27
CA SER D 228 -14.77 -9.86 8.03
C SER D 228 -15.89 -10.87 8.13
N ILE D 229 -15.67 -12.08 7.63
CA ILE D 229 -16.74 -13.12 7.57
C ILE D 229 -16.87 -13.79 8.94
N VAL D 230 -15.80 -13.91 9.68
CA VAL D 230 -15.84 -14.66 10.99
C VAL D 230 -15.83 -13.70 12.20
N GLY D 231 -15.19 -12.54 12.10
CA GLY D 231 -15.18 -11.56 13.20
C GLY D 231 -13.91 -11.59 14.02
N THR D 232 -13.05 -12.56 13.75
CA THR D 232 -11.76 -12.60 14.47
C THR D 232 -10.83 -13.53 13.70
N THR D 233 -9.53 -13.43 13.96
CA THR D 233 -8.51 -14.29 13.31
C THR D 233 -7.87 -15.21 14.34
N TYR D 234 -8.39 -15.23 15.57
CA TYR D 234 -7.89 -16.17 16.61
C TYR D 234 -8.06 -17.58 16.06
N PHE D 235 -7.04 -18.42 16.16
CA PHE D 235 -7.08 -19.74 15.49
C PHE D 235 -8.26 -20.59 15.97
N ASP D 236 -8.52 -20.67 17.27
CA ASP D 236 -9.59 -21.57 17.77
C ASP D 236 -10.92 -21.26 17.07
N VAL D 237 -11.25 -19.99 16.89
CA VAL D 237 -12.55 -19.57 16.30
C VAL D 237 -12.49 -19.72 14.77
N LEU D 238 -11.33 -19.45 14.15
CA LEU D 238 -11.24 -19.55 12.70
C LEU D 238 -11.28 -21.00 12.23
N LEU D 239 -10.67 -21.91 13.01
CA LEU D 239 -10.61 -23.30 12.58
C LEU D 239 -11.96 -24.00 12.70
N LYS D 240 -12.84 -23.51 13.56
CA LYS D 240 -14.19 -24.06 13.61
C LYS D 240 -14.97 -23.72 12.35
N SER D 241 -14.72 -22.53 11.83
CA SER D 241 -15.52 -21.98 10.71
C SER D 241 -15.25 -22.66 9.37
N SER D 242 -16.30 -22.95 8.61
CA SER D 242 -16.12 -23.53 7.26
C SER D 242 -16.60 -22.54 6.19
N PHE D 243 -15.72 -22.19 5.27
CA PHE D 243 -16.04 -21.19 4.23
C PHE D 243 -16.76 -21.84 3.06
N GLU D 244 -17.47 -21.03 2.28
CA GLU D 244 -18.13 -21.52 1.06
C GLU D 244 -17.01 -21.78 0.05
N TYR D 245 -17.20 -22.76 -0.82
CA TYR D 245 -16.15 -23.13 -1.80
C TYR D 245 -15.66 -21.90 -2.56
N THR D 246 -16.57 -21.05 -3.04
CA THR D 246 -16.11 -19.91 -3.87
C THR D 246 -15.23 -18.97 -3.03
N THR D 247 -15.61 -18.72 -1.78
CA THR D 247 -14.79 -17.88 -0.90
C THR D 247 -13.43 -18.54 -0.72
N GLN D 248 -13.43 -19.85 -0.50
CA GLN D 248 -12.18 -20.61 -0.33
C GLN D 248 -11.33 -20.49 -1.57
N LEU D 249 -11.93 -20.50 -2.76
CA LEU D 249 -11.13 -20.53 -4.00
C LEU D 249 -10.56 -19.16 -4.25
N PHE D 250 -11.17 -18.13 -3.67
CA PHE D 250 -10.55 -16.82 -3.79
C PHE D 250 -9.65 -16.48 -2.62
N LEU D 251 -9.90 -17.05 -1.44
CA LEU D 251 -8.91 -16.95 -0.38
C LEU D 251 -7.65 -17.73 -0.72
N PHE D 252 -7.78 -18.83 -1.48
CA PHE D 252 -6.60 -19.55 -1.93
C PHE D 252 -5.76 -18.69 -2.86
N PHE D 253 -6.40 -18.04 -3.83
CA PHE D 253 -5.74 -17.06 -4.67
C PHE D 253 -5.49 -15.81 -3.84
N GLY D 254 -4.28 -15.70 -3.29
CA GLY D 254 -3.96 -14.61 -2.40
C GLY D 254 -3.13 -15.07 -1.24
N ILE D 255 -3.41 -16.27 -0.73
CA ILE D 255 -2.47 -16.89 0.20
C ILE D 255 -1.39 -17.64 -0.57
N PHE D 256 -1.75 -18.22 -1.71
CA PHE D 256 -0.78 -18.91 -2.53
C PHE D 256 0.11 -17.95 -3.29
N ILE D 257 -0.45 -16.82 -3.73
CA ILE D 257 0.36 -15.81 -4.39
C ILE D 257 1.43 -15.29 -3.44
N ALA D 258 1.06 -15.14 -2.18
CA ALA D 258 2.02 -14.69 -1.15
C ALA D 258 3.07 -15.77 -0.97
N PHE D 259 2.63 -17.01 -0.76
CA PHE D 259 3.55 -18.13 -0.48
C PHE D 259 4.41 -18.45 -1.69
N ALA D 260 3.87 -18.35 -2.90
CA ALA D 260 4.65 -18.64 -4.13
C ALA D 260 5.81 -17.64 -4.24
N VAL D 261 5.57 -16.38 -3.92
CA VAL D 261 6.66 -15.36 -3.91
C VAL D 261 7.66 -15.70 -2.79
N LYS D 262 7.16 -16.15 -1.64
CA LYS D 262 8.04 -16.37 -0.46
C LYS D 262 8.58 -17.80 -0.33
N THR D 263 8.19 -18.71 -1.22
CA THR D 263 8.75 -20.09 -1.18
C THR D 263 10.26 -20.13 -1.49
N PRO D 264 10.82 -19.47 -2.55
CA PRO D 264 10.05 -18.99 -3.70
C PRO D 264 9.97 -19.97 -4.88
N VAL D 265 8.97 -19.79 -5.76
CA VAL D 265 8.82 -20.65 -6.96
C VAL D 265 9.79 -20.16 -8.06
N TRP D 266 9.94 -20.90 -9.15
CA TRP D 266 10.96 -20.57 -10.18
C TRP D 266 10.89 -19.18 -10.83
N GLY D 267 9.76 -18.73 -11.37
CA GLY D 267 9.81 -17.45 -12.10
C GLY D 267 9.76 -16.25 -11.16
N LEU D 268 9.76 -16.49 -9.85
CA LEU D 268 9.60 -15.41 -8.87
C LEU D 268 10.71 -15.49 -7.83
N ASN D 269 11.84 -16.11 -8.17
CA ASN D 269 12.93 -16.37 -7.19
C ASN D 269 14.09 -15.39 -7.32
N SER D 270 13.96 -14.33 -8.12
CA SER D 270 15.07 -13.38 -8.42
C SER D 270 15.57 -12.68 -7.15
N TRP D 271 14.67 -12.37 -6.23
CA TRP D 271 15.01 -11.67 -4.97
C TRP D 271 15.99 -12.52 -4.15
N LEU D 272 15.81 -13.83 -4.09
CA LEU D 272 16.65 -14.73 -3.28
C LEU D 272 18.04 -14.84 -3.91
N LEU D 273 18.09 -14.91 -5.23
CA LEU D 273 19.38 -15.03 -5.95
C LEU D 273 20.19 -13.77 -5.67
N ARG D 274 19.53 -12.65 -5.43
CA ARG D 274 20.21 -11.40 -5.03
C ARG D 274 20.35 -11.35 -3.50
N ALA D 275 19.26 -11.39 -2.72
CA ALA D 275 19.26 -11.26 -1.25
C ALA D 275 20.30 -12.15 -0.57
N HIS D 276 20.22 -13.47 -0.74
CA HIS D 276 21.11 -14.43 -0.03
C HIS D 276 22.57 -14.16 -0.37
N VAL D 277 22.89 -13.97 -1.64
CA VAL D 277 24.30 -13.76 -2.04
C VAL D 277 24.88 -12.45 -1.50
N GLU D 278 24.15 -11.35 -1.62
CA GLU D 278 24.75 -10.04 -1.26
C GLU D 278 24.60 -9.81 0.24
N SER D 279 23.82 -10.63 0.90
CA SER D 279 23.66 -10.52 2.36
C SER D 279 24.94 -10.87 3.09
N PRO D 280 25.22 -10.35 4.32
CA PRO D 280 26.33 -10.86 5.12
C PRO D 280 26.09 -12.33 5.44
N LEU D 281 27.17 -13.00 5.85
CA LEU D 281 27.08 -14.41 6.20
C LEU D 281 25.97 -14.68 7.20
N GLY D 282 25.89 -13.87 8.26
CA GLY D 282 24.87 -14.11 9.27
C GLY D 282 23.47 -13.91 8.73
N GLY D 283 23.26 -12.87 7.92
CA GLY D 283 21.97 -12.67 7.32
C GLY D 283 21.58 -13.79 6.37
N SER D 284 22.56 -14.33 5.65
CA SER D 284 22.30 -15.46 4.76
C SER D 284 21.84 -16.69 5.55
N ILE D 285 22.43 -16.93 6.72
CA ILE D 285 22.04 -18.09 7.51
C ILE D 285 20.59 -17.96 7.97
N VAL D 286 20.18 -16.78 8.41
CA VAL D 286 18.81 -16.53 8.92
C VAL D 286 17.79 -16.63 7.78
N LEU D 287 18.05 -15.95 6.68
CA LEU D 287 17.12 -15.88 5.52
C LEU D 287 16.81 -17.26 4.94
N ALA D 288 17.79 -18.15 4.87
CA ALA D 288 17.59 -19.48 4.27
C ALA D 288 16.99 -20.41 5.33
N ALA D 289 17.66 -20.58 6.46
CA ALA D 289 17.19 -21.51 7.51
C ALA D 289 15.87 -21.09 8.13
N ILE D 290 15.65 -19.80 8.41
CA ILE D 290 14.43 -19.47 9.22
C ILE D 290 13.33 -18.73 8.44
N VAL D 291 13.70 -17.78 7.59
CA VAL D 291 12.71 -16.94 6.87
C VAL D 291 12.05 -17.74 5.74
N LEU D 292 12.74 -18.73 5.18
CA LEU D 292 12.19 -19.43 4.02
C LEU D 292 11.21 -20.45 4.59
N LYS D 293 11.27 -20.64 5.89
CA LYS D 293 10.38 -21.63 6.52
C LYS D 293 9.07 -20.98 6.97
N LEU D 294 8.98 -19.66 6.92
CA LEU D 294 7.77 -18.97 7.44
C LEU D 294 6.59 -19.34 6.54
N SER D 295 6.80 -19.42 5.23
CA SER D 295 5.71 -19.81 4.29
C SER D 295 5.35 -21.29 4.48
N LEU D 296 6.33 -22.15 4.79
CA LEU D 296 6.10 -23.60 4.99
C LEU D 296 5.20 -23.82 6.20
N TYR D 297 5.40 -23.06 7.26
CA TYR D 297 4.65 -23.20 8.53
C TYR D 297 3.33 -22.45 8.37
N GLY D 298 3.30 -21.49 7.44
CA GLY D 298 2.07 -20.77 7.21
C GLY D 298 1.01 -21.52 6.43
N VAL D 299 1.35 -22.64 5.81
CA VAL D 299 0.35 -23.45 5.15
C VAL D 299 -0.40 -24.32 6.15
N PHE D 300 0.26 -24.73 7.22
CA PHE D 300 -0.39 -25.48 8.29
C PHE D 300 -1.36 -24.64 9.09
N ARG D 301 -1.37 -23.32 8.90
CA ARG D 301 -2.28 -22.44 9.60
C ARG D 301 -3.30 -21.79 8.66
N LEU D 302 -2.84 -21.26 7.52
CA LEU D 302 -3.70 -20.47 6.65
C LEU D 302 -4.39 -21.28 5.57
N ILE D 303 -3.96 -22.52 5.31
CA ILE D 303 -4.55 -23.26 4.15
C ILE D 303 -5.08 -24.63 4.53
N LEU D 304 -4.28 -25.45 5.21
CA LEU D 304 -4.69 -26.86 5.45
C LEU D 304 -5.97 -26.97 6.28
N PRO D 305 -6.18 -26.15 7.34
CA PRO D 305 -7.35 -26.29 8.21
C PRO D 305 -8.59 -25.48 7.84
N ILE D 306 -8.44 -24.41 7.07
CA ILE D 306 -9.52 -23.48 6.80
C ILE D 306 -9.89 -23.37 5.32
N LEU D 307 -9.03 -23.81 4.41
CA LEU D 307 -9.40 -23.82 2.98
C LEU D 307 -9.18 -25.21 2.37
N PRO D 308 -9.75 -26.31 2.91
CA PRO D 308 -9.46 -27.67 2.41
C PRO D 308 -9.93 -28.02 1.00
N GLN D 309 -11.15 -27.66 0.64
CA GLN D 309 -11.74 -27.94 -0.69
C GLN D 309 -10.96 -27.21 -1.77
N ALA D 310 -10.52 -25.98 -1.48
CA ALA D 310 -9.72 -25.20 -2.44
C ALA D 310 -8.35 -25.86 -2.62
N SER D 311 -7.73 -26.26 -1.51
CA SER D 311 -6.41 -26.93 -1.57
C SER D 311 -6.53 -28.22 -2.39
N LEU D 312 -7.60 -28.99 -2.19
CA LEU D 312 -7.81 -30.26 -2.93
C LEU D 312 -7.99 -30.03 -4.44
N ASN D 313 -8.92 -29.15 -4.83
CA ASN D 313 -9.24 -28.95 -6.24
C ASN D 313 -8.19 -28.16 -7.00
N LEU D 314 -7.21 -27.58 -6.32
CA LEU D 314 -6.17 -26.79 -6.95
C LEU D 314 -4.78 -27.40 -6.81
N THR D 315 -4.66 -28.62 -6.27
CA THR D 315 -3.36 -29.20 -6.02
C THR D 315 -2.59 -29.44 -7.32
N TYR D 316 -3.30 -29.75 -8.41
CA TYR D 316 -2.61 -29.99 -9.67
C TYR D 316 -1.96 -28.73 -10.21
N ILE D 317 -2.48 -27.55 -9.87
CA ILE D 317 -1.78 -26.31 -10.20
C ILE D 317 -0.53 -26.16 -9.34
N VAL D 318 -0.65 -26.45 -8.05
CA VAL D 318 0.51 -26.38 -7.17
C VAL D 318 1.58 -27.37 -7.62
N TYR D 319 1.17 -28.59 -7.94
CA TYR D 319 2.13 -29.64 -8.29
C TYR D 319 2.78 -29.35 -9.63
N ALA D 320 2.03 -28.76 -10.57
CA ALA D 320 2.62 -28.38 -11.85
C ALA D 320 3.70 -27.33 -11.66
N ILE D 321 3.45 -26.33 -10.81
CA ILE D 321 4.46 -25.34 -10.51
C ILE D 321 5.61 -25.98 -9.74
N GLY D 322 5.29 -26.77 -8.73
CA GLY D 322 6.34 -27.39 -7.94
C GLY D 322 7.23 -28.30 -8.75
N ALA D 323 6.65 -29.02 -9.71
CA ALA D 323 7.45 -29.87 -10.60
C ALA D 323 8.38 -29.03 -11.45
N ILE D 324 7.86 -27.95 -12.04
CA ILE D 324 8.66 -27.10 -12.92
C ILE D 324 9.82 -26.47 -12.16
N THR D 325 9.55 -25.95 -10.96
CA THR D 325 10.62 -25.37 -10.16
C THR D 325 11.58 -26.41 -9.60
N VAL D 326 11.23 -27.69 -9.62
CA VAL D 326 12.23 -28.71 -9.32
C VAL D 326 13.20 -28.86 -10.49
N LEU D 327 12.69 -28.83 -11.71
CA LEU D 327 13.54 -29.08 -12.88
C LEU D 327 14.36 -27.85 -13.27
N TYR D 328 13.70 -26.71 -13.49
CA TYR D 328 14.41 -25.54 -13.99
C TYR D 328 15.46 -25.06 -13.00
N ALA D 329 15.07 -24.97 -11.73
CA ALA D 329 16.01 -24.51 -10.70
C ALA D 329 17.23 -25.40 -10.74
N SER D 330 17.04 -26.71 -10.86
CA SER D 330 18.17 -27.68 -10.85
C SER D 330 19.02 -27.60 -12.12
N PHE D 331 18.40 -27.38 -13.27
CA PHE D 331 19.19 -27.24 -14.49
C PHE D 331 20.06 -26.00 -14.44
N SER D 332 19.54 -24.91 -13.89
CA SER D 332 20.29 -23.67 -13.81
C SER D 332 21.18 -23.58 -12.58
N THR D 333 21.04 -24.51 -11.64
CA THR D 333 22.01 -24.61 -10.57
C THR D 333 23.28 -25.29 -11.06
N LEU D 334 23.18 -26.05 -12.15
CA LEU D 334 24.36 -26.71 -12.71
C LEU D 334 25.31 -25.73 -13.39
N ARG D 335 24.79 -24.62 -13.90
CA ARG D 335 25.58 -23.68 -14.69
C ARG D 335 25.85 -22.37 -13.97
N THR D 336 25.65 -22.32 -12.65
CA THR D 336 25.91 -21.13 -11.88
C THR D 336 27.39 -21.04 -11.54
N VAL D 337 28.00 -19.86 -11.73
CA VAL D 337 29.47 -19.71 -11.54
C VAL D 337 29.80 -18.97 -10.23
N ASP D 338 28.81 -18.54 -9.45
CA ASP D 338 29.05 -17.91 -8.13
C ASP D 338 28.76 -18.99 -7.09
N VAL D 339 29.68 -19.29 -6.19
CA VAL D 339 29.43 -20.43 -5.27
C VAL D 339 28.28 -20.09 -4.34
N LYS D 340 28.25 -18.89 -3.80
CA LYS D 340 27.20 -18.59 -2.83
C LYS D 340 25.84 -18.56 -3.50
N GLU D 341 25.80 -18.22 -4.79
CA GLU D 341 24.55 -18.27 -5.55
C GLU D 341 24.22 -19.69 -6.00
N LEU D 342 25.19 -20.60 -5.96
CA LEU D 342 24.90 -22.00 -6.18
C LEU D 342 24.25 -22.62 -4.95
N ILE D 343 24.54 -22.10 -3.78
CA ILE D 343 23.88 -22.61 -2.54
C ILE D 343 22.46 -22.07 -2.49
N ALA D 344 22.26 -20.82 -2.92
CA ALA D 344 20.94 -20.19 -2.91
C ALA D 344 19.98 -20.89 -3.87
N TYR D 345 20.46 -21.21 -5.07
CA TYR D 345 19.62 -21.90 -6.09
C TYR D 345 19.24 -23.29 -5.59
N SER D 346 20.14 -23.96 -4.91
CA SER D 346 19.84 -25.29 -4.33
C SER D 346 18.63 -25.15 -3.39
N SER D 347 18.49 -24.01 -2.72
CA SER D 347 17.39 -23.90 -1.77
C SER D 347 16.05 -23.90 -2.48
N VAL D 348 16.00 -23.38 -3.71
CA VAL D 348 14.75 -23.29 -4.44
C VAL D 348 14.23 -24.69 -4.75
N ALA D 349 15.13 -25.59 -5.12
CA ALA D 349 14.74 -26.95 -5.50
C ALA D 349 14.20 -27.70 -4.28
N HIS D 350 14.79 -27.49 -3.11
CA HIS D 350 14.38 -28.20 -1.89
C HIS D 350 13.02 -27.68 -1.40
N ALA D 351 12.82 -26.37 -1.42
CA ALA D 351 11.55 -25.76 -0.98
C ALA D 351 10.40 -26.31 -1.80
N ALA D 352 10.64 -26.65 -3.05
CA ALA D 352 9.59 -27.18 -3.96
C ALA D 352 9.18 -28.58 -3.52
N ILE D 353 10.13 -29.38 -3.04
CA ILE D 353 9.81 -30.76 -2.56
C ILE D 353 8.92 -30.64 -1.32
N TYR D 354 9.28 -29.75 -0.39
CA TYR D 354 8.48 -29.58 0.85
C TYR D 354 7.15 -28.86 0.58
N LEU D 355 7.05 -28.12 -0.52
CA LEU D 355 5.78 -27.43 -0.88
C LEU D 355 4.80 -28.46 -1.43
N MET D 356 5.30 -29.41 -2.22
CA MET D 356 4.43 -30.48 -2.77
C MET D 356 4.07 -31.43 -1.63
N GLY D 357 4.97 -31.59 -0.64
CA GLY D 357 4.66 -32.38 0.56
C GLY D 357 3.53 -31.79 1.39
N VAL D 358 3.47 -30.47 1.55
CA VAL D 358 2.38 -29.82 2.34
C VAL D 358 1.05 -29.88 1.61
N PHE D 359 1.06 -30.23 0.32
CA PHE D 359 -0.20 -30.25 -0.46
C PHE D 359 -0.57 -31.69 -0.82
N SER D 360 -0.14 -32.66 -0.03
CA SER D 360 -0.35 -34.10 -0.34
C SER D 360 -1.61 -34.67 0.34
N ASN D 361 -2.13 -34.05 1.40
CA ASN D 361 -3.30 -34.53 2.15
C ASN D 361 -2.92 -35.87 2.76
N THR D 362 -1.65 -36.05 3.04
CA THR D 362 -1.16 -37.34 3.56
C THR D 362 -0.40 -37.03 4.85
N ILE D 363 -0.39 -37.97 5.79
CA ILE D 363 0.29 -37.78 7.09
C ILE D 363 1.78 -37.82 6.82
N GLN D 364 2.22 -38.65 5.86
CA GLN D 364 3.66 -38.82 5.65
C GLN D 364 4.28 -37.65 4.95
N GLY D 365 3.62 -37.12 3.91
CA GLY D 365 4.16 -35.98 3.20
C GLY D 365 4.12 -34.70 4.00
N LEU D 366 3.19 -34.61 4.95
CA LEU D 366 3.13 -33.44 5.81
C LEU D 366 4.24 -33.44 6.84
N GLU D 367 4.54 -34.60 7.44
CA GLU D 367 5.64 -34.67 8.37
C GLU D 367 6.98 -34.62 7.65
N GLY D 368 7.06 -35.21 6.46
CA GLY D 368 8.26 -35.08 5.67
C GLY D 368 8.55 -33.66 5.25
N ALA D 369 7.51 -32.86 5.01
CA ALA D 369 7.70 -31.46 4.67
C ALA D 369 8.33 -30.69 5.83
N ILE D 370 7.89 -30.97 7.06
CA ILE D 370 8.48 -30.32 8.22
C ILE D 370 9.88 -30.84 8.46
N LEU D 371 10.12 -32.12 8.21
CA LEU D 371 11.48 -32.70 8.38
C LEU D 371 12.45 -32.11 7.35
N LEU D 372 12.03 -31.94 6.09
CA LEU D 372 12.89 -31.39 5.02
C LEU D 372 13.15 -29.90 5.27
N GLY D 373 12.27 -29.21 5.98
CA GLY D 373 12.47 -27.79 6.33
C GLY D 373 13.42 -27.71 7.51
N LEU D 374 13.31 -28.63 8.47
CA LEU D 374 14.31 -28.67 9.52
C LEU D 374 15.66 -29.09 8.97
N ALA D 375 15.67 -30.09 8.09
CA ALA D 375 16.92 -30.55 7.50
C ALA D 375 17.57 -29.46 6.66
N HIS D 376 16.77 -28.75 5.87
CA HIS D 376 17.31 -27.65 5.08
C HIS D 376 17.92 -26.57 5.97
N GLY D 377 17.35 -26.38 7.17
CA GLY D 377 17.86 -25.37 8.07
C GLY D 377 19.29 -25.62 8.52
N PHE D 378 19.66 -26.88 8.72
CA PHE D 378 21.03 -27.18 9.13
C PHE D 378 21.99 -27.21 7.96
N VAL D 379 21.59 -27.84 6.86
CA VAL D 379 22.53 -28.09 5.77
C VAL D 379 22.80 -26.81 4.99
N SER D 380 21.75 -26.06 4.67
CA SER D 380 21.95 -24.80 3.96
C SER D 380 22.77 -23.82 4.79
N SER D 381 22.62 -23.87 6.12
CA SER D 381 23.46 -23.07 7.00
C SER D 381 24.92 -23.44 6.85
N GLY D 382 25.25 -24.72 6.83
CA GLY D 382 26.64 -25.16 6.66
C GLY D 382 27.23 -24.79 5.31
N LEU D 383 26.48 -24.96 4.22
CA LEU D 383 26.99 -24.70 2.87
C LEU D 383 27.20 -23.19 2.69
N PHE D 384 26.35 -22.37 3.30
CA PHE D 384 26.52 -20.89 3.29
C PHE D 384 27.75 -20.53 4.10
N ILE D 385 27.96 -21.21 5.23
CA ILE D 385 29.18 -20.96 6.06
C ILE D 385 30.42 -21.31 5.23
N CYS D 386 30.39 -22.39 4.46
CA CYS D 386 31.53 -22.77 3.64
C CYS D 386 31.79 -21.75 2.54
N ALA D 387 30.74 -21.39 1.79
CA ALA D 387 30.90 -20.50 0.65
C ALA D 387 31.08 -19.05 1.08
N GLY D 388 30.18 -18.57 1.94
CA GLY D 388 30.21 -17.16 2.31
C GLY D 388 31.16 -16.84 3.44
N GLY D 389 31.58 -17.84 4.20
CA GLY D 389 32.33 -17.57 5.42
C GLY D 389 33.73 -18.15 5.50
N ILE D 390 34.12 -18.98 4.54
CA ILE D 390 35.45 -19.56 4.56
C ILE D 390 36.17 -19.21 3.25
N LEU D 391 35.53 -19.45 2.13
CA LEU D 391 36.14 -19.10 0.84
C LEU D 391 36.19 -17.59 0.68
N TYR D 392 35.07 -16.90 0.86
CA TYR D 392 35.01 -15.43 0.67
C TYR D 392 35.92 -14.75 1.68
N ASP D 393 36.01 -15.30 2.88
CA ASP D 393 36.93 -14.74 3.89
C ASP D 393 38.38 -14.81 3.42
N ARG D 394 38.78 -15.90 2.77
CA ARG D 394 40.20 -16.08 2.39
C ARG D 394 40.51 -15.56 0.99
N THR D 395 39.52 -15.36 0.13
CA THR D 395 39.86 -15.02 -1.28
C THR D 395 39.25 -13.70 -1.67
N GLY D 396 38.13 -13.32 -1.05
CA GLY D 396 37.43 -12.11 -1.49
C GLY D 396 36.70 -12.35 -2.79
N THR D 397 36.65 -13.59 -3.25
CA THR D 397 35.94 -13.94 -4.50
C THR D 397 34.89 -15.02 -4.27
N ARG D 398 33.84 -15.06 -5.10
CA ARG D 398 32.87 -16.18 -5.06
C ARG D 398 32.85 -16.95 -6.38
N LEU D 399 33.79 -16.69 -7.27
CA LEU D 399 33.74 -17.33 -8.60
C LEU D 399 34.39 -18.71 -8.59
N ILE D 400 33.65 -19.75 -8.99
CA ILE D 400 34.14 -21.12 -8.97
C ILE D 400 35.30 -21.33 -9.93
N TYR D 401 35.58 -20.35 -10.79
CA TYR D 401 36.74 -20.42 -11.67
C TYR D 401 38.04 -20.46 -10.90
N PHE D 402 38.10 -19.78 -9.76
CA PHE D 402 39.35 -19.58 -9.04
C PHE D 402 39.67 -20.67 -8.05
N PHE D 403 38.74 -21.58 -7.81
CA PHE D 403 38.94 -22.59 -6.75
C PHE D 403 39.23 -23.96 -7.35
N ARG D 404 40.24 -24.66 -6.83
CA ARG D 404 40.52 -26.04 -7.28
C ARG D 404 41.41 -26.73 -6.25
N GLY D 405 41.22 -28.03 -6.02
CA GLY D 405 42.13 -28.79 -5.17
C GLY D 405 42.23 -28.30 -3.77
N LEU D 406 41.16 -27.76 -3.21
CA LEU D 406 41.28 -27.17 -1.88
C LEU D 406 41.47 -28.21 -0.80
N THR D 407 41.28 -29.50 -1.10
CA THR D 407 41.42 -30.58 -0.09
C THR D 407 42.90 -30.75 0.28
N GLN D 408 43.80 -30.46 -0.65
CA GLN D 408 45.25 -30.66 -0.45
C GLN D 408 45.77 -29.79 0.70
N ILE D 409 45.27 -28.57 0.88
CA ILE D 409 45.84 -27.62 1.89
C ILE D 409 44.82 -27.41 3.02
N MET D 410 43.58 -27.81 2.81
CA MET D 410 42.51 -27.59 3.81
C MET D 410 41.72 -28.89 3.95
N PRO D 411 42.27 -29.92 4.63
CA PRO D 411 41.62 -31.21 4.74
C PRO D 411 40.44 -31.26 5.72
N LEU D 412 40.40 -30.37 6.70
CA LEU D 412 39.25 -30.32 7.60
C LEU D 412 38.06 -29.65 6.92
N PHE D 413 38.30 -28.62 6.12
CA PHE D 413 37.22 -27.99 5.39
C PHE D 413 36.59 -28.96 4.40
N SER D 414 37.42 -29.75 3.71
CA SER D 414 36.90 -30.65 2.69
C SER D 414 36.09 -31.80 3.28
N LEU D 415 36.42 -32.22 4.50
CA LEU D 415 35.64 -33.28 5.14
C LEU D 415 34.24 -32.81 5.46
N PHE D 416 34.10 -31.66 6.12
CA PHE D 416 32.78 -31.13 6.42
C PHE D 416 32.05 -30.72 5.16
N PHE D 417 32.76 -30.10 4.22
CA PHE D 417 32.16 -29.68 2.97
C PHE D 417 31.57 -30.86 2.22
N PHE D 418 32.24 -32.02 2.27
CA PHE D 418 31.71 -33.22 1.64
C PHE D 418 30.42 -33.68 2.31
N ILE D 419 30.39 -33.67 3.65
CA ILE D 419 29.20 -34.14 4.36
C ILE D 419 28.02 -33.22 4.11
N LEU D 420 28.26 -31.92 4.00
CA LEU D 420 27.13 -31.00 3.81
C LEU D 420 26.66 -31.10 2.36
N CYS D 421 27.55 -31.41 1.43
CA CYS D 421 27.16 -31.62 0.00
C CYS D 421 26.32 -32.90 -0.16
N LEU D 422 26.67 -33.96 0.58
CA LEU D 422 25.91 -35.25 0.55
C LEU D 422 24.51 -35.06 1.10
N GLY D 423 24.35 -34.30 2.17
CA GLY D 423 23.03 -33.98 2.74
C GLY D 423 22.21 -33.12 1.81
N ASN D 424 22.84 -32.18 1.12
CA ASN D 424 22.14 -31.39 0.09
C ASN D 424 21.66 -32.37 -0.97
N ALA D 425 22.44 -33.40 -1.25
CA ALA D 425 22.06 -34.45 -2.22
C ALA D 425 21.08 -35.47 -1.63
N GLY D 426 20.70 -35.35 -0.35
CA GLY D 426 19.70 -36.27 0.23
C GLY D 426 20.24 -37.67 0.37
N THR D 427 21.48 -37.82 0.84
CA THR D 427 22.08 -39.14 1.06
C THR D 427 21.49 -39.70 2.36
N PRO D 428 21.23 -41.01 2.48
CA PRO D 428 20.76 -41.59 3.74
C PRO D 428 21.72 -41.36 4.91
N LEU D 429 21.25 -41.45 6.16
CA LEU D 429 22.04 -41.17 7.40
C LEU D 429 22.02 -39.68 7.67
N THR D 430 21.40 -38.88 6.88
CA THR D 430 21.22 -37.43 7.16
C THR D 430 19.72 -37.16 7.21
N LEU D 431 19.27 -36.16 7.95
CA LEU D 431 17.82 -35.89 8.12
C LEU D 431 17.23 -35.49 6.77
N ASN D 432 18.09 -35.04 5.85
CA ASN D 432 17.60 -34.55 4.55
C ASN D 432 17.00 -35.70 3.75
N PHE D 433 17.57 -36.90 3.87
CA PHE D 433 17.00 -38.08 3.15
C PHE D 433 15.60 -38.41 3.66
N VAL D 434 15.39 -38.38 4.99
CA VAL D 434 14.08 -38.79 5.56
C VAL D 434 13.00 -37.83 5.07
N GLY D 435 13.27 -36.53 5.10
CA GLY D 435 12.28 -35.52 4.70
C GLY D 435 11.93 -35.64 3.24
N GLU D 436 12.93 -35.83 2.39
CA GLU D 436 12.70 -35.95 0.93
C GLU D 436 11.89 -37.20 0.65
N PHE D 437 12.20 -38.32 1.30
CA PHE D 437 11.53 -39.60 1.02
C PHE D 437 10.04 -39.49 1.38
N MET D 438 9.74 -38.96 2.55
CA MET D 438 8.34 -38.79 3.01
C MET D 438 7.63 -37.71 2.20
N SER D 439 8.33 -36.61 1.90
CA SER D 439 7.75 -35.53 1.06
C SER D 439 7.46 -36.08 -0.33
N LEU D 440 8.33 -36.95 -0.84
CA LEU D 440 8.19 -37.45 -2.22
C LEU D 440 7.12 -38.53 -2.26
N TYR D 441 6.95 -39.26 -1.17
CA TYR D 441 5.97 -40.37 -1.18
C TYR D 441 4.57 -39.78 -1.13
N GLY D 442 4.32 -38.82 -0.25
CA GLY D 442 3.00 -38.19 -0.23
C GLY D 442 2.69 -37.48 -1.53
N THR D 443 3.70 -36.93 -2.19
CA THR D 443 3.48 -36.31 -3.52
C THR D 443 3.01 -37.38 -4.52
N LEU D 444 3.66 -38.54 -4.54
CA LEU D 444 3.28 -39.66 -5.45
C LEU D 444 1.89 -40.21 -5.10
N GLU D 445 1.56 -40.32 -3.82
CA GLU D 445 0.24 -40.86 -3.39
C GLU D 445 -0.88 -39.88 -3.76
N ARG D 446 -0.61 -38.57 -3.73
CA ARG D 446 -1.65 -37.54 -4.05
C ARG D 446 -1.89 -37.55 -5.55
N LEU D 447 -0.94 -37.05 -6.33
CA LEU D 447 -1.04 -37.12 -7.81
C LEU D 447 0.23 -37.83 -8.27
N PRO D 448 0.23 -39.15 -8.59
CA PRO D 448 1.46 -39.85 -8.98
C PRO D 448 2.39 -39.21 -10.00
N ILE D 449 1.86 -38.66 -11.10
CA ILE D 449 2.78 -38.18 -12.18
C ILE D 449 3.72 -37.11 -11.65
N ALA D 450 3.22 -36.14 -10.90
CA ALA D 450 4.08 -35.02 -10.47
C ALA D 450 5.14 -35.51 -9.49
N GLY D 451 4.78 -36.39 -8.56
CA GLY D 451 5.81 -36.99 -7.72
C GLY D 451 6.84 -37.75 -8.52
N MET D 452 6.53 -38.15 -9.75
CA MET D 452 7.47 -38.93 -10.56
C MET D 452 8.49 -37.97 -11.15
N LEU D 453 8.04 -36.82 -11.62
CA LEU D 453 8.98 -35.78 -12.00
C LEU D 453 9.75 -35.26 -10.80
N ALA D 454 9.05 -35.03 -9.68
CA ALA D 454 9.71 -34.51 -8.49
C ALA D 454 10.76 -35.47 -7.97
N SER D 455 10.59 -36.77 -8.22
CA SER D 455 11.58 -37.75 -7.80
C SER D 455 12.87 -37.61 -8.57
N THR D 456 12.88 -36.82 -9.64
CA THR D 456 14.10 -36.67 -10.49
C THR D 456 15.07 -35.77 -9.74
N SER D 457 14.61 -35.22 -8.61
CA SER D 457 15.48 -34.39 -7.76
C SER D 457 16.58 -35.28 -7.19
N ILE D 458 16.39 -36.59 -7.21
CA ILE D 458 17.39 -37.53 -6.62
C ILE D 458 18.61 -37.52 -7.54
N ILE D 459 18.37 -37.43 -8.84
CA ILE D 459 19.48 -37.37 -9.84
C ILE D 459 20.03 -35.95 -9.99
N PHE D 460 19.21 -34.91 -9.83
CA PHE D 460 19.70 -33.58 -10.16
C PHE D 460 20.31 -32.86 -8.98
N SER D 461 19.77 -33.05 -7.77
CA SER D 461 20.44 -32.54 -6.58
C SER D 461 21.81 -33.19 -6.42
N ALA D 462 21.90 -34.49 -6.68
CA ALA D 462 23.19 -35.17 -6.67
C ALA D 462 24.14 -34.58 -7.69
N ALA D 463 23.62 -34.24 -8.87
CA ALA D 463 24.48 -33.78 -9.96
C ALA D 463 25.22 -32.50 -9.59
N TYR D 464 24.48 -31.49 -9.13
CA TYR D 464 25.11 -30.20 -8.81
C TYR D 464 25.93 -30.29 -7.52
N SER D 465 25.52 -31.11 -6.57
CA SER D 465 26.21 -31.14 -5.26
C SER D 465 27.61 -31.71 -5.40
N ILE D 466 27.74 -32.83 -6.10
CA ILE D 466 29.05 -33.49 -6.35
C ILE D 466 29.86 -32.64 -7.32
N TYR D 467 29.23 -32.03 -8.32
CA TYR D 467 29.95 -31.22 -9.33
C TYR D 467 30.57 -30.00 -8.69
N MET D 468 29.76 -29.30 -7.81
CA MET D 468 30.37 -28.21 -7.01
C MET D 468 31.51 -28.78 -6.17
N TYR D 469 31.31 -29.88 -5.51
CA TYR D 469 32.33 -30.43 -4.60
C TYR D 469 33.61 -30.76 -5.38
N ASN D 470 33.48 -31.54 -6.45
CA ASN D 470 34.65 -31.92 -7.24
C ASN D 470 35.36 -30.73 -7.86
N ARG D 471 34.73 -29.57 -7.93
CA ARG D 471 35.40 -28.45 -8.56
C ARG D 471 36.13 -27.56 -7.57
N ILE D 472 35.80 -27.67 -6.28
CA ILE D 472 36.44 -26.84 -5.26
C ILE D 472 37.41 -27.68 -4.43
N ALA D 473 36.90 -28.77 -3.84
CA ALA D 473 37.76 -29.60 -3.00
C ALA D 473 38.71 -30.44 -3.84
N PHE D 474 38.23 -30.97 -4.94
CA PHE D 474 38.93 -31.87 -5.84
C PHE D 474 39.11 -31.13 -7.16
N GLY D 475 39.32 -31.86 -8.24
CA GLY D 475 39.32 -31.20 -9.56
C GLY D 475 40.71 -30.89 -10.04
N GLY D 476 41.70 -31.42 -9.35
CA GLY D 476 43.07 -31.11 -9.71
C GLY D 476 43.83 -30.69 -8.50
N SER D 477 45.01 -30.14 -8.69
CA SER D 477 45.86 -29.68 -7.58
C SER D 477 45.41 -28.30 -7.15
N VAL D 478 45.90 -27.85 -6.00
CA VAL D 478 45.57 -26.48 -5.49
C VAL D 478 45.70 -25.53 -6.67
N SER D 479 44.74 -24.61 -6.81
CA SER D 479 44.72 -23.68 -7.96
C SER D 479 46.02 -22.91 -8.07
N LEU D 480 46.27 -22.28 -9.22
CA LEU D 480 47.48 -21.47 -9.39
C LEU D 480 47.10 -20.00 -9.22
N TYR D 481 45.83 -19.73 -8.99
CA TYR D 481 45.37 -18.33 -8.79
C TYR D 481 45.63 -17.93 -7.35
N PHE D 482 45.93 -18.90 -6.49
CA PHE D 482 46.27 -18.66 -5.08
C PHE D 482 47.76 -18.36 -5.01
N ILE D 483 48.10 -17.08 -4.78
CA ILE D 483 49.49 -16.68 -4.74
C ILE D 483 50.15 -17.21 -3.47
N ASP D 484 49.46 -17.06 -2.35
CA ASP D 484 49.99 -17.54 -1.06
C ASP D 484 49.10 -18.68 -0.52
N CYS D 485 49.62 -19.48 0.41
CA CYS D 485 48.84 -20.61 0.98
C CYS D 485 47.70 -20.11 1.87
N PHE D 486 46.60 -20.86 1.91
CA PHE D 486 45.45 -20.49 2.76
C PHE D 486 45.50 -21.35 4.01
N ARG D 487 45.19 -20.76 5.17
CA ARG D 487 45.11 -21.58 6.40
C ARG D 487 43.86 -22.47 6.32
N ASP D 488 43.83 -23.55 7.09
CA ASP D 488 42.65 -24.45 7.13
C ASP D 488 41.65 -23.90 8.15
N LEU D 489 40.64 -24.69 8.50
CA LEU D 489 39.56 -24.26 9.41
C LEU D 489 40.09 -23.74 10.74
N THR D 490 39.48 -22.68 11.27
CA THR D 490 39.83 -22.16 12.61
C THR D 490 39.03 -22.97 13.61
N LYS D 491 39.30 -22.80 14.88
CA LYS D 491 38.59 -23.54 15.94
C LYS D 491 37.18 -22.93 15.95
N ARG D 492 37.02 -21.70 15.45
CA ARG D 492 35.66 -21.22 15.32
C ARG D 492 34.95 -21.85 14.14
N GLU D 493 35.61 -21.85 12.97
CA GLU D 493 34.98 -22.40 11.77
C GLU D 493 34.71 -23.88 11.93
N PHE D 494 35.60 -24.60 12.60
CA PHE D 494 35.44 -26.04 12.78
C PHE D 494 34.22 -26.36 13.63
N PHE D 495 34.04 -25.64 14.73
CA PHE D 495 33.07 -26.05 15.74
C PHE D 495 31.64 -25.66 15.41
N ILE D 496 31.43 -24.69 14.54
CA ILE D 496 30.07 -24.40 14.08
C ILE D 496 29.71 -25.32 12.93
N LEU D 497 30.68 -25.65 12.07
CA LEU D 497 30.45 -26.66 11.05
C LEU D 497 30.22 -28.03 11.67
N PHE D 498 30.99 -28.37 12.70
CA PHE D 498 30.78 -29.64 13.37
C PHE D 498 29.43 -29.70 14.08
N THR D 499 29.03 -28.60 14.71
CA THR D 499 27.73 -28.55 15.38
C THR D 499 26.59 -28.71 14.39
N LEU D 500 26.66 -28.01 13.25
CA LEU D 500 25.60 -28.12 12.26
C LEU D 500 25.56 -29.51 11.63
N VAL D 501 26.72 -30.10 11.36
CA VAL D 501 26.75 -31.45 10.82
C VAL D 501 26.22 -32.46 11.83
N SER D 502 26.53 -32.24 13.12
CA SER D 502 26.10 -33.16 14.16
C SER D 502 24.58 -33.23 14.26
N PHE D 503 23.91 -32.07 14.19
CA PHE D 503 22.45 -32.08 14.17
C PHE D 503 21.93 -32.80 12.95
N THR D 504 22.56 -32.60 11.79
CA THR D 504 22.02 -33.22 10.53
C THR D 504 22.14 -34.75 10.59
N VAL D 505 23.21 -35.28 11.18
CA VAL D 505 23.41 -36.72 11.13
C VAL D 505 22.65 -37.44 12.23
N ILE D 506 22.71 -36.91 13.46
CA ILE D 506 22.03 -37.55 14.58
C ILE D 506 20.53 -37.59 14.35
N LEU D 507 19.96 -36.50 13.86
CA LEU D 507 18.54 -36.47 13.53
C LEU D 507 18.22 -37.36 12.33
N GLY D 508 19.19 -37.62 11.46
CA GLY D 508 18.98 -38.58 10.39
C GLY D 508 18.85 -40.00 10.89
N ILE D 509 19.66 -40.35 11.90
CA ILE D 509 19.62 -41.71 12.44
C ILE D 509 18.34 -41.95 13.21
N TYR D 510 17.96 -41.02 14.08
CA TYR D 510 16.79 -41.17 14.93
C TYR D 510 15.87 -39.98 14.74
N PRO D 511 15.15 -39.94 13.62
CA PRO D 511 14.22 -38.82 13.38
C PRO D 511 13.03 -38.84 14.32
N SER D 512 12.87 -39.87 15.14
CA SER D 512 11.78 -39.93 16.09
C SER D 512 11.90 -38.89 17.17
N PHE D 513 13.06 -38.24 17.29
CA PHE D 513 13.18 -37.09 18.18
C PHE D 513 12.25 -35.96 17.78
N VAL D 514 11.93 -35.85 16.49
CA VAL D 514 11.07 -34.80 15.98
C VAL D 514 9.73 -35.40 15.55
N LEU D 515 9.73 -36.68 15.18
CA LEU D 515 8.52 -37.28 14.64
C LEU D 515 7.48 -37.54 15.72
N ASP D 516 7.91 -37.88 16.94
CA ASP D 516 6.95 -38.16 18.00
C ASP D 516 6.17 -36.93 18.43
N GLY D 517 6.70 -35.75 18.15
CA GLY D 517 6.02 -34.53 18.61
C GLY D 517 4.97 -34.13 17.62
N LEU D 518 5.23 -34.31 16.33
CA LEU D 518 4.30 -33.86 15.25
C LEU D 518 3.12 -34.78 14.99
N HIS D 519 3.20 -36.08 15.29
CA HIS D 519 2.15 -37.07 14.90
C HIS D 519 0.72 -36.60 15.18
N TYR D 520 0.35 -36.37 16.44
CA TYR D 520 -1.03 -36.03 16.86
C TYR D 520 -1.46 -34.69 16.27
N ASN D 521 -0.59 -33.70 16.30
CA ASN D 521 -0.89 -32.34 15.77
C ASN D 521 -0.98 -32.34 14.23
N ILE D 522 -0.17 -33.14 13.56
CA ILE D 522 -0.26 -33.27 12.07
C ILE D 522 -1.61 -33.93 11.78
N SER D 523 -2.05 -34.81 12.67
CA SER D 523 -3.30 -35.57 12.42
C SER D 523 -4.46 -34.60 12.24
N SER D 524 -4.36 -33.41 12.80
CA SER D 524 -5.47 -32.42 12.77
C SER D 524 -5.58 -31.66 11.44
N VAL D 525 -4.60 -31.73 10.54
CA VAL D 525 -4.66 -30.91 9.28
C VAL D 525 -5.00 -31.76 8.06
N VAL D 526 -5.32 -33.05 8.23
CA VAL D 526 -5.66 -33.95 7.09
C VAL D 526 -7.13 -33.76 6.73
N TYR D 527 -7.45 -33.73 5.43
CA TYR D 527 -8.86 -33.63 5.00
C TYR D 527 -9.25 -34.92 4.29
N GLY D 528 -10.24 -35.61 4.82
CA GLY D 528 -10.75 -36.80 4.14
C GLY D 528 -11.43 -37.75 5.08
N ILE D 529 -12.17 -38.69 4.51
CA ILE D 529 -12.81 -39.74 5.28
C ILE D 529 -12.53 -41.07 4.61
N GLU D 530 -12.70 -42.14 5.37
CA GLU D 530 -12.68 -43.52 4.90
C GLU D 530 -14.05 -44.14 5.11
N PRO D 531 -14.52 -44.95 4.17
CA PRO D 531 -15.95 -45.32 4.16
C PRO D 531 -16.41 -46.13 5.36
N ASN D 532 -15.50 -46.77 6.09
CA ASN D 532 -15.96 -47.66 7.18
C ASN D 532 -15.42 -47.14 8.50
N ALA D 533 -14.60 -46.10 8.45
CA ALA D 533 -13.97 -45.56 9.68
C ALA D 533 -14.64 -44.26 10.08
N SER D 534 -15.60 -43.80 9.30
CA SER D 534 -16.16 -42.46 9.61
C SER D 534 -17.57 -42.51 10.12
N TYR D 535 -18.06 -41.37 10.58
CA TYR D 535 -19.46 -41.24 10.98
C TYR D 535 -19.90 -42.43 11.83
N LEU D 536 -19.26 -42.54 12.99
CA LEU D 536 -19.47 -43.67 13.88
C LEU D 536 -20.67 -43.41 14.80
N THR D 537 -21.36 -44.50 15.13
CA THR D 537 -22.51 -44.41 16.02
C THR D 537 -22.28 -45.21 17.30
N MET E 1 27.04 -61.71 18.77
CA MET E 1 27.94 -62.03 17.66
C MET E 1 27.43 -61.48 16.35
N TYR E 2 26.15 -61.69 16.07
CA TYR E 2 25.60 -61.30 14.78
C TYR E 2 25.67 -59.80 14.57
N LEU E 3 25.35 -59.03 15.62
CA LEU E 3 25.43 -57.60 15.53
C LEU E 3 26.89 -57.12 15.66
N SER E 4 27.80 -58.02 16.01
CA SER E 4 29.22 -57.67 16.05
C SER E 4 29.88 -57.81 14.68
N ILE E 5 29.34 -58.67 13.81
CA ILE E 5 29.81 -58.69 12.43
C ILE E 5 29.57 -57.33 11.80
N ILE E 6 28.44 -56.71 12.10
CA ILE E 6 28.10 -55.41 11.55
C ILE E 6 29.02 -54.32 12.12
N ILE E 7 29.40 -54.44 13.39
CA ILE E 7 30.00 -53.29 14.07
C ILE E 7 31.51 -53.20 13.83
N LEU E 8 32.21 -54.33 13.71
CA LEU E 8 33.67 -54.29 13.66
C LEU E 8 34.25 -53.52 12.48
N PRO E 9 33.84 -53.77 11.22
CA PRO E 9 34.43 -52.99 10.13
C PRO E 9 34.20 -51.50 10.28
N LEU E 10 33.11 -51.10 10.91
CA LEU E 10 32.81 -49.68 11.11
C LEU E 10 33.81 -49.03 12.06
N LEU E 11 34.17 -49.74 13.14
CA LEU E 11 35.08 -49.16 14.12
C LEU E 11 36.48 -48.99 13.57
N GLY E 12 36.97 -49.98 12.82
CA GLY E 12 38.27 -49.86 12.21
C GLY E 12 38.35 -48.73 11.21
N SER E 13 37.25 -48.47 10.50
CA SER E 13 37.22 -47.35 9.57
C SER E 13 37.33 -46.02 10.31
N VAL E 14 36.68 -45.90 11.47
CA VAL E 14 36.68 -44.65 12.20
C VAL E 14 38.05 -44.36 12.80
N VAL E 15 38.73 -45.39 13.29
CA VAL E 15 40.08 -45.19 13.81
C VAL E 15 41.04 -44.78 12.70
N SER E 16 40.97 -45.43 11.55
CA SER E 16 41.88 -45.12 10.46
C SER E 16 41.60 -43.74 9.86
N GLY E 17 40.35 -43.29 9.87
CA GLY E 17 40.01 -42.05 9.22
C GLY E 17 40.15 -40.83 10.11
N PHE E 18 39.54 -40.87 11.28
CA PHE E 18 39.57 -39.73 12.17
C PHE E 18 40.71 -39.77 13.17
N PHE E 19 41.47 -40.87 13.19
CA PHE E 19 42.55 -41.01 14.21
C PHE E 19 43.79 -41.61 13.56
N GLY E 20 43.96 -41.39 12.24
CA GLY E 20 45.13 -41.91 11.51
C GLY E 20 46.42 -41.32 12.03
N ARG E 21 46.39 -40.07 12.47
CA ARG E 21 47.60 -39.39 13.01
C ARG E 21 48.11 -40.15 14.23
N LYS E 22 47.20 -40.63 15.08
CA LYS E 22 47.62 -41.28 16.34
C LYS E 22 48.14 -42.69 16.06
N VAL E 23 47.52 -43.41 15.13
CA VAL E 23 47.90 -44.83 14.90
C VAL E 23 48.97 -44.93 13.81
N GLY E 24 49.06 -43.96 12.91
CA GLY E 24 50.06 -44.01 11.84
C GLY E 24 49.69 -45.00 10.74
N VAL E 25 50.54 -45.13 9.73
CA VAL E 25 50.27 -46.03 8.59
C VAL E 25 50.22 -47.47 9.10
N SER E 26 51.19 -47.84 9.94
CA SER E 26 51.28 -49.22 10.47
C SER E 26 50.05 -49.51 11.34
N GLY E 27 49.74 -48.63 12.29
CA GLY E 27 48.63 -48.87 13.19
C GLY E 27 47.30 -48.87 12.49
N ALA E 28 47.14 -47.99 11.50
CA ALA E 28 45.92 -48.01 10.70
C ALA E 28 45.79 -49.30 9.91
N GLN E 29 46.88 -49.76 9.31
CA GLN E 29 46.83 -51.01 8.55
C GLN E 29 46.50 -52.18 9.45
N LEU E 30 47.07 -52.20 10.66
CA LEU E 30 46.86 -53.33 11.56
C LEU E 30 45.42 -53.36 12.07
N ILE E 31 44.90 -52.22 12.53
CA ILE E 31 43.55 -52.20 13.07
C ILE E 31 42.51 -52.43 11.97
N THR E 32 42.72 -51.82 10.80
CA THR E 32 41.80 -52.02 9.69
C THR E 32 41.81 -53.47 9.22
N CYS E 33 42.99 -54.06 9.06
CA CYS E 33 43.05 -55.42 8.56
C CYS E 33 42.55 -56.40 9.61
N SER E 34 42.95 -56.22 10.86
CA SER E 34 42.55 -57.17 11.90
C SER E 34 41.05 -57.16 12.14
N SER E 35 40.42 -55.99 12.11
CA SER E 35 38.98 -55.94 12.37
C SER E 35 38.20 -56.69 11.30
N VAL E 36 38.63 -56.59 10.04
CA VAL E 36 37.92 -57.29 8.98
C VAL E 36 38.30 -58.76 8.93
N ILE E 37 39.49 -59.13 9.43
CA ILE E 37 39.82 -60.56 9.57
C ILE E 37 38.94 -61.20 10.64
N ILE E 38 38.76 -60.51 11.76
CA ILE E 38 37.91 -61.03 12.84
C ILE E 38 36.47 -61.16 12.37
N THR E 39 35.99 -60.15 11.64
CA THR E 39 34.62 -60.18 11.12
C THR E 39 34.45 -61.35 10.15
N THR E 40 35.48 -61.62 9.35
CA THR E 40 35.44 -62.74 8.41
C THR E 40 35.31 -64.06 9.14
N ILE E 41 36.04 -64.24 10.23
CA ILE E 41 35.97 -65.48 11.00
C ILE E 41 34.60 -65.64 11.63
N LEU E 42 34.04 -64.56 12.20
CA LEU E 42 32.72 -64.61 12.80
C LEU E 42 31.63 -64.87 11.77
N SER E 43 31.89 -64.56 10.51
CA SER E 43 30.91 -64.77 9.45
C SER E 43 30.93 -66.18 8.90
N ILE E 44 32.11 -66.79 8.87
CA ILE E 44 32.20 -68.21 8.51
C ILE E 44 31.45 -69.05 9.54
N ILE E 45 31.52 -68.67 10.81
CA ILE E 45 30.74 -69.36 11.83
C ILE E 45 29.26 -69.15 11.59
N ALA E 46 28.85 -67.93 11.25
CA ALA E 46 27.43 -67.65 11.05
C ALA E 46 26.86 -68.41 9.86
N PHE E 47 27.71 -68.85 8.93
CA PHE E 47 27.25 -69.69 7.84
C PHE E 47 26.85 -71.07 8.35
N PHE E 48 27.66 -71.64 9.24
CA PHE E 48 27.28 -72.87 9.91
C PHE E 48 26.06 -72.66 10.79
N GLU E 49 26.05 -71.57 11.56
CA GLU E 49 24.91 -71.20 12.40
C GLU E 49 23.60 -71.24 11.62
N VAL E 50 23.48 -70.38 10.62
CA VAL E 50 22.19 -70.07 10.02
C VAL E 50 21.84 -71.06 8.93
N GLY E 51 22.77 -71.28 8.00
CA GLY E 51 22.42 -72.03 6.79
C GLY E 51 22.36 -73.52 7.02
N PHE E 52 23.40 -74.08 7.62
CA PHE E 52 23.47 -75.53 7.77
C PHE E 52 22.49 -76.05 8.81
N ASN E 53 21.92 -75.16 9.62
CA ASN E 53 20.98 -75.56 10.65
C ASN E 53 19.57 -75.03 10.41
N ASN E 54 19.38 -74.19 9.39
CA ASN E 54 18.08 -73.60 9.08
C ASN E 54 17.53 -72.82 10.26
N ILE E 55 18.38 -72.00 10.86
CA ILE E 55 17.93 -71.14 11.94
C ILE E 55 18.14 -69.68 11.54
N PRO E 56 17.13 -69.03 10.98
CA PRO E 56 17.22 -67.58 10.76
C PRO E 56 17.36 -66.83 12.07
N VAL E 57 18.07 -65.71 12.03
CA VAL E 57 18.34 -64.89 13.20
C VAL E 57 17.79 -63.49 12.97
N THR E 58 16.97 -63.02 13.90
CA THR E 58 16.38 -61.67 13.81
C THR E 58 16.87 -60.81 14.97
N ILE E 59 17.28 -59.58 14.70
CA ILE E 59 17.65 -58.63 15.75
C ILE E 59 17.21 -57.23 15.34
N ASN E 60 16.40 -56.59 16.18
CA ASN E 60 15.97 -55.21 15.98
C ASN E 60 16.55 -54.36 17.10
N ILE E 61 17.05 -53.18 16.74
CA ILE E 61 17.77 -52.36 17.70
C ILE E 61 16.88 -51.20 18.14
N PHE E 62 16.50 -50.33 17.20
CA PHE E 62 15.53 -49.29 17.48
C PHE E 62 14.89 -48.91 16.16
N ARG E 63 13.88 -48.06 16.24
CA ARG E 63 13.18 -47.64 15.04
C ARG E 63 13.95 -46.55 14.33
N TRP E 64 13.90 -46.58 13.00
CA TRP E 64 14.47 -45.52 12.19
C TRP E 64 13.39 -44.50 11.84
N ILE E 65 12.35 -44.92 11.12
CA ILE E 65 11.30 -44.03 10.66
C ILE E 65 9.96 -44.53 11.19
N ASP E 66 9.23 -43.65 11.88
CA ASP E 66 8.00 -44.01 12.58
C ASP E 66 6.90 -43.05 12.15
N SER E 67 5.87 -43.58 11.51
CA SER E 67 4.75 -42.77 11.04
C SER E 67 3.49 -43.62 11.05
N GLU E 68 2.46 -43.16 10.35
CA GLU E 68 1.28 -43.98 10.14
C GLU E 68 1.60 -45.07 9.12
N TRP E 69 1.47 -46.33 9.53
CA TRP E 69 1.66 -47.48 8.66
C TRP E 69 3.12 -47.66 8.26
N PHE E 70 3.98 -46.71 8.59
CA PHE E 70 5.40 -46.77 8.28
C PHE E 70 6.16 -46.99 9.58
N ILE E 71 6.74 -48.17 9.73
CA ILE E 71 7.62 -48.47 10.85
C ILE E 71 8.82 -49.24 10.28
N ILE E 72 9.93 -48.54 10.12
CA ILE E 72 11.15 -49.08 9.54
C ILE E 72 12.20 -49.08 10.64
N ASN E 73 12.73 -50.26 10.97
CA ASN E 73 13.62 -50.41 12.10
C ASN E 73 15.06 -50.52 11.65
N TRP E 74 15.97 -50.20 12.56
CA TRP E 74 17.37 -50.54 12.43
C TRP E 74 17.56 -52.03 12.77
N GLY E 75 16.92 -52.87 11.98
CA GLY E 75 16.83 -54.29 12.27
C GLY E 75 17.51 -55.12 11.21
N PHE E 76 17.98 -56.29 11.62
CA PHE E 76 18.79 -57.14 10.76
C PHE E 76 18.29 -58.58 10.81
N GLN E 77 18.17 -59.20 9.65
CA GLN E 77 17.78 -60.59 9.53
C GLN E 77 18.92 -61.37 8.92
N TYR E 78 19.26 -62.50 9.53
CA TYR E 78 20.26 -63.43 9.00
C TYR E 78 19.53 -64.68 8.53
N ASP E 79 19.56 -64.92 7.23
CA ASP E 79 18.95 -66.13 6.67
C ASP E 79 19.97 -66.82 5.78
N SER E 80 19.53 -67.82 5.01
CA SER E 80 20.47 -68.57 4.17
C SER E 80 21.05 -67.69 3.09
N LEU E 81 20.27 -66.75 2.55
CA LEU E 81 20.79 -65.89 1.50
C LEU E 81 21.75 -64.85 2.05
N THR E 82 21.52 -64.39 3.29
CA THR E 82 22.40 -63.39 3.87
C THR E 82 23.80 -63.95 4.11
N VAL E 83 23.89 -65.13 4.74
CA VAL E 83 25.19 -65.69 5.02
C VAL E 83 25.89 -66.14 3.74
N SER E 84 25.13 -66.50 2.71
CA SER E 84 25.72 -66.84 1.42
C SER E 84 26.47 -65.64 0.82
N MET E 85 25.86 -64.47 0.86
CA MET E 85 26.53 -63.27 0.35
C MET E 85 27.70 -62.84 1.20
N LEU E 86 27.61 -63.00 2.52
CA LEU E 86 28.64 -62.51 3.42
C LEU E 86 29.98 -63.19 3.21
N ILE E 87 30.01 -64.40 2.68
CA ILE E 87 31.26 -65.15 2.57
C ILE E 87 32.14 -64.55 1.48
N PRO E 88 31.69 -64.43 0.22
CA PRO E 88 32.53 -63.71 -0.75
C PRO E 88 32.79 -62.27 -0.37
N VAL E 89 31.85 -61.58 0.26
CA VAL E 89 32.05 -60.18 0.60
C VAL E 89 33.19 -60.04 1.60
N LEU E 90 33.23 -60.91 2.60
CA LEU E 90 34.20 -60.77 3.69
C LEU E 90 35.50 -61.52 3.45
N ILE E 91 35.48 -62.59 2.66
CA ILE E 91 36.74 -63.24 2.29
C ILE E 91 37.54 -62.36 1.36
N ILE E 92 36.87 -61.77 0.36
CA ILE E 92 37.56 -60.91 -0.59
C ILE E 92 37.97 -59.59 0.06
N SER E 93 37.13 -59.06 0.94
CA SER E 93 37.50 -57.83 1.63
C SER E 93 38.72 -58.04 2.51
N SER E 94 38.77 -59.18 3.21
CA SER E 94 39.93 -59.49 4.05
C SER E 94 41.20 -59.59 3.22
N LEU E 95 41.12 -60.27 2.07
CA LEU E 95 42.32 -60.53 1.28
C LEU E 95 42.80 -59.28 0.57
N VAL E 96 41.87 -58.46 0.06
CA VAL E 96 42.25 -57.21 -0.58
C VAL E 96 42.90 -56.27 0.42
N HIS E 97 42.45 -56.30 1.68
CA HIS E 97 43.13 -55.55 2.73
C HIS E 97 44.58 -55.99 2.89
N ILE E 98 44.80 -57.29 3.02
CA ILE E 98 46.16 -57.81 3.16
C ILE E 98 46.97 -57.50 1.92
N TYR E 99 46.35 -57.65 0.75
CA TYR E 99 47.00 -57.31 -0.51
C TYR E 99 47.42 -55.84 -0.55
N SER E 100 46.55 -54.95 -0.06
CA SER E 100 46.77 -53.52 -0.21
C SER E 100 47.93 -53.00 0.63
N ILE E 101 48.41 -53.79 1.59
CA ILE E 101 49.59 -53.37 2.35
C ILE E 101 50.80 -53.31 1.43
N SER E 102 50.95 -54.28 0.55
CA SER E 102 52.06 -54.26 -0.43
C SER E 102 51.81 -53.31 -1.59
N TYR E 103 50.60 -53.28 -2.15
CA TYR E 103 50.31 -52.47 -3.36
C TYR E 103 50.38 -50.97 -3.08
N MET E 104 49.91 -50.54 -1.92
CA MET E 104 49.79 -49.09 -1.64
C MET E 104 50.87 -48.66 -0.64
N SER E 105 51.96 -49.41 -0.55
CA SER E 105 53.07 -49.11 0.39
C SER E 105 53.71 -47.75 0.11
N SER E 106 53.93 -47.41 -1.17
CA SER E 106 54.62 -46.16 -1.54
C SER E 106 53.68 -44.96 -1.55
N ASP E 107 52.36 -45.17 -1.51
CA ASP E 107 51.41 -44.03 -1.62
C ASP E 107 51.53 -43.18 -0.38
N PRO E 108 51.42 -41.85 -0.47
CA PRO E 108 51.41 -41.04 0.75
C PRO E 108 50.25 -41.26 1.72
N HIS E 109 49.04 -41.45 1.23
CA HIS E 109 47.88 -41.44 2.10
C HIS E 109 47.34 -42.87 2.27
N ASN E 110 47.90 -43.60 3.22
CA ASN E 110 47.45 -44.96 3.48
C ASN E 110 46.31 -45.02 4.48
N GLN E 111 46.32 -44.15 5.48
CA GLN E 111 45.24 -44.15 6.46
C GLN E 111 43.90 -43.83 5.80
N ARG E 112 43.89 -42.86 4.90
CA ARG E 112 42.65 -42.52 4.20
C ARG E 112 42.19 -43.66 3.30
N PHE E 113 43.13 -44.33 2.62
CA PHE E 113 42.78 -45.45 1.76
C PHE E 113 42.17 -46.60 2.55
N PHE E 114 42.87 -47.05 3.60
CA PHE E 114 42.40 -48.19 4.38
C PHE E 114 41.12 -47.87 5.12
N SER E 115 40.89 -46.60 5.44
CA SER E 115 39.63 -46.19 6.03
C SER E 115 38.49 -46.36 5.05
N TYR E 116 38.70 -46.01 3.79
CA TYR E 116 37.68 -46.19 2.78
C TYR E 116 37.41 -47.66 2.51
N LEU E 117 38.42 -48.52 2.66
CA LEU E 117 38.23 -49.96 2.48
C LEU E 117 37.29 -50.51 3.54
N SER E 118 37.55 -50.19 4.81
CA SER E 118 36.68 -50.64 5.88
C SER E 118 35.29 -50.03 5.78
N LEU E 119 35.20 -48.78 5.32
CA LEU E 119 33.90 -48.15 5.15
C LEU E 119 33.07 -48.88 4.10
N PHE E 120 33.72 -49.39 3.06
CA PHE E 120 33.00 -50.13 2.04
C PHE E 120 32.50 -51.47 2.56
N THR E 121 33.31 -52.15 3.37
CA THR E 121 32.89 -53.44 3.92
C THR E 121 31.69 -53.27 4.85
N PHE E 122 31.70 -52.22 5.67
CA PHE E 122 30.58 -51.96 6.56
C PHE E 122 29.29 -51.75 5.78
N MET E 123 29.36 -50.95 4.71
CA MET E 123 28.18 -50.62 3.93
C MET E 123 27.65 -51.85 3.19
N MET E 124 28.55 -52.71 2.72
CA MET E 124 28.13 -53.92 2.04
C MET E 124 27.48 -54.91 2.99
N ILE E 125 27.91 -54.91 4.26
CA ILE E 125 27.25 -55.73 5.27
C ILE E 125 25.83 -55.22 5.53
N ILE E 126 25.68 -53.90 5.60
CA ILE E 126 24.38 -53.29 5.82
C ILE E 126 23.43 -53.64 4.69
N LEU E 127 23.96 -53.83 3.48
CA LEU E 127 23.10 -54.02 2.32
C LEU E 127 22.47 -55.40 2.32
N VAL E 128 23.17 -56.39 2.87
CA VAL E 128 22.69 -57.77 2.79
C VAL E 128 22.06 -58.25 4.09
N THR E 129 22.20 -57.50 5.18
CA THR E 129 21.68 -57.95 6.46
C THR E 129 20.43 -57.22 6.91
N ALA E 130 19.88 -56.31 6.10
CA ALA E 130 18.76 -55.50 6.54
C ALA E 130 17.45 -56.29 6.54
N ASN E 131 16.54 -55.86 7.41
CA ASN E 131 15.18 -56.38 7.47
C ASN E 131 14.25 -55.82 6.40
N ASN E 132 14.59 -54.69 5.80
CA ASN E 132 13.63 -53.98 4.97
C ASN E 132 14.36 -53.31 3.83
N TYR E 133 13.57 -52.91 2.83
CA TYR E 133 14.12 -52.31 1.62
C TYR E 133 14.77 -50.95 1.90
N LEU E 134 14.28 -50.21 2.89
CA LEU E 134 14.78 -48.87 3.13
C LEU E 134 16.13 -48.89 3.84
N LEU E 135 16.36 -49.84 4.75
CA LEU E 135 17.69 -50.01 5.30
C LEU E 135 18.62 -50.66 4.30
N MET E 136 18.12 -51.44 3.35
CA MET E 136 19.02 -52.00 2.32
C MET E 136 19.46 -50.83 1.44
N PHE E 137 18.59 -49.85 1.21
CA PHE E 137 18.95 -48.65 0.42
C PHE E 137 20.08 -47.85 1.09
N VAL E 138 20.18 -47.86 2.42
CA VAL E 138 21.32 -47.18 3.12
C VAL E 138 22.64 -47.81 2.68
N GLY E 139 22.73 -49.14 2.64
CA GLY E 139 23.94 -49.79 2.13
C GLY E 139 24.18 -49.53 0.67
N TRP E 140 23.11 -49.50 -0.13
CA TRP E 140 23.18 -49.23 -1.59
C TRP E 140 23.79 -47.85 -1.81
N GLU E 141 23.22 -46.82 -1.19
CA GLU E 141 23.80 -45.46 -1.29
C GLU E 141 25.19 -45.42 -0.66
N GLY E 142 25.36 -46.06 0.49
CA GLY E 142 26.64 -46.07 1.19
C GLY E 142 27.73 -46.65 0.32
N VAL E 143 27.44 -47.76 -0.35
CA VAL E 143 28.45 -48.39 -1.25
C VAL E 143 28.75 -47.42 -2.39
N GLY E 144 27.75 -46.69 -2.88
CA GLY E 144 27.95 -45.67 -3.92
C GLY E 144 28.85 -44.55 -3.46
N VAL E 145 28.66 -44.04 -2.23
CA VAL E 145 29.51 -42.94 -1.67
C VAL E 145 30.94 -43.45 -1.52
N CYS E 146 31.09 -44.71 -1.12
CA CYS E 146 32.41 -45.34 -0.92
C CYS E 146 33.08 -45.62 -2.27
N SER E 147 32.31 -45.89 -3.32
CA SER E 147 32.93 -46.10 -4.63
C SER E 147 33.37 -44.78 -5.23
N TYR E 148 32.61 -43.71 -4.99
CA TYR E 148 33.06 -42.38 -5.38
C TYR E 148 34.33 -41.99 -4.64
N LEU E 149 34.41 -42.33 -3.35
CA LEU E 149 35.57 -41.98 -2.56
C LEU E 149 36.81 -42.75 -2.98
N LEU E 150 36.63 -43.91 -3.59
CA LEU E 150 37.75 -44.76 -3.96
C LEU E 150 38.12 -44.67 -5.43
N VAL E 151 37.16 -44.33 -6.30
CA VAL E 151 37.52 -44.03 -7.69
C VAL E 151 38.29 -42.72 -7.75
N SER E 152 37.92 -41.75 -6.92
CA SER E 152 38.54 -40.43 -6.89
C SER E 152 39.59 -40.32 -5.80
N PHE E 153 40.20 -41.42 -5.39
CA PHE E 153 41.21 -41.43 -4.31
C PHE E 153 42.36 -40.49 -4.68
N TRP E 154 42.79 -40.54 -5.94
CA TRP E 154 43.81 -39.58 -6.42
C TRP E 154 43.07 -38.38 -7.02
N PHE E 155 42.65 -37.43 -6.17
CA PHE E 155 41.82 -36.27 -6.61
C PHE E 155 42.58 -35.33 -7.57
N THR E 156 43.91 -35.36 -7.53
CA THR E 156 44.73 -34.47 -8.40
C THR E 156 44.46 -34.80 -9.87
N ARG E 157 44.24 -36.07 -10.21
CA ARG E 157 44.02 -36.47 -11.62
C ARG E 157 42.58 -36.12 -12.05
N ILE E 158 42.43 -35.32 -13.10
CA ILE E 158 41.08 -34.91 -13.61
C ILE E 158 40.31 -36.10 -14.17
N ALA E 159 40.99 -37.01 -14.88
CA ALA E 159 40.33 -38.21 -15.42
C ALA E 159 39.59 -38.94 -14.30
N ALA E 160 40.24 -39.08 -13.15
CA ALA E 160 39.66 -39.76 -11.97
C ALA E 160 38.41 -39.02 -11.51
N ASN E 161 38.39 -37.68 -11.62
CA ASN E 161 37.28 -36.85 -11.11
C ASN E 161 36.13 -36.96 -12.10
N GLN E 162 36.41 -37.12 -13.39
CA GLN E 162 35.33 -37.39 -14.33
C GLN E 162 34.73 -38.77 -14.11
N SER E 163 35.57 -39.78 -13.89
CA SER E 163 35.09 -41.15 -13.75
C SER E 163 34.30 -41.34 -12.47
N SER E 164 34.62 -40.59 -11.42
CA SER E 164 33.86 -40.68 -10.18
C SER E 164 32.52 -39.96 -10.28
N ILE E 165 32.44 -38.91 -11.09
CA ILE E 165 31.15 -38.31 -11.41
C ILE E 165 30.27 -39.31 -12.13
N SER E 166 30.85 -40.07 -13.06
CA SER E 166 30.10 -41.08 -13.78
C SER E 166 29.55 -42.14 -12.85
N ALA E 167 30.40 -42.66 -11.96
CA ALA E 167 29.95 -43.69 -11.04
C ALA E 167 28.84 -43.17 -10.13
N PHE E 168 29.00 -41.96 -9.63
CA PHE E 168 28.05 -41.41 -8.66
C PHE E 168 26.68 -41.13 -9.30
N LEU E 169 26.68 -40.55 -10.50
CA LEU E 169 25.43 -40.09 -11.09
C LEU E 169 24.72 -41.15 -11.90
N THR E 170 25.46 -42.07 -12.52
CA THR E 170 24.79 -43.19 -13.18
C THR E 170 24.15 -44.11 -12.16
N ASN E 171 24.67 -44.13 -10.94
CA ASN E 171 24.04 -44.96 -9.86
C ASN E 171 22.90 -44.21 -9.20
N ARG E 172 22.91 -42.88 -9.23
CA ARG E 172 21.76 -42.08 -8.73
C ARG E 172 20.54 -42.27 -9.64
N VAL E 173 20.75 -42.49 -10.94
CA VAL E 173 19.62 -42.78 -11.88
C VAL E 173 18.93 -44.08 -11.44
N GLY E 174 19.69 -45.11 -11.09
CA GLY E 174 19.09 -46.34 -10.56
C GLY E 174 18.41 -46.09 -9.24
N ASP E 175 18.99 -45.24 -8.40
CA ASP E 175 18.42 -44.90 -7.07
C ASP E 175 17.07 -44.21 -7.22
N CYS E 176 16.91 -43.37 -8.23
CA CYS E 176 15.60 -42.70 -8.47
C CYS E 176 14.53 -43.77 -8.72
N PHE E 177 14.87 -44.81 -9.48
CA PHE E 177 13.88 -45.82 -9.80
C PHE E 177 13.60 -46.76 -8.62
N LEU E 178 14.61 -47.09 -7.81
CA LEU E 178 14.34 -47.82 -6.58
C LEU E 178 13.48 -47.01 -5.63
N THR E 179 13.73 -45.70 -5.55
CA THR E 179 12.92 -44.87 -4.67
C THR E 179 11.46 -44.86 -5.13
N VAL E 180 11.24 -44.81 -6.44
CA VAL E 180 9.89 -44.96 -6.98
C VAL E 180 9.35 -46.35 -6.69
N GLY E 181 10.19 -47.37 -6.84
CA GLY E 181 9.76 -48.73 -6.56
C GLY E 181 9.42 -48.98 -5.11
N MET E 182 10.19 -48.38 -4.19
CA MET E 182 9.86 -48.49 -2.77
C MET E 182 8.63 -47.67 -2.40
N PHE E 183 8.39 -46.56 -3.10
CA PHE E 183 7.14 -45.82 -2.89
C PHE E 183 5.95 -46.67 -3.26
N ALA E 184 6.09 -47.43 -4.36
CA ALA E 184 5.01 -48.31 -4.83
C ALA E 184 4.71 -49.39 -3.77
N ILE E 185 5.75 -49.92 -3.14
CA ILE E 185 5.57 -50.96 -2.12
C ILE E 185 4.87 -50.39 -0.90
N LEU E 186 5.32 -49.22 -0.43
CA LEU E 186 4.65 -48.58 0.69
C LEU E 186 3.21 -48.21 0.34
N TRP E 187 2.97 -47.75 -0.89
CA TRP E 187 1.61 -47.34 -1.33
C TRP E 187 0.69 -48.56 -1.39
N SER E 188 1.15 -49.68 -1.92
CA SER E 188 0.35 -50.93 -1.98
C SER E 188 0.20 -51.67 -0.65
N LEU E 189 1.30 -51.89 0.08
CA LEU E 189 1.23 -52.80 1.26
C LEU E 189 1.36 -52.06 2.59
N GLY E 190 1.77 -50.81 2.58
CA GLY E 190 1.82 -50.00 3.82
C GLY E 190 3.14 -50.07 4.54
N ASN E 191 3.93 -51.11 4.30
CA ASN E 191 5.27 -51.17 4.91
C ASN E 191 6.21 -51.89 3.96
N LEU E 192 7.47 -51.48 3.93
CA LEU E 192 8.42 -52.23 3.12
C LEU E 192 9.38 -53.10 3.93
N ASP E 193 8.84 -53.97 4.79
CA ASP E 193 9.64 -55.02 5.42
C ASP E 193 9.57 -56.29 4.58
N TYR E 194 10.63 -57.08 4.61
CA TYR E 194 10.71 -58.25 3.75
C TYR E 194 9.62 -59.26 4.08
N ALA E 195 9.41 -59.53 5.36
CA ALA E 195 8.40 -60.50 5.75
C ALA E 195 7.02 -60.03 5.30
N THR E 196 6.75 -58.73 5.38
CA THR E 196 5.47 -58.19 4.96
C THR E 196 5.31 -58.33 3.45
N VAL E 197 6.32 -57.90 2.69
CA VAL E 197 6.19 -57.82 1.24
C VAL E 197 6.05 -59.20 0.64
N PHE E 198 6.71 -60.18 1.24
CA PHE E 198 6.75 -61.54 0.65
C PHE E 198 5.53 -62.36 1.11
N SER E 199 5.08 -62.15 2.34
CA SER E 199 3.89 -62.85 2.81
C SER E 199 2.67 -62.46 1.98
N LEU E 200 2.56 -61.19 1.62
CA LEU E 200 1.41 -60.68 0.89
C LEU E 200 1.57 -60.71 -0.61
N ALA E 201 2.76 -61.04 -1.13
CA ALA E 201 3.00 -60.96 -2.56
C ALA E 201 2.06 -61.78 -3.43
N PRO E 202 1.68 -63.01 -3.08
CA PRO E 202 0.84 -63.80 -3.98
C PRO E 202 -0.52 -63.18 -4.28
N TYR E 203 -0.98 -62.22 -3.49
CA TYR E 203 -2.32 -61.69 -3.61
C TYR E 203 -2.39 -60.28 -4.17
N ILE E 204 -1.28 -59.55 -4.19
CA ILE E 204 -1.27 -58.18 -4.70
C ILE E 204 -1.71 -58.15 -6.16
N ASN E 205 -2.30 -57.01 -6.56
CA ASN E 205 -2.64 -56.75 -7.94
C ASN E 205 -1.47 -57.08 -8.86
N SER E 206 -1.74 -57.85 -9.91
CA SER E 206 -0.68 -58.30 -10.81
C SER E 206 0.01 -57.14 -11.49
N ASN E 207 -0.69 -56.02 -11.65
CA ASN E 207 -0.08 -54.88 -12.39
C ASN E 207 0.74 -54.07 -11.40
N VAL E 208 0.39 -54.10 -10.11
CA VAL E 208 1.22 -53.46 -9.10
C VAL E 208 2.57 -54.16 -9.00
N VAL E 209 2.59 -55.49 -9.15
CA VAL E 209 3.85 -56.22 -9.16
C VAL E 209 4.67 -55.87 -10.39
N ILE E 210 4.01 -55.56 -11.51
CA ILE E 210 4.73 -55.07 -12.68
C ILE E 210 5.50 -53.80 -12.35
N ILE E 211 4.83 -52.84 -11.73
CA ILE E 211 5.44 -51.52 -11.42
C ILE E 211 6.64 -51.70 -10.50
N ILE E 212 6.48 -52.51 -9.45
CA ILE E 212 7.59 -52.71 -8.53
C ILE E 212 8.74 -53.45 -9.21
N GLY E 213 8.41 -54.50 -9.97
CA GLY E 213 9.46 -55.30 -10.59
C GLY E 213 10.27 -54.51 -11.61
N ILE E 214 9.60 -53.66 -12.38
CA ILE E 214 10.32 -52.86 -13.37
C ILE E 214 11.22 -51.86 -12.66
N CYS E 215 10.72 -51.22 -11.61
CA CYS E 215 11.52 -50.26 -10.86
C CYS E 215 12.69 -50.94 -10.15
N LEU E 216 12.47 -52.12 -9.57
CA LEU E 216 13.57 -52.87 -8.98
C LEU E 216 14.59 -53.27 -10.03
N LEU E 217 14.14 -53.58 -11.25
CA LEU E 217 15.07 -53.98 -12.29
C LEU E 217 15.87 -52.80 -12.82
N ILE E 218 15.22 -51.65 -13.02
CA ILE E 218 15.95 -50.49 -13.52
C ILE E 218 17.03 -50.08 -12.54
N GLY E 219 16.69 -50.02 -11.25
CA GLY E 219 17.71 -49.79 -10.24
C GLY E 219 18.81 -50.82 -10.28
N ALA E 220 18.49 -52.04 -10.73
CA ALA E 220 19.48 -53.10 -10.76
C ALA E 220 20.45 -52.96 -11.94
N MET E 221 20.05 -52.31 -13.03
CA MET E 221 21.00 -52.08 -14.12
C MET E 221 22.20 -51.27 -13.64
N ALA E 222 21.93 -50.15 -12.96
CA ALA E 222 23.02 -49.22 -12.64
C ALA E 222 24.10 -49.89 -11.81
N LYS E 223 23.72 -50.62 -10.77
CA LYS E 223 24.71 -51.22 -9.89
C LYS E 223 25.34 -52.46 -10.51
N SER E 224 24.54 -53.25 -11.22
CA SER E 224 25.04 -54.49 -11.85
C SER E 224 25.57 -54.17 -13.25
N SER E 225 25.63 -52.87 -13.59
CA SER E 225 26.24 -52.43 -14.88
C SER E 225 25.63 -53.20 -16.07
N GLN E 226 24.30 -53.30 -16.13
CA GLN E 226 23.66 -53.92 -17.30
C GLN E 226 23.75 -52.94 -18.46
N VAL E 227 23.50 -53.36 -19.71
CA VAL E 227 23.80 -52.50 -20.89
C VAL E 227 23.16 -51.11 -20.82
N GLY E 228 21.93 -50.96 -20.36
CA GLY E 228 21.33 -49.62 -20.39
C GLY E 228 22.11 -48.60 -19.54
N LEU E 229 22.52 -48.99 -18.34
CA LEU E 229 23.23 -48.06 -17.42
C LEU E 229 24.52 -48.75 -17.00
N HIS E 230 25.48 -48.85 -17.91
CA HIS E 230 26.73 -49.61 -17.63
C HIS E 230 27.96 -48.75 -17.89
N VAL E 231 27.76 -47.54 -18.43
CA VAL E 231 28.94 -46.79 -18.86
C VAL E 231 29.90 -46.51 -17.71
N TRP E 232 29.43 -46.53 -16.46
CA TRP E 232 30.28 -46.14 -15.34
C TRP E 232 31.29 -47.22 -14.95
N LEU E 233 30.93 -48.49 -15.07
CA LEU E 233 31.76 -49.56 -14.54
C LEU E 233 33.16 -49.59 -15.15
N PRO E 234 33.35 -49.43 -16.47
CA PRO E 234 34.72 -49.41 -16.98
C PRO E 234 35.48 -48.15 -16.61
N MET E 235 34.79 -47.03 -16.40
CA MET E 235 35.48 -45.82 -15.94
C MET E 235 35.93 -45.93 -14.50
N ALA E 236 35.36 -46.83 -13.70
CA ALA E 236 35.74 -47.01 -12.29
C ALA E 236 37.08 -47.73 -12.18
N MET E 237 37.76 -47.96 -13.31
CA MET E 237 39.09 -48.61 -13.33
C MET E 237 40.15 -47.53 -13.11
N GLU E 238 39.74 -46.29 -12.94
CA GLU E 238 40.66 -45.18 -12.62
C GLU E 238 41.20 -45.29 -11.19
N GLY E 239 40.40 -45.84 -10.28
CA GLY E 239 40.80 -45.97 -8.87
C GLY E 239 41.86 -47.02 -8.73
N PRO E 240 42.52 -47.15 -7.57
CA PRO E 240 43.63 -48.07 -7.50
C PRO E 240 43.18 -49.51 -7.73
N THR E 241 44.09 -50.36 -8.18
CA THR E 241 43.71 -51.75 -8.53
C THR E 241 42.97 -52.44 -7.38
N PRO E 242 43.43 -52.50 -6.10
CA PRO E 242 42.65 -53.22 -5.08
C PRO E 242 41.23 -52.73 -4.93
N VAL E 243 40.94 -51.49 -5.27
CA VAL E 243 39.54 -50.97 -5.24
C VAL E 243 38.73 -51.70 -6.32
N SER E 244 39.35 -51.91 -7.48
CA SER E 244 38.65 -52.51 -8.64
C SER E 244 38.47 -54.01 -8.42
N ALA E 245 39.18 -54.57 -7.43
CA ALA E 245 39.12 -56.03 -7.23
C ALA E 245 37.94 -56.33 -6.31
N LEU E 246 37.74 -55.47 -5.32
CA LEU E 246 36.65 -55.71 -4.35
C LEU E 246 35.39 -55.01 -4.82
N ILE E 247 35.40 -53.69 -4.90
CA ILE E 247 34.17 -52.92 -5.21
C ILE E 247 33.73 -53.10 -6.65
N HIS E 248 34.64 -52.97 -7.61
CA HIS E 248 34.19 -52.92 -9.03
C HIS E 248 34.16 -54.28 -9.73
N ALA E 249 34.33 -55.39 -9.03
CA ALA E 249 34.32 -56.66 -9.76
C ALA E 249 34.05 -57.83 -8.81
N ALA E 250 33.80 -57.55 -7.54
CA ALA E 250 33.49 -58.72 -6.71
C ALA E 250 32.39 -58.51 -5.66
N THR E 251 31.91 -57.29 -5.42
CA THR E 251 30.93 -57.04 -4.32
C THR E 251 29.83 -56.06 -4.70
N MET E 252 30.14 -54.80 -4.98
CA MET E 252 29.09 -53.77 -5.23
C MET E 252 28.34 -54.09 -6.50
N VAL E 253 29.04 -54.61 -7.49
CA VAL E 253 28.44 -54.92 -8.81
C VAL E 253 27.39 -56.00 -8.61
N THR E 254 27.53 -56.79 -7.55
CA THR E 254 26.63 -57.93 -7.32
C THR E 254 25.37 -57.51 -6.57
N ALA E 255 25.31 -56.29 -6.04
CA ALA E 255 24.19 -55.81 -5.21
C ALA E 255 22.94 -55.78 -6.06
N GLY E 256 23.04 -55.32 -7.31
CA GLY E 256 21.89 -55.41 -8.18
C GLY E 256 21.38 -56.83 -8.33
N VAL E 257 22.29 -57.79 -8.41
CA VAL E 257 21.89 -59.19 -8.47
C VAL E 257 21.29 -59.64 -7.14
N TYR E 258 21.84 -59.15 -6.02
CA TYR E 258 21.27 -59.48 -4.71
C TYR E 258 19.88 -58.91 -4.55
N LEU E 259 19.64 -57.72 -5.09
CA LEU E 259 18.33 -57.09 -4.98
C LEU E 259 17.25 -57.94 -5.64
N LEU E 260 17.56 -58.53 -6.79
CA LEU E 260 16.59 -59.40 -7.46
C LEU E 260 16.48 -60.74 -6.75
N MET E 261 17.59 -61.27 -6.24
CA MET E 261 17.55 -62.54 -5.53
C MET E 261 16.78 -62.42 -4.22
N ARG E 262 16.95 -61.31 -3.52
CA ARG E 262 16.20 -61.09 -2.26
C ARG E 262 14.72 -60.92 -2.61
N SER E 263 14.41 -60.18 -3.68
CA SER E 263 13.03 -59.92 -4.07
C SER E 263 12.40 -61.07 -4.84
N SER E 264 13.00 -62.25 -4.79
CA SER E 264 12.43 -63.42 -5.45
C SER E 264 11.01 -63.76 -5.00
N PRO E 265 10.62 -63.70 -3.69
CA PRO E 265 9.24 -63.99 -3.30
C PRO E 265 8.21 -62.99 -3.85
N LEU E 266 8.67 -61.91 -4.49
CA LEU E 266 7.79 -60.94 -5.09
C LEU E 266 7.82 -60.95 -6.60
N ILE E 267 9.00 -60.83 -7.20
CA ILE E 267 9.10 -60.77 -8.66
C ILE E 267 8.82 -62.11 -9.33
N GLU E 268 8.66 -63.18 -8.55
CA GLU E 268 8.27 -64.46 -9.11
C GLU E 268 6.81 -64.44 -9.55
N TYR E 269 6.01 -63.56 -8.96
CA TYR E 269 4.60 -63.43 -9.29
C TYR E 269 4.36 -62.48 -10.44
N SER E 270 5.41 -62.08 -11.15
CA SER E 270 5.31 -61.29 -12.37
C SER E 270 6.27 -61.90 -13.38
N SER E 271 5.74 -62.71 -14.30
CA SER E 271 6.58 -63.27 -15.34
C SER E 271 6.98 -62.22 -16.37
N THR E 272 6.34 -61.06 -16.36
CA THR E 272 6.70 -60.01 -17.30
C THR E 272 8.08 -59.45 -17.01
N VAL E 273 8.42 -59.28 -15.72
CA VAL E 273 9.76 -58.82 -15.39
C VAL E 273 10.78 -59.91 -15.67
N LEU E 274 10.36 -61.17 -15.60
CA LEU E 274 11.30 -62.28 -15.77
C LEU E 274 11.78 -62.37 -17.21
N LEU E 275 10.94 -62.03 -18.18
CA LEU E 275 11.44 -61.91 -19.55
C LEU E 275 12.41 -60.75 -19.69
N LEU E 276 12.12 -59.63 -19.05
CA LEU E 276 13.02 -58.49 -19.14
C LEU E 276 14.34 -58.79 -18.46
N CYS E 277 14.30 -59.45 -17.30
CA CYS E 277 15.55 -59.87 -16.66
C CYS E 277 16.36 -60.75 -17.59
N LEU E 278 15.70 -61.69 -18.26
CA LEU E 278 16.40 -62.68 -19.07
C LEU E 278 17.05 -62.03 -20.29
N TRP E 279 16.31 -61.19 -21.01
CA TRP E 279 16.87 -60.56 -22.20
C TRP E 279 17.89 -59.50 -21.83
N LEU E 280 17.65 -58.76 -20.76
CA LEU E 280 18.66 -57.88 -20.20
C LEU E 280 19.97 -58.62 -19.96
N GLY E 281 19.88 -59.85 -19.42
CA GLY E 281 21.09 -60.60 -19.14
C GLY E 281 21.83 -61.02 -20.40
N ALA E 282 21.11 -61.50 -21.41
CA ALA E 282 21.76 -62.00 -22.62
C ALA E 282 22.39 -60.87 -23.42
N ILE E 283 21.76 -59.69 -23.42
CA ILE E 283 22.34 -58.56 -24.16
C ILE E 283 23.68 -58.18 -23.57
N THR E 284 23.75 -58.06 -22.24
CA THR E 284 24.96 -57.56 -21.60
C THR E 284 26.13 -58.52 -21.78
N THR E 285 25.86 -59.81 -21.94
CA THR E 285 26.93 -60.78 -22.10
C THR E 285 27.61 -60.65 -23.46
N VAL E 286 26.83 -60.48 -24.53
CA VAL E 286 27.45 -60.28 -25.84
C VAL E 286 27.88 -58.84 -26.03
N PHE E 287 27.16 -57.89 -25.42
CA PHE E 287 27.55 -56.49 -25.52
C PHE E 287 28.95 -56.28 -24.95
N SER E 288 29.25 -56.91 -23.82
CA SER E 288 30.52 -56.68 -23.15
C SER E 288 31.60 -57.69 -23.53
N SER E 289 31.23 -58.86 -24.04
CA SER E 289 32.25 -59.77 -24.57
C SER E 289 32.88 -59.20 -25.83
N LEU E 290 32.08 -58.56 -26.65
CA LEU E 290 32.61 -57.98 -27.90
C LEU E 290 33.53 -56.81 -27.57
N ILE E 291 33.15 -55.97 -26.62
CA ILE E 291 33.93 -54.79 -26.33
C ILE E 291 35.30 -55.16 -25.75
N GLY E 292 35.32 -56.11 -24.80
CA GLY E 292 36.56 -56.45 -24.14
C GLY E 292 37.61 -57.02 -25.06
N LEU E 293 37.22 -57.62 -26.20
CA LEU E 293 38.17 -58.23 -27.18
C LEU E 293 38.91 -57.16 -27.99
N PHE E 294 38.55 -55.91 -27.85
CA PHE E 294 39.13 -54.87 -28.71
C PHE E 294 39.72 -53.79 -27.83
N GLN E 295 39.84 -54.07 -26.53
CA GLN E 295 40.42 -53.11 -25.62
C GLN E 295 41.92 -53.32 -25.50
N GLN E 296 42.64 -52.22 -25.19
CA GLN E 296 44.12 -52.29 -25.14
C GLN E 296 44.61 -52.11 -23.70
N ASP E 297 43.69 -51.81 -22.77
CA ASP E 297 44.02 -51.70 -21.36
C ASP E 297 43.68 -53.03 -20.71
N ILE E 298 44.55 -53.51 -19.82
CA ILE E 298 44.28 -54.78 -19.17
C ILE E 298 43.11 -54.65 -18.21
N LYS E 299 43.01 -53.51 -17.54
CA LYS E 299 41.97 -53.34 -16.50
C LYS E 299 40.65 -53.21 -17.24
N LYS E 300 40.64 -52.53 -18.39
CA LYS E 300 39.40 -52.34 -19.14
C LYS E 300 38.84 -53.67 -19.62
N VAL E 301 39.71 -54.59 -20.02
CA VAL E 301 39.26 -55.91 -20.43
C VAL E 301 38.65 -56.66 -19.26
N ILE E 302 39.30 -56.59 -18.09
CA ILE E 302 38.85 -57.39 -16.90
C ILE E 302 37.61 -56.73 -16.31
N ALA E 303 37.36 -55.48 -16.68
CA ALA E 303 36.16 -54.76 -16.20
C ALA E 303 35.00 -55.13 -17.12
N TYR E 304 35.32 -55.32 -18.39
CA TYR E 304 34.28 -55.74 -19.32
C TYR E 304 34.00 -57.23 -19.21
N SER E 305 34.90 -57.99 -18.60
CA SER E 305 34.66 -59.43 -18.36
C SER E 305 33.68 -59.58 -17.21
N THR E 306 33.79 -58.70 -16.22
CA THR E 306 32.92 -58.76 -15.03
C THR E 306 31.47 -58.50 -15.46
N MET E 307 31.25 -57.59 -16.42
CA MET E 307 29.90 -57.19 -16.82
C MET E 307 29.36 -58.29 -17.72
N SER E 308 30.24 -59.10 -18.29
CA SER E 308 29.71 -60.24 -19.03
C SER E 308 29.20 -61.33 -18.10
N GLN E 309 29.72 -61.41 -16.89
CA GLN E 309 29.34 -62.44 -15.88
C GLN E 309 28.14 -61.93 -15.10
N LEU E 310 28.07 -60.62 -14.87
CA LEU E 310 26.90 -60.02 -14.21
C LEU E 310 25.68 -60.21 -15.13
N GLY E 311 25.89 -60.17 -16.44
CA GLY E 311 24.81 -60.39 -17.41
C GLY E 311 24.38 -61.84 -17.36
N MET E 312 25.29 -62.72 -17.01
CA MET E 312 24.97 -64.13 -16.85
C MET E 312 24.02 -64.37 -15.67
N MET E 313 24.26 -63.68 -14.55
CA MET E 313 23.43 -63.88 -13.38
C MET E 313 22.04 -63.29 -13.57
N VAL E 314 21.95 -62.11 -14.19
CA VAL E 314 20.65 -61.52 -14.48
C VAL E 314 19.88 -62.40 -15.47
N LEU E 315 20.59 -63.02 -16.40
CA LEU E 315 19.96 -64.02 -17.26
C LEU E 315 19.38 -65.17 -16.46
N SER E 316 20.15 -65.65 -15.46
CA SER E 316 19.68 -66.76 -14.63
C SER E 316 18.49 -66.35 -13.78
N ILE E 317 18.46 -65.09 -13.30
CA ILE E 317 17.32 -64.63 -12.51
C ILE E 317 16.05 -64.63 -13.34
N GLY E 318 16.11 -64.10 -14.56
CA GLY E 318 14.96 -64.13 -15.45
C GLY E 318 14.63 -65.51 -15.94
N LEU E 319 15.60 -66.41 -15.92
CA LEU E 319 15.37 -67.82 -16.13
C LEU E 319 14.67 -68.46 -14.94
N SER E 320 14.58 -67.74 -13.82
CA SER E 320 13.84 -68.20 -12.61
C SER E 320 14.56 -69.35 -11.90
N SER E 321 15.88 -69.32 -11.88
CA SER E 321 16.67 -70.28 -11.13
C SER E 321 17.63 -69.46 -10.27
N TYR E 322 17.17 -69.04 -9.10
CA TYR E 322 17.91 -68.08 -8.28
C TYR E 322 19.11 -68.73 -7.63
N ASN E 323 18.99 -69.99 -7.24
CA ASN E 323 20.14 -70.69 -6.66
C ASN E 323 21.30 -70.77 -7.64
N ILE E 324 21.00 -70.81 -8.94
CA ILE E 324 22.05 -70.82 -9.94
C ILE E 324 22.75 -69.47 -10.02
N ALA E 325 21.97 -68.39 -9.94
CA ALA E 325 22.56 -67.06 -10.00
C ALA E 325 23.38 -66.77 -8.75
N LEU E 326 22.91 -67.24 -7.58
CA LEU E 326 23.67 -67.08 -6.36
C LEU E 326 24.94 -67.89 -6.39
N PHE E 327 24.89 -69.08 -6.98
CA PHE E 327 26.08 -69.92 -7.13
C PHE E 327 27.12 -69.23 -8.01
N HIS E 328 26.69 -68.67 -9.13
CA HIS E 328 27.62 -67.93 -10.01
C HIS E 328 28.16 -66.71 -9.28
N LEU E 329 27.31 -66.01 -8.53
CA LEU E 329 27.76 -64.79 -7.84
C LEU E 329 28.90 -65.09 -6.88
N VAL E 330 28.75 -66.14 -6.07
CA VAL E 330 29.80 -66.45 -5.11
C VAL E 330 31.05 -66.99 -5.81
N ASN E 331 30.87 -67.82 -6.83
CA ASN E 331 32.04 -68.44 -7.52
C ASN E 331 32.82 -67.36 -8.28
N HIS E 332 32.15 -66.42 -8.93
CA HIS E 332 32.80 -65.35 -9.73
C HIS E 332 33.66 -64.41 -8.89
N ALA E 333 33.29 -64.17 -7.63
CA ALA E 333 34.04 -63.18 -6.84
C ALA E 333 35.35 -63.81 -6.40
N PHE E 334 35.50 -65.11 -6.61
CA PHE E 334 36.81 -65.65 -6.30
C PHE E 334 37.77 -65.53 -7.47
N TYR E 335 37.29 -65.79 -8.69
CA TYR E 335 38.29 -65.76 -9.79
C TYR E 335 38.30 -64.39 -10.44
N LYS E 336 37.27 -63.56 -10.25
CA LYS E 336 37.40 -62.23 -10.86
C LYS E 336 38.36 -61.43 -9.97
N ALA E 337 38.29 -61.62 -8.66
CA ALA E 337 39.22 -60.94 -7.74
C ALA E 337 40.63 -61.40 -8.04
N LEU E 338 40.79 -62.70 -8.35
CA LEU E 338 42.13 -63.26 -8.66
C LEU E 338 42.72 -62.57 -9.88
N LEU E 339 41.98 -62.48 -10.99
CA LEU E 339 42.51 -61.90 -12.24
C LEU E 339 42.88 -60.43 -12.02
N PHE E 340 42.05 -59.67 -11.29
CA PHE E 340 42.34 -58.25 -10.97
C PHE E 340 43.57 -58.11 -10.08
N LEU E 341 43.72 -58.96 -9.06
CA LEU E 341 44.88 -58.89 -8.14
C LEU E 341 46.11 -59.39 -8.91
N GLY E 342 45.93 -60.33 -9.82
CA GLY E 342 47.02 -60.77 -10.69
C GLY E 342 47.39 -59.73 -11.72
N ALA E 343 46.39 -59.08 -12.31
CA ALA E 343 46.70 -57.98 -13.26
C ALA E 343 47.39 -56.87 -12.49
N GLY E 344 46.89 -56.55 -11.30
CA GLY E 344 47.50 -55.50 -10.48
C GLY E 344 48.94 -55.82 -10.19
N SER E 345 49.27 -57.11 -10.13
CA SER E 345 50.64 -57.51 -9.84
C SER E 345 51.55 -57.28 -11.03
N VAL E 346 51.03 -57.44 -12.26
CA VAL E 346 51.88 -57.21 -13.42
C VAL E 346 51.97 -55.71 -13.71
N ILE E 347 50.94 -54.94 -13.38
CA ILE E 347 51.05 -53.48 -13.48
C ILE E 347 52.12 -52.98 -12.53
N HIS E 348 52.22 -53.58 -11.36
CA HIS E 348 53.20 -53.14 -10.34
C HIS E 348 54.60 -53.42 -10.87
N ALA E 349 54.81 -54.61 -11.42
CA ALA E 349 56.13 -55.04 -11.94
C ALA E 349 56.55 -54.20 -13.13
N VAL E 350 55.63 -53.87 -14.02
CA VAL E 350 56.03 -53.17 -15.29
C VAL E 350 55.87 -51.66 -15.19
N ALA E 351 56.27 -51.06 -14.06
CA ALA E 351 56.28 -49.59 -13.97
C ALA E 351 54.92 -48.96 -14.25
N ASP E 352 53.84 -49.54 -13.72
CA ASP E 352 52.49 -48.92 -13.85
C ASP E 352 52.10 -48.76 -15.31
N ASN E 353 52.56 -49.63 -16.19
CA ASN E 353 52.05 -49.58 -17.59
C ASN E 353 50.84 -50.52 -17.63
N GLN E 354 49.74 -50.10 -18.25
CA GLN E 354 48.51 -50.91 -18.26
C GLN E 354 48.17 -51.33 -19.70
N ASP E 355 49.09 -51.16 -20.63
CA ASP E 355 48.80 -51.44 -22.07
C ASP E 355 49.40 -52.78 -22.50
N PHE E 356 48.60 -53.64 -23.13
CA PHE E 356 49.07 -54.95 -23.62
C PHE E 356 50.15 -54.75 -24.68
N ARG E 357 50.05 -53.67 -25.46
CA ARG E 357 51.00 -53.43 -26.59
C ARG E 357 52.43 -53.22 -26.07
N LYS E 358 52.59 -52.97 -24.77
CA LYS E 358 53.96 -52.79 -24.20
C LYS E 358 54.30 -53.90 -23.21
N PHE E 359 53.57 -55.02 -23.24
CA PHE E 359 53.91 -56.18 -22.37
C PHE E 359 54.32 -57.34 -23.26
N GLY E 360 55.34 -58.10 -22.87
CA GLY E 360 55.73 -59.30 -23.63
C GLY E 360 56.61 -60.17 -22.76
N GLY E 361 56.89 -61.41 -23.15
CA GLY E 361 57.67 -62.28 -22.25
C GLY E 361 57.04 -62.23 -20.88
N LEU E 362 57.82 -62.02 -19.81
CA LEU E 362 57.23 -61.84 -18.46
C LEU E 362 56.76 -63.18 -17.88
N ILE E 363 56.63 -64.21 -18.71
CA ILE E 363 56.22 -65.50 -18.16
C ILE E 363 57.31 -66.07 -17.28
N SER E 364 58.57 -65.95 -17.70
CA SER E 364 59.67 -66.38 -16.85
C SER E 364 59.93 -65.38 -15.73
N TYR E 365 59.49 -64.15 -15.89
CA TYR E 365 59.80 -63.09 -14.88
C TYR E 365 58.75 -63.12 -13.78
N LEU E 366 57.53 -63.52 -14.11
CA LEU E 366 56.43 -63.56 -13.12
C LEU E 366 55.78 -64.93 -13.19
N PRO E 367 56.46 -66.02 -12.78
CA PRO E 367 55.89 -67.36 -12.93
C PRO E 367 54.60 -67.57 -12.10
N LEU E 368 54.60 -67.12 -10.85
CA LEU E 368 53.43 -67.33 -9.96
C LEU E 368 52.24 -66.57 -10.53
N THR E 369 52.48 -65.35 -10.99
CA THR E 369 51.35 -64.52 -11.49
C THR E 369 50.77 -65.21 -12.71
N TYR E 370 51.62 -65.71 -13.61
CA TYR E 370 51.06 -66.30 -14.83
C TYR E 370 50.22 -67.51 -14.51
N SER E 371 50.72 -68.41 -13.67
CA SER E 371 49.99 -69.62 -13.35
C SER E 371 48.68 -69.29 -12.64
N VAL E 372 48.74 -68.36 -11.69
CA VAL E 372 47.55 -67.99 -10.93
C VAL E 372 46.50 -67.37 -11.85
N MET E 373 46.92 -66.52 -12.78
CA MET E 373 45.96 -65.98 -13.74
C MET E 373 45.54 -67.00 -14.78
N LEU E 374 46.36 -68.03 -15.01
CA LEU E 374 45.89 -69.18 -15.76
C LEU E 374 44.84 -69.96 -14.99
N ILE E 375 45.01 -70.06 -13.65
CA ILE E 375 43.97 -70.63 -12.80
C ILE E 375 42.67 -69.87 -13.01
N ALA E 376 42.74 -68.54 -12.95
CA ALA E 376 41.56 -67.70 -13.02
C ALA E 376 40.91 -67.74 -14.40
N SER E 377 41.73 -67.79 -15.45
CA SER E 377 41.19 -67.72 -16.81
C SER E 377 40.51 -69.03 -17.20
N LEU E 378 40.94 -70.16 -16.61
CA LEU E 378 40.29 -71.42 -16.91
C LEU E 378 38.93 -71.53 -16.27
N SER E 379 38.74 -70.91 -15.10
CA SER E 379 37.41 -70.89 -14.50
C SER E 379 36.54 -69.79 -15.08
N LEU E 380 37.17 -68.73 -15.61
CA LEU E 380 36.40 -67.69 -16.29
C LEU E 380 35.77 -68.24 -17.57
N VAL E 381 36.50 -69.09 -18.30
CA VAL E 381 35.94 -69.74 -19.48
C VAL E 381 35.17 -71.01 -19.12
N ALA E 382 35.08 -71.34 -17.84
CA ALA E 382 34.37 -72.53 -17.35
C ALA E 382 34.94 -73.80 -17.96
N PHE E 383 36.26 -73.91 -17.90
CA PHE E 383 36.91 -75.16 -18.27
C PHE E 383 36.41 -76.27 -17.33
N PRO E 384 36.19 -77.48 -17.86
CA PRO E 384 35.56 -78.52 -17.04
C PRO E 384 36.23 -78.71 -15.69
N PHE E 385 35.40 -78.88 -14.67
CA PHE E 385 35.79 -79.23 -13.31
C PHE E 385 36.49 -78.09 -12.58
N MET E 386 36.39 -76.87 -13.10
CA MET E 386 36.80 -75.69 -12.34
C MET E 386 35.60 -75.12 -11.59
N THR E 387 35.88 -74.12 -10.75
CA THR E 387 34.81 -73.52 -9.97
C THR E 387 33.76 -72.88 -10.86
N GLY E 388 34.20 -72.20 -11.92
CA GLY E 388 33.25 -71.56 -12.82
C GLY E 388 32.54 -72.53 -13.75
N PHE E 389 33.03 -73.76 -13.85
CA PHE E 389 32.38 -74.76 -14.68
C PHE E 389 30.98 -75.08 -14.18
N TYR E 390 30.83 -75.24 -12.87
CA TYR E 390 29.54 -75.64 -12.32
C TYR E 390 28.53 -74.50 -12.27
N SER E 391 29.02 -73.27 -12.39
CA SER E 391 28.09 -72.13 -12.28
C SER E 391 27.72 -71.60 -13.66
N LYS E 392 28.69 -71.33 -14.52
CA LYS E 392 28.38 -70.76 -15.83
C LYS E 392 27.74 -71.77 -16.76
N ASP E 393 28.21 -73.02 -16.72
CA ASP E 393 27.67 -74.00 -17.65
C ASP E 393 26.29 -74.49 -17.25
N PHE E 394 25.88 -74.28 -16.00
CA PHE E 394 24.51 -74.63 -15.64
C PHE E 394 23.54 -73.53 -16.04
N ILE E 395 24.02 -72.29 -16.18
CA ILE E 395 23.18 -71.22 -16.68
C ILE E 395 22.87 -71.43 -18.16
N LEU E 396 23.85 -71.93 -18.91
CA LEU E 396 23.64 -72.17 -20.34
C LEU E 396 22.65 -73.31 -20.57
N GLU E 397 22.83 -74.44 -19.89
CA GLU E 397 21.94 -75.56 -20.09
C GLU E 397 20.59 -75.37 -19.43
N SER E 398 20.48 -74.44 -18.47
CA SER E 398 19.17 -74.08 -17.94
C SER E 398 18.40 -73.16 -18.88
N ALA E 399 19.11 -72.39 -19.70
CA ALA E 399 18.43 -71.55 -20.69
C ALA E 399 17.82 -72.41 -21.79
N TYR E 400 18.60 -73.36 -22.32
CA TYR E 400 18.04 -74.35 -23.21
C TYR E 400 17.10 -75.30 -22.49
N GLY E 401 17.24 -75.45 -21.17
CA GLY E 401 16.36 -76.33 -20.42
C GLY E 401 14.94 -75.82 -20.30
N GLN E 402 14.74 -74.52 -20.42
CA GLN E 402 13.41 -73.93 -20.50
C GLN E 402 13.02 -73.90 -21.96
N PHE E 403 12.30 -74.92 -22.40
CA PHE E 403 12.09 -75.15 -23.83
C PHE E 403 11.12 -74.10 -24.37
N SER E 404 11.61 -72.89 -24.48
CA SER E 404 10.88 -71.73 -24.97
C SER E 404 11.72 -71.04 -26.02
N PHE E 405 11.09 -70.16 -26.80
CA PHE E 405 11.84 -69.39 -27.77
C PHE E 405 12.86 -68.50 -27.09
N SER E 406 12.45 -67.80 -26.02
CA SER E 406 13.36 -66.89 -25.34
C SER E 406 14.54 -67.63 -24.74
N GLY E 407 14.30 -68.85 -24.25
CA GLY E 407 15.39 -69.62 -23.69
C GLY E 407 16.39 -70.10 -24.72
N VAL E 408 15.88 -70.63 -25.84
CA VAL E 408 16.79 -71.06 -26.90
C VAL E 408 17.50 -69.86 -27.51
N ALA E 409 16.82 -68.72 -27.59
CA ALA E 409 17.46 -67.50 -28.06
C ALA E 409 18.64 -67.12 -27.17
N VAL E 410 18.41 -67.03 -25.85
CA VAL E 410 19.48 -66.60 -24.96
C VAL E 410 20.59 -67.64 -24.91
N TYR E 411 20.28 -68.91 -25.13
CA TYR E 411 21.33 -69.92 -25.21
C TYR E 411 22.26 -69.65 -26.38
N ILE E 412 21.70 -69.33 -27.55
CA ILE E 412 22.51 -68.99 -28.70
C ILE E 412 23.29 -67.70 -28.45
N ILE E 413 22.62 -66.68 -27.91
CA ILE E 413 23.29 -65.41 -27.65
C ILE E 413 24.40 -65.59 -26.63
N ALA E 414 24.11 -66.30 -25.53
CA ALA E 414 25.11 -66.45 -24.48
C ALA E 414 26.27 -67.31 -24.94
N THR E 415 26.01 -68.32 -25.77
CA THR E 415 27.09 -69.15 -26.29
C THR E 415 28.03 -68.35 -27.18
N ILE E 416 27.48 -67.47 -28.02
CA ILE E 416 28.32 -66.56 -28.79
C ILE E 416 29.10 -65.65 -27.86
N GLY E 417 28.44 -65.11 -26.83
CA GLY E 417 29.14 -64.30 -25.86
C GLY E 417 30.25 -65.05 -25.14
N ALA E 418 30.10 -66.37 -25.00
CA ALA E 418 31.16 -67.17 -24.41
C ALA E 418 32.34 -67.31 -25.36
N ILE E 419 32.08 -67.30 -26.67
CA ILE E 419 33.15 -67.45 -27.66
C ILE E 419 34.13 -66.29 -27.56
N PHE E 420 33.58 -65.09 -27.39
CA PHE E 420 34.40 -63.86 -27.33
C PHE E 420 35.09 -63.77 -25.99
N THR E 421 34.52 -64.40 -24.95
CA THR E 421 35.20 -64.48 -23.67
C THR E 421 36.48 -65.30 -23.79
N THR E 422 36.40 -66.42 -24.51
CA THR E 422 37.59 -67.22 -24.76
C THR E 422 38.61 -66.46 -25.59
N LEU E 423 38.16 -65.59 -26.47
CA LEU E 423 39.08 -64.81 -27.32
C LEU E 423 39.85 -63.81 -26.45
N TYR E 424 39.17 -63.01 -25.62
CA TYR E 424 39.91 -62.02 -24.84
C TYR E 424 40.63 -62.63 -23.64
N SER E 425 40.33 -63.88 -23.29
CA SER E 425 41.13 -64.55 -22.28
C SER E 425 42.48 -64.97 -22.84
N VAL E 426 42.49 -65.44 -24.10
CA VAL E 426 43.76 -65.71 -24.78
C VAL E 426 44.54 -64.41 -24.95
N LYS E 427 43.89 -63.37 -25.45
CA LYS E 427 44.57 -62.07 -25.63
C LYS E 427 45.30 -61.68 -24.33
N VAL E 428 44.65 -61.71 -23.19
CA VAL E 428 45.31 -61.29 -21.95
C VAL E 428 46.50 -62.19 -21.65
N LEU E 429 46.30 -63.50 -21.71
CA LEU E 429 47.35 -64.42 -21.32
C LEU E 429 48.46 -64.52 -22.36
N TYR E 430 48.17 -64.24 -23.63
CA TYR E 430 49.21 -64.31 -24.64
C TYR E 430 50.05 -63.04 -24.68
N LEU E 431 49.39 -61.89 -24.76
CA LEU E 431 50.12 -60.60 -24.94
C LEU E 431 50.85 -60.18 -23.66
N THR E 432 50.47 -60.69 -22.50
CA THR E 432 51.14 -60.21 -21.26
C THR E 432 52.27 -61.17 -20.89
N PHE E 433 52.12 -62.46 -21.22
CA PHE E 433 53.13 -63.43 -20.81
C PHE E 433 53.76 -64.22 -21.93
N LEU E 434 53.05 -64.49 -23.02
CA LEU E 434 53.52 -65.49 -23.96
C LEU E 434 54.07 -64.94 -25.26
N SER E 435 53.77 -63.67 -25.56
CA SER E 435 54.22 -63.05 -26.83
C SER E 435 55.65 -62.51 -26.70
N ASN E 436 56.28 -62.20 -27.83
CA ASN E 436 57.58 -61.56 -27.81
C ASN E 436 57.50 -60.25 -27.04
N PRO E 437 58.60 -59.84 -26.35
CA PRO E 437 58.57 -58.63 -25.54
C PRO E 437 58.25 -57.41 -26.40
N ASN E 438 57.27 -56.63 -25.99
CA ASN E 438 56.81 -55.47 -26.79
C ASN E 438 57.10 -54.18 -26.01
N GLY E 439 57.81 -54.30 -24.89
CA GLY E 439 58.08 -53.12 -24.06
C GLY E 439 59.57 -52.86 -23.89
N PRO E 440 60.03 -51.81 -23.15
CA PRO E 440 61.46 -51.49 -23.12
C PRO E 440 62.27 -52.59 -22.46
N ARG E 441 63.57 -52.63 -22.80
CA ARG E 441 64.46 -53.63 -22.22
C ARG E 441 64.55 -53.54 -20.71
N THR E 442 64.18 -52.40 -20.12
CA THR E 442 64.33 -52.22 -18.69
C THR E 442 63.56 -53.26 -17.90
N TYR E 443 62.39 -53.70 -18.39
CA TYR E 443 61.69 -54.77 -17.71
C TYR E 443 62.38 -56.12 -17.89
N TYR E 444 63.26 -56.24 -18.88
CA TYR E 444 63.82 -57.57 -19.22
C TYR E 444 65.35 -57.63 -19.12
N ARG E 445 66.00 -56.61 -18.57
CA ARG E 445 67.46 -56.60 -18.48
C ARG E 445 67.87 -57.11 -17.11
N LEU E 446 68.49 -58.29 -17.06
CA LEU E 446 68.88 -58.91 -15.81
C LEU E 446 70.31 -58.53 -15.46
N ALA E 447 70.78 -59.02 -14.31
CA ALA E 447 72.18 -58.87 -13.93
C ALA E 447 73.04 -60.06 -14.33
N ILE E 448 72.41 -61.14 -14.79
CA ILE E 448 73.17 -62.32 -15.26
C ILE E 448 73.93 -61.90 -16.51
N ASP E 449 73.39 -60.91 -17.24
CA ASP E 449 74.10 -60.35 -18.42
C ASP E 449 74.58 -58.96 -18.02
N ASN E 450 75.85 -58.64 -18.28
CA ASN E 450 76.37 -57.33 -17.78
C ASN E 450 76.13 -56.25 -18.83
N PHE E 451 75.22 -55.31 -18.54
CA PHE E 451 74.99 -54.17 -19.46
C PHE E 451 75.73 -52.96 -18.90
N PHE E 452 76.34 -53.08 -17.71
CA PHE E 452 76.96 -51.90 -17.08
C PHE E 452 78.34 -52.22 -16.50
N SER E 453 79.09 -51.18 -16.10
CA SER E 453 80.41 -51.34 -15.51
C SER E 453 80.50 -50.69 -14.13
N ALA E 454 80.21 -49.39 -14.02
CA ALA E 454 80.34 -48.66 -12.77
C ALA E 454 79.03 -48.50 -12.02
N GLN E 455 77.93 -49.07 -12.53
CA GLN E 455 76.63 -48.96 -11.90
C GLN E 455 76.00 -50.33 -11.68
N ALA E 456 76.83 -51.36 -11.49
CA ALA E 456 76.32 -52.70 -11.29
C ALA E 456 75.56 -52.85 -9.98
N ILE E 457 75.77 -51.94 -9.02
CA ILE E 457 75.12 -52.06 -7.73
C ILE E 457 73.62 -51.86 -7.86
N LYS E 458 73.19 -50.94 -8.73
CA LYS E 458 71.77 -50.66 -8.89
C LYS E 458 71.38 -50.60 -10.36
N SER E 459 70.16 -50.13 -10.63
CA SER E 459 69.70 -49.83 -11.99
C SER E 459 69.67 -51.08 -12.87
N TYR E 460 68.87 -52.06 -12.47
CA TYR E 460 68.41 -53.11 -13.37
C TYR E 460 66.89 -53.21 -13.46
N LYS E 461 66.21 -53.19 -12.33
CA LYS E 461 64.72 -53.19 -12.29
C LYS E 461 64.08 -54.17 -13.28
N PRO E 462 64.35 -55.49 -13.24
CA PRO E 462 63.79 -56.40 -14.23
C PRO E 462 62.47 -57.13 -13.93
N ALA E 463 61.36 -56.41 -13.77
CA ALA E 463 60.01 -57.02 -13.58
C ALA E 463 59.95 -58.20 -12.62
N HIS E 464 60.24 -57.99 -11.34
CA HIS E 464 60.23 -59.08 -10.34
C HIS E 464 58.85 -59.24 -9.71
N GLU E 465 58.57 -60.40 -9.11
CA GLU E 465 57.30 -60.63 -8.38
C GLU E 465 57.34 -59.87 -7.05
N GLY E 466 56.19 -59.58 -6.46
CA GLY E 466 56.13 -58.79 -5.21
C GLY E 466 56.46 -59.57 -3.95
N ASP E 467 56.01 -59.08 -2.79
CA ASP E 467 56.36 -59.68 -1.51
C ASP E 467 55.22 -60.53 -0.96
N PHE E 468 55.34 -60.92 0.30
CA PHE E 468 54.41 -61.86 0.92
C PHE E 468 53.00 -61.29 1.01
N PHE E 469 52.87 -60.03 1.40
CA PHE E 469 51.55 -59.42 1.47
C PHE E 469 50.91 -59.31 0.10
N LEU E 470 51.66 -59.50 -0.97
CA LEU E 470 51.02 -59.47 -2.31
C LEU E 470 50.66 -60.90 -2.74
N THR E 471 51.63 -61.82 -2.69
CA THR E 471 51.40 -63.21 -3.18
C THR E 471 50.38 -63.99 -2.34
N LEU E 472 50.41 -63.83 -1.01
CA LEU E 472 49.51 -64.63 -0.14
C LEU E 472 48.06 -64.55 -0.65
N PRO E 473 47.38 -63.38 -0.81
CA PRO E 473 46.02 -63.39 -1.36
C PRO E 473 45.90 -64.19 -2.65
N LEU E 474 46.90 -64.09 -3.54
CA LEU E 474 46.80 -64.74 -4.84
C LEU E 474 46.77 -66.26 -4.70
N VAL E 475 47.55 -66.80 -3.78
CA VAL E 475 47.58 -68.26 -3.59
C VAL E 475 46.24 -68.74 -3.04
N ILE E 476 45.71 -68.04 -2.04
CA ILE E 476 44.44 -68.45 -1.43
C ILE E 476 43.32 -68.45 -2.46
N LEU E 477 43.19 -67.34 -3.20
CA LEU E 477 42.14 -67.24 -4.20
C LEU E 477 42.30 -68.26 -5.32
N ALA E 478 43.53 -68.71 -5.56
CA ALA E 478 43.74 -69.80 -6.52
C ALA E 478 43.11 -71.09 -6.04
N LEU E 479 43.26 -71.42 -4.76
CA LEU E 479 42.68 -72.64 -4.23
C LEU E 479 41.15 -72.59 -4.28
N PHE E 480 40.57 -71.43 -4.01
CA PHE E 480 39.13 -71.26 -4.19
C PHE E 480 38.74 -71.47 -5.65
N SER E 481 39.50 -70.90 -6.58
CA SER E 481 39.17 -70.95 -8.00
C SER E 481 39.24 -72.36 -8.56
N ILE E 482 39.84 -73.31 -7.85
CA ILE E 482 39.95 -74.67 -8.32
C ILE E 482 38.89 -75.57 -7.69
N PHE E 483 38.56 -75.35 -6.40
CA PHE E 483 37.82 -76.33 -5.63
C PHE E 483 36.50 -75.85 -5.07
N PHE E 484 36.28 -74.54 -4.96
CA PHE E 484 35.11 -74.06 -4.23
C PHE E 484 33.82 -74.46 -4.92
N GLY E 485 33.82 -74.55 -6.25
CA GLY E 485 32.61 -74.94 -6.96
C GLY E 485 32.20 -76.36 -6.63
N PHE E 486 33.16 -77.29 -6.65
CA PHE E 486 32.84 -78.68 -6.35
C PHE E 486 32.35 -78.84 -4.91
N ILE E 487 33.00 -78.16 -3.97
CA ILE E 487 32.74 -78.41 -2.56
C ILE E 487 31.41 -77.83 -2.12
N THR E 488 30.81 -76.97 -2.93
CA THR E 488 29.56 -76.30 -2.60
C THR E 488 28.47 -76.51 -3.63
N LYS E 489 28.71 -77.45 -4.58
CA LYS E 489 27.73 -77.65 -5.69
C LYS E 489 26.38 -78.12 -5.13
N ASP E 490 26.36 -78.89 -4.06
CA ASP E 490 25.14 -79.40 -3.46
C ASP E 490 24.37 -78.34 -2.71
N ILE E 491 25.06 -77.44 -2.02
CA ILE E 491 24.40 -76.38 -1.27
C ILE E 491 23.60 -75.48 -2.19
N PHE E 492 24.02 -75.35 -3.45
CA PHE E 492 23.41 -74.42 -4.39
C PHE E 492 22.69 -75.12 -5.53
N ILE E 493 23.35 -75.99 -6.27
CA ILE E 493 22.70 -76.68 -7.38
C ILE E 493 21.75 -77.72 -6.84
N GLY E 494 22.29 -78.74 -6.18
CA GLY E 494 21.49 -79.82 -5.64
C GLY E 494 20.53 -80.45 -6.62
N LEU E 495 19.57 -81.18 -6.11
CA LEU E 495 18.42 -81.53 -6.95
C LEU E 495 17.11 -81.24 -6.24
N GLY E 496 17.04 -81.48 -4.93
CA GLY E 496 15.91 -81.07 -4.15
C GLY E 496 16.41 -80.43 -2.87
N SER E 497 17.55 -79.74 -2.98
CA SER E 497 18.24 -79.23 -1.82
C SER E 497 17.37 -78.26 -1.04
N ASN E 498 17.49 -78.31 0.28
CA ASN E 498 16.66 -77.51 1.18
C ASN E 498 17.48 -76.44 1.90
N PHE E 499 18.50 -75.90 1.24
CA PHE E 499 19.33 -74.89 1.89
C PHE E 499 18.61 -73.54 1.97
N PHE E 500 17.78 -73.24 0.99
CA PHE E 500 17.07 -71.96 0.92
C PHE E 500 15.57 -72.17 1.14
N VAL E 501 15.23 -73.05 2.08
CA VAL E 501 13.85 -73.45 2.31
C VAL E 501 13.26 -72.61 3.43
N ASP E 502 13.91 -71.48 3.71
CA ASP E 502 13.35 -70.49 4.67
C ASP E 502 12.79 -69.35 3.81
N ASN E 503 12.42 -69.65 2.56
CA ASN E 503 11.83 -68.64 1.62
C ASN E 503 12.82 -67.51 1.34
N SER E 504 14.11 -67.81 1.33
CA SER E 504 15.08 -66.76 0.98
C SER E 504 15.16 -66.73 -0.55
N LEU E 505 14.96 -67.88 -1.18
CA LEU E 505 14.96 -67.95 -2.65
C LEU E 505 13.73 -68.74 -3.06
N PHE E 506 12.64 -68.04 -3.33
CA PHE E 506 11.36 -68.67 -3.64
C PHE E 506 11.25 -68.90 -5.15
N ILE E 507 11.15 -70.17 -5.53
CA ILE E 507 10.83 -70.57 -6.89
C ILE E 507 9.40 -71.09 -6.92
N HIS E 508 8.60 -70.57 -7.83
CA HIS E 508 7.23 -71.03 -7.94
C HIS E 508 7.15 -72.29 -8.78
N PRO E 509 6.47 -73.38 -8.32
CA PRO E 509 6.44 -74.65 -9.05
C PRO E 509 6.21 -74.51 -10.56
N ILE E 510 5.55 -73.43 -10.97
CA ILE E 510 5.31 -73.17 -12.43
C ILE E 510 6.65 -72.92 -13.14
N HIS E 511 7.58 -72.23 -12.48
CA HIS E 511 8.85 -71.82 -13.14
C HIS E 511 9.99 -72.85 -12.97
N GLU E 512 9.75 -73.98 -12.32
CA GLU E 512 10.84 -74.95 -12.06
C GLU E 512 11.29 -75.59 -13.39
N ILE E 513 12.59 -75.53 -13.71
CA ILE E 513 13.08 -76.17 -14.94
C ILE E 513 14.24 -77.09 -14.61
N MET E 514 14.46 -77.33 -13.31
CA MET E 514 15.64 -78.07 -12.88
C MET E 514 15.64 -79.49 -13.41
N ILE E 515 14.50 -80.16 -13.37
CA ILE E 515 14.44 -81.57 -13.73
C ILE E 515 14.65 -81.76 -15.22
N ASP E 516 14.10 -80.86 -16.04
CA ASP E 516 14.35 -80.92 -17.48
C ASP E 516 15.81 -80.58 -17.79
N THR E 517 16.38 -79.62 -17.07
CA THR E 517 17.79 -79.30 -17.29
C THR E 517 18.69 -80.47 -16.96
N GLU E 518 18.26 -81.33 -16.03
CA GLU E 518 19.04 -82.51 -15.69
C GLU E 518 18.90 -83.61 -16.74
N PHE E 519 17.73 -83.71 -17.37
CA PHE E 519 17.41 -84.87 -18.21
C PHE E 519 17.05 -84.51 -19.64
N ALA E 520 16.32 -83.42 -19.86
CA ALA E 520 15.80 -83.11 -21.18
C ALA E 520 16.88 -82.61 -22.13
N VAL E 521 17.78 -81.76 -21.63
CA VAL E 521 18.74 -81.09 -22.51
C VAL E 521 19.64 -82.14 -23.15
N PRO E 522 19.83 -82.10 -24.47
CA PRO E 522 20.68 -83.10 -25.12
C PRO E 522 22.14 -82.93 -24.74
N VAL E 523 22.90 -84.01 -24.91
CA VAL E 523 24.31 -83.99 -24.54
C VAL E 523 25.10 -83.05 -25.43
N LEU E 524 24.65 -82.85 -26.67
CA LEU E 524 25.39 -81.97 -27.58
C LEU E 524 25.40 -80.54 -27.06
N PHE E 525 24.22 -80.01 -26.74
CA PHE E 525 24.15 -78.66 -26.19
C PHE E 525 24.76 -78.59 -24.80
N LYS E 526 24.70 -79.70 -24.05
CA LYS E 526 25.35 -79.73 -22.75
C LYS E 526 26.87 -79.63 -22.89
N LEU E 527 27.43 -80.28 -23.90
CA LEU E 527 28.86 -80.25 -24.14
C LEU E 527 29.29 -79.15 -25.09
N LEU E 528 28.33 -78.48 -25.76
CA LEU E 528 28.69 -77.53 -26.81
C LEU E 528 29.62 -76.41 -26.35
N PRO E 529 29.41 -75.75 -25.21
CA PRO E 529 30.36 -74.70 -24.82
C PRO E 529 31.79 -75.18 -24.67
N PHE E 530 32.01 -76.43 -24.29
CA PHE E 530 33.37 -76.93 -24.09
C PHE E 530 34.13 -76.98 -25.41
N ILE E 531 33.52 -77.56 -26.45
CA ILE E 531 34.22 -77.65 -27.74
C ILE E 531 34.55 -76.27 -28.27
N PHE E 532 33.62 -75.32 -28.09
CA PHE E 532 33.86 -73.96 -28.58
C PHE E 532 35.07 -73.33 -27.89
N THR E 533 35.19 -73.51 -26.58
CA THR E 533 36.33 -72.95 -25.86
C THR E 533 37.63 -73.58 -26.33
N ILE E 534 37.65 -74.92 -26.46
CA ILE E 534 38.88 -75.58 -26.87
C ILE E 534 39.22 -75.28 -28.32
N SER E 535 38.21 -75.13 -29.19
CA SER E 535 38.49 -74.86 -30.59
C SER E 535 38.91 -73.42 -30.81
N PHE E 536 38.27 -72.48 -30.11
CA PHE E 536 38.61 -71.06 -30.40
C PHE E 536 39.95 -70.74 -29.77
N SER E 537 40.22 -71.31 -28.61
CA SER E 537 41.46 -70.99 -27.93
C SER E 537 42.66 -71.31 -28.82
N VAL E 538 42.63 -72.45 -29.48
CA VAL E 538 43.74 -72.82 -30.35
C VAL E 538 43.74 -71.96 -31.62
N ILE E 539 42.55 -71.63 -32.13
CA ILE E 539 42.48 -70.79 -33.32
C ILE E 539 43.02 -69.41 -33.03
N ALA E 540 42.74 -68.88 -31.83
CA ALA E 540 43.19 -67.49 -31.57
C ALA E 540 44.67 -67.52 -31.24
N LEU E 541 45.16 -68.61 -30.65
CA LEU E 541 46.61 -68.73 -30.36
C LEU E 541 47.41 -68.72 -31.67
N THR E 542 46.97 -69.49 -32.67
CA THR E 542 47.67 -69.51 -33.99
C THR E 542 47.59 -68.14 -34.65
N LEU E 543 46.44 -67.48 -34.60
CA LEU E 543 46.28 -66.18 -35.28
C LEU E 543 47.04 -65.09 -34.52
N SER E 544 47.46 -65.39 -33.29
CA SER E 544 48.22 -64.41 -32.48
C SER E 544 49.70 -64.77 -32.50
N GLU E 545 50.03 -66.05 -32.66
CA GLU E 545 51.43 -66.45 -32.62
C GLU E 545 51.92 -66.94 -33.97
N LEU E 546 51.28 -67.95 -34.54
CA LEU E 546 51.78 -68.53 -35.79
C LEU E 546 51.47 -67.64 -36.98
N LEU E 547 50.22 -67.25 -37.15
CA LEU E 547 49.78 -66.48 -38.32
C LEU E 547 49.35 -65.12 -37.81
N SER E 548 50.32 -64.22 -37.63
CA SER E 548 50.03 -62.89 -37.12
C SER E 548 49.68 -61.89 -38.20
N GLU E 549 49.87 -62.24 -39.47
CA GLU E 549 49.59 -61.30 -40.55
C GLU E 549 48.10 -61.08 -40.76
N LEU E 550 47.29 -62.13 -40.53
CA LEU E 550 45.89 -62.09 -40.91
C LEU E 550 45.13 -61.00 -40.16
N VAL E 551 45.49 -60.78 -38.90
CA VAL E 551 44.69 -59.78 -38.15
C VAL E 551 45.11 -58.41 -38.66
N ILE E 552 46.38 -58.27 -39.05
CA ILE E 552 46.80 -57.01 -39.65
C ILE E 552 46.04 -56.76 -40.94
N TYR E 553 45.77 -57.82 -41.70
CA TYR E 553 44.97 -57.67 -42.91
C TYR E 553 43.57 -57.20 -42.58
N PHE E 554 43.00 -57.68 -41.48
CA PHE E 554 41.61 -57.32 -41.12
C PHE E 554 41.52 -55.85 -40.71
N LYS E 555 42.42 -55.40 -39.84
CA LYS E 555 42.28 -54.03 -39.32
C LYS E 555 42.70 -52.99 -40.36
N PHE E 556 43.46 -53.42 -41.38
CA PHE E 556 43.92 -52.50 -42.46
C PHE E 556 42.93 -52.52 -43.62
N SER E 557 41.86 -53.31 -43.52
CA SER E 557 40.77 -53.23 -44.47
C SER E 557 39.76 -52.22 -43.94
N ARG E 558 39.08 -51.52 -44.85
CA ARG E 558 38.15 -50.49 -44.39
C ARG E 558 36.97 -51.12 -43.66
N PHE E 559 36.62 -52.35 -44.02
CA PHE E 559 35.56 -53.05 -43.29
C PHE E 559 35.98 -53.33 -41.85
N GLY E 560 37.16 -53.92 -41.67
CA GLY E 560 37.65 -54.22 -40.35
C GLY E 560 38.12 -53.01 -39.58
N TYR E 561 38.48 -51.93 -40.27
CA TYR E 561 38.81 -50.69 -39.58
C TYR E 561 37.60 -50.16 -38.83
N ASN E 562 36.42 -50.25 -39.44
CA ASN E 562 35.22 -49.76 -38.80
C ASN E 562 34.74 -50.72 -37.72
N ILE E 563 34.98 -52.00 -37.90
CA ILE E 563 34.50 -53.03 -36.94
C ILE E 563 35.40 -52.99 -35.71
N PHE E 564 36.68 -52.64 -35.90
CA PHE E 564 37.62 -52.65 -34.77
C PHE E 564 37.35 -51.39 -33.96
N GLY E 565 37.10 -50.27 -34.64
CA GLY E 565 36.84 -49.05 -33.91
C GLY E 565 35.46 -48.99 -33.30
N PHE E 566 34.51 -49.74 -33.86
CA PHE E 566 33.17 -49.78 -33.30
C PHE E 566 33.17 -50.44 -31.93
N PHE E 567 33.95 -51.52 -31.79
CA PHE E 567 33.89 -52.29 -30.53
C PHE E 567 34.91 -51.70 -29.56
N ASN E 568 35.93 -51.06 -30.09
CA ASN E 568 36.88 -50.39 -29.21
C ASN E 568 36.23 -49.19 -28.55
N GLN E 569 35.36 -48.50 -29.26
CA GLN E 569 34.66 -47.34 -28.75
C GLN E 569 33.38 -47.71 -28.03
N ARG E 570 33.23 -48.98 -27.69
CA ARG E 570 32.23 -49.45 -26.74
C ARG E 570 30.81 -49.21 -27.25
N PHE E 571 30.58 -49.53 -28.52
CA PHE E 571 29.30 -49.36 -29.21
C PHE E 571 28.91 -47.90 -29.36
N LEU E 572 29.87 -46.98 -29.17
CA LEU E 572 29.64 -45.53 -29.23
C LEU E 572 28.61 -45.06 -28.23
N ILE E 573 28.36 -45.83 -27.17
CA ILE E 573 27.36 -45.45 -26.17
C ILE E 573 27.85 -44.25 -25.38
N GLU E 574 29.14 -44.18 -25.09
CA GLU E 574 29.71 -43.00 -24.45
C GLU E 574 29.54 -41.78 -25.34
N PHE E 575 29.77 -41.95 -26.64
CA PHE E 575 29.66 -40.85 -27.59
C PHE E 575 28.28 -40.21 -27.56
N PHE E 576 27.23 -41.03 -27.68
CA PHE E 576 25.87 -40.50 -27.73
C PHE E 576 25.37 -40.05 -26.37
N TYR E 577 25.99 -40.49 -25.28
CA TYR E 577 25.56 -40.04 -23.97
C TYR E 577 26.05 -38.63 -23.68
N ASN E 578 27.34 -38.35 -23.93
CA ASN E 578 27.84 -36.99 -23.74
C ASN E 578 27.19 -36.02 -24.70
N LYS E 579 26.99 -36.42 -25.96
CA LYS E 579 26.57 -35.43 -26.94
C LYS E 579 25.08 -35.10 -26.85
N TYR E 580 24.25 -36.09 -26.52
CA TYR E 580 22.81 -35.92 -26.61
C TYR E 580 22.08 -35.98 -25.27
N ILE E 581 22.71 -36.45 -24.22
CA ILE E 581 22.13 -36.46 -22.87
C ILE E 581 22.88 -35.52 -21.95
N THR E 582 24.19 -35.70 -21.82
CA THR E 582 24.95 -34.90 -20.86
C THR E 582 25.07 -33.46 -21.33
N ASN E 583 25.47 -33.24 -22.58
CA ASN E 583 25.59 -31.87 -23.08
C ASN E 583 24.24 -31.21 -23.25
N LEU E 584 23.20 -32.00 -23.55
CA LEU E 584 21.86 -31.44 -23.68
C LEU E 584 21.39 -30.84 -22.37
N ILE E 585 21.72 -31.49 -21.25
CA ILE E 585 21.32 -30.97 -19.95
C ILE E 585 22.10 -29.69 -19.61
N LEU E 586 23.35 -29.61 -20.05
CA LEU E 586 24.14 -28.42 -19.76
C LEU E 586 23.73 -27.25 -20.65
N ASN E 587 23.28 -27.51 -21.87
CA ASN E 587 22.68 -26.46 -22.68
C ASN E 587 21.36 -25.98 -22.07
N LEU E 588 20.53 -26.91 -21.59
CA LEU E 588 19.26 -26.52 -21.01
C LEU E 588 19.45 -25.64 -19.77
N GLY E 589 20.46 -25.95 -18.96
CA GLY E 589 20.77 -25.11 -17.83
C GLY E 589 21.19 -23.72 -18.24
N GLY E 590 22.01 -23.63 -19.31
CA GLY E 590 22.44 -22.33 -19.79
C GLY E 590 21.31 -21.50 -20.35
N GLN E 591 20.41 -22.13 -21.11
CA GLN E 591 19.29 -21.40 -21.70
C GLN E 591 18.34 -20.86 -20.64
N ILE E 592 18.09 -21.64 -19.59
CA ILE E 592 17.27 -21.15 -18.49
C ILE E 592 17.98 -20.00 -17.78
N THR E 593 19.28 -20.14 -17.54
CA THR E 593 20.01 -19.08 -16.85
C THR E 593 20.15 -17.84 -17.71
N LYS E 594 20.51 -18.01 -18.99
CA LYS E 594 20.79 -16.86 -19.83
C LYS E 594 19.51 -16.20 -20.34
N ILE E 595 18.60 -16.99 -20.92
CA ILE E 595 17.46 -16.39 -21.60
C ILE E 595 16.25 -16.20 -20.68
N LEU E 596 16.15 -16.98 -19.61
CA LEU E 596 14.92 -16.83 -18.79
C LEU E 596 15.26 -16.11 -17.50
N ASP E 597 16.09 -16.69 -16.64
CA ASP E 597 16.35 -16.10 -15.30
C ASP E 597 16.97 -14.72 -15.41
N LYS E 598 17.96 -14.57 -16.31
CA LYS E 598 18.69 -13.29 -16.47
C LYS E 598 18.11 -12.61 -17.70
N GLY E 599 17.07 -13.20 -18.29
CA GLY E 599 16.50 -12.62 -19.48
C GLY E 599 15.09 -12.10 -19.32
N SER E 600 14.14 -12.91 -19.77
CA SER E 600 12.75 -12.47 -19.85
C SER E 600 12.09 -12.38 -18.49
N ILE E 601 12.64 -13.04 -17.49
CA ILE E 601 11.97 -13.03 -16.17
C ILE E 601 12.28 -11.65 -15.56
N GLU E 602 13.43 -11.09 -15.88
CA GLU E 602 13.74 -9.76 -15.37
C GLU E 602 13.19 -8.66 -16.28
N LEU E 603 13.06 -8.95 -17.57
CA LEU E 603 12.45 -7.99 -18.54
C LEU E 603 10.93 -7.93 -18.31
N PHE E 604 10.26 -9.08 -18.30
CA PHE E 604 8.82 -9.05 -17.95
C PHE E 604 8.75 -9.18 -16.43
N GLY E 605 9.44 -8.28 -15.75
CA GLY E 605 9.38 -8.28 -14.28
C GLY E 605 10.02 -7.06 -13.66
N PRO E 606 10.90 -7.18 -12.63
CA PRO E 606 11.39 -6.01 -11.90
C PRO E 606 12.17 -5.03 -12.77
N TYR E 607 13.02 -5.53 -13.68
CA TYR E 607 13.85 -4.63 -14.45
C TYR E 607 13.05 -3.90 -15.52
N GLY E 608 12.05 -4.55 -16.09
CA GLY E 608 11.19 -3.92 -17.10
C GLY E 608 10.17 -2.99 -16.49
N LEU E 609 9.86 -3.19 -15.21
CA LEU E 609 8.92 -2.32 -14.48
C LEU E 609 9.73 -1.12 -14.01
N GLU E 610 11.00 -1.36 -13.67
CA GLU E 610 11.87 -0.26 -13.28
C GLU E 610 12.07 0.73 -14.42
N ARG E 611 12.53 0.21 -15.56
CA ARG E 611 12.89 1.09 -16.69
C ARG E 611 11.63 1.63 -17.35
N GLY E 612 10.52 0.92 -17.26
CA GLY E 612 9.26 1.43 -17.80
C GLY E 612 8.70 2.55 -16.94
N LEU E 613 8.67 2.37 -15.62
CA LEU E 613 8.06 3.35 -14.74
C LEU E 613 8.91 4.61 -14.62
N VAL E 614 10.23 4.47 -14.60
CA VAL E 614 11.10 5.64 -14.50
C VAL E 614 10.93 6.52 -15.73
N LYS E 615 10.74 5.90 -16.90
CA LYS E 615 10.46 6.66 -18.10
C LYS E 615 9.12 7.37 -17.99
N LEU E 616 8.10 6.66 -17.49
CA LEU E 616 6.79 7.26 -17.34
C LEU E 616 6.80 8.42 -16.36
N SER E 617 7.48 8.25 -15.22
CA SER E 617 7.44 9.25 -14.17
C SER E 617 8.19 10.52 -14.56
N LYS E 618 9.17 10.41 -15.44
CA LYS E 618 9.86 11.60 -15.92
C LYS E 618 8.97 12.42 -16.84
N ASN E 619 8.11 11.75 -17.61
CA ASN E 619 7.22 12.46 -18.52
C ASN E 619 6.13 13.21 -17.77
N ILE E 620 5.48 12.55 -16.81
CA ILE E 620 4.47 13.22 -16.01
C ILE E 620 5.10 14.35 -15.21
N SER E 621 6.29 14.12 -14.68
CA SER E 621 6.98 15.15 -13.92
C SER E 621 7.38 16.33 -14.79
N SER E 622 7.43 16.15 -16.10
CA SER E 622 7.72 17.24 -17.02
C SER E 622 6.49 18.05 -17.39
N LEU E 623 5.31 17.66 -16.89
CA LEU E 623 4.13 18.50 -17.06
C LEU E 623 4.11 19.66 -16.07
N SER E 624 4.96 19.60 -15.05
CA SER E 624 4.93 20.57 -13.95
C SER E 624 6.00 21.63 -14.19
N THR E 625 5.61 22.72 -14.83
CA THR E 625 6.55 23.76 -15.22
C THR E 625 6.50 24.98 -14.31
N SER E 626 5.74 24.90 -13.21
CA SER E 626 5.58 25.99 -12.26
C SER E 626 5.11 27.28 -12.93
N HIS E 627 4.26 27.15 -13.94
CA HIS E 627 3.58 28.29 -14.53
C HIS E 627 2.14 28.28 -14.03
N VAL E 628 1.74 29.38 -13.39
CA VAL E 628 0.38 29.48 -12.90
C VAL E 628 -0.62 29.47 -14.03
N THR E 629 -0.26 30.04 -15.18
CA THR E 629 -1.16 30.03 -16.32
C THR E 629 -1.41 28.61 -16.82
N THR E 630 -0.37 27.78 -16.87
CA THR E 630 -0.58 26.41 -17.33
C THR E 630 -1.21 25.53 -16.26
N TYR E 631 -0.98 25.83 -14.97
CA TYR E 631 -1.62 25.06 -13.92
C TYR E 631 -3.12 25.36 -13.88
N ALA E 632 -3.50 26.61 -14.13
CA ALA E 632 -4.90 26.98 -14.16
C ALA E 632 -5.64 26.24 -15.26
N LEU E 633 -5.00 26.09 -16.42
CA LEU E 633 -5.60 25.34 -17.51
C LEU E 633 -5.83 23.90 -17.13
N TYR E 634 -4.90 23.32 -16.36
CA TYR E 634 -5.05 21.94 -15.92
C TYR E 634 -6.26 21.76 -15.01
N ILE E 635 -6.47 22.72 -14.09
CA ILE E 635 -7.62 22.62 -13.19
C ILE E 635 -8.92 22.66 -13.96
N LEU E 636 -9.02 23.54 -14.95
CA LEU E 636 -10.21 23.57 -15.80
C LEU E 636 -10.38 22.26 -16.55
N VAL E 637 -9.28 21.72 -17.08
CA VAL E 637 -9.35 20.45 -17.80
C VAL E 637 -9.85 19.35 -16.87
N GLY E 638 -9.23 19.22 -15.71
CA GLY E 638 -9.67 18.22 -14.74
C GLY E 638 -11.06 18.49 -14.19
N PHE E 639 -11.50 19.74 -14.23
CA PHE E 639 -12.88 20.06 -13.89
C PHE E 639 -13.85 19.54 -14.93
N ILE E 640 -13.57 19.77 -16.21
CA ILE E 640 -14.49 19.38 -17.27
C ILE E 640 -14.62 17.85 -17.33
N LEU E 641 -13.51 17.14 -17.16
CA LEU E 641 -13.56 15.68 -17.20
C LEU E 641 -14.43 15.12 -16.10
N TYR E 642 -14.44 15.75 -14.93
CA TYR E 642 -15.34 15.32 -13.87
C TYR E 642 -16.79 15.63 -14.23
N LEU E 643 -17.04 16.76 -14.87
CA LEU E 643 -18.38 17.14 -15.26
C LEU E 643 -18.94 16.23 -16.33
N ILE E 644 -18.10 15.87 -17.32
CA ILE E 644 -18.55 14.96 -18.37
C ILE E 644 -18.88 13.59 -17.80
N TYR E 645 -18.02 13.09 -16.92
CA TYR E 645 -18.20 11.74 -16.39
C TYR E 645 -19.48 11.62 -15.57
N ASN E 646 -19.79 12.61 -14.75
CA ASN E 646 -20.94 12.53 -13.82
C ASN E 646 -22.17 13.25 -14.38
N ASN E 647 -22.25 13.43 -15.69
CA ASN E 647 -23.46 14.05 -16.30
C ASN E 647 -23.81 13.29 -17.59
N LEU E 648 -22.83 12.68 -18.23
CA LEU E 648 -23.07 11.90 -19.47
C LEU E 648 -23.37 10.44 -19.10
N LEU E 649 -23.35 10.12 -17.81
CA LEU E 649 -23.67 8.73 -17.34
C LEU E 649 -22.86 7.74 -18.18
N LEU E 650 -21.59 8.07 -18.46
CA LEU E 650 -20.76 7.19 -19.31
C LEU E 650 -20.47 5.89 -18.55
N ASP E 651 -20.26 4.79 -19.28
CA ASP E 651 -19.87 3.53 -18.61
C ASP E 651 -18.55 3.78 -17.90
N TYR E 652 -18.41 3.31 -16.66
CA TYR E 652 -17.18 3.49 -15.91
C TYR E 652 -15.98 2.92 -16.66
N SER E 653 -16.20 1.91 -17.49
CA SER E 653 -15.09 1.33 -18.25
C SER E 653 -14.51 2.35 -19.23
N TYR E 654 -15.34 3.25 -19.76
CA TYR E 654 -14.84 4.29 -20.66
C TYR E 654 -13.80 5.14 -19.97
N LEU E 655 -13.94 5.32 -18.65
CA LEU E 655 -12.94 6.07 -17.90
C LEU E 655 -11.63 5.31 -17.84
N LEU E 656 -11.69 4.02 -17.52
CA LEU E 656 -10.47 3.25 -17.34
C LEU E 656 -9.67 3.18 -18.63
N LEU E 657 -10.35 3.05 -19.78
CA LEU E 657 -9.66 3.17 -21.06
C LEU E 657 -8.94 4.49 -21.19
N ILE E 658 -9.55 5.58 -20.70
CA ILE E 658 -8.91 6.89 -20.78
C ILE E 658 -7.63 6.90 -19.95
N ILE E 659 -7.69 6.36 -18.73
CA ILE E 659 -6.53 6.35 -17.85
C ILE E 659 -5.41 5.50 -18.44
N ILE E 660 -5.76 4.33 -18.98
CA ILE E 660 -4.75 3.47 -19.57
C ILE E 660 -4.18 4.09 -20.83
N LEU E 661 -5.02 4.74 -21.64
CA LEU E 661 -4.50 5.50 -22.76
C LEU E 661 -3.56 6.60 -22.30
N LEU E 662 -4.00 7.39 -21.33
CA LEU E 662 -3.19 8.51 -20.84
C LEU E 662 -1.86 8.03 -20.26
N LEU E 663 -1.90 6.97 -19.45
CA LEU E 663 -0.69 6.47 -18.84
C LEU E 663 0.30 5.95 -19.87
N LEU E 664 -0.21 5.25 -20.89
CA LEU E 664 0.68 4.72 -21.93
C LEU E 664 1.15 5.81 -22.89
N LEU E 665 0.49 6.96 -22.92
CA LEU E 665 0.98 8.06 -23.74
C LEU E 665 2.18 8.74 -23.08
N MET E 666 2.20 8.80 -21.75
CA MET E 666 3.40 9.23 -21.02
C MET E 666 4.47 8.17 -20.99
N MET E 667 4.17 6.94 -21.41
CA MET E 667 5.16 5.84 -21.48
C MET E 667 6.02 6.04 -22.73
N ILE E 668 5.50 6.75 -23.74
CA ILE E 668 6.23 6.99 -24.98
C ILE E 668 6.90 8.35 -24.88
N GLY E 669 8.18 8.40 -25.20
CA GLY E 669 8.94 9.63 -25.15
C GLY E 669 8.71 10.51 -26.37
N GLU E 670 9.32 11.69 -26.32
CA GLU E 670 9.24 12.68 -27.38
C GLU E 670 7.79 13.03 -27.73
N SER F 3 -70.54 39.22 -22.44
CA SER F 3 -70.62 39.12 -23.92
C SER F 3 -69.25 39.46 -24.54
N GLN F 4 -68.78 40.68 -24.33
CA GLN F 4 -67.45 41.11 -24.86
C GLN F 4 -66.35 40.51 -23.98
N ILE F 5 -65.09 40.60 -24.41
CA ILE F 5 -64.00 39.91 -23.65
C ILE F 5 -64.03 40.36 -22.19
N SER F 6 -64.07 39.39 -21.27
CA SER F 6 -64.03 39.73 -19.83
C SER F 6 -62.63 40.21 -19.45
N LEU F 7 -61.60 39.59 -20.00
CA LEU F 7 -60.21 40.04 -19.74
C LEU F 7 -59.92 41.23 -20.64
N LEU F 8 -59.49 42.35 -20.06
CA LEU F 8 -59.19 43.58 -20.84
C LEU F 8 -57.77 44.04 -20.56
N LEU F 9 -57.00 44.36 -21.62
CA LEU F 9 -55.58 44.80 -21.47
C LEU F 9 -55.46 46.28 -21.81
N LEU F 10 -54.88 47.09 -20.92
CA LEU F 10 -54.77 48.57 -21.12
C LEU F 10 -53.34 49.02 -20.82
N LYS F 11 -52.93 50.17 -21.36
CA LYS F 11 -51.58 50.72 -21.02
C LYS F 11 -51.70 51.62 -19.79
N GLU F 12 -50.83 51.40 -18.79
CA GLU F 12 -50.80 52.28 -17.59
C GLU F 12 -50.33 53.69 -17.99
N ILE F 13 -50.76 54.72 -17.27
CA ILE F 13 -50.39 56.09 -17.72
C ILE F 13 -49.38 56.79 -16.80
N TYR F 14 -49.56 56.81 -15.48
CA TYR F 14 -48.60 57.61 -14.64
C TYR F 14 -47.82 56.72 -13.68
N THR F 15 -48.17 55.44 -13.61
CA THR F 15 -47.48 54.46 -12.73
C THR F 15 -46.93 53.39 -13.66
N ASN F 16 -46.38 53.78 -14.81
CA ASN F 16 -46.01 52.82 -15.88
C ASN F 16 -44.60 52.22 -15.76
N GLY F 17 -43.93 52.29 -14.63
CA GLY F 17 -42.65 51.56 -14.47
C GLY F 17 -41.60 51.82 -15.54
N SER F 18 -40.76 50.82 -15.86
CA SER F 18 -39.65 51.01 -16.81
C SER F 18 -39.79 50.00 -17.94
N THR F 19 -38.88 50.02 -18.89
CA THR F 19 -39.03 49.12 -20.06
C THR F 19 -38.09 47.91 -19.91
N HIS F 20 -38.54 46.74 -20.32
CA HIS F 20 -37.73 45.51 -20.27
C HIS F 20 -36.56 45.65 -21.25
N ILE F 21 -36.69 46.51 -22.24
CA ILE F 21 -35.64 46.64 -23.28
C ILE F 21 -34.32 47.05 -22.63
N MET F 22 -34.37 47.97 -21.66
CA MET F 22 -33.11 48.47 -21.05
C MET F 22 -32.27 47.30 -20.53
N LEU F 23 -32.89 46.17 -20.22
CA LEU F 23 -32.17 45.02 -19.68
C LEU F 23 -31.42 44.27 -20.76
N ASP F 24 -32.02 44.19 -21.95
CA ASP F 24 -31.32 43.60 -23.09
C ASP F 24 -30.17 44.48 -23.55
N ILE F 25 -30.32 45.79 -23.41
CA ILE F 25 -29.22 46.71 -23.74
C ILE F 25 -28.08 46.55 -22.73
N LEU F 26 -28.41 46.52 -21.45
CA LEU F 26 -27.37 46.46 -20.43
C LEU F 26 -26.66 45.12 -20.45
N SER F 27 -27.39 44.04 -20.71
CA SER F 27 -26.77 42.72 -20.82
C SER F 27 -25.84 42.64 -22.03
N VAL F 28 -26.26 43.19 -23.17
CA VAL F 28 -25.39 43.20 -24.35
C VAL F 28 -24.14 44.03 -24.08
N LEU F 29 -24.29 45.17 -23.41
CA LEU F 29 -23.14 45.98 -23.06
C LEU F 29 -22.22 45.24 -22.10
N ALA F 30 -22.80 44.54 -21.12
CA ALA F 30 -22.00 43.79 -20.16
C ALA F 30 -21.22 42.68 -20.84
N VAL F 31 -21.84 41.99 -21.80
CA VAL F 31 -21.12 40.95 -22.52
C VAL F 31 -20.01 41.56 -23.36
N ILE F 32 -20.32 42.59 -24.14
CA ILE F 32 -19.34 43.17 -25.06
C ILE F 32 -18.09 43.61 -24.29
N SER F 33 -18.28 44.29 -23.17
CA SER F 33 -17.11 44.72 -22.38
C SER F 33 -16.43 43.53 -21.72
N GLY F 34 -17.17 42.43 -21.52
CA GLY F 34 -16.58 41.25 -20.91
C GLY F 34 -15.52 40.59 -21.78
N ILE F 35 -15.79 40.45 -23.08
CA ILE F 35 -14.76 39.94 -23.98
C ILE F 35 -13.59 40.93 -24.06
N CYS F 36 -13.89 42.22 -24.17
CA CYS F 36 -12.83 43.22 -24.25
C CYS F 36 -11.91 43.19 -23.06
N VAL F 37 -12.37 42.72 -21.91
CA VAL F 37 -11.48 42.56 -20.76
C VAL F 37 -10.42 41.50 -21.07
N ILE F 38 -10.85 40.33 -21.53
CA ILE F 38 -9.96 39.19 -21.66
C ILE F 38 -9.20 39.17 -22.97
N ILE F 39 -9.41 40.14 -23.84
CA ILE F 39 -8.69 40.21 -25.10
C ILE F 39 -7.74 41.40 -25.17
N SER F 40 -7.91 42.41 -24.33
CA SER F 40 -7.10 43.62 -24.43
C SER F 40 -5.65 43.35 -24.08
N LYS F 41 -4.75 43.96 -24.85
CA LYS F 41 -3.33 43.77 -24.63
C LYS F 41 -2.86 44.43 -23.34
N ASN F 42 -3.27 45.65 -23.11
CA ASN F 42 -2.81 46.41 -21.96
C ASN F 42 -3.60 46.00 -20.72
N PRO F 43 -2.93 45.65 -19.62
CA PRO F 43 -3.67 45.41 -18.37
C PRO F 43 -4.43 46.62 -17.88
N ILE F 44 -3.98 47.83 -18.21
CA ILE F 44 -4.71 49.03 -17.85
C ILE F 44 -6.07 49.05 -18.54
N VAL F 45 -6.09 48.76 -19.84
CA VAL F 45 -7.33 48.81 -20.60
C VAL F 45 -8.28 47.72 -20.13
N SER F 46 -7.74 46.56 -19.76
CA SER F 46 -8.58 45.48 -19.24
C SER F 46 -9.28 45.91 -17.95
N VAL F 47 -8.55 46.58 -17.06
CA VAL F 47 -9.15 47.04 -15.81
C VAL F 47 -10.19 48.12 -16.07
N LEU F 48 -9.94 48.99 -17.05
CA LEU F 48 -10.95 49.98 -17.43
C LEU F 48 -12.20 49.33 -18.00
N HIS F 49 -12.02 48.28 -18.81
CA HIS F 49 -13.20 47.54 -19.34
C HIS F 49 -13.86 46.78 -18.18
N LEU F 50 -13.11 46.46 -17.12
CA LEU F 50 -13.72 45.87 -15.95
C LEU F 50 -14.52 46.90 -15.17
N ILE F 51 -14.01 48.12 -15.08
CA ILE F 51 -14.78 49.20 -14.47
C ILE F 51 -16.07 49.44 -15.25
N GLY F 52 -16.00 49.32 -16.58
CA GLY F 52 -17.21 49.44 -17.38
C GLY F 52 -18.19 48.33 -17.10
N LEU F 53 -17.74 47.09 -17.01
CA LEU F 53 -18.62 45.93 -16.73
C LEU F 53 -19.30 46.07 -15.37
N PHE F 54 -18.57 46.45 -14.33
CA PHE F 54 -19.12 46.54 -12.96
C PHE F 54 -20.26 47.54 -12.93
N ALA F 55 -20.21 48.57 -13.76
CA ALA F 55 -21.25 49.62 -13.78
C ALA F 55 -22.47 49.14 -14.57
N TYR F 56 -22.30 48.39 -15.65
CA TYR F 56 -23.46 47.83 -16.37
C TYR F 56 -24.30 46.95 -15.45
N VAL F 57 -23.67 46.06 -14.69
CA VAL F 57 -24.36 45.14 -13.74
C VAL F 57 -25.00 45.95 -12.61
N SER F 58 -24.29 46.98 -12.14
CA SER F 58 -24.83 47.83 -11.04
C SER F 58 -26.10 48.50 -11.51
N PHE F 59 -26.11 49.02 -12.73
CA PHE F 59 -27.30 49.70 -13.29
C PHE F 59 -28.43 48.69 -13.49
N TYR F 60 -28.11 47.48 -13.93
CA TYR F 60 -29.14 46.43 -14.14
C TYR F 60 -29.83 46.16 -12.81
N LEU F 61 -29.06 46.07 -11.73
CA LEU F 61 -29.60 45.81 -10.39
C LEU F 61 -30.44 46.99 -9.90
N ILE F 62 -29.99 48.21 -10.15
CA ILE F 62 -30.74 49.41 -9.66
C ILE F 62 -32.01 49.49 -10.50
N LEU F 63 -31.93 49.12 -11.77
CA LEU F 63 -33.09 49.19 -12.64
C LEU F 63 -34.12 48.11 -12.33
N ILE F 64 -33.74 47.06 -11.61
CA ILE F 64 -34.68 46.03 -11.18
C ILE F 64 -35.02 46.15 -9.70
N GLY F 65 -34.64 47.25 -9.05
CA GLY F 65 -35.08 47.55 -7.71
C GLY F 65 -34.10 47.24 -6.60
N LEU F 66 -32.89 46.81 -6.91
CA LEU F 66 -31.92 46.48 -5.88
C LEU F 66 -30.95 47.66 -5.68
N ASN F 67 -31.52 48.74 -5.15
CA ASN F 67 -30.81 50.00 -5.08
C ASN F 67 -29.59 49.92 -4.16
N PHE F 68 -29.74 49.39 -2.96
CA PHE F 68 -28.61 49.51 -2.00
C PHE F 68 -27.44 48.64 -2.46
N VAL F 69 -27.70 47.41 -2.88
CA VAL F 69 -26.62 46.49 -3.33
C VAL F 69 -25.95 47.02 -4.59
N GLY F 70 -26.69 47.58 -5.54
CA GLY F 70 -26.14 48.17 -6.77
C GLY F 70 -25.28 49.37 -6.47
N LEU F 71 -25.75 50.22 -5.57
CA LEU F 71 -24.94 51.39 -5.12
C LEU F 71 -23.71 50.87 -4.36
N SER F 72 -23.88 49.83 -3.56
CA SER F 72 -22.78 49.22 -2.78
C SER F 72 -21.73 48.69 -3.74
N TYR F 73 -22.19 48.06 -4.83
CA TYR F 73 -21.27 47.54 -5.86
C TYR F 73 -20.51 48.71 -6.46
N LEU F 74 -21.22 49.79 -6.76
CA LEU F 74 -20.58 50.98 -7.38
C LEU F 74 -19.57 51.59 -6.40
N ILE F 75 -19.94 51.75 -5.13
CA ILE F 75 -19.03 52.32 -4.08
C ILE F 75 -17.82 51.41 -3.84
N VAL F 76 -17.99 50.09 -3.85
CA VAL F 76 -16.87 49.18 -3.51
C VAL F 76 -16.04 48.80 -4.74
N TYR F 77 -16.67 48.29 -5.79
CA TYR F 77 -15.88 47.81 -6.95
C TYR F 77 -15.25 48.95 -7.73
N ILE F 78 -16.03 49.99 -8.06
CA ILE F 78 -15.45 51.06 -8.89
C ILE F 78 -14.75 52.04 -7.95
N GLY F 79 -15.34 52.30 -6.80
CA GLY F 79 -14.78 53.29 -5.89
C GLY F 79 -13.50 52.85 -5.26
N ALA F 80 -13.34 51.57 -4.96
CA ALA F 80 -12.17 51.19 -4.17
C ALA F 80 -11.38 50.03 -4.74
N VAL F 81 -12.04 48.97 -5.21
CA VAL F 81 -11.31 47.80 -5.67
C VAL F 81 -10.54 48.12 -6.94
N SER F 82 -11.19 48.79 -7.89
CA SER F 82 -10.54 49.08 -9.16
C SER F 82 -9.50 50.19 -9.01
N ILE F 83 -9.68 51.10 -8.07
CA ILE F 83 -8.68 52.13 -7.82
C ILE F 83 -7.37 51.50 -7.34
N LEU F 84 -7.47 50.53 -6.44
CA LEU F 84 -6.29 49.78 -6.04
C LEU F 84 -5.67 49.05 -7.22
N PHE F 85 -6.49 48.66 -8.20
CA PHE F 85 -5.96 48.02 -9.40
C PHE F 85 -5.27 49.03 -10.32
N LEU F 86 -5.79 50.25 -10.41
CA LEU F 86 -5.09 51.27 -11.19
C LEU F 86 -3.77 51.66 -10.55
N PHE F 87 -3.76 51.80 -9.23
CA PHE F 87 -2.50 52.15 -8.52
C PHE F 87 -1.41 51.15 -8.90
N ILE F 88 -1.61 49.85 -8.65
CA ILE F 88 -0.58 48.85 -8.86
C ILE F 88 -0.20 48.77 -10.34
N LEU F 89 -1.18 48.92 -11.23
CA LEU F 89 -0.90 48.78 -12.64
C LEU F 89 -0.16 50.00 -13.19
N MET F 90 -0.54 51.18 -12.73
CA MET F 90 0.06 52.44 -13.25
C MET F 90 1.43 52.67 -12.60
N LEU F 91 1.94 51.71 -11.83
CA LEU F 91 3.21 51.91 -11.08
C LEU F 91 4.17 50.78 -11.43
N ILE F 92 3.66 49.56 -11.58
CA ILE F 92 4.53 48.48 -12.02
C ILE F 92 5.01 48.73 -13.45
N ASN F 93 6.27 48.38 -13.69
CA ASN F 93 6.82 48.40 -15.05
C ASN F 93 6.22 47.25 -15.84
N ILE F 94 5.40 47.56 -16.82
CA ILE F 94 4.73 46.57 -17.65
C ILE F 94 5.21 46.74 -19.08
N ARG F 95 5.80 45.69 -19.64
CA ARG F 95 6.09 45.63 -21.06
C ARG F 95 4.98 44.82 -21.73
N THR F 96 4.26 45.46 -22.65
CA THR F 96 3.05 44.86 -23.20
C THR F 96 3.33 43.70 -24.13
N SER F 97 4.52 43.66 -24.75
CA SER F 97 4.86 42.55 -25.62
C SER F 97 5.06 41.26 -24.85
N GLU F 98 5.45 41.32 -23.59
CA GLU F 98 5.69 40.13 -22.80
C GLU F 98 4.42 39.55 -22.20
N LEU F 99 3.29 40.22 -22.34
CA LEU F 99 2.02 39.74 -21.82
C LEU F 99 1.11 39.20 -22.92
N GLN F 100 1.54 39.30 -24.18
CA GLN F 100 0.75 38.86 -25.31
C GLN F 100 1.13 37.43 -25.68
N SER F 101 0.13 36.57 -25.84
CA SER F 101 0.33 35.19 -26.25
C SER F 101 -0.48 34.92 -27.52
N ASN F 102 -0.11 33.86 -28.21
CA ASN F 102 -0.77 33.50 -29.47
C ASN F 102 -2.15 32.96 -29.14
N THR F 103 -3.14 33.85 -29.14
CA THR F 103 -4.50 33.46 -28.75
C THR F 103 -5.12 32.48 -29.73
N SER F 104 -4.59 32.40 -30.95
CA SER F 104 -5.22 31.54 -31.97
C SER F 104 -4.94 30.07 -31.63
N ASN F 105 -3.81 29.79 -31.00
CA ASN F 105 -3.44 28.42 -30.59
C ASN F 105 -4.50 27.96 -29.61
N SER F 106 -5.00 28.90 -28.79
CA SER F 106 -5.99 28.56 -27.74
C SER F 106 -7.43 28.62 -28.25
N ILE F 107 -7.65 29.02 -29.51
CA ILE F 107 -9.03 29.18 -30.06
C ILE F 107 -9.83 27.87 -30.13
N PRO F 108 -9.26 26.71 -30.55
CA PRO F 108 -10.02 25.46 -30.54
C PRO F 108 -10.54 25.06 -29.15
N LEU F 109 -9.74 25.25 -28.11
CA LEU F 109 -10.13 24.85 -26.73
C LEU F 109 -11.19 25.81 -26.23
N THR F 110 -11.38 26.92 -26.92
CA THR F 110 -12.33 27.95 -26.45
C THR F 110 -13.70 27.52 -26.96
N ILE F 111 -13.76 26.95 -28.15
CA ILE F 111 -15.04 26.39 -28.61
C ILE F 111 -15.44 25.20 -27.75
N LEU F 112 -14.47 24.34 -27.43
CA LEU F 112 -14.77 23.14 -26.65
C LEU F 112 -15.25 23.50 -25.25
N VAL F 113 -14.49 24.33 -24.53
CA VAL F 113 -14.82 24.61 -23.14
C VAL F 113 -16.12 25.40 -23.05
N GLY F 114 -16.34 26.32 -23.98
CA GLY F 114 -17.56 27.11 -23.95
C GLY F 114 -18.81 26.27 -24.17
N ILE F 115 -18.73 25.30 -25.07
CA ILE F 115 -19.90 24.47 -25.38
C ILE F 115 -20.22 23.55 -24.20
N ILE F 116 -19.20 22.90 -23.64
CA ILE F 116 -19.44 21.91 -22.59
C ILE F 116 -19.91 22.58 -21.31
N ILE F 117 -19.23 23.65 -20.90
CA ILE F 117 -19.59 24.29 -19.63
C ILE F 117 -20.99 24.89 -19.71
N SER F 118 -21.30 25.58 -20.82
CA SER F 118 -22.62 26.16 -20.97
C SER F 118 -23.70 25.10 -21.03
N SER F 119 -23.45 24.00 -21.75
CA SER F 119 -24.48 22.98 -21.92
C SER F 119 -24.80 22.26 -20.62
N PHE F 120 -23.91 22.34 -19.62
CA PHE F 120 -24.20 21.73 -18.34
C PHE F 120 -24.80 22.72 -17.35
N LEU F 121 -24.16 23.88 -17.17
CA LEU F 121 -24.60 24.83 -16.16
C LEU F 121 -26.01 25.36 -16.46
N PHE F 122 -26.37 25.49 -17.74
CA PHE F 122 -27.68 26.09 -18.08
C PHE F 122 -28.81 25.29 -17.44
N LYS F 123 -28.76 23.97 -17.53
CA LYS F 123 -29.87 23.11 -17.02
C LYS F 123 -29.99 23.33 -15.51
N MET F 124 -28.88 23.54 -14.84
CA MET F 124 -28.84 23.70 -13.35
C MET F 124 -29.60 24.92 -12.84
N LEU F 125 -29.79 25.93 -13.60
CA LEU F 125 -30.39 27.19 -13.09
C LEU F 125 -31.87 26.98 -12.76
N PRO F 126 -32.52 27.74 -11.91
CA PRO F 126 -33.97 27.62 -11.66
C PRO F 126 -34.87 28.22 -12.77
N TYR F 127 -36.17 27.94 -12.74
CA TYR F 127 -37.06 28.42 -13.83
C TYR F 127 -37.11 29.95 -13.91
N GLY F 128 -37.18 30.62 -12.77
CA GLY F 128 -37.28 32.10 -12.75
C GLY F 128 -36.07 32.83 -13.28
N VAL F 129 -34.90 32.19 -13.38
CA VAL F 129 -33.75 32.92 -13.98
C VAL F 129 -33.85 32.83 -15.51
N ILE F 130 -34.42 31.73 -16.01
CA ILE F 130 -34.52 31.51 -17.45
C ILE F 130 -35.97 31.70 -17.93
N ILE F 131 -36.81 32.39 -17.16
CA ILE F 131 -38.18 32.62 -17.58
C ILE F 131 -38.26 33.48 -18.84
N SER F 132 -37.25 34.32 -19.08
CA SER F 132 -37.23 35.18 -20.25
C SER F 132 -36.08 34.83 -21.18
N LYS F 164 -46.90 34.18 -31.26
CA LYS F 164 -46.43 33.32 -30.18
C LYS F 164 -46.93 33.82 -28.83
N ASN F 165 -47.72 33.00 -28.14
CA ASN F 165 -48.18 33.38 -26.82
C ASN F 165 -47.01 33.43 -25.85
N ASP F 166 -47.03 34.41 -24.96
CA ASP F 166 -45.97 34.59 -23.97
C ASP F 166 -46.58 34.79 -22.60
N LEU F 167 -45.91 34.27 -21.59
CA LEU F 167 -46.34 34.48 -20.22
C LEU F 167 -46.14 35.93 -19.80
N PHE F 168 -47.06 36.41 -18.97
CA PHE F 168 -46.86 37.76 -18.39
C PHE F 168 -46.89 37.56 -16.88
N PHE F 169 -46.16 38.40 -16.13
CA PHE F 169 -46.12 38.29 -14.66
C PHE F 169 -47.17 39.23 -14.07
N ILE F 170 -48.17 38.68 -13.40
CA ILE F 170 -49.26 39.51 -12.82
C ILE F 170 -48.91 39.91 -11.38
N THR F 171 -49.23 41.15 -11.00
CA THR F 171 -49.03 41.59 -9.60
C THR F 171 -50.25 42.35 -9.11
N SER F 172 -50.57 42.26 -7.83
CA SER F 172 -51.65 43.02 -7.23
C SER F 172 -51.18 43.66 -5.95
N LYS F 173 -52.07 44.37 -5.24
CA LYS F 173 -51.70 45.14 -4.02
C LYS F 173 -52.10 44.41 -2.74
N ILE F 174 -51.41 44.66 -1.61
CA ILE F 174 -51.77 44.07 -0.29
C ILE F 174 -51.79 45.20 0.74
N TRP F 175 -52.52 45.05 1.84
CA TRP F 175 -52.65 46.17 2.81
C TRP F 175 -51.99 45.82 4.14
N ASP F 176 -52.26 44.62 4.66
CA ASP F 176 -51.66 44.17 5.95
C ASP F 176 -50.13 44.08 5.81
N GLY F 177 -49.63 43.64 4.66
CA GLY F 177 -48.18 43.53 4.43
C GLY F 177 -47.55 44.83 3.95
N ALA F 178 -48.32 45.92 3.87
CA ALA F 178 -47.79 47.24 3.48
C ALA F 178 -47.81 48.21 4.66
N LEU F 179 -48.17 47.80 5.87
CA LEU F 179 -48.35 48.77 6.99
C LEU F 179 -47.12 49.64 7.19
N ALA F 180 -45.94 49.02 7.28
CA ALA F 180 -44.69 49.75 7.53
C ALA F 180 -43.62 49.17 6.62
N GLU F 181 -43.75 49.34 5.32
CA GLU F 181 -42.79 48.69 4.39
C GLU F 181 -41.39 49.27 4.61
N ASN F 182 -40.38 48.40 4.53
CA ASN F 182 -39.00 48.85 4.78
C ASN F 182 -38.24 48.85 3.46
N ASN F 183 -37.26 49.73 3.35
CA ASN F 183 -36.35 49.68 2.19
C ASN F 183 -35.49 48.43 2.40
N HIS F 184 -34.88 47.89 1.36
CA HIS F 184 -34.11 46.63 1.52
C HIS F 184 -33.01 46.78 2.55
N ILE F 185 -32.34 47.93 2.64
CA ILE F 185 -31.22 48.15 3.59
C ILE F 185 -31.76 48.05 5.02
N SER F 186 -32.94 48.60 5.27
CA SER F 186 -33.59 48.50 6.59
C SER F 186 -33.94 47.05 6.90
N SER F 187 -34.43 46.31 5.92
CA SER F 187 -34.69 44.87 6.08
C SER F 187 -33.41 44.06 6.30
N ILE F 188 -32.33 44.36 5.57
CA ILE F 188 -31.01 43.68 5.76
C ILE F 188 -30.54 44.05 7.15
N GLY F 189 -30.70 45.30 7.54
CA GLY F 189 -30.30 45.79 8.87
C GLY F 189 -31.06 45.11 9.97
N ASN F 190 -32.35 44.86 9.79
CA ASN F 190 -33.20 44.22 10.82
C ASN F 190 -32.61 42.85 11.17
N ILE F 191 -31.98 42.14 10.25
CA ILE F 191 -31.53 40.75 10.54
C ILE F 191 -30.00 40.65 10.57
N MET F 192 -29.28 41.63 10.03
CA MET F 192 -27.84 41.54 9.85
C MET F 192 -27.08 41.54 11.18
N TYR F 193 -27.63 42.20 12.20
CA TYR F 193 -26.89 42.38 13.46
C TYR F 193 -27.48 41.57 14.60
N THR F 194 -28.49 40.75 14.31
CA THR F 194 -29.16 39.96 15.38
C THR F 194 -29.21 38.47 15.01
N ASN F 195 -30.13 38.08 14.13
CA ASN F 195 -30.34 36.66 13.77
C ASN F 195 -29.12 36.02 13.09
N TYR F 196 -28.46 36.73 12.19
CA TYR F 196 -27.34 36.17 11.41
C TYR F 196 -26.04 36.90 11.80
N ASN F 197 -25.92 37.30 13.06
CA ASN F 197 -24.75 38.12 13.53
C ASN F 197 -23.43 37.35 13.44
N VAL F 198 -23.46 36.01 13.41
CA VAL F 198 -22.22 35.18 13.31
C VAL F 198 -21.51 35.47 11.98
N TRP F 199 -22.26 35.71 10.91
CA TRP F 199 -21.66 36.07 9.60
C TRP F 199 -20.89 37.40 9.72
N LEU F 200 -21.42 38.37 10.46
CA LEU F 200 -20.74 39.67 10.66
C LEU F 200 -19.45 39.43 11.44
N ILE F 201 -19.49 38.59 12.44
CA ILE F 201 -18.30 38.29 13.28
C ILE F 201 -17.21 37.63 12.42
N LEU F 202 -17.60 36.74 11.51
CA LEU F 202 -16.58 35.99 10.74
C LEU F 202 -16.02 36.88 9.64
N ALA F 203 -16.85 37.78 9.12
CA ALA F 203 -16.39 38.72 8.11
C ALA F 203 -15.50 39.80 8.72
N SER F 204 -15.81 40.23 9.93
CA SER F 204 -14.96 41.20 10.61
C SER F 204 -13.57 40.63 10.83
N PHE F 205 -13.47 39.34 11.11
CA PHE F 205 -12.18 38.69 11.26
C PHE F 205 -11.48 38.46 9.93
N ILE F 206 -12.25 38.32 8.85
CA ILE F 206 -11.64 38.21 7.52
C ILE F 206 -11.03 39.55 7.10
N LEU F 207 -11.75 40.64 7.35
CA LEU F 207 -11.20 41.97 7.08
C LEU F 207 -10.01 42.26 7.99
N LEU F 208 -10.08 41.83 9.25
CA LEU F 208 -8.98 42.00 10.18
C LEU F 208 -7.74 41.26 9.70
N LEU F 209 -7.92 40.07 9.12
CA LEU F 209 -6.79 39.32 8.57
C LEU F 209 -6.21 40.01 7.33
N ALA F 210 -7.08 40.54 6.46
CA ALA F 210 -6.60 41.22 5.27
C ALA F 210 -5.88 42.51 5.61
N MET F 211 -6.12 43.06 6.81
CA MET F 211 -5.42 44.25 7.24
C MET F 211 -4.02 43.91 7.77
N VAL F 212 -3.96 43.03 8.77
CA VAL F 212 -2.68 42.65 9.37
C VAL F 212 -1.80 41.94 8.36
N GLY F 213 -2.36 41.00 7.60
CA GLY F 213 -1.56 40.20 6.72
C GLY F 213 -0.97 40.98 5.55
N ALA F 214 -1.73 41.95 5.03
CA ALA F 214 -1.24 42.67 3.84
C ALA F 214 -0.11 43.62 4.23
N ILE F 215 -0.24 44.27 5.38
CA ILE F 215 0.82 45.17 5.91
C ILE F 215 2.09 44.37 6.24
N VAL F 216 1.95 43.19 6.87
CA VAL F 216 3.12 42.35 7.28
C VAL F 216 3.92 41.90 6.05
N ILE F 217 3.26 41.60 4.95
CA ILE F 217 3.98 41.08 3.74
C ILE F 217 4.59 42.21 2.91
N THR F 218 4.10 43.44 3.06
CA THR F 218 4.60 44.55 2.19
C THR F 218 5.54 45.57 2.85
N ILE F 219 5.23 46.05 4.04
CA ILE F 219 6.01 47.17 4.65
C ILE F 219 7.29 46.72 5.33
N LYS F 220 8.26 47.63 5.41
CA LYS F 220 9.51 47.33 6.14
C LYS F 220 9.23 47.72 7.59
N PRO F 221 9.41 46.82 8.56
CA PRO F 221 9.03 47.13 9.93
C PRO F 221 9.83 48.36 10.41
N ARG F 222 9.16 49.29 11.09
CA ARG F 222 9.82 50.53 11.55
C ARG F 222 10.58 51.17 10.39
N ARG G 10 5.80 -95.85 -0.50
CA ARG G 10 4.54 -95.12 -0.76
C ARG G 10 4.82 -93.63 -0.93
N ARG G 11 3.91 -92.88 -1.56
CA ARG G 11 4.09 -91.42 -1.76
C ARG G 11 3.99 -90.70 -0.41
N ALA G 12 4.68 -89.57 -0.25
CA ALA G 12 4.58 -88.79 1.01
C ALA G 12 3.30 -87.95 0.98
N THR G 13 2.61 -87.85 2.12
CA THR G 13 1.36 -87.03 2.22
C THR G 13 1.72 -85.54 2.17
N ARG G 14 0.79 -84.71 1.68
CA ARG G 14 1.03 -83.25 1.64
C ARG G 14 1.30 -82.72 3.05
N GLU G 15 0.74 -83.35 4.09
CA GLU G 15 1.06 -82.94 5.49
C GLU G 15 2.49 -83.34 5.82
N GLU G 16 2.93 -84.52 5.41
CA GLU G 16 4.30 -85.02 5.67
C GLU G 16 5.31 -84.16 4.91
N MET G 17 5.02 -83.82 3.66
CA MET G 17 5.90 -82.91 2.89
C MET G 17 5.91 -81.53 3.55
N ARG G 18 4.77 -81.08 4.09
CA ARG G 18 4.70 -79.80 4.84
C ARG G 18 5.48 -79.94 6.13
N ASP G 19 5.39 -81.09 6.77
CA ASP G 19 6.02 -81.19 8.08
C ASP G 19 7.52 -81.42 7.96
N ALA G 20 8.00 -81.86 6.81
CA ALA G 20 9.43 -82.04 6.56
C ALA G 20 10.03 -80.92 5.74
N LYS G 21 9.30 -79.81 5.55
CA LYS G 21 9.83 -78.61 4.92
C LYS G 21 10.41 -78.89 3.54
N VAL G 22 9.71 -79.70 2.75
CA VAL G 22 10.15 -79.94 1.37
C VAL G 22 9.91 -78.67 0.55
N PRO G 23 10.83 -78.31 -0.36
CA PRO G 23 10.54 -77.18 -1.25
C PRO G 23 9.32 -77.45 -2.13
N LEU G 24 8.55 -76.40 -2.39
CA LEU G 24 7.25 -76.58 -3.02
C LEU G 24 7.34 -77.22 -4.40
N ALA G 25 8.32 -76.81 -5.20
CA ALA G 25 8.42 -77.36 -6.55
C ALA G 25 8.71 -78.86 -6.54
N TYR G 26 9.14 -79.40 -5.40
CA TYR G 26 9.51 -80.80 -5.28
C TYR G 26 8.54 -81.59 -4.41
N ARG G 27 7.35 -81.05 -4.20
CA ARG G 27 6.29 -81.77 -3.51
C ARG G 27 5.50 -82.64 -4.48
N ASP G 28 6.25 -83.41 -5.26
CA ASP G 28 5.71 -84.29 -6.28
C ASP G 28 5.77 -85.74 -5.78
N SER G 29 5.45 -86.67 -6.67
CA SER G 29 5.24 -88.06 -6.27
C SER G 29 6.49 -88.68 -5.64
N CYS G 30 7.67 -88.23 -6.07
CA CYS G 30 8.92 -88.82 -5.62
C CYS G 30 9.52 -88.10 -4.42
N ALA G 31 8.73 -87.27 -3.74
CA ALA G 31 9.22 -86.53 -2.60
C ALA G 31 9.47 -87.42 -1.38
N HIS G 32 9.03 -88.68 -1.41
CA HIS G 32 9.33 -89.59 -0.32
C HIS G 32 10.79 -90.00 -0.29
N LEU G 33 11.46 -89.97 -1.44
CA LEU G 33 12.91 -90.16 -1.47
C LEU G 33 13.67 -88.89 -1.16
N LEU G 34 13.07 -87.73 -1.39
CA LEU G 34 13.70 -86.47 -1.01
C LEU G 34 13.71 -86.27 0.49
N ILE G 35 12.79 -86.89 1.22
CA ILE G 35 12.80 -86.76 2.67
C ILE G 35 14.10 -87.28 3.29
N PRO G 36 14.54 -88.52 3.01
CA PRO G 36 15.83 -88.94 3.57
C PRO G 36 17.03 -88.27 2.93
N LEU G 37 16.94 -87.90 1.64
CA LEU G 37 18.07 -87.26 0.99
C LEU G 37 18.40 -85.92 1.65
N ASN G 38 17.40 -85.05 1.80
CA ASN G 38 17.63 -83.80 2.50
C ASN G 38 17.98 -84.03 3.97
N ARG G 39 17.54 -85.16 4.53
CA ARG G 39 17.96 -85.53 5.88
C ARG G 39 19.42 -85.94 5.92
N CYS G 40 19.86 -86.72 4.92
CA CYS G 40 21.26 -87.10 4.83
C CYS G 40 22.14 -85.89 4.57
N ARG G 41 21.68 -84.97 3.72
CA ARG G 41 22.42 -83.74 3.48
C ARG G 41 22.58 -82.92 4.75
N TYR G 42 21.57 -82.92 5.61
CA TYR G 42 21.67 -82.17 6.87
C TYR G 42 22.76 -82.76 7.76
N GLU G 43 22.75 -84.08 7.93
CA GLU G 43 23.71 -84.72 8.81
C GLU G 43 25.12 -84.69 8.26
N THR G 44 25.28 -84.60 6.94
CA THR G 44 26.59 -84.71 6.30
C THR G 44 27.12 -83.38 5.81
N TYR G 45 26.42 -82.28 6.10
CA TYR G 45 26.85 -80.93 5.73
C TYR G 45 26.99 -80.76 4.22
N TYR G 46 26.15 -81.44 3.45
CA TYR G 46 26.08 -81.30 1.99
C TYR G 46 27.40 -81.61 1.31
N LEU G 47 28.22 -82.46 1.90
CA LEU G 47 29.45 -82.86 1.23
C LEU G 47 29.10 -83.75 0.05
N PRO G 48 29.57 -83.45 -1.16
CA PRO G 48 29.09 -84.14 -2.35
C PRO G 48 29.57 -85.57 -2.51
N TRP G 49 30.24 -86.15 -1.52
CA TRP G 49 30.70 -87.53 -1.61
C TRP G 49 30.29 -88.37 -0.42
N LYS G 50 29.22 -88.00 0.28
CA LYS G 50 28.86 -88.72 1.49
C LYS G 50 27.46 -89.32 1.47
N CYS G 51 26.53 -88.76 0.69
CA CYS G 51 25.17 -89.27 0.60
C CYS G 51 24.88 -89.79 -0.79
N GLU G 52 25.89 -90.45 -1.39
CA GLU G 52 25.77 -90.87 -2.82
C GLU G 52 24.56 -91.77 -3.08
N ASP G 53 24.29 -92.74 -2.23
CA ASP G 53 23.24 -93.71 -2.54
C ASP G 53 21.86 -93.08 -2.50
N GLU G 54 21.65 -92.12 -1.59
CA GLU G 54 20.34 -91.49 -1.50
C GLU G 54 20.10 -90.50 -2.63
N ARG G 55 21.15 -89.80 -3.09
CA ARG G 55 20.99 -89.00 -4.30
C ARG G 55 20.64 -89.87 -5.49
N HIS G 56 21.35 -90.99 -5.61
CA HIS G 56 21.14 -91.90 -6.75
C HIS G 56 19.67 -92.31 -6.82
N SER G 57 19.10 -92.79 -5.71
CA SER G 57 17.71 -93.24 -5.70
C SER G 57 16.78 -92.09 -6.04
N TYR G 58 17.00 -90.93 -5.44
CA TYR G 58 16.21 -89.75 -5.78
C TYR G 58 16.42 -89.35 -7.23
N GLU G 59 17.67 -89.36 -7.69
CA GLU G 59 17.94 -89.02 -9.08
C GLU G 59 17.34 -90.04 -10.02
N LYS G 60 17.49 -91.34 -9.71
CA LYS G 60 16.93 -92.37 -10.55
C LYS G 60 15.41 -92.27 -10.65
N CYS G 61 14.75 -92.06 -9.51
CA CYS G 61 13.29 -92.02 -9.51
C CYS G 61 12.77 -90.86 -10.36
N GLN G 62 13.33 -89.67 -10.18
CA GLN G 62 12.96 -88.53 -10.99
C GLN G 62 13.15 -88.80 -12.47
N TYR G 63 14.09 -89.67 -12.82
CA TYR G 63 14.31 -90.00 -14.24
C TYR G 63 13.10 -90.77 -14.77
N LEU G 64 12.55 -91.67 -13.97
CA LEU G 64 11.44 -92.50 -14.43
C LEU G 64 10.20 -91.69 -14.74
N GLU G 65 9.84 -90.71 -13.89
CA GLU G 65 8.68 -89.91 -14.19
C GLU G 65 8.94 -88.93 -15.32
N PHE G 66 10.19 -88.51 -15.49
CA PHE G 66 10.52 -87.71 -16.66
C PHE G 66 10.30 -88.51 -17.93
N LYS G 67 10.71 -89.78 -17.93
CA LYS G 67 10.51 -90.63 -19.09
C LYS G 67 9.02 -90.83 -19.37
N LYS G 68 8.22 -91.04 -18.33
CA LYS G 68 6.78 -91.16 -18.56
C LYS G 68 6.19 -89.86 -19.08
N ARG G 69 6.69 -88.71 -18.64
CA ARG G 69 6.20 -87.44 -19.17
C ARG G 69 6.79 -87.15 -20.54
N VAL G 70 7.90 -87.77 -20.88
CA VAL G 70 8.42 -87.64 -22.24
C VAL G 70 7.55 -88.39 -23.22
N GLN G 71 7.19 -89.63 -22.88
CA GLN G 71 6.32 -90.41 -23.74
C GLN G 71 4.93 -89.80 -23.79
N LYS G 72 4.52 -89.12 -22.72
CA LYS G 72 3.18 -88.56 -22.65
C LYS G 72 2.98 -87.41 -23.63
N MET G 73 4.05 -86.90 -24.24
CA MET G 73 3.89 -85.99 -25.37
C MET G 73 4.13 -86.64 -26.71
N GLU G 74 4.82 -87.78 -26.77
CA GLU G 74 5.04 -88.43 -28.05
C GLU G 74 3.72 -88.81 -28.70
N GLU G 75 2.70 -89.12 -27.90
CA GLU G 75 1.35 -89.27 -28.44
C GLU G 75 0.70 -87.92 -28.72
N LEU G 76 1.01 -86.90 -27.91
CA LEU G 76 0.39 -85.60 -28.10
C LEU G 76 0.91 -84.91 -29.36
N ARG G 77 2.23 -84.99 -29.60
CA ARG G 77 2.79 -84.33 -30.77
C ARG G 77 2.24 -84.92 -32.06
N GLU G 78 2.13 -86.24 -32.14
CA GLU G 78 1.57 -86.87 -33.33
C GLU G 78 0.07 -86.65 -33.45
N ALA G 79 -0.60 -86.34 -32.34
CA ALA G 79 -2.03 -86.05 -32.41
C ALA G 79 -2.30 -84.73 -33.12
N LYS G 80 -1.35 -83.79 -33.06
CA LYS G 80 -1.47 -82.51 -33.74
C LYS G 80 -0.68 -82.46 -35.04
N GLY G 81 -0.18 -83.59 -35.50
CA GLY G 81 0.61 -83.61 -36.73
C GLY G 81 1.93 -82.90 -36.63
N GLY G 82 2.64 -83.05 -35.52
CA GLY G 82 3.93 -82.40 -35.35
C GLY G 82 3.85 -80.89 -35.31
N ALA G 83 2.84 -80.34 -34.65
CA ALA G 83 2.69 -78.90 -34.54
C ALA G 83 3.40 -78.38 -33.31
N ARG G 84 3.62 -77.06 -33.29
CA ARG G 84 4.26 -76.42 -32.14
C ARG G 84 3.38 -76.54 -30.91
N SER G 85 3.99 -76.83 -29.77
CA SER G 85 3.25 -77.02 -28.54
C SER G 85 3.83 -76.27 -27.34
N ASN G 86 4.93 -75.55 -27.51
CA ASN G 86 5.55 -74.84 -26.41
C ASN G 86 5.27 -73.34 -26.47
N ALA H 2 -37.15 30.45 2.15
CA ALA H 2 -37.08 29.50 3.30
C ALA H 2 -36.48 30.17 4.54
N SER H 3 -36.05 31.44 4.44
CA SER H 3 -35.39 32.12 5.57
C SER H 3 -36.50 32.70 6.45
N GLY H 4 -37.56 33.16 5.82
CA GLY H 4 -38.65 33.77 6.55
C GLY H 4 -38.61 35.28 6.59
N TYR H 5 -37.64 35.91 5.94
CA TYR H 5 -37.53 37.36 5.87
C TYR H 5 -37.54 37.77 4.41
N GLY H 6 -38.45 38.67 4.06
CA GLY H 6 -38.59 39.13 2.67
C GLY H 6 -38.00 40.49 2.42
N LEU H 7 -38.14 40.98 1.20
CA LEU H 7 -37.53 42.27 0.79
C LEU H 7 -38.16 43.50 1.45
N ASN H 8 -39.42 43.44 1.88
CA ASN H 8 -40.15 44.65 2.34
C ASN H 8 -40.28 44.76 3.86
N GLY H 9 -39.46 44.07 4.63
CA GLY H 9 -39.71 44.08 6.08
C GLY H 9 -40.26 42.75 6.51
N GLY H 10 -40.42 41.80 5.58
CA GLY H 10 -40.74 40.41 5.94
C GLY H 10 -42.21 40.09 5.91
N PRO H 11 -42.67 38.80 6.00
CA PRO H 11 -41.87 37.59 5.77
C PRO H 11 -41.71 37.24 4.30
N SER H 12 -41.09 36.09 4.05
CA SER H 12 -40.83 35.61 2.67
C SER H 12 -42.03 34.86 2.10
N ARG H 13 -42.29 34.96 0.79
CA ARG H 13 -43.51 34.37 0.17
C ARG H 13 -43.60 32.86 0.29
N CYS H 14 -42.49 32.15 0.18
CA CYS H 14 -42.54 30.68 0.17
C CYS H 14 -42.33 30.11 1.57
N PHE H 15 -42.08 30.95 2.56
CA PHE H 15 -41.84 30.47 3.95
C PHE H 15 -43.01 29.61 4.47
N PRO H 16 -44.31 29.89 4.19
CA PRO H 16 -45.36 29.00 4.69
C PRO H 16 -45.25 27.55 4.20
N PHE H 17 -44.92 27.34 2.93
CA PHE H 17 -44.72 25.99 2.34
C PHE H 17 -43.55 25.26 2.99
N TRP H 18 -42.45 25.94 3.27
CA TRP H 18 -41.25 25.36 3.92
C TRP H 18 -41.57 24.88 5.33
N GLN H 19 -42.32 25.67 6.10
CA GLN H 19 -42.71 25.29 7.47
C GLN H 19 -43.70 24.14 7.38
N GLU H 20 -44.56 24.13 6.37
CA GLU H 20 -45.50 23.02 6.13
C GLU H 20 -44.73 21.77 5.76
N LEU H 21 -43.58 21.93 5.11
CA LEU H 21 -42.76 20.77 4.69
C LEU H 21 -41.98 20.25 5.90
N LEU H 22 -41.39 21.16 6.67
CA LEU H 22 -40.60 20.78 7.88
C LEU H 22 -41.55 20.14 8.89
N ALA H 23 -42.74 20.70 9.04
CA ALA H 23 -43.74 20.13 9.96
C ALA H 23 -44.05 18.70 9.51
N CYS H 24 -44.38 18.51 8.23
CA CYS H 24 -44.69 17.15 7.75
C CYS H 24 -43.55 16.18 8.07
N TYR H 25 -42.30 16.48 7.69
CA TYR H 25 -41.17 15.54 7.89
C TYR H 25 -40.99 15.19 9.37
N VAL H 26 -40.91 16.20 10.23
CA VAL H 26 -40.62 15.97 11.68
C VAL H 26 -41.76 15.18 12.34
N THR H 27 -43.01 15.46 11.97
CA THR H 27 -44.14 14.82 12.66
C THR H 27 -44.58 13.49 12.01
N ASN H 28 -44.17 13.18 10.77
CA ASN H 28 -44.61 11.86 10.23
C ASN H 28 -43.43 10.88 10.04
N SER H 29 -42.19 11.36 9.98
CA SER H 29 -41.05 10.45 9.67
C SER H 29 -40.16 10.30 10.90
N SER H 30 -39.87 9.07 11.30
CA SER H 30 -38.95 8.80 12.43
C SER H 30 -38.10 7.59 12.07
N GLU H 31 -37.37 7.02 13.03
CA GLU H 31 -36.56 5.83 12.79
C GLU H 31 -37.39 4.55 12.89
N ASP H 32 -38.50 4.61 13.61
CA ASP H 32 -39.42 3.44 13.68
C ASP H 32 -40.03 3.19 12.31
N ASN H 33 -40.66 4.20 11.70
CA ASN H 33 -41.34 3.99 10.39
C ASN H 33 -40.52 4.65 9.27
N PRO H 34 -39.92 3.86 8.35
CA PRO H 34 -39.13 4.40 7.23
C PRO H 34 -39.91 5.19 6.18
N ASP H 35 -41.14 4.78 5.87
CA ASP H 35 -41.89 5.40 4.75
C ASP H 35 -42.78 6.57 5.21
N GLY H 36 -42.62 7.03 6.45
CA GLY H 36 -43.39 8.19 6.93
C GLY H 36 -43.10 9.41 6.08
N LYS H 37 -41.86 9.53 5.60
CA LYS H 37 -41.42 10.69 4.80
C LYS H 37 -42.18 10.74 3.48
N ASN H 38 -42.84 9.66 3.08
CA ASN H 38 -43.51 9.65 1.76
C ASN H 38 -44.71 10.61 1.74
N LYS H 39 -45.22 10.98 2.91
CA LYS H 39 -46.36 11.91 3.00
C LYS H 39 -45.79 13.30 2.71
N CYS H 40 -44.47 13.42 2.63
CA CYS H 40 -43.81 14.69 2.35
C CYS H 40 -43.62 14.97 0.87
N ILE H 41 -43.78 13.96 0.01
CA ILE H 41 -43.51 14.14 -1.45
C ILE H 41 -44.38 15.25 -2.03
N PRO H 42 -45.73 15.24 -1.87
CA PRO H 42 -46.57 16.32 -2.37
C PRO H 42 -46.22 17.70 -1.78
N VAL H 43 -45.91 17.75 -0.49
CA VAL H 43 -45.62 19.02 0.22
C VAL H 43 -44.31 19.64 -0.32
N MET H 44 -43.31 18.82 -0.60
CA MET H 44 -42.05 19.31 -1.20
C MET H 44 -42.29 19.88 -2.60
N GLU H 45 -43.15 19.25 -3.40
CA GLU H 45 -43.46 19.70 -4.78
C GLU H 45 -44.12 21.07 -4.69
N ASP H 46 -44.97 21.28 -3.70
CA ASP H 46 -45.66 22.58 -3.50
C ASP H 46 -44.65 23.67 -3.14
N TYR H 47 -43.57 23.30 -2.46
CA TYR H 47 -42.55 24.27 -2.08
C TYR H 47 -41.61 24.51 -3.26
N TYR H 48 -41.26 23.47 -4.02
CA TYR H 48 -40.43 23.65 -5.23
C TYR H 48 -41.23 24.45 -6.25
N GLU H 49 -42.54 24.34 -6.17
CA GLU H 49 -43.42 25.05 -7.13
C GLU H 49 -43.60 26.49 -6.67
N CYS H 50 -43.64 26.73 -5.36
CA CYS H 50 -43.74 28.12 -4.88
C CYS H 50 -42.51 28.90 -5.34
N LEU H 51 -41.31 28.34 -5.17
CA LEU H 51 -40.06 29.04 -5.58
C LEU H 51 -39.96 29.21 -7.10
N HIS H 52 -40.24 28.16 -7.88
CA HIS H 52 -39.96 28.21 -9.35
C HIS H 52 -41.16 28.38 -10.27
N HIS H 53 -42.39 28.07 -9.84
CA HIS H 53 -43.63 28.33 -10.64
C HIS H 53 -43.62 27.70 -12.03
N ARG H 54 -42.94 26.57 -12.19
CA ARG H 54 -42.92 25.83 -13.48
C ARG H 54 -44.29 25.25 -13.84
N LYS H 55 -44.98 24.56 -12.93
CA LYS H 55 -46.27 23.91 -13.26
C LYS H 55 -47.33 24.97 -13.56
N GLU H 56 -47.33 26.10 -12.82
CA GLU H 56 -48.28 27.22 -13.06
C GLU H 56 -48.03 27.84 -14.42
N ALA H 57 -46.77 28.03 -14.77
CA ALA H 57 -46.40 28.57 -16.09
C ALA H 57 -46.94 27.66 -17.17
N ALA H 58 -46.83 26.35 -16.96
CA ALA H 58 -47.31 25.35 -17.92
C ALA H 58 -48.84 25.41 -18.05
N ARG H 59 -49.55 25.56 -16.95
CA ARG H 59 -51.02 25.70 -17.02
C ARG H 59 -51.37 26.96 -17.80
N VAL H 60 -50.71 28.07 -17.51
CA VAL H 60 -51.05 29.37 -18.17
C VAL H 60 -50.70 29.33 -19.65
N ARG H 61 -49.59 28.73 -20.03
CA ARG H 61 -49.20 28.78 -21.46
C ARG H 61 -50.29 28.08 -22.25
N ALA H 62 -50.81 26.97 -21.72
CA ALA H 62 -51.88 26.20 -22.37
C ALA H 62 -53.19 26.97 -22.35
N LEU H 63 -53.61 27.41 -21.18
CA LEU H 63 -54.87 28.12 -21.06
C LEU H 63 -54.86 29.40 -21.86
N GLN H 64 -53.71 30.06 -21.95
CA GLN H 64 -53.58 31.28 -22.74
C GLN H 64 -53.65 30.98 -24.23
N ALA H 65 -53.14 29.82 -24.64
CA ALA H 65 -53.20 29.45 -26.05
C ALA H 65 -54.61 29.07 -26.46
N ALA H 66 -55.37 28.47 -25.54
CA ALA H 66 -56.77 28.19 -25.84
C ALA H 66 -57.60 29.45 -25.82
N TYR H 67 -57.27 30.39 -24.93
CA TYR H 67 -58.04 31.63 -24.84
C TYR H 67 -57.84 32.49 -26.08
N ARG H 68 -56.60 32.61 -26.53
CA ARG H 68 -56.34 33.42 -27.72
C ARG H 68 -56.89 32.79 -28.97
N GLU H 69 -56.84 31.46 -29.10
CA GLU H 69 -57.42 30.80 -30.25
C GLU H 69 -58.94 30.77 -30.21
N ALA H 70 -59.55 31.12 -29.08
CA ALA H 70 -60.99 31.21 -28.96
C ALA H 70 -61.54 32.60 -29.21
N GLU H 71 -60.81 33.63 -28.78
CA GLU H 71 -61.21 35.01 -29.01
C GLU H 71 -60.64 35.59 -30.30
N ALA H 72 -59.92 34.81 -31.09
CA ALA H 72 -59.46 35.25 -32.39
C ALA H 72 -60.38 34.84 -33.53
N LYS H 73 -61.42 34.05 -33.25
CA LYS H 73 -62.32 33.58 -34.28
C LYS H 73 -63.77 33.97 -34.07
N LYS H 74 -64.17 34.33 -32.85
CA LYS H 74 -65.55 34.75 -32.60
C LYS H 74 -65.77 36.16 -33.12
N LEU H 75 -67.02 36.44 -33.46
CA LEU H 75 -67.38 37.75 -33.99
C LEU H 75 -67.27 38.82 -32.89
N GLN H 76 -66.71 39.96 -33.26
CA GLN H 76 -66.57 41.09 -32.35
C GLN H 76 -67.51 42.21 -32.79
N GLU H 77 -68.29 42.73 -31.83
CA GLU H 77 -69.23 43.79 -32.16
C GLU H 77 -68.55 45.15 -32.18
N ASN H 78 -68.04 45.59 -31.03
CA ASN H 78 -67.37 46.88 -30.90
C ASN H 78 -66.42 46.84 -29.71
N PRO H 79 -65.12 46.66 -29.93
CA PRO H 79 -64.18 46.59 -28.82
C PRO H 79 -64.11 47.92 -28.08
N PRO H 80 -64.06 47.90 -26.75
CA PRO H 80 -64.02 49.16 -25.99
C PRO H 80 -62.64 49.80 -26.08
N THR H 81 -62.62 51.10 -26.35
CA THR H 81 -61.37 51.83 -26.39
C THR H 81 -60.78 51.95 -24.99
N ALA H 82 -59.50 52.27 -24.93
CA ALA H 82 -58.86 52.33 -23.60
C ALA H 82 -59.47 53.48 -22.80
N GLY H 83 -59.72 54.62 -23.44
CA GLY H 83 -60.30 55.73 -22.71
C GLY H 83 -61.64 55.37 -22.10
N GLN H 84 -62.41 54.53 -22.79
CA GLN H 84 -63.65 54.02 -22.20
C GLN H 84 -63.36 53.18 -20.96
N ILE H 85 -62.29 52.36 -21.00
CA ILE H 85 -61.96 51.44 -19.87
C ILE H 85 -61.05 52.17 -18.88
N ARG H 86 -61.02 53.50 -18.93
CA ARG H 86 -60.25 54.30 -17.95
C ARG H 86 -61.31 55.13 -17.24
N ASN H 87 -62.51 55.13 -17.82
CA ASN H 87 -63.65 55.79 -17.19
C ASN H 87 -64.54 54.79 -16.46
N LEU H 88 -64.25 53.50 -16.63
CA LEU H 88 -65.01 52.46 -15.89
C LEU H 88 -65.06 52.74 -14.38
N GLY H 89 -66.25 52.66 -13.78
CA GLY H 89 -66.41 52.79 -12.35
C GLY H 89 -66.16 54.18 -11.80
N LEU H 90 -66.19 55.18 -12.69
CA LEU H 90 -66.02 56.59 -12.27
C LEU H 90 -67.40 57.16 -11.97
N LEU H 91 -67.48 58.19 -11.13
CA LEU H 91 -68.74 58.70 -10.61
C LEU H 91 -69.56 59.49 -11.62
N ASN H 92 -68.99 59.87 -12.77
CA ASN H 92 -69.72 60.67 -13.73
C ASN H 92 -69.70 60.09 -15.14
N LYS H 93 -69.24 58.85 -15.31
CA LYS H 93 -69.15 58.25 -16.63
C LYS H 93 -69.93 56.94 -16.69
N GLU H 94 -71.17 56.94 -16.18
CA GLU H 94 -71.95 55.72 -16.10
C GLU H 94 -72.20 55.10 -17.46
N GLU H 95 -72.26 55.93 -18.51
CA GLU H 95 -72.47 55.40 -19.85
C GLU H 95 -71.32 54.50 -20.27
N ASP H 96 -70.08 54.90 -19.95
CA ASP H 96 -68.92 54.10 -20.35
C ASP H 96 -68.81 52.83 -19.52
N THR H 97 -69.22 52.87 -18.25
CA THR H 97 -69.19 51.65 -17.43
C THR H 97 -70.11 50.59 -18.01
N LYS H 98 -71.29 50.99 -18.48
CA LYS H 98 -72.21 50.03 -19.08
C LYS H 98 -71.61 49.41 -20.33
N LYS H 99 -70.94 50.21 -21.15
CA LYS H 99 -70.31 49.68 -22.36
C LYS H 99 -69.19 48.70 -22.02
N VAL H 100 -68.39 49.02 -21.00
CA VAL H 100 -67.34 48.10 -20.58
C VAL H 100 -67.95 46.80 -20.07
N HIS H 101 -69.04 46.93 -19.31
CA HIS H 101 -69.70 45.73 -18.71
C HIS H 101 -70.63 45.05 -19.71
N CYS H 102 -70.98 45.72 -20.81
CA CYS H 102 -71.85 45.14 -21.84
C CYS H 102 -73.13 44.60 -21.23
N ALA H 103 -73.69 45.35 -20.28
CA ALA H 103 -74.93 44.96 -19.63
C ALA H 103 -76.10 45.77 -20.17
N PRO I 2 -15.87 100.01 4.99
CA PRO I 2 -17.15 100.02 4.28
C PRO I 2 -17.54 98.65 3.74
N VAL I 3 -18.78 98.51 3.34
CA VAL I 3 -19.29 97.27 2.77
C VAL I 3 -18.96 97.26 1.28
N PRO I 4 -18.21 96.30 0.77
CA PRO I 4 -17.98 96.21 -0.68
C PRO I 4 -19.10 95.45 -1.38
N PHE I 5 -20.20 96.16 -1.65
CA PHE I 5 -21.39 95.51 -2.17
C PHE I 5 -21.15 94.88 -3.53
N GLU I 6 -20.20 95.40 -4.31
CA GLU I 6 -19.96 94.86 -5.63
C GLU I 6 -19.46 93.43 -5.58
N THR I 7 -18.75 93.05 -4.51
CA THR I 7 -18.37 91.66 -4.33
C THR I 7 -19.53 90.82 -3.83
N LEU I 8 -20.54 91.44 -3.24
CA LEU I 8 -21.71 90.72 -2.78
C LEU I 8 -22.71 90.44 -3.89
N ILE I 9 -22.59 91.13 -5.02
CA ILE I 9 -23.53 90.94 -6.12
C ILE I 9 -23.53 89.51 -6.64
N PRO I 10 -22.38 88.86 -6.88
CA PRO I 10 -22.45 87.45 -7.29
C PRO I 10 -23.17 86.56 -6.29
N TYR I 11 -23.00 86.84 -4.99
CA TYR I 11 -23.65 86.01 -3.98
C TYR I 11 -25.15 86.13 -4.03
N GLY I 12 -25.67 87.32 -4.33
CA GLY I 12 -27.11 87.47 -4.50
C GLY I 12 -27.65 86.71 -5.68
N ILE I 13 -26.85 86.58 -6.75
CA ILE I 13 -27.29 85.84 -7.92
C ILE I 13 -27.46 84.37 -7.58
N ILE I 14 -26.55 83.80 -6.79
CA ILE I 14 -26.67 82.41 -6.39
C ILE I 14 -27.90 82.21 -5.52
N ILE I 15 -28.14 83.09 -4.56
CA ILE I 15 -29.33 83.00 -3.72
C ILE I 15 -30.58 83.13 -4.56
N ALA I 16 -30.59 84.08 -5.50
CA ALA I 16 -31.74 84.25 -6.38
C ALA I 16 -31.94 83.03 -7.26
N MET I 17 -30.87 82.38 -7.70
CA MET I 17 -30.99 81.16 -8.53
C MET I 17 -31.63 80.03 -7.73
N PHE I 18 -31.15 79.79 -6.52
CA PHE I 18 -31.72 78.73 -5.64
C PHE I 18 -33.17 79.07 -5.36
N GLY I 19 -33.46 80.36 -5.16
CA GLY I 19 -34.86 80.82 -4.98
C GLY I 19 -35.74 80.50 -6.16
N VAL I 20 -35.28 80.69 -7.40
CA VAL I 20 -36.14 80.51 -8.56
C VAL I 20 -36.30 79.03 -8.89
N THR I 21 -35.31 78.20 -8.55
CA THR I 21 -35.49 76.77 -8.70
C THR I 21 -36.60 76.29 -7.77
N GLY I 22 -36.50 76.61 -6.49
CA GLY I 22 -37.51 76.18 -5.54
C GLY I 22 -38.85 76.85 -5.79
N ALA I 23 -38.83 78.09 -6.25
CA ALA I 23 -40.08 78.79 -6.55
C ALA I 23 -40.82 78.11 -7.69
N GLY I 24 -40.12 77.77 -8.77
CA GLY I 24 -40.78 77.24 -9.96
C GLY I 24 -41.07 75.77 -9.90
N MET I 25 -40.23 75.01 -9.21
CA MET I 25 -40.42 73.55 -9.06
C MET I 25 -41.67 73.24 -8.23
N ALA I 26 -41.94 74.03 -7.20
CA ALA I 26 -43.13 73.84 -6.35
C ALA I 26 -44.38 74.25 -7.10
N LYS I 27 -44.22 75.07 -8.14
CA LYS I 27 -45.40 75.62 -8.84
C LYS I 27 -45.86 74.58 -9.86
N VAL I 28 -44.91 74.00 -10.56
CA VAL I 28 -45.21 72.99 -11.62
C VAL I 28 -45.66 71.66 -10.99
N ARG I 29 -45.13 71.29 -9.82
CA ARG I 29 -45.59 70.09 -9.11
C ARG I 29 -46.95 70.36 -8.49
N HIS I 30 -47.36 71.62 -8.39
CA HIS I 30 -48.64 71.97 -7.72
C HIS I 30 -49.69 71.87 -8.79
N MET I 31 -49.31 72.27 -9.99
CA MET I 31 -50.22 72.17 -11.14
C MET I 31 -50.21 70.73 -11.64
N PHE I 32 -49.12 70.00 -11.49
CA PHE I 32 -49.05 68.57 -11.89
C PHE I 32 -49.99 67.74 -11.02
N ASN I 33 -50.13 68.13 -9.76
CA ASN I 33 -50.91 67.34 -8.78
C ASN I 33 -52.35 67.81 -8.71
N GLY I 34 -52.76 68.70 -9.60
CA GLY I 34 -54.18 69.09 -9.68
C GLY I 34 -54.43 70.30 -8.84
N ASP I 35 -53.61 71.34 -9.00
CA ASP I 35 -53.73 72.55 -8.19
C ASP I 35 -53.80 72.22 -6.71
N LYS I 36 -52.97 71.24 -6.32
CA LYS I 36 -52.92 70.79 -4.91
C LYS I 36 -51.46 70.48 -4.59
N ARG I 37 -51.09 70.50 -3.30
CA ARG I 37 -49.68 70.29 -2.93
C ARG I 37 -49.27 68.85 -3.23
N HIS I 38 -48.01 68.65 -3.62
CA HIS I 38 -47.46 67.33 -3.96
C HIS I 38 -47.23 66.43 -2.75
N ARG I 39 -47.11 65.13 -2.98
CA ARG I 39 -46.84 64.15 -1.91
C ARG I 39 -45.33 63.89 -1.90
N TRP I 40 -44.76 63.58 -0.73
CA TRP I 40 -43.29 63.40 -0.63
C TRP I 40 -42.83 62.00 -0.19
N SER I 41 -42.60 61.75 1.08
CA SER I 41 -42.02 60.45 1.50
C SER I 41 -43.02 59.30 1.30
N VAL I 42 -43.26 58.94 0.06
CA VAL I 42 -44.34 57.95 -0.25
C VAL I 42 -43.84 56.51 -0.17
N ASP I 43 -44.68 55.61 0.35
CA ASP I 43 -44.31 54.20 0.50
C ASP I 43 -45.28 53.35 -0.30
N GLN I 44 -45.24 52.03 -0.14
CA GLN I 44 -46.14 51.11 -0.86
C GLN I 44 -47.56 51.50 -0.48
N TRP I 45 -47.80 51.79 0.79
CA TRP I 45 -49.15 52.16 1.27
C TRP I 45 -49.67 53.39 0.54
N ASP I 46 -48.92 54.48 0.56
CA ASP I 46 -49.34 55.77 -0.04
C ASP I 46 -49.60 55.58 -1.52
N LYS I 47 -48.70 54.90 -2.21
CA LYS I 47 -48.83 54.66 -3.67
C LYS I 47 -50.09 53.85 -3.98
N GLN I 48 -50.42 52.89 -3.12
CA GLN I 48 -51.64 52.06 -3.30
C GLN I 48 -52.87 52.89 -2.95
N GLN I 49 -52.74 53.76 -1.94
CA GLN I 49 -53.86 54.66 -1.55
C GLN I 49 -54.18 55.62 -2.70
N MET I 50 -53.16 56.09 -3.41
CA MET I 50 -53.36 56.98 -4.58
C MET I 50 -53.90 56.21 -5.78
N GLU I 51 -53.53 54.95 -5.94
CA GLU I 51 -54.07 54.11 -7.03
C GLU I 51 -55.57 53.92 -6.82
N ARG I 52 -56.01 53.85 -5.57
CA ARG I 52 -57.43 53.68 -5.24
C ARG I 52 -58.11 55.04 -5.40
N ASP I 53 -57.35 56.14 -5.29
CA ASP I 53 -57.97 57.43 -5.61
C ASP I 53 -58.29 57.52 -7.09
N ARG I 54 -57.43 56.98 -7.94
CA ARG I 54 -57.70 56.93 -9.40
C ARG I 54 -58.84 55.96 -9.69
N ARG I 55 -59.02 54.95 -8.85
CA ARG I 55 -60.15 53.99 -9.01
C ARG I 55 -61.48 54.70 -8.75
N LEU I 56 -61.55 55.57 -7.73
CA LEU I 56 -62.80 56.23 -7.39
C LEU I 56 -63.05 57.47 -8.24
N THR I 57 -62.01 58.22 -8.56
CA THR I 57 -62.18 59.50 -9.24
C THR I 57 -61.56 59.58 -10.62
N GLY I 58 -60.53 58.78 -10.91
CA GLY I 58 -59.81 58.88 -12.17
C GLY I 58 -58.49 59.62 -12.07
N HIS I 59 -58.26 60.34 -10.99
CA HIS I 59 -57.05 61.11 -10.75
C HIS I 59 -56.35 60.56 -9.52
N LEU I 60 -55.03 60.40 -9.62
CA LEU I 60 -54.27 59.83 -8.51
C LEU I 60 -54.36 60.68 -7.25
N ARG I 61 -54.65 61.97 -7.39
CA ARG I 61 -54.82 62.85 -6.25
C ARG I 61 -56.28 63.22 -6.02
N GLY I 62 -57.21 62.63 -6.75
CA GLY I 62 -58.61 62.95 -6.55
C GLY I 62 -59.14 62.41 -5.24
N GLN I 63 -60.10 63.13 -4.67
CA GLN I 63 -60.64 62.83 -3.35
C GLN I 63 -62.15 62.90 -3.37
N THR I 64 -62.79 62.01 -2.62
CA THR I 64 -64.24 61.99 -2.48
C THR I 64 -64.60 61.31 -1.17
N ASP I 65 -65.63 61.81 -0.51
CA ASP I 65 -66.09 61.26 0.76
C ASP I 65 -67.49 60.67 0.66
N ASN I 66 -67.80 60.03 -0.45
CA ASN I 66 -69.07 59.31 -0.57
C ASN I 66 -68.93 57.93 0.05
N PRO I 67 -69.72 57.57 1.06
CA PRO I 67 -69.56 56.25 1.67
C PRO I 67 -69.85 55.09 0.72
N ILE I 68 -70.59 55.35 -0.35
CA ILE I 68 -70.93 54.28 -1.33
C ILE I 68 -70.09 54.46 -2.58
N ALA I 69 -69.32 53.44 -2.92
CA ALA I 69 -68.52 53.47 -4.14
C ALA I 69 -69.43 53.40 -5.36
N PRO I 70 -69.04 54.03 -6.47
CA PRO I 70 -69.87 54.03 -7.67
C PRO I 70 -69.93 52.65 -8.29
N PRO I 71 -70.96 52.37 -9.09
CA PRO I 71 -71.03 51.07 -9.76
C PRO I 71 -69.88 50.90 -10.74
N GLY I 72 -69.39 49.66 -10.85
CA GLY I 72 -68.20 49.37 -11.61
C GLY I 72 -66.90 49.51 -10.85
N PHE I 73 -66.95 50.04 -9.63
CA PHE I 73 -65.73 50.17 -8.83
C PHE I 73 -65.16 48.80 -8.46
N GLU I 74 -66.00 47.79 -8.33
CA GLU I 74 -65.52 46.45 -8.00
C GLU I 74 -64.83 45.76 -9.17
N PHE I 75 -64.66 46.43 -10.31
CA PHE I 75 -64.03 45.85 -11.48
C PHE I 75 -62.77 46.58 -11.93
N ASN I 76 -62.61 47.85 -11.57
CA ASN I 76 -61.49 48.70 -12.05
C ASN I 76 -60.22 48.54 -11.20
N ASN I 77 -60.15 47.52 -10.35
CA ASN I 77 -58.97 47.31 -9.53
C ASN I 77 -57.81 46.90 -10.42
N PRO I 78 -56.71 47.68 -10.53
CA PRO I 78 -55.68 47.38 -11.52
C PRO I 78 -54.76 46.25 -11.10
N TRP I 79 -54.60 45.24 -11.95
CA TRP I 79 -53.52 44.25 -11.65
C TRP I 79 -52.41 44.47 -12.66
N LYS I 80 -51.29 45.03 -12.22
CA LYS I 80 -50.18 45.36 -13.14
C LYS I 80 -49.64 44.08 -13.79
N VAL I 81 -49.38 44.20 -15.15
CA VAL I 81 -48.81 43.05 -15.91
C VAL I 81 -47.40 43.42 -16.38
N UNK I 82 -46.41 42.46 -16.18
CA UNK I 82 -45.02 42.74 -16.59
C UNK I 82 -44.58 41.63 -17.53
N UNK I 83 -43.45 41.81 -18.19
CA UNK I 83 -42.90 40.77 -19.08
C UNK I 83 -41.64 40.13 -18.52
N UNK I 84 -40.83 40.86 -17.72
CA UNK I 84 -39.56 40.28 -17.32
C UNK I 84 -39.36 40.21 -15.82
N UNK I 85 -39.59 41.31 -15.10
CA UNK I 85 -39.32 41.31 -13.64
C UNK I 85 -40.12 40.24 -12.90
N UNK I 86 -39.58 39.76 -11.79
CA UNK I 86 -40.23 38.65 -11.10
C UNK I 86 -39.65 38.56 -9.69
N TYR J 11 -31.02 -13.42 -25.84
CA TYR J 11 -31.17 -12.04 -25.37
C TYR J 11 -31.34 -11.10 -26.56
N HIS J 12 -31.39 -9.79 -26.28
CA HIS J 12 -31.62 -8.80 -27.32
C HIS J 12 -30.30 -8.53 -28.04
N PRO J 13 -30.20 -8.81 -29.34
CA PRO J 13 -28.94 -8.53 -30.04
C PRO J 13 -28.66 -7.04 -30.12
N LYS J 14 -27.38 -6.71 -30.13
CA LYS J 14 -26.91 -5.33 -30.18
C LYS J 14 -26.27 -5.05 -31.53
N ASP J 15 -26.61 -3.91 -32.13
CA ASP J 15 -26.00 -3.49 -33.39
C ASP J 15 -24.57 -3.08 -33.10
N ALA J 16 -23.62 -3.97 -33.39
CA ALA J 16 -22.23 -3.73 -33.03
C ALA J 16 -21.67 -2.50 -33.74
N VAL J 17 -22.00 -2.33 -35.02
CA VAL J 17 -21.49 -1.18 -35.77
C VAL J 17 -22.05 0.12 -35.19
N HIS J 18 -23.34 0.14 -34.87
CA HIS J 18 -23.94 1.34 -34.31
C HIS J 18 -23.31 1.71 -32.97
N LEU J 19 -23.09 0.72 -32.10
CA LEU J 19 -22.43 1.01 -30.83
C LEU J 19 -20.98 1.37 -31.03
N GLY J 20 -20.31 0.78 -32.02
CA GLY J 20 -18.90 1.06 -32.24
C GLY J 20 -18.64 2.53 -32.54
N LEU J 21 -19.51 3.16 -33.33
CA LEU J 21 -19.37 4.59 -33.60
C LEU J 21 -19.52 5.40 -32.31
N LYS J 22 -20.44 5.00 -31.45
CA LYS J 22 -20.62 5.69 -30.17
C LYS J 22 -19.35 5.61 -29.33
N GLY J 23 -18.71 4.44 -29.30
CA GLY J 23 -17.46 4.32 -28.56
C GLY J 23 -16.34 5.17 -29.13
N ALA J 24 -16.23 5.20 -30.46
CA ALA J 24 -15.18 5.99 -31.10
C ALA J 24 -15.39 7.48 -30.84
N ALA J 25 -16.64 7.95 -30.91
CA ALA J 25 -16.92 9.36 -30.74
C ALA J 25 -16.71 9.81 -29.30
N VAL J 26 -17.16 8.99 -28.34
CA VAL J 26 -17.05 9.38 -26.93
C VAL J 26 -15.58 9.45 -26.51
N VAL J 27 -14.81 8.41 -26.80
CA VAL J 27 -13.40 8.43 -26.44
C VAL J 27 -12.63 9.38 -27.34
N GLY J 28 -12.95 9.39 -28.64
CA GLY J 28 -12.28 10.29 -29.55
C GLY J 28 -12.64 11.75 -29.33
N GLY J 29 -13.80 12.00 -28.75
CA GLY J 29 -14.12 13.36 -28.34
C GLY J 29 -13.24 13.85 -27.20
N ILE J 30 -12.98 12.98 -26.23
CA ILE J 30 -12.14 13.37 -25.09
C ILE J 30 -10.72 13.62 -25.56
N GLY J 31 -10.19 12.75 -26.43
CA GLY J 31 -8.86 12.98 -26.98
C GLY J 31 -8.78 14.23 -27.83
N LEU J 32 -9.87 14.58 -28.50
CA LEU J 32 -9.92 15.85 -29.21
C LEU J 32 -9.82 17.01 -28.24
N LEU J 33 -10.39 16.85 -27.05
CA LEU J 33 -10.23 17.85 -26.00
C LEU J 33 -8.80 17.86 -25.46
N PHE J 34 -8.15 16.70 -25.45
CA PHE J 34 -6.75 16.63 -25.05
C PHE J 34 -5.83 17.28 -26.07
N ALA J 35 -6.09 17.03 -27.35
CA ALA J 35 -5.34 17.67 -28.45
C ALA J 35 -5.47 19.19 -28.33
N ALA J 36 -6.64 19.66 -27.95
CA ALA J 36 -6.90 21.12 -27.83
C ALA J 36 -6.01 21.75 -26.76
N VAL J 37 -5.79 21.06 -25.65
CA VAL J 37 -4.90 21.57 -24.57
C VAL J 37 -3.50 21.70 -25.15
N ARG J 38 -3.11 20.75 -26.00
CA ARG J 38 -1.76 20.75 -26.61
C ARG J 38 -1.60 21.99 -27.48
N THR J 39 -2.65 22.34 -28.22
CA THR J 39 -2.64 23.53 -29.08
C THR J 39 -2.55 24.78 -28.21
N SER J 40 -3.35 24.83 -27.15
CA SER J 40 -3.37 26.00 -26.25
C SER J 40 -2.02 26.17 -25.56
N LEU J 41 -1.39 25.05 -25.20
CA LEU J 41 -0.11 25.11 -24.46
C LEU J 41 1.09 25.21 -25.41
N ALA J 42 0.87 25.16 -26.72
CA ALA J 42 2.00 25.20 -27.62
C ALA J 42 2.73 26.53 -27.50
N ARG J 43 4.05 26.46 -27.54
CA ARG J 43 4.89 27.63 -27.26
C ARG J 43 5.23 28.43 -28.51
N LYS J 44 4.71 28.06 -29.67
CA LYS J 44 4.93 28.79 -30.90
C LYS J 44 3.60 29.14 -31.56
N ASN J 45 3.65 30.05 -32.52
CA ASN J 45 2.46 30.53 -33.22
C ASN J 45 1.99 29.46 -34.22
N VAL J 46 1.43 28.39 -33.66
CA VAL J 46 0.95 27.29 -34.49
C VAL J 46 -0.44 27.54 -35.05
N GLY J 47 -1.19 28.47 -34.47
CA GLY J 47 -2.50 28.84 -34.97
C GLY J 47 -3.59 27.88 -34.57
N PRO J 48 -4.81 28.12 -35.06
CA PRO J 48 -5.93 27.26 -34.67
C PRO J 48 -5.92 25.89 -35.35
N TRP J 49 -5.49 25.82 -36.60
CA TRP J 49 -5.53 24.56 -37.34
C TRP J 49 -4.43 23.59 -36.93
N ALA J 50 -3.69 23.88 -35.86
CA ALA J 50 -2.72 22.93 -35.34
C ALA J 50 -3.36 21.76 -34.59
N ILE J 51 -4.65 21.87 -34.26
CA ILE J 51 -5.32 20.77 -33.57
C ILE J 51 -5.50 19.58 -34.50
N PHE J 52 -5.67 19.83 -35.80
CA PHE J 52 -5.91 18.76 -36.77
C PHE J 52 -4.67 18.40 -37.58
N THR J 53 -3.53 19.08 -37.35
CA THR J 53 -2.31 18.79 -38.10
C THR J 53 -1.20 18.27 -37.22
N ARG J 54 -0.86 18.98 -36.15
CA ARG J 54 0.22 18.56 -35.27
C ARG J 54 -0.27 17.64 -34.15
N ASN J 55 -1.47 17.87 -33.63
CA ASN J 55 -2.04 17.04 -32.57
C ASN J 55 -3.15 16.14 -33.08
N GLY J 56 -3.35 16.05 -34.39
CA GLY J 56 -4.41 15.21 -34.92
C GLY J 56 -4.23 13.74 -34.60
N LYS J 57 -2.98 13.27 -34.58
CA LYS J 57 -2.72 11.87 -34.28
C LYS J 57 -3.17 11.51 -32.87
N LEU J 58 -3.04 12.44 -31.93
CA LEU J 58 -3.47 12.19 -30.56
C LEU J 58 -4.97 11.94 -30.49
N ALA J 59 -5.76 12.77 -31.18
CA ALA J 59 -7.20 12.58 -31.17
C ALA J 59 -7.59 11.36 -32.00
N ALA J 60 -6.88 11.12 -33.10
CA ALA J 60 -7.23 10.01 -33.98
C ALA J 60 -7.07 8.66 -33.28
N THR J 61 -5.99 8.50 -32.51
CA THR J 61 -5.78 7.24 -31.82
C THR J 61 -6.78 7.05 -30.68
N PHE J 62 -7.33 8.14 -30.14
CA PHE J 62 -8.35 8.01 -29.12
C PHE J 62 -9.65 7.46 -29.71
N ALA J 63 -10.04 7.95 -30.88
CA ALA J 63 -11.20 7.39 -31.56
C ALA J 63 -10.95 5.94 -31.96
N ALA J 64 -9.74 5.65 -32.46
CA ALA J 64 -9.42 4.29 -32.86
C ALA J 64 -9.48 3.33 -31.68
N VAL J 65 -8.92 3.74 -30.54
CA VAL J 65 -8.91 2.87 -29.36
C VAL J 65 -10.33 2.70 -28.81
N GLY J 66 -11.06 3.80 -28.69
CA GLY J 66 -12.40 3.72 -28.13
C GLY J 66 -13.36 2.97 -29.01
N GLY J 67 -13.27 3.20 -30.33
CA GLY J 67 -14.19 2.52 -31.24
C GLY J 67 -13.95 1.03 -31.31
N ALA J 68 -12.69 0.61 -31.32
CA ALA J 68 -12.38 -0.81 -31.36
C ALA J 68 -12.86 -1.51 -30.09
N TYR J 69 -12.74 -0.85 -28.95
CA TYR J 69 -13.14 -1.47 -27.70
C TYR J 69 -14.63 -1.77 -27.68
N ASP J 70 -15.46 -0.76 -27.96
CA ASP J 70 -16.90 -0.96 -27.87
C ASP J 70 -17.41 -1.87 -28.97
N PHE J 71 -16.84 -1.74 -30.18
CA PHE J 71 -17.26 -2.58 -31.28
C PHE J 71 -16.92 -4.04 -31.01
N THR J 72 -15.71 -4.30 -30.52
CA THR J 72 -15.32 -5.69 -30.25
C THR J 72 -16.03 -6.22 -29.02
N ARG J 73 -16.32 -5.38 -28.03
CA ARG J 73 -17.12 -5.81 -26.90
C ARG J 73 -18.51 -6.23 -27.34
N ALA J 74 -19.14 -5.41 -28.18
CA ALA J 74 -20.47 -5.75 -28.69
C ALA J 74 -20.41 -6.98 -29.59
N ALA J 75 -19.39 -7.06 -30.45
CA ALA J 75 -19.27 -8.22 -31.32
C ALA J 75 -19.06 -9.49 -30.51
N ALA J 76 -18.27 -9.39 -29.44
CA ALA J 76 -18.05 -10.55 -28.58
C ALA J 76 -19.34 -11.01 -27.92
N ALA J 77 -20.19 -10.06 -27.49
CA ALA J 77 -21.43 -10.42 -26.83
C ALA J 77 -22.37 -11.16 -27.76
N ASN J 78 -22.44 -10.74 -29.03
CA ASN J 78 -23.32 -11.40 -29.98
C ASN J 78 -22.89 -12.84 -30.24
N LEU J 79 -21.59 -13.08 -30.33
CA LEU J 79 -21.12 -14.43 -30.62
C LEU J 79 -21.34 -15.38 -29.45
N ARG J 80 -21.07 -14.90 -28.23
CA ARG J 80 -21.22 -15.75 -27.06
C ARG J 80 -22.64 -15.75 -26.51
N GLU J 81 -23.52 -14.89 -27.02
CA GLU J 81 -24.94 -14.89 -26.65
C GLU J 81 -25.13 -14.67 -25.15
N LYS J 82 -24.25 -13.91 -24.53
CA LYS J 82 -24.29 -13.71 -23.08
C LYS J 82 -23.75 -12.33 -22.73
N GLU J 83 -24.09 -11.88 -21.53
CA GLU J 83 -23.64 -10.59 -21.00
C GLU J 83 -22.96 -10.85 -19.66
N ASP J 84 -21.66 -10.63 -19.60
CA ASP J 84 -20.90 -10.89 -18.38
C ASP J 84 -19.56 -10.17 -18.47
N TRP J 85 -18.69 -10.43 -17.48
CA TRP J 85 -17.39 -9.79 -17.41
C TRP J 85 -16.45 -10.25 -18.52
N VAL J 86 -16.75 -11.37 -19.16
CA VAL J 86 -15.87 -11.91 -20.19
C VAL J 86 -15.78 -10.96 -21.36
N ASN J 87 -16.91 -10.39 -21.79
CA ASN J 87 -16.90 -9.48 -22.94
C ASN J 87 -16.01 -8.28 -22.70
N ASN J 88 -15.97 -7.78 -21.46
CA ASN J 88 -15.05 -6.71 -21.12
C ASN J 88 -13.59 -7.14 -21.27
N GLY J 89 -13.33 -8.43 -21.35
CA GLY J 89 -12.00 -8.94 -21.65
C GLY J 89 -11.67 -8.92 -23.13
N ILE J 90 -12.60 -9.39 -23.97
CA ILE J 90 -12.35 -9.39 -25.41
C ILE J 90 -12.20 -7.97 -25.93
N GLY J 91 -13.08 -7.06 -25.49
CA GLY J 91 -12.96 -5.68 -25.92
C GLY J 91 -11.67 -5.03 -25.46
N GLY J 92 -11.24 -5.33 -24.23
CA GLY J 92 -10.00 -4.76 -23.74
C GLY J 92 -8.79 -5.27 -24.48
N LEU J 93 -8.79 -6.54 -24.87
CA LEU J 93 -7.68 -7.09 -25.62
C LEU J 93 -7.55 -6.43 -26.98
N PHE J 94 -8.67 -6.23 -27.67
CA PHE J 94 -8.62 -5.59 -28.97
C PHE J 94 -8.37 -4.09 -28.87
N ALA J 95 -8.80 -3.48 -27.76
CA ALA J 95 -8.50 -2.07 -27.53
C ALA J 95 -7.02 -1.87 -27.28
N GLY J 96 -6.45 -2.67 -26.38
CA GLY J 96 -5.02 -2.60 -26.13
C GLY J 96 -4.20 -2.92 -27.34
N ALA J 97 -4.68 -3.84 -28.17
CA ALA J 97 -3.98 -4.15 -29.42
C ALA J 97 -3.93 -2.93 -30.32
N THR J 98 -5.02 -2.15 -30.38
CA THR J 98 -5.02 -0.94 -31.18
C THR J 98 -4.05 0.10 -30.63
N MET J 99 -3.92 0.20 -29.31
CA MET J 99 -2.94 1.14 -28.75
C MET J 99 -1.52 0.74 -29.15
N GLY J 100 -1.25 -0.56 -29.20
CA GLY J 100 0.07 -1.02 -29.60
C GLY J 100 0.35 -0.88 -31.08
N LEU J 101 -0.69 -0.80 -31.92
CA LEU J 101 -0.47 -0.65 -33.35
C LEU J 101 0.14 0.70 -33.67
N THR J 102 -0.22 1.73 -32.90
CA THR J 102 0.29 3.08 -33.17
C THR J 102 1.80 3.15 -32.98
N THR J 103 2.31 2.53 -31.92
CA THR J 103 3.74 2.60 -31.65
C THR J 103 4.57 1.72 -32.58
N GLY J 104 3.94 0.79 -33.28
CA GLY J 104 4.64 0.02 -34.30
C GLY J 104 5.56 -1.05 -33.78
N ARG J 105 5.53 -1.32 -32.47
CA ARG J 105 6.44 -2.32 -31.85
C ARG J 105 5.66 -3.59 -31.51
N ILE J 106 6.10 -4.75 -32.03
CA ILE J 106 5.38 -6.00 -31.83
C ILE J 106 5.18 -6.33 -30.36
N PRO J 107 6.23 -6.31 -29.49
CA PRO J 107 6.14 -6.70 -28.07
C PRO J 107 5.04 -5.90 -27.36
N ARG J 108 4.82 -4.66 -27.78
CA ARG J 108 3.88 -3.75 -27.09
C ARG J 108 2.48 -3.96 -27.67
N VAL J 109 2.37 -4.27 -28.95
CA VAL J 109 1.04 -4.64 -29.43
C VAL J 109 0.44 -5.70 -28.53
N LEU J 110 1.22 -6.73 -28.20
CA LEU J 110 0.75 -7.78 -27.30
C LEU J 110 0.71 -7.29 -25.86
N GLY J 111 1.74 -6.55 -25.43
CA GLY J 111 1.82 -6.15 -24.05
C GLY J 111 0.70 -5.21 -23.63
N PHE J 112 0.41 -4.21 -24.46
CA PHE J 112 -0.66 -3.27 -24.14
C PHE J 112 -2.02 -3.96 -24.16
N ALA J 113 -2.19 -4.93 -25.05
CA ALA J 113 -3.42 -5.71 -25.05
C ALA J 113 -3.56 -6.52 -23.76
N ALA J 114 -2.44 -7.05 -23.26
CA ALA J 114 -2.49 -7.81 -22.02
C ALA J 114 -2.94 -6.94 -20.85
N LEU J 115 -2.29 -5.79 -20.67
CA LEU J 115 -2.62 -4.93 -19.55
C LEU J 115 -4.06 -4.43 -19.64
N THR J 116 -4.48 -3.99 -20.83
CA THR J 116 -5.82 -3.44 -20.99
C THR J 116 -6.88 -4.51 -20.78
N GLY J 117 -6.68 -5.70 -21.33
CA GLY J 117 -7.66 -6.75 -21.19
C GLY J 117 -7.84 -7.21 -19.76
N VAL J 118 -6.73 -7.34 -19.03
CA VAL J 118 -6.80 -7.82 -17.65
C VAL J 118 -7.55 -6.82 -16.78
N VAL J 119 -7.22 -5.53 -16.90
CA VAL J 119 -7.80 -4.55 -16.01
C VAL J 119 -9.28 -4.32 -16.32
N LEU J 120 -9.64 -4.27 -17.60
CA LEU J 120 -11.03 -4.02 -17.95
C LEU J 120 -11.93 -5.21 -17.61
N ALA J 121 -11.36 -6.41 -17.55
CA ALA J 121 -12.13 -7.56 -17.10
C ALA J 121 -12.13 -7.65 -15.57
N THR J 122 -11.03 -7.29 -14.93
CA THR J 122 -10.95 -7.34 -13.48
C THR J 122 -11.90 -6.34 -12.84
N ALA J 123 -12.04 -5.16 -13.45
CA ALA J 123 -13.01 -4.19 -12.95
C ALA J 123 -14.43 -4.73 -13.04
N GLU J 124 -14.77 -5.38 -14.15
CA GLU J 124 -16.15 -5.82 -14.34
C GLU J 124 -16.46 -7.03 -13.47
N TYR J 125 -15.51 -7.95 -13.32
CA TYR J 125 -15.81 -9.20 -12.56
C TYR J 125 -15.89 -8.86 -11.07
N ALA J 126 -15.10 -7.90 -10.62
CA ALA J 126 -15.19 -7.43 -9.22
C ALA J 126 -16.54 -6.75 -9.01
N GLY J 127 -17.00 -5.98 -10.00
CA GLY J 127 -18.23 -5.18 -9.85
C GLY J 127 -17.88 -3.73 -10.11
N SER J 128 -18.85 -2.91 -10.54
CA SER J 128 -18.45 -1.52 -10.91
C SER J 128 -18.13 -0.69 -9.67
N GLY J 129 -16.84 -0.53 -9.34
CA GLY J 129 -16.42 0.31 -8.22
C GLY J 129 -16.61 1.79 -8.51
N LEU J 130 -16.34 2.22 -9.75
CA LEU J 130 -16.38 3.67 -10.09
C LEU J 130 -17.79 4.26 -9.97
N ARG J 131 -18.84 3.43 -10.05
CA ARG J 131 -20.18 3.93 -9.80
C ARG J 131 -20.65 3.40 -8.44
N GLY J 132 -21.92 3.62 -8.12
CA GLY J 132 -22.50 3.06 -6.93
C GLY J 132 -22.51 1.55 -6.98
N VAL J 133 -21.92 0.90 -5.97
CA VAL J 133 -21.85 -0.55 -5.94
C VAL J 133 -23.25 -1.13 -5.76
N PHE J 134 -23.46 -2.32 -6.30
CA PHE J 134 -24.76 -2.96 -6.22
C PHE J 134 -25.11 -3.25 -4.75
N LYS J 135 -26.36 -2.98 -4.39
CA LYS J 135 -26.85 -3.21 -3.04
C LYS J 135 -27.76 -4.43 -3.04
N ARG J 136 -27.43 -5.41 -2.20
CA ARG J 136 -28.24 -6.61 -2.11
C ARG J 136 -29.60 -6.33 -1.47
N ASP J 137 -29.68 -5.30 -0.63
CA ASP J 137 -30.90 -4.91 0.07
C ASP J 137 -31.42 -6.06 0.95
N VAL J 138 -30.56 -6.49 1.90
CA VAL J 138 -30.93 -7.61 2.80
C VAL J 138 -30.43 -7.25 4.21
N ASP J 139 -30.56 -8.16 5.19
CA ASP J 139 -30.01 -7.90 6.54
C ASP J 139 -28.55 -8.31 6.57
N GLU J 140 -27.64 -7.35 6.74
CA GLU J 140 -26.19 -7.64 6.80
C GLU J 140 -25.85 -8.49 8.02
N TYR J 141 -26.49 -8.23 9.16
CA TYR J 141 -26.19 -8.98 10.41
C TYR J 141 -26.58 -10.44 10.23
N GLU J 142 -27.74 -10.68 9.62
CA GLU J 142 -28.18 -12.07 9.36
C GLU J 142 -27.19 -12.72 8.38
N ARG J 143 -26.78 -12.01 7.32
CA ARG J 143 -25.91 -12.61 6.28
C ARG J 143 -24.55 -12.96 6.86
N LYS J 144 -23.97 -12.05 7.64
CA LYS J 144 -22.61 -12.25 8.22
C LYS J 144 -22.67 -13.35 9.26
N GLU J 145 -23.70 -13.33 10.09
CA GLU J 145 -23.83 -14.32 11.18
C GLU J 145 -24.05 -15.72 10.61
N PHE J 146 -24.80 -15.85 9.52
CA PHE J 146 -25.03 -17.17 8.89
C PHE J 146 -23.71 -17.72 8.42
N LEU J 147 -22.89 -16.85 7.86
CA LEU J 147 -21.59 -17.29 7.33
C LEU J 147 -20.69 -17.75 8.46
N ARG J 148 -20.76 -17.13 9.63
CA ARG J 148 -19.86 -17.46 10.77
C ARG J 148 -20.33 -18.72 11.50
N LYS J 149 -21.64 -18.97 11.51
CA LYS J 149 -22.18 -20.12 12.22
C LYS J 149 -22.60 -21.25 11.30
N ASN J 150 -22.32 -21.16 10.01
CA ASN J 150 -22.58 -22.27 9.08
C ASN J 150 -21.39 -23.23 9.11
N ARG J 151 -21.22 -23.85 10.27
CA ARG J 151 -20.03 -24.65 10.51
C ARG J 151 -20.11 -26.01 9.83
N ARG J 152 -21.25 -26.69 9.89
CA ARG J 152 -21.31 -27.99 9.17
C ARG J 152 -22.23 -27.86 7.98
N ARG J 153 -22.02 -28.68 6.97
CA ARG J 153 -22.83 -28.61 5.73
C ARG J 153 -23.32 -30.00 5.37
N PRO J 154 -24.38 -30.14 4.56
CA PRO J 154 -24.77 -31.45 4.04
C PRO J 154 -23.59 -32.13 3.32
N ILE J 155 -23.47 -33.45 3.45
CA ILE J 155 -22.41 -34.16 2.75
C ILE J 155 -22.55 -34.00 1.25
N GLU J 156 -23.78 -33.91 0.76
CA GLU J 156 -24.05 -33.82 -0.70
C GLU J 156 -23.50 -32.50 -1.22
N GLU J 157 -23.62 -31.45 -0.42
CA GLU J 157 -23.14 -30.11 -0.80
C GLU J 157 -21.64 -30.13 -1.13
N THR J 158 -20.83 -30.77 -0.29
CA THR J 158 -19.36 -30.76 -0.50
C THR J 158 -18.97 -31.70 -1.64
N LEU J 159 -19.66 -32.83 -1.79
CA LEU J 159 -19.29 -33.85 -2.79
C LEU J 159 -19.60 -33.30 -4.17
N ALA J 160 -20.28 -32.17 -4.22
CA ALA J 160 -20.69 -31.58 -5.49
C ALA J 160 -19.50 -30.76 -6.01
N GLU J 161 -18.82 -30.08 -5.11
CA GLU J 161 -17.66 -29.24 -5.55
C GLU J 161 -16.38 -30.05 -5.70
N ILE J 162 -16.09 -30.94 -4.75
CA ILE J 162 -14.80 -31.68 -4.84
C ILE J 162 -15.06 -33.03 -5.52
N GLY J 163 -16.05 -33.78 -5.07
CA GLY J 163 -16.32 -35.11 -5.63
C GLY J 163 -15.70 -36.21 -4.78
N GLU J 164 -16.23 -37.42 -4.86
CA GLU J 164 -15.65 -38.58 -4.13
C GLU J 164 -14.35 -39.00 -4.80
N GLY J 165 -13.42 -39.57 -4.04
CA GLY J 165 -12.10 -39.92 -4.57
C GLY J 165 -11.06 -38.96 -4.02
N ARG J 166 -9.79 -39.18 -4.32
CA ARG J 166 -8.70 -38.32 -3.79
C ARG J 166 -8.79 -38.33 -2.27
N GLY J 167 -9.07 -39.48 -1.67
CA GLY J 167 -9.08 -39.62 -0.21
C GLY J 167 -10.41 -39.24 0.38
N ILE J 168 -11.34 -38.83 -0.46
CA ILE J 168 -12.71 -38.51 0.02
C ILE J 168 -13.53 -39.75 -0.28
N LYS J 169 -13.49 -40.73 0.61
CA LYS J 169 -14.24 -41.98 0.41
C LYS J 169 -15.44 -41.96 1.34
N PRO J 170 -16.61 -41.48 0.87
CA PRO J 170 -17.79 -41.36 1.72
C PRO J 170 -18.37 -42.74 2.01
N PRO J 171 -19.16 -42.99 3.09
CA PRO J 171 -19.61 -44.35 3.29
C PRO J 171 -20.38 -44.81 2.05
N GLY J 172 -20.03 -45.98 1.52
CA GLY J 172 -20.67 -46.50 0.29
C GLY J 172 -19.83 -46.29 -0.94
N TYR J 173 -18.57 -45.86 -0.78
CA TYR J 173 -17.68 -45.56 -1.93
C TYR J 173 -17.34 -46.84 -2.70
N TYR J 174 -17.09 -47.94 -2.01
CA TYR J 174 -16.65 -49.19 -2.67
C TYR J 174 -17.75 -49.78 -3.57
N GLU J 175 -18.98 -49.82 -3.08
CA GLU J 175 -20.11 -50.37 -3.89
C GLU J 175 -20.35 -49.49 -5.11
N ARG J 176 -20.27 -48.18 -4.93
CA ARG J 176 -20.44 -47.25 -6.08
C ARG J 176 -19.28 -47.45 -7.06
N ARG J 177 -18.07 -47.65 -6.55
CA ARG J 177 -16.89 -47.76 -7.42
C ARG J 177 -17.03 -49.04 -8.23
N ALA J 178 -17.54 -50.08 -7.58
CA ALA J 178 -17.79 -51.30 -8.33
C ALA J 178 -18.74 -51.04 -9.50
N GLN J 179 -19.83 -50.33 -9.22
CA GLN J 179 -20.77 -50.00 -10.28
C GLN J 179 -20.12 -49.12 -11.33
N ARG J 180 -19.33 -48.14 -10.91
CA ARG J 180 -18.64 -47.27 -11.85
C ARG J 180 -17.65 -48.06 -12.70
N LEU J 181 -16.84 -48.91 -12.07
CA LEU J 181 -15.84 -49.66 -12.79
C LEU J 181 -16.46 -50.69 -13.73
N LYS J 182 -17.57 -51.31 -13.30
CA LYS J 182 -18.26 -52.27 -14.17
C LYS J 182 -18.78 -51.60 -15.42
N GLU J 183 -19.34 -50.40 -15.29
CA GLU J 183 -19.92 -49.71 -16.44
C GLU J 183 -18.84 -49.33 -17.45
N LYS J 184 -17.68 -48.88 -16.98
CA LYS J 184 -16.66 -48.34 -17.85
C LYS J 184 -15.66 -49.38 -18.33
N TYR J 185 -15.33 -50.34 -17.48
CA TYR J 185 -14.30 -51.35 -17.81
C TYR J 185 -14.92 -52.69 -18.22
N GLY J 186 -16.18 -52.91 -17.85
CA GLY J 186 -16.84 -54.17 -18.15
C GLY J 186 -16.24 -55.36 -17.44
N VAL J 187 -15.73 -55.16 -16.22
CA VAL J 187 -15.14 -56.24 -15.43
C VAL J 187 -15.69 -56.13 -14.01
N ASP J 188 -16.11 -57.26 -13.46
CA ASP J 188 -16.62 -57.30 -12.10
C ASP J 188 -15.47 -57.41 -11.11
N ILE J 189 -15.52 -56.59 -10.06
CA ILE J 189 -14.47 -56.59 -9.05
C ILE J 189 -14.77 -57.68 -8.03
N ASN J 190 -13.78 -58.53 -7.78
CA ASN J 190 -13.94 -59.64 -6.83
C ASN J 190 -12.57 -59.95 -6.26
N PRO J 191 -12.15 -59.24 -5.22
CA PRO J 191 -10.80 -59.44 -4.67
C PRO J 191 -10.63 -60.83 -4.08
N VAL J 192 -9.37 -61.31 -4.10
CA VAL J 192 -9.07 -62.67 -3.66
C VAL J 192 -9.07 -62.76 -2.14
N CYS J 193 -9.11 -63.99 -1.64
CA CYS J 193 -9.35 -64.21 -0.22
C CYS J 193 -8.15 -63.82 0.63
N ALA J 194 -6.99 -64.39 0.33
CA ALA J 194 -5.72 -64.32 1.07
C ALA J 194 -5.64 -65.30 2.23
N ASP J 195 -6.67 -66.09 2.49
CA ASP J 195 -6.60 -67.15 3.50
C ASP J 195 -6.97 -68.47 2.86
N PRO J 196 -6.08 -69.48 2.88
CA PRO J 196 -6.46 -70.80 2.38
C PRO J 196 -7.66 -71.40 3.09
N ASP J 197 -7.89 -71.03 4.34
CA ASP J 197 -9.04 -71.52 5.10
C ASP J 197 -10.11 -70.42 5.13
N GLN J 198 -11.32 -70.78 4.70
CA GLN J 198 -12.45 -69.86 4.66
C GLN J 198 -12.13 -68.61 3.85
N ASN K 2 -29.73 34.43 -18.05
CA ASN K 2 -28.75 33.91 -19.01
C ASN K 2 -27.49 34.75 -19.01
N ILE K 3 -27.63 36.00 -18.57
CA ILE K 3 -26.48 36.92 -18.50
C ILE K 3 -25.48 36.43 -17.47
N THR K 4 -25.95 35.84 -16.36
CA THR K 4 -25.05 35.40 -15.31
C THR K 4 -24.16 34.26 -15.79
N LEU K 5 -24.70 33.37 -16.63
CA LEU K 5 -23.90 32.26 -17.14
C LEU K 5 -22.90 32.73 -18.20
N ILE K 6 -23.27 33.72 -18.99
CA ILE K 6 -22.35 34.25 -20.00
C ILE K 6 -21.12 34.86 -19.33
N LEU K 7 -21.33 35.65 -18.29
CA LEU K 7 -20.20 36.28 -17.61
C LEU K 7 -19.36 35.26 -16.87
N PHE K 8 -19.96 34.16 -16.41
CA PHE K 8 -19.18 33.12 -15.77
C PHE K 8 -18.28 32.43 -16.79
N LEU K 9 -18.76 32.27 -18.01
CA LEU K 9 -17.93 31.78 -19.09
C LEU K 9 -16.78 32.74 -19.37
N ILE K 10 -17.07 34.04 -19.39
CA ILE K 10 -16.04 35.03 -19.71
C ILE K 10 -14.88 34.95 -18.72
N GLY K 11 -15.20 34.87 -17.42
CA GLY K 11 -14.14 34.71 -16.45
C GLY K 11 -13.39 33.41 -16.62
N ILE K 12 -14.11 32.34 -16.97
CA ILE K 12 -13.48 31.05 -17.22
C ILE K 12 -12.62 31.12 -18.48
N LEU K 13 -13.15 31.70 -19.55
CA LEU K 13 -12.37 31.85 -20.77
C LEU K 13 -11.19 32.79 -20.59
N GLY K 14 -11.22 33.66 -19.58
CA GLY K 14 -10.05 34.45 -19.26
C GLY K 14 -8.88 33.58 -18.86
N PHE K 15 -9.15 32.46 -18.18
CA PHE K 15 -8.11 31.49 -17.86
C PHE K 15 -7.76 30.62 -19.06
N VAL K 16 -8.72 30.43 -19.98
CA VAL K 16 -8.45 29.62 -21.17
C VAL K 16 -7.48 30.34 -22.10
N LEU K 17 -7.57 31.66 -22.17
CA LEU K 17 -6.84 32.43 -23.16
C LEU K 17 -5.63 33.15 -22.58
N ASN K 18 -5.09 32.70 -21.45
CA ASN K 18 -4.07 33.44 -20.73
C ASN K 18 -2.82 32.59 -20.54
N ARG K 19 -1.75 32.96 -21.23
CA ARG K 19 -0.45 32.36 -21.02
C ARG K 19 0.54 33.28 -20.32
N LYS K 20 0.28 34.58 -20.27
CA LYS K 20 1.30 35.52 -19.79
C LYS K 20 0.79 36.44 -18.69
N ASN K 21 -0.45 36.90 -18.79
CA ASN K 21 -1.01 37.83 -17.80
C ASN K 21 -1.31 37.09 -16.52
N ILE K 22 -0.60 37.41 -15.45
CA ILE K 22 -1.07 37.03 -14.13
C ILE K 22 -1.97 38.11 -13.55
N ILE K 23 -1.97 39.31 -14.14
CA ILE K 23 -2.96 40.32 -13.79
C ILE K 23 -4.34 39.91 -14.27
N LEU K 24 -4.41 39.36 -15.49
CA LEU K 24 -5.71 38.98 -16.05
C LEU K 24 -6.32 37.79 -15.32
N MET K 25 -5.50 36.98 -14.62
CA MET K 25 -6.09 35.96 -13.75
C MET K 25 -6.71 36.56 -12.51
N LEU K 26 -6.15 37.65 -12.00
CA LEU K 26 -6.83 38.39 -10.94
C LEU K 26 -8.15 38.95 -11.45
N ILE K 27 -8.17 39.46 -12.67
CA ILE K 27 -9.39 40.04 -13.22
C ILE K 27 -10.43 38.95 -13.47
N SER K 28 -10.00 37.80 -13.97
CA SER K 28 -10.97 36.74 -14.33
C SER K 28 -11.59 36.14 -13.08
N ILE K 29 -10.87 36.11 -11.95
CA ILE K 29 -11.44 35.62 -10.67
C ILE K 29 -12.57 36.55 -10.24
N GLU K 30 -12.39 37.86 -10.37
CA GLU K 30 -13.41 38.86 -10.01
C GLU K 30 -14.65 38.81 -10.91
N ILE K 31 -14.47 38.59 -12.21
CA ILE K 31 -15.61 38.43 -13.15
C ILE K 31 -16.43 37.22 -12.71
N MET K 32 -15.77 36.13 -12.32
CA MET K 32 -16.49 34.93 -11.84
C MET K 32 -17.24 35.21 -10.53
N LEU K 33 -16.66 35.95 -9.61
CA LEU K 33 -17.36 36.35 -8.35
C LEU K 33 -18.57 37.21 -8.67
N LEU K 34 -18.46 38.15 -9.62
CA LEU K 34 -19.58 39.03 -10.00
C LEU K 34 -20.73 38.21 -10.58
N SER K 35 -20.41 37.23 -11.41
CA SER K 35 -21.48 36.42 -12.06
C SER K 35 -22.23 35.65 -10.97
N ILE K 36 -21.51 35.04 -10.04
CA ILE K 36 -22.13 34.21 -8.96
C ILE K 36 -22.95 35.11 -8.03
N THR K 37 -22.43 36.28 -7.66
CA THR K 37 -23.22 37.22 -6.82
C THR K 37 -24.47 37.70 -7.58
N PHE K 38 -24.34 38.02 -8.86
CA PHE K 38 -25.47 38.49 -9.70
C PHE K 38 -26.53 37.39 -9.81
N LEU K 39 -26.10 36.13 -9.94
CA LEU K 39 -27.05 34.99 -9.97
C LEU K 39 -27.81 34.92 -8.65
N ILE K 40 -27.11 34.93 -7.52
CA ILE K 40 -27.76 34.89 -6.18
C ILE K 40 -28.72 36.07 -6.06
N LEU K 41 -28.31 37.26 -6.50
CA LEU K 41 -29.14 38.48 -6.39
C LEU K 41 -30.42 38.42 -7.22
N LEU K 42 -30.37 37.82 -8.40
CA LEU K 42 -31.54 37.74 -9.32
C LEU K 42 -32.46 36.63 -8.84
N SER K 43 -31.89 35.53 -8.34
CA SER K 43 -32.73 34.49 -7.76
C SER K 43 -33.35 34.93 -6.45
N SER K 44 -32.75 35.89 -5.76
CA SER K 44 -33.29 36.42 -4.48
C SER K 44 -34.55 37.23 -4.75
N LEU K 45 -34.51 38.13 -5.73
CA LEU K 45 -35.71 38.89 -6.15
C LEU K 45 -36.81 37.93 -6.62
N ASN K 46 -36.46 36.77 -7.17
CA ASN K 46 -37.49 35.85 -7.72
C ASN K 46 -38.15 35.06 -6.61
N MET K 47 -37.54 34.99 -5.42
CA MET K 47 -38.09 34.18 -4.29
C MET K 47 -38.46 35.05 -3.11
N ASP K 48 -38.42 36.37 -3.24
CA ASP K 48 -38.76 37.34 -2.15
C ASP K 48 -37.93 37.06 -0.90
N ASP K 49 -36.63 36.86 -1.06
CA ASP K 49 -35.78 36.47 0.09
C ASP K 49 -34.69 37.52 0.29
N ILE K 50 -34.68 38.18 1.43
CA ILE K 50 -33.64 39.16 1.73
C ILE K 50 -32.32 38.53 2.12
N ILE K 51 -32.31 37.22 2.38
CA ILE K 51 -31.08 36.57 2.82
C ILE K 51 -30.11 36.40 1.67
N GLY K 52 -30.64 36.35 0.44
CA GLY K 52 -29.77 36.34 -0.72
C GLY K 52 -29.02 37.65 -0.89
N GLN K 53 -29.68 38.77 -0.57
CA GLN K 53 -29.02 40.06 -0.61
C GLN K 53 -27.92 40.14 0.44
N THR K 54 -28.12 39.49 1.58
CA THR K 54 -27.10 39.50 2.62
C THR K 54 -25.90 38.66 2.21
N TYR K 55 -26.16 37.50 1.62
CA TYR K 55 -25.08 36.65 1.12
C TYR K 55 -24.32 37.32 0.00
N ALA K 56 -25.00 38.09 -0.86
CA ALA K 56 -24.31 38.86 -1.86
C ALA K 56 -23.38 39.89 -1.23
N ILE K 57 -23.83 40.54 -0.17
CA ILE K 57 -23.02 41.57 0.50
C ILE K 57 -21.75 40.96 1.06
N TYR K 58 -21.85 39.80 1.70
CA TYR K 58 -20.68 39.18 2.30
C TYR K 58 -19.74 38.65 1.23
N ILE K 59 -20.27 38.34 0.04
CA ILE K 59 -19.38 37.87 -1.06
C ILE K 59 -18.60 39.06 -1.60
N ILE K 60 -19.19 40.25 -1.58
CA ILE K 60 -18.51 41.50 -2.02
C ILE K 60 -17.39 41.85 -1.04
N VAL K 61 -17.61 41.66 0.25
CA VAL K 61 -16.60 41.99 1.30
C VAL K 61 -15.42 41.02 1.17
N VAL K 62 -15.69 39.72 1.13
CA VAL K 62 -14.64 38.69 0.95
C VAL K 62 -13.93 38.90 -0.39
N ALA K 63 -14.66 39.30 -1.41
CA ALA K 63 -14.06 39.53 -2.73
C ALA K 63 -13.05 40.67 -2.66
N GLY K 64 -13.40 41.78 -2.01
CA GLY K 64 -12.47 42.89 -1.83
C GLY K 64 -11.29 42.48 -0.97
N ALA K 65 -11.54 41.70 0.08
CA ALA K 65 -10.46 41.24 0.98
C ALA K 65 -9.47 40.38 0.20
N GLU K 66 -9.94 39.52 -0.69
CA GLU K 66 -8.97 38.73 -1.51
C GLU K 66 -8.22 39.65 -2.46
N SER K 67 -8.88 40.68 -2.96
CA SER K 67 -8.19 41.65 -3.85
C SER K 67 -7.05 42.32 -3.09
N ALA K 68 -7.30 42.71 -1.85
CA ALA K 68 -6.25 43.32 -1.01
C ALA K 68 -5.14 42.31 -0.74
N ILE K 69 -5.50 41.09 -0.35
CA ILE K 69 -4.49 40.04 -0.01
C ILE K 69 -3.71 39.69 -1.27
N GLY K 70 -4.39 39.59 -2.41
CA GLY K 70 -3.75 39.26 -3.69
C GLY K 70 -2.84 40.32 -4.23
N LEU K 71 -3.23 41.59 -4.16
CA LEU K 71 -2.42 42.66 -4.78
C LEU K 71 -1.28 42.96 -3.81
N GLY K 72 -1.46 42.65 -2.53
CA GLY K 72 -0.33 42.76 -1.64
C GLY K 72 0.74 41.72 -1.89
N ILE K 73 0.32 40.48 -2.16
CA ILE K 73 1.28 39.42 -2.48
C ILE K 73 1.95 39.71 -3.81
N LEU K 74 1.19 40.27 -4.77
CA LEU K 74 1.78 40.65 -6.04
C LEU K 74 2.82 41.75 -5.87
N VAL K 75 2.63 42.63 -4.89
CA VAL K 75 3.62 43.66 -4.62
C VAL K 75 4.87 43.06 -4.00
N ALA K 76 4.71 42.10 -3.09
CA ALA K 76 5.85 41.40 -2.48
C ALA K 76 6.66 40.68 -3.57
N PHE K 77 5.98 40.03 -4.50
CA PHE K 77 6.63 39.31 -5.63
C PHE K 77 7.38 40.28 -6.56
N TYR K 78 6.78 41.42 -6.91
CA TYR K 78 7.39 42.43 -7.82
C TYR K 78 8.64 43.05 -7.20
N ARG K 79 8.66 43.28 -5.89
CA ARG K 79 9.80 43.98 -5.23
C ARG K 79 11.08 43.19 -5.50
N LEU K 80 11.01 41.86 -5.50
CA LEU K 80 12.21 41.03 -5.71
C LEU K 80 12.39 40.59 -7.16
N ARG K 81 11.35 40.59 -7.98
CA ARG K 81 11.48 40.03 -9.35
C ARG K 81 11.63 41.14 -10.40
N GLY K 82 10.89 42.23 -10.26
CA GLY K 82 11.04 43.38 -11.18
C GLY K 82 10.21 43.24 -12.42
N SER K 83 9.47 42.15 -12.53
CA SER K 83 8.58 41.93 -13.68
C SER K 83 7.41 41.07 -13.19
N ILE K 84 6.24 41.24 -13.79
CA ILE K 84 5.10 40.35 -13.43
C ILE K 84 4.85 39.52 -14.68
N ALA K 85 5.90 39.24 -15.45
CA ALA K 85 5.72 38.54 -16.71
C ALA K 85 6.22 37.12 -16.59
N ILE K 86 5.47 36.18 -17.20
CA ILE K 86 5.91 34.79 -17.21
C ILE K 86 6.73 34.52 -18.47
N GLU K 87 7.91 33.95 -18.25
CA GLU K 87 8.85 33.64 -19.34
C GLU K 87 8.33 32.40 -20.05
N TYR K 88 7.50 32.62 -21.06
CA TYR K 88 6.88 31.51 -21.79
C TYR K 88 7.46 31.37 -23.18
N GLU L 57 69.13 -42.34 -6.36
CA GLU L 57 67.70 -42.06 -6.21
C GLU L 57 67.02 -42.03 -7.57
N GLY L 58 67.26 -40.97 -8.32
CA GLY L 58 66.73 -40.83 -9.66
C GLY L 58 67.69 -41.36 -10.71
N LEU L 59 67.52 -40.87 -11.94
CA LEU L 59 68.40 -41.29 -13.03
C LEU L 59 69.78 -40.66 -12.89
N GLN L 60 70.80 -41.42 -13.25
CA GLN L 60 72.17 -40.95 -13.24
C GLN L 60 72.68 -40.77 -14.66
N LYS L 61 73.69 -39.91 -14.79
CA LYS L 61 74.26 -39.64 -16.11
C LYS L 61 74.90 -40.89 -16.71
N VAL L 62 75.57 -41.69 -15.89
CA VAL L 62 76.19 -42.90 -16.39
C VAL L 62 75.15 -43.93 -16.82
N GLU L 63 74.02 -43.99 -16.09
CA GLU L 63 72.98 -44.93 -16.45
C GLU L 63 72.32 -44.56 -17.77
N VAL L 64 71.98 -43.29 -17.95
CA VAL L 64 71.35 -42.87 -19.20
C VAL L 64 72.32 -43.02 -20.36
N TYR L 65 73.61 -42.76 -20.13
CA TYR L 65 74.58 -42.80 -21.22
C TYR L 65 74.78 -44.22 -21.72
N GLU L 66 74.87 -45.19 -20.80
CA GLU L 66 75.07 -46.57 -21.21
C GLU L 66 73.92 -47.07 -22.08
N ARG L 67 72.69 -46.63 -21.78
CA ARG L 67 71.54 -47.08 -22.56
C ARG L 67 71.50 -46.43 -23.93
N ILE L 68 71.77 -45.13 -24.03
CA ILE L 68 71.80 -44.49 -25.34
C ILE L 68 73.02 -44.93 -26.15
N LYS L 69 74.14 -45.20 -25.49
CA LYS L 69 75.28 -45.70 -26.23
C LYS L 69 74.96 -47.03 -26.91
N SER L 70 74.30 -47.93 -26.17
CA SER L 70 73.90 -49.21 -26.75
C SER L 70 72.80 -49.04 -27.79
N LEU L 71 71.99 -48.00 -27.65
CA LEU L 71 70.96 -47.73 -28.65
C LEU L 71 71.58 -47.34 -29.98
N LEU L 72 72.51 -46.37 -29.97
CA LEU L 72 73.12 -45.92 -31.20
C LEU L 72 74.11 -46.93 -31.73
N ALA L 73 74.71 -47.74 -30.86
CA ALA L 73 75.63 -48.77 -31.30
C ALA L 73 74.93 -49.81 -32.16
N GLY L 74 73.70 -50.17 -31.78
CA GLY L 74 72.93 -51.13 -32.53
C GLY L 74 72.22 -50.56 -33.73
N PHE L 75 72.52 -49.32 -34.10
CA PHE L 75 71.89 -48.68 -35.25
C PHE L 75 72.90 -48.63 -36.39
N ASP L 76 72.55 -49.27 -37.51
CA ASP L 76 73.49 -49.44 -38.62
C ASP L 76 73.81 -48.14 -39.33
N LYS L 77 73.09 -47.07 -39.03
CA LYS L 77 73.30 -45.82 -39.74
C LYS L 77 74.37 -44.95 -39.11
N VAL L 78 74.93 -45.34 -37.96
CA VAL L 78 76.07 -44.61 -37.42
C VAL L 78 77.32 -45.05 -38.17
N ASN L 79 78.20 -44.08 -38.43
CA ASN L 79 79.38 -44.36 -39.24
C ASN L 79 80.29 -45.39 -38.58
N ASP L 80 80.45 -45.30 -37.26
CA ASP L 80 81.28 -46.25 -36.55
C ASP L 80 80.84 -46.29 -35.09
N PRO L 81 80.76 -47.46 -34.48
CA PRO L 81 80.43 -47.52 -33.04
C PRO L 81 81.47 -46.86 -32.17
N ASN L 82 82.71 -46.71 -32.64
CA ASN L 82 83.79 -46.21 -31.80
C ASN L 82 83.57 -44.76 -31.41
N ASN L 83 83.20 -43.91 -32.38
CA ASN L 83 83.10 -42.47 -32.13
C ASN L 83 81.67 -42.09 -31.73
N ILE L 84 81.17 -42.78 -30.71
CA ILE L 84 79.94 -42.38 -30.01
C ILE L 84 80.35 -42.07 -28.58
N THR L 85 80.42 -40.78 -28.25
CA THR L 85 80.76 -40.33 -26.92
C THR L 85 79.59 -39.53 -26.34
N GLU L 86 79.76 -39.07 -25.10
CA GLU L 86 78.73 -38.26 -24.47
C GLU L 86 78.45 -37.00 -25.27
N THR L 87 79.49 -36.42 -25.88
CA THR L 87 79.34 -35.19 -26.65
C THR L 87 79.25 -35.44 -28.14
N ALA L 88 78.70 -36.58 -28.56
CA ALA L 88 78.61 -36.89 -29.98
C ALA L 88 77.45 -36.13 -30.62
N HIS L 89 77.67 -35.68 -31.85
CA HIS L 89 76.65 -35.01 -32.65
C HIS L 89 76.06 -35.99 -33.65
N PHE L 90 74.75 -35.90 -33.85
CA PHE L 90 74.09 -36.83 -34.76
C PHE L 90 74.41 -36.52 -36.21
N ALA L 91 74.36 -35.24 -36.59
CA ALA L 91 74.43 -34.87 -37.99
C ALA L 91 75.81 -35.13 -38.59
N ASN L 92 76.86 -34.68 -37.91
CA ASN L 92 78.19 -34.76 -38.48
C ASN L 92 79.14 -35.68 -37.73
N ASP L 93 79.10 -35.68 -36.39
CA ASP L 93 79.97 -36.58 -35.64
C ASP L 93 79.59 -38.04 -35.90
N LEU L 94 78.30 -38.33 -35.94
CA LEU L 94 77.84 -39.68 -36.23
C LEU L 94 77.41 -39.85 -37.69
N GLY L 95 77.17 -38.76 -38.41
CA GLY L 95 76.80 -38.85 -39.81
C GLY L 95 75.44 -39.46 -40.02
N LEU L 96 74.39 -38.79 -39.58
CA LEU L 96 73.03 -39.28 -39.69
C LEU L 96 72.19 -38.32 -40.53
N ASP L 97 71.25 -38.87 -41.28
CA ASP L 97 70.40 -38.07 -42.13
C ASP L 97 69.32 -37.38 -41.29
N SER L 98 68.47 -36.60 -41.96
CA SER L 98 67.43 -35.82 -41.25
C SER L 98 66.30 -36.74 -40.81
N LEU L 99 66.20 -37.92 -41.43
CA LEU L 99 65.18 -38.87 -41.01
C LEU L 99 65.73 -39.92 -40.06
N ASP L 100 67.01 -40.24 -40.16
CA ASP L 100 67.62 -41.19 -39.23
C ASP L 100 67.61 -40.63 -37.81
N THR L 101 67.79 -39.32 -37.67
CA THR L 101 67.74 -38.71 -36.34
C THR L 101 66.33 -38.73 -35.77
N VAL L 102 65.30 -38.64 -36.61
CA VAL L 102 63.94 -38.79 -36.12
C VAL L 102 63.71 -40.21 -35.61
N GLU L 103 64.22 -41.21 -36.34
CA GLU L 103 64.16 -42.58 -35.86
C GLU L 103 64.91 -42.74 -34.54
N VAL L 104 66.06 -42.06 -34.41
CA VAL L 104 66.88 -42.18 -33.21
C VAL L 104 66.12 -41.69 -31.99
N VAL L 105 65.48 -40.53 -32.10
CA VAL L 105 64.78 -39.96 -30.95
C VAL L 105 63.56 -40.81 -30.60
N MET L 106 62.96 -41.47 -31.59
CA MET L 106 61.91 -42.43 -31.30
C MET L 106 62.44 -43.62 -30.51
N ALA L 107 63.62 -44.11 -30.87
CA ALA L 107 64.22 -45.21 -30.11
C ALA L 107 64.56 -44.76 -28.70
N ILE L 108 65.04 -43.53 -28.54
CA ILE L 108 65.30 -42.99 -27.20
C ILE L 108 64.00 -42.87 -26.43
N GLU L 109 62.93 -42.46 -27.10
CA GLU L 109 61.62 -42.35 -26.46
C GLU L 109 61.13 -43.71 -25.97
N GLU L 110 61.33 -44.75 -26.79
CA GLU L 110 60.92 -46.10 -26.39
C GLU L 110 61.74 -46.60 -25.20
N GLU L 111 63.04 -46.31 -25.19
CA GLU L 111 63.91 -46.81 -24.14
C GLU L 111 63.50 -46.30 -22.76
N PHE L 112 63.07 -45.04 -22.70
CA PHE L 112 62.79 -44.41 -21.39
C PHE L 112 61.28 -44.28 -21.12
N SER L 113 60.44 -44.74 -22.05
CA SER L 113 58.97 -44.75 -21.85
C SER L 113 58.46 -43.34 -21.54
N ILE L 114 58.94 -42.36 -22.30
CA ILE L 114 58.57 -40.95 -22.09
C ILE L 114 57.98 -40.43 -23.39
N GLU L 115 57.51 -39.19 -23.43
CA GLU L 115 57.06 -38.59 -24.71
C GLU L 115 57.91 -37.36 -25.03
N ILE L 116 58.31 -37.21 -26.30
CA ILE L 116 59.09 -36.06 -26.72
C ILE L 116 58.22 -35.20 -27.62
N PRO L 117 57.75 -34.05 -27.15
CA PRO L 117 56.96 -33.17 -28.02
C PRO L 117 57.78 -32.66 -29.19
N ASP L 118 57.08 -32.25 -30.26
CA ASP L 118 57.75 -31.77 -31.46
C ASP L 118 58.67 -30.59 -31.15
N LYS L 119 58.26 -29.73 -30.21
CA LYS L 119 59.11 -28.61 -29.83
C LYS L 119 60.42 -29.10 -29.21
N ASP L 120 60.35 -30.14 -28.37
CA ASP L 120 61.54 -30.64 -27.71
C ASP L 120 62.35 -31.59 -28.57
N ALA L 121 61.70 -32.32 -29.50
CA ALA L 121 62.43 -33.27 -30.33
C ALA L 121 63.35 -32.56 -31.32
N ASP L 122 62.95 -31.38 -31.81
CA ASP L 122 63.82 -30.64 -32.72
C ASP L 122 65.10 -30.19 -32.03
N GLN L 123 65.10 -30.06 -30.71
CA GLN L 123 66.30 -29.65 -30.00
C GLN L 123 67.33 -30.77 -29.87
N ILE L 124 66.91 -32.02 -30.02
CA ILE L 124 67.78 -33.17 -29.75
C ILE L 124 68.54 -33.47 -31.05
N HIS L 125 69.75 -32.94 -31.17
CA HIS L 125 70.58 -33.20 -32.38
C HIS L 125 71.97 -33.71 -31.98
N SER L 126 72.17 -34.06 -30.71
CA SER L 126 73.44 -34.59 -30.28
C SER L 126 73.21 -35.49 -29.07
N VAL L 127 74.20 -36.30 -28.75
CA VAL L 127 74.08 -37.22 -27.61
C VAL L 127 73.94 -36.44 -26.31
N ASP L 128 74.81 -35.44 -26.10
CA ASP L 128 74.78 -34.69 -24.86
C ASP L 128 73.44 -33.99 -24.66
N LYS L 129 72.89 -33.42 -25.73
CA LYS L 129 71.58 -32.80 -25.64
C LYS L 129 70.51 -33.82 -25.31
N ALA L 130 70.68 -35.06 -25.77
CA ALA L 130 69.76 -36.13 -25.42
C ALA L 130 69.93 -36.57 -23.98
N ILE L 131 71.18 -36.72 -23.53
CA ILE L 131 71.44 -37.11 -22.15
C ILE L 131 70.84 -36.09 -21.19
N GLU L 132 71.03 -34.80 -21.48
CA GLU L 132 70.49 -33.76 -20.61
C GLU L 132 68.98 -33.83 -20.54
N TYR L 133 68.33 -34.06 -21.68
CA TYR L 133 66.87 -34.04 -21.72
C TYR L 133 66.29 -35.18 -20.88
N ILE L 134 66.87 -36.37 -20.95
CA ILE L 134 66.37 -37.50 -20.18
C ILE L 134 66.50 -37.22 -18.69
N LEU L 135 67.57 -36.56 -18.28
CA LEU L 135 67.73 -36.22 -16.87
C LEU L 135 66.87 -35.04 -16.46
N ARG L 136 66.42 -34.24 -17.44
CA ARG L 136 65.55 -33.10 -17.14
C ARG L 136 64.12 -33.62 -16.97
N GLN L 137 63.92 -34.91 -17.21
CA GLN L 137 62.57 -35.50 -17.09
C GLN L 137 62.53 -36.35 -15.83
N PRO L 138 61.64 -36.03 -14.85
CA PRO L 138 61.53 -36.82 -13.65
C PRO L 138 60.58 -37.98 -13.91
N ASP L 139 60.30 -38.28 -15.18
CA ASP L 139 59.31 -39.34 -15.50
C ASP L 139 59.96 -40.51 -16.22
N ALA L 140 61.28 -40.52 -16.38
CA ALA L 140 61.91 -41.59 -17.18
C ALA L 140 62.05 -42.82 -16.29
N HIS L 141 62.04 -44.02 -16.86
CA HIS L 141 62.02 -45.20 -15.93
C HIS L 141 63.43 -45.33 -15.37
N SER M 2 59.14 -24.46 -40.39
CA SER M 2 58.04 -24.53 -41.34
C SER M 2 58.38 -25.46 -42.50
N ASN M 3 57.46 -26.38 -42.82
CA ASN M 3 57.63 -27.29 -43.98
C ASN M 3 58.80 -28.25 -43.80
N ARG M 4 59.46 -28.23 -42.64
CA ARG M 4 60.52 -29.24 -42.41
C ARG M 4 60.18 -29.93 -41.10
N GLN M 5 60.22 -29.21 -39.99
CA GLN M 5 59.77 -29.90 -38.79
C GLN M 5 58.36 -30.42 -38.96
N ALA M 6 57.57 -29.82 -39.85
CA ALA M 6 56.23 -30.31 -40.13
C ALA M 6 56.28 -31.67 -40.80
N ALA M 7 57.24 -31.88 -41.70
CA ALA M 7 57.30 -33.15 -42.43
C ALA M 7 57.99 -34.21 -41.56
N LEU M 8 58.66 -33.75 -40.48
CA LEU M 8 59.40 -34.69 -39.60
C LEU M 8 58.40 -35.06 -38.51
N SER M 9 57.54 -34.12 -38.13
CA SER M 9 56.47 -34.50 -37.24
C SER M 9 55.56 -35.54 -37.87
N LEU M 10 55.27 -35.39 -39.16
CA LEU M 10 54.45 -36.37 -39.86
C LEU M 10 55.16 -37.69 -40.03
N TYR M 11 56.49 -37.68 -40.09
CA TYR M 11 57.23 -38.93 -40.21
C TYR M 11 57.20 -39.71 -38.91
N ARG M 12 57.39 -39.02 -37.78
CA ARG M 12 57.28 -39.69 -36.50
C ARG M 12 55.84 -40.14 -36.24
N ARG M 13 54.87 -39.32 -36.64
CA ARG M 13 53.48 -39.67 -36.40
C ARG M 13 53.07 -40.92 -37.17
N ALA M 14 53.52 -41.05 -38.43
CA ALA M 14 53.07 -42.19 -39.24
C ALA M 14 53.76 -43.47 -38.78
N LEU M 15 54.87 -43.33 -38.07
CA LEU M 15 55.50 -44.52 -37.52
C LEU M 15 54.85 -44.94 -36.21
N LYS M 16 54.26 -43.99 -35.47
CA LYS M 16 53.52 -44.36 -34.27
C LYS M 16 52.18 -45.00 -34.62
N LEU M 17 51.54 -44.51 -35.68
CA LEU M 17 50.24 -45.09 -36.09
C LEU M 17 50.46 -46.52 -36.58
N ALA M 18 51.61 -46.78 -37.22
CA ALA M 18 51.90 -48.15 -37.66
C ALA M 18 52.04 -49.10 -36.46
N LEU M 19 52.75 -48.72 -35.40
CA LEU M 19 52.99 -49.59 -34.22
C LEU M 19 51.71 -49.68 -33.41
N ASP M 20 50.76 -48.79 -33.64
CA ASP M 20 49.54 -48.78 -32.81
C ASP M 20 48.60 -49.81 -33.38
N TRP M 21 48.51 -49.86 -34.70
CA TRP M 21 47.68 -50.88 -35.34
C TRP M 21 48.39 -52.23 -35.39
N THR M 22 49.66 -52.22 -35.83
CA THR M 22 50.39 -53.50 -35.75
C THR M 22 51.11 -53.56 -34.40
N VAL M 23 50.61 -54.40 -33.50
CA VAL M 23 51.14 -54.42 -32.10
C VAL M 23 52.49 -55.12 -32.07
N HIS M 24 52.69 -56.08 -32.96
CA HIS M 24 53.97 -56.82 -33.05
C HIS M 24 55.08 -55.98 -33.69
N ARG M 25 56.19 -55.78 -32.98
CA ARG M 25 57.29 -54.89 -33.44
C ARG M 25 58.02 -55.40 -34.68
N ASN M 26 58.25 -56.70 -34.81
CA ASN M 26 58.84 -57.27 -36.05
C ASN M 26 58.05 -56.83 -37.27
N LEU M 27 56.73 -57.03 -37.26
CA LEU M 27 55.89 -56.72 -38.41
C LEU M 27 55.90 -55.21 -38.69
N TRP M 28 55.82 -54.39 -37.64
CA TRP M 28 55.86 -52.95 -37.81
C TRP M 28 57.20 -52.49 -38.36
N ARG M 29 58.24 -53.28 -38.11
CA ARG M 29 59.56 -52.94 -38.65
C ARG M 29 59.55 -52.92 -40.18
N GLY M 30 58.90 -53.91 -40.79
CA GLY M 30 58.76 -53.89 -42.24
C GLY M 30 57.88 -52.75 -42.72
N GLN M 31 56.83 -52.44 -41.95
CA GLN M 31 55.99 -51.28 -42.27
C GLN M 31 56.77 -49.99 -42.15
N ALA M 32 57.65 -49.90 -41.16
CA ALA M 32 58.43 -48.69 -40.94
C ALA M 32 59.39 -48.41 -42.09
N LEU M 33 60.02 -49.45 -42.64
CA LEU M 33 60.88 -49.26 -43.80
C LEU M 33 60.10 -48.79 -45.02
N TYR M 34 58.82 -49.16 -45.12
CA TYR M 34 58.03 -48.74 -46.26
C TYR M 34 57.61 -47.28 -46.14
N ILE M 35 57.36 -46.79 -44.93
CA ILE M 35 56.89 -45.38 -44.86
C ILE M 35 58.13 -44.51 -45.10
N ARG M 36 59.32 -44.94 -44.66
CA ARG M 36 60.53 -44.12 -44.94
C ARG M 36 60.68 -44.00 -46.45
N SER M 37 60.58 -45.11 -47.16
CA SER M 37 60.77 -45.07 -48.61
C SER M 37 59.88 -44.01 -49.25
N LEU M 38 58.75 -43.73 -48.61
CA LEU M 38 57.77 -42.81 -49.25
C LEU M 38 58.11 -41.38 -48.89
N PHE M 39 58.92 -41.19 -47.85
CA PHE M 39 59.37 -39.82 -47.49
C PHE M 39 60.66 -39.62 -48.25
N GLU M 40 61.50 -40.66 -48.26
CA GLU M 40 62.74 -40.56 -49.01
C GLU M 40 62.52 -40.51 -50.51
N LYS M 41 61.33 -40.89 -50.99
CA LYS M 41 61.04 -40.73 -52.40
C LYS M 41 60.79 -39.28 -52.78
N ASN M 42 60.47 -38.44 -51.79
CA ASN M 42 60.15 -37.03 -52.08
C ASN M 42 61.18 -36.11 -51.40
N ARG M 43 62.46 -36.46 -51.41
CA ARG M 43 63.47 -35.52 -50.82
C ARG M 43 63.95 -34.45 -51.80
N ASN M 44 63.42 -34.38 -53.04
CA ASN M 44 63.79 -33.28 -53.94
C ASN M 44 62.58 -32.47 -54.42
N VAL M 45 61.61 -32.28 -53.52
CA VAL M 45 60.46 -31.38 -53.84
C VAL M 45 60.83 -30.01 -53.30
N THR M 46 60.70 -28.95 -54.11
CA THR M 46 61.13 -27.60 -53.72
C THR M 46 60.00 -26.58 -53.74
N ASP M 47 59.21 -26.53 -54.80
CA ASP M 47 58.22 -25.47 -54.94
C ASP M 47 57.14 -25.60 -53.87
N PRO M 48 56.82 -24.52 -53.16
CA PRO M 48 55.82 -24.61 -52.08
C PRO M 48 54.44 -25.02 -52.55
N ARG M 49 54.11 -24.83 -53.83
CA ARG M 49 52.80 -25.23 -54.32
C ARG M 49 52.60 -26.73 -54.19
N LEU M 50 53.61 -27.51 -54.54
CA LEU M 50 53.56 -28.95 -54.34
C LEU M 50 54.12 -29.38 -53.00
N GLN M 51 54.92 -28.54 -52.35
CA GLN M 51 55.50 -29.00 -51.08
C GLN M 51 54.35 -29.15 -50.09
N ARG M 52 53.46 -28.16 -50.00
CA ARG M 52 52.45 -28.20 -48.95
C ARG M 52 51.28 -29.09 -49.31
N ALA M 53 51.14 -29.48 -50.57
CA ALA M 53 50.07 -30.39 -50.95
C ALA M 53 50.32 -31.79 -50.43
N LEU M 54 51.61 -32.15 -50.35
CA LEU M 54 51.99 -33.53 -49.96
C LEU M 54 51.90 -33.64 -48.43
N LEU M 55 51.84 -32.51 -47.74
CA LEU M 55 51.69 -32.53 -46.27
C LEU M 55 50.20 -32.54 -45.99
N LYS M 56 49.45 -31.77 -46.76
CA LYS M 56 48.00 -31.73 -46.60
C LYS M 56 47.38 -33.09 -46.87
N GLU M 57 47.84 -33.78 -47.91
CA GLU M 57 47.31 -35.11 -48.21
C GLU M 57 47.83 -36.17 -47.25
N THR M 58 48.98 -35.94 -46.63
CA THR M 58 49.44 -36.90 -45.59
C THR M 58 48.52 -36.75 -44.40
N GLU M 59 48.25 -35.51 -43.99
CA GLU M 59 47.38 -35.28 -42.83
C GLU M 59 46.03 -35.95 -43.01
N LYS M 60 45.57 -36.13 -44.25
CA LYS M 60 44.34 -36.86 -44.49
C LYS M 60 44.49 -38.35 -44.22
N LEU M 61 45.69 -38.90 -44.48
CA LEU M 61 45.88 -40.37 -44.37
C LEU M 61 46.16 -40.73 -42.92
N LEU M 62 46.46 -39.71 -42.12
CA LEU M 62 46.78 -39.93 -40.69
C LEU M 62 45.43 -39.91 -39.98
N GLU M 63 44.49 -39.11 -40.47
CA GLU M 63 43.12 -39.16 -39.94
C GLU M 63 42.34 -40.34 -40.47
N LYS M 64 42.56 -40.70 -41.74
CA LYS M 64 41.82 -41.80 -42.37
C LYS M 64 42.09 -43.12 -41.67
N TRP M 65 43.29 -43.24 -41.10
CA TRP M 65 43.71 -44.53 -40.50
C TRP M 65 44.02 -44.34 -39.03
N LYS M 66 43.46 -43.31 -38.40
CA LYS M 66 43.78 -43.02 -37.01
C LYS M 66 43.32 -44.17 -36.11
N HIS M 67 44.06 -44.39 -35.05
CA HIS M 67 43.70 -45.45 -34.12
C HIS M 67 42.65 -44.95 -33.13
N PRO M 68 41.66 -45.77 -32.80
CA PRO M 68 40.68 -45.37 -31.78
C PRO M 68 41.29 -45.12 -30.42
N ASP M 69 42.37 -45.82 -30.09
CA ASP M 69 43.05 -45.68 -28.80
C ASP M 69 44.55 -45.73 -29.02
N PRO M 70 45.16 -44.60 -29.36
CA PRO M 70 46.61 -44.58 -29.55
C PRO M 70 47.32 -44.84 -28.23
N TYR M 71 48.49 -45.46 -28.33
CA TYR M 71 49.26 -45.73 -27.14
C TYR M 71 49.78 -44.43 -26.53
N CYS M 72 49.73 -44.32 -25.20
CA CYS M 72 50.31 -43.16 -24.47
C CYS M 72 51.22 -43.73 -23.39
N PRO M 73 52.47 -43.24 -23.23
CA PRO M 73 53.32 -43.70 -22.12
C PRO M 73 52.58 -43.40 -20.82
N PRO M 74 52.71 -44.21 -19.75
CA PRO M 74 51.89 -44.04 -18.53
C PRO M 74 51.95 -42.69 -17.80
N THR M 75 53.11 -42.05 -17.76
CA THR M 75 53.29 -40.78 -17.02
C THR M 75 53.07 -39.58 -17.95
N ALA M 76 52.82 -39.81 -19.22
CA ALA M 76 52.59 -38.75 -20.21
C ALA M 76 51.18 -38.18 -20.08
N PRO M 77 50.89 -36.97 -20.59
CA PRO M 77 49.53 -36.48 -20.60
C PRO M 77 48.71 -37.50 -21.38
N GLY M 78 47.51 -37.83 -20.91
CA GLY M 78 46.75 -38.91 -21.57
C GLY M 78 47.12 -40.28 -21.04
N GLY M 79 48.03 -40.34 -20.07
CA GLY M 79 48.52 -41.62 -19.54
C GLY M 79 47.83 -41.99 -18.23
N SER M 80 48.03 -43.21 -17.75
CA SER M 80 47.37 -43.75 -16.54
C SER M 80 47.82 -43.13 -15.22
N LYS M 81 49.09 -42.77 -15.08
CA LYS M 81 49.61 -42.28 -13.78
C LYS M 81 49.82 -40.78 -13.88
N TYR M 82 49.33 -40.19 -14.96
CA TYR M 82 49.49 -38.73 -15.16
C TYR M 82 48.73 -37.98 -14.06
N GLU M 83 49.39 -37.02 -13.42
CA GLU M 83 48.75 -36.18 -12.36
C GLU M 83 48.30 -37.01 -11.17
N ARG M 84 48.96 -38.12 -10.85
CA ARG M 84 48.45 -39.02 -9.77
C ARG M 84 48.70 -38.46 -8.38
N ASN M 85 49.91 -38.03 -8.07
CA ASN M 85 50.08 -37.51 -6.71
C ASN M 85 50.76 -36.18 -6.93
N LEU M 86 50.05 -35.27 -7.63
CA LEU M 86 50.68 -33.99 -7.99
C LEU M 86 50.96 -33.22 -6.72
N PRO M 87 52.21 -32.75 -6.50
CA PRO M 87 52.57 -32.06 -5.26
C PRO M 87 51.87 -30.71 -5.12
N VAL M 88 51.65 -30.24 -3.89
CA VAL M 88 51.13 -28.88 -3.75
C VAL M 88 52.09 -27.90 -4.43
N PRO M 89 51.61 -26.99 -5.26
CA PRO M 89 52.51 -26.04 -5.94
C PRO M 89 52.98 -24.89 -5.05
N ASN M 90 52.78 -24.97 -3.74
CA ASN M 90 53.13 -23.90 -2.82
C ASN M 90 53.33 -24.54 -1.45
N LEU M 91 54.57 -24.80 -1.08
CA LEU M 91 54.85 -25.44 0.19
C LEU M 91 55.16 -24.46 1.31
N GLU M 92 55.13 -23.17 1.03
CA GLU M 92 55.42 -22.20 2.06
C GLU M 92 54.23 -22.06 3.01
N PRO M 93 54.53 -21.88 4.33
CA PRO M 93 53.51 -21.80 5.35
C PRO M 93 52.59 -20.64 4.99
N PRO M 94 51.33 -20.60 5.47
CA PRO M 94 50.44 -19.54 5.07
C PRO M 94 50.95 -18.20 5.64
N PRO M 95 50.76 -17.05 4.98
CA PRO M 95 51.15 -15.76 5.56
C PRO M 95 50.27 -15.54 6.80
N PRO M 96 50.71 -14.76 7.82
CA PRO M 96 49.98 -14.71 9.08
C PRO M 96 48.73 -13.81 9.17
N LEU M 97 47.59 -14.29 8.67
CA LEU M 97 46.34 -13.49 8.64
C LEU M 97 45.26 -14.18 9.50
N LYS M 98 44.36 -13.43 10.14
CA LYS M 98 43.39 -14.05 11.07
C LYS M 98 41.94 -13.94 10.57
N PHE M 99 41.22 -15.07 10.58
CA PHE M 99 39.86 -15.11 9.98
C PHE M 99 38.81 -15.46 11.02
N GLN N 67 60.17 -45.69 5.66
CA GLN N 67 60.76 -44.47 6.19
C GLN N 67 59.69 -43.41 6.38
N TYR N 68 58.75 -43.71 7.28
CA TYR N 68 57.60 -42.79 7.46
C TYR N 68 58.07 -41.47 8.10
N ASP N 69 57.47 -40.37 7.67
CA ASP N 69 57.85 -39.03 8.17
C ASP N 69 57.22 -38.78 9.53
N PRO N 70 57.71 -37.79 10.32
CA PRO N 70 57.07 -37.44 11.58
C PRO N 70 55.68 -36.87 11.33
N PRO N 71 54.73 -36.94 12.29
CA PRO N 71 53.42 -36.34 12.06
C PRO N 71 53.61 -34.84 12.13
N THR N 72 52.81 -34.06 11.39
CA THR N 72 53.11 -32.62 11.29
C THR N 72 51.83 -31.80 11.37
N GLY N 73 51.89 -30.53 10.98
CA GLY N 73 50.71 -29.71 10.83
C GLY N 73 50.51 -28.76 11.99
N TRP N 74 49.70 -27.74 11.75
CA TRP N 74 49.30 -26.80 12.79
C TRP N 74 47.79 -26.89 12.93
N LEU N 75 47.32 -27.46 14.03
CA LEU N 75 45.85 -27.51 14.27
C LEU N 75 45.37 -26.13 14.73
N TRP N 76 44.37 -25.59 14.04
CA TRP N 76 43.79 -24.26 14.33
C TRP N 76 44.73 -23.20 13.80
N GLY N 77 45.79 -23.61 13.09
CA GLY N 77 46.74 -22.69 12.46
C GLY N 77 47.71 -22.15 13.47
N VAL N 78 47.77 -22.78 14.63
CA VAL N 78 48.65 -22.30 15.72
C VAL N 78 50.04 -22.90 15.45
N ARG N 79 51.03 -22.05 15.20
CA ARG N 79 52.37 -22.53 14.90
C ARG N 79 52.98 -23.18 16.13
N PRO N 80 53.98 -24.05 15.95
CA PRO N 80 54.50 -24.82 17.09
C PRO N 80 55.01 -23.97 18.24
N GLY N 81 55.32 -22.69 18.01
CA GLY N 81 55.75 -21.82 19.08
C GLY N 81 54.67 -21.46 20.08
N GLU N 82 53.65 -20.73 19.64
CA GLU N 82 52.68 -20.14 20.55
C GLU N 82 51.50 -21.09 20.80
N LYS N 83 50.45 -20.58 21.43
CA LYS N 83 49.27 -21.34 21.80
C LYS N 83 48.03 -20.68 21.22
N TYR N 84 46.91 -21.41 21.29
CA TYR N 84 45.65 -20.87 20.79
C TYR N 84 45.22 -19.69 21.65
N GLN N 85 44.88 -18.59 21.00
CA GLN N 85 44.45 -17.39 21.69
C GLN N 85 42.93 -17.36 21.73
N ASN N 86 42.31 -17.27 22.90
CA ASN N 86 40.82 -17.30 22.95
C ASN N 86 40.22 -16.02 22.37
N GLU N 87 39.51 -16.12 21.25
CA GLU N 87 38.87 -14.96 20.57
C GLU N 87 37.72 -14.33 21.38
N GLY N 88 36.92 -15.13 22.09
CA GLY N 88 35.85 -14.57 22.94
C GLY N 88 34.62 -15.43 22.92
N TRP N 89 34.25 -15.94 21.75
CA TRP N 89 33.11 -16.85 21.62
C TRP N 89 33.23 -18.15 22.41
N GLU N 90 34.45 -18.58 22.74
CA GLU N 90 34.67 -19.95 23.21
C GLU N 90 33.94 -20.22 24.52
N GLY N 91 33.97 -19.28 25.46
CA GLY N 91 33.36 -19.46 26.75
C GLY N 91 31.90 -19.82 26.69
N PRO N 92 31.06 -18.91 26.21
CA PRO N 92 29.63 -19.20 26.12
C PRO N 92 29.29 -20.38 25.23
N PHE N 93 30.02 -20.58 24.13
CA PHE N 93 29.65 -21.61 23.18
C PHE N 93 29.94 -23.02 23.69
N PHE N 94 31.00 -23.18 24.49
CA PHE N 94 31.30 -24.49 25.03
C PHE N 94 30.53 -24.80 26.30
N TYR N 95 30.33 -23.79 27.14
CA TYR N 95 29.63 -23.97 28.41
C TYR N 95 28.12 -23.80 28.27
N GLY N 96 27.69 -22.79 27.50
CA GLY N 96 26.28 -22.50 27.42
C GLY N 96 25.59 -23.23 26.29
N PHE N 97 26.12 -23.13 25.08
CA PHE N 97 25.48 -23.76 23.94
C PHE N 97 25.56 -25.28 24.04
N TRP N 98 26.77 -25.82 24.13
CA TRP N 98 26.89 -27.27 24.20
C TRP N 98 26.46 -27.80 25.56
N GLY N 99 26.81 -27.09 26.63
CA GLY N 99 26.39 -27.53 27.96
C GLY N 99 24.88 -27.67 28.07
N SER N 100 24.14 -26.75 27.45
CA SER N 100 22.69 -26.84 27.46
C SER N 100 22.20 -28.10 26.75
N LEU N 101 22.90 -28.54 25.69
CA LEU N 101 22.47 -29.71 24.95
C LEU N 101 22.73 -31.02 25.70
N ILE N 102 23.86 -31.13 26.41
CA ILE N 102 24.06 -32.31 27.25
C ILE N 102 23.04 -32.32 28.38
N VAL N 103 22.81 -31.17 29.01
CA VAL N 103 21.82 -31.12 30.09
C VAL N 103 20.42 -31.37 29.54
N PHE N 104 20.15 -30.92 28.31
CA PHE N 104 18.90 -31.26 27.65
C PHE N 104 18.83 -32.75 27.34
N ALA N 105 19.95 -33.34 26.94
CA ALA N 105 19.97 -34.77 26.61
C ALA N 105 19.72 -35.64 27.84
N ILE N 106 20.35 -35.31 28.97
CA ILE N 106 20.13 -36.10 30.18
C ILE N 106 18.71 -35.91 30.69
N ALA N 107 18.18 -34.70 30.59
CA ALA N 107 16.80 -34.47 31.00
C ALA N 107 15.82 -35.20 30.11
N TYR N 108 16.08 -35.25 28.81
CA TYR N 108 15.17 -35.87 27.87
C TYR N 108 14.95 -37.35 28.18
N ALA N 109 15.90 -38.00 28.85
CA ALA N 109 15.73 -39.39 29.22
C ALA N 109 14.60 -39.58 30.22
N TYR N 110 14.43 -38.64 31.14
CA TYR N 110 13.39 -38.74 32.15
C TYR N 110 12.11 -38.02 31.75
N LYS N 111 12.07 -37.44 30.57
CA LYS N 111 10.82 -36.89 30.05
C LYS N 111 9.80 -38.01 29.93
N PRO N 112 8.60 -37.86 30.49
CA PRO N 112 7.57 -38.88 30.29
C PRO N 112 7.16 -38.94 28.83
N ASP N 113 6.76 -40.13 28.39
CA ASP N 113 6.44 -40.36 26.99
C ASP N 113 4.97 -40.07 26.76
N THR N 114 4.69 -38.91 26.16
CA THR N 114 3.33 -38.50 25.83
C THR N 114 3.03 -38.60 24.34
N SER N 115 3.73 -39.49 23.63
CA SER N 115 3.48 -39.73 22.19
C SER N 115 2.12 -40.43 21.97
N ILE N 116 1.47 -40.21 20.84
CA ILE N 116 0.16 -40.86 20.52
C ILE N 116 0.32 -42.37 20.38
N GLN N 117 1.49 -42.82 19.96
CA GLN N 117 1.64 -44.26 19.66
C GLN N 117 1.72 -45.05 20.95
N THR N 118 2.53 -44.62 21.92
CA THR N 118 2.54 -45.39 23.16
C THR N 118 1.14 -45.53 23.75
N TRP N 119 0.28 -44.54 23.52
CA TRP N 119 -1.09 -44.61 23.96
C TRP N 119 -1.92 -45.51 23.05
N ALA N 120 -1.69 -45.42 21.75
CA ALA N 120 -2.48 -46.18 20.80
C ALA N 120 -2.07 -47.65 20.76
N LEU N 121 -0.79 -47.97 21.01
CA LEU N 121 -0.39 -49.37 21.06
C LEU N 121 -1.10 -50.11 22.19
N GLU N 122 -1.19 -49.49 23.36
CA GLU N 122 -1.72 -50.20 24.52
C GLU N 122 -3.20 -50.49 24.36
N GLU N 123 -3.95 -49.55 23.80
CA GLU N 123 -5.35 -49.80 23.47
C GLU N 123 -5.47 -50.84 22.37
N ALA N 124 -4.65 -50.70 21.34
CA ALA N 124 -4.68 -51.66 20.21
C ALA N 124 -4.43 -53.08 20.69
N ARG N 125 -3.50 -53.28 21.62
CA ARG N 125 -3.21 -54.63 22.17
C ARG N 125 -4.42 -55.14 22.91
N ARG N 126 -5.19 -54.26 23.57
CA ARG N 126 -6.33 -54.69 24.40
C ARG N 126 -7.50 -55.03 23.48
N ARG N 127 -7.52 -54.49 22.27
CA ARG N 127 -8.55 -54.89 21.31
C ARG N 127 -8.18 -56.20 20.62
N LEU N 128 -6.96 -56.39 20.28
CA LEU N 128 -6.51 -57.64 19.59
C LEU N 128 -6.40 -58.76 20.62
N GLU N 129 -6.17 -58.42 21.92
CA GLU N 129 -6.22 -59.46 22.94
C GLU N 129 -7.62 -60.03 23.09
N ALA N 130 -8.63 -59.21 22.75
CA ALA N 130 -10.03 -59.65 22.83
C ALA N 130 -10.30 -60.55 21.64
N GLU N 131 -9.26 -60.83 20.86
CA GLU N 131 -9.38 -61.68 19.65
C GLU N 131 -8.20 -62.65 19.72
N GLY N 132 -8.19 -63.67 18.87
CA GLY N 132 -7.12 -64.69 18.96
C GLY N 132 -5.80 -64.10 18.49
N ILE N 133 -5.84 -62.92 17.90
CA ILE N 133 -4.62 -62.35 17.28
C ILE N 133 -3.53 -62.15 18.34
N LEU N 134 -3.87 -61.64 19.51
CA LEU N 134 -2.81 -61.36 20.51
C LEU N 134 -3.21 -62.13 21.77
N GLU N 135 -2.25 -62.80 22.40
CA GLU N 135 -2.52 -63.54 23.66
C GLU N 135 -2.67 -62.57 24.82
N ASP N 136 -3.60 -62.83 25.74
CA ASP N 136 -3.79 -61.95 26.92
C ASP N 136 -3.11 -62.57 28.15
N PRO N 137 -2.46 -61.83 29.10
CA PRO N 137 -1.81 -62.49 30.23
C PRO N 137 -2.86 -63.02 31.23
N ASN N 138 -4.14 -62.75 30.99
CA ASN N 138 -5.22 -63.18 31.86
C ASN N 138 -6.11 -64.24 31.19
N MET O 1 -53.10 38.69 -6.89
CA MET O 1 -51.89 38.40 -7.70
C MET O 1 -50.67 38.63 -6.85
N ALA O 2 -49.48 38.42 -7.40
CA ALA O 2 -48.26 38.47 -6.58
C ALA O 2 -48.10 39.80 -5.87
N THR O 3 -47.61 39.77 -4.62
CA THR O 3 -47.48 41.00 -3.81
C THR O 3 -46.14 41.70 -4.08
N ARG O 4 -45.33 41.15 -4.98
CA ARG O 4 -44.06 41.79 -5.36
C ARG O 4 -44.35 43.16 -5.97
N LYS O 5 -43.57 44.18 -5.62
CA LYS O 5 -43.72 45.50 -6.27
C LYS O 5 -43.27 45.33 -7.72
N PRO O 6 -44.00 45.86 -8.72
CA PRO O 6 -43.56 45.74 -10.10
C PRO O 6 -42.47 46.72 -10.56
N ALA O 7 -41.56 46.28 -11.44
CA ALA O 7 -40.49 47.14 -11.92
C ALA O 7 -40.65 47.60 -13.35
N PHE O 8 -41.26 46.78 -14.20
CA PHE O 8 -41.39 47.09 -15.63
C PHE O 8 -42.84 46.91 -16.07
N ASN O 9 -43.79 47.40 -15.26
CA ASN O 9 -45.24 47.26 -15.58
C ASN O 9 -45.64 48.31 -16.61
N GLN O 10 -46.20 47.91 -17.75
CA GLN O 10 -46.70 48.90 -18.74
C GLN O 10 -48.18 48.69 -19.02
N HIS O 11 -48.74 47.56 -18.58
CA HIS O 11 -50.16 47.23 -18.92
C HIS O 11 -50.94 46.78 -17.68
N VAL O 12 -52.26 46.99 -17.69
CA VAL O 12 -53.13 46.59 -16.56
C VAL O 12 -54.12 45.54 -17.08
N LEU O 13 -54.31 44.45 -16.34
CA LEU O 13 -55.32 43.44 -16.74
C LEU O 13 -56.55 43.57 -15.85
N LEU O 14 -57.69 43.92 -16.44
CA LEU O 14 -58.96 44.01 -15.68
C LEU O 14 -59.77 42.76 -15.98
N ASP O 15 -60.76 42.48 -15.14
CA ASP O 15 -61.64 41.32 -15.27
C ASP O 15 -63.06 41.76 -14.95
N THR O 16 -63.92 41.80 -15.96
CA THR O 16 -65.29 42.25 -15.76
C THR O 16 -66.20 41.17 -15.18
N THR O 17 -65.70 39.95 -15.01
CA THR O 17 -66.50 38.88 -14.45
C THR O 17 -66.89 39.23 -13.02
N PRO O 18 -68.17 39.16 -12.68
CA PRO O 18 -68.61 39.49 -11.32
C PRO O 18 -68.44 38.30 -10.38
N LEU O 19 -68.75 38.53 -9.10
CA LEU O 19 -68.70 37.44 -8.10
C LEU O 19 -69.88 36.51 -8.39
N PRO O 20 -69.84 35.22 -8.02
CA PRO O 20 -70.98 34.33 -8.22
C PRO O 20 -72.16 34.76 -7.34
N ASP O 21 -73.38 34.44 -7.77
CA ASP O 21 -74.61 34.86 -7.03
C ASP O 21 -74.61 34.27 -5.62
N SER O 22 -74.01 33.10 -5.43
CA SER O 22 -74.06 32.43 -4.11
C SER O 22 -73.45 33.30 -3.01
N ILE O 23 -72.33 33.98 -3.29
CA ILE O 23 -71.72 34.89 -2.29
C ILE O 23 -72.70 36.02 -2.02
N PRO O 24 -73.05 36.34 -0.75
CA PRO O 24 -73.92 37.49 -0.47
C PRO O 24 -73.17 38.75 -0.90
N LYS O 25 -73.88 39.72 -1.49
CA LYS O 25 -73.17 40.92 -2.04
C LYS O 25 -72.95 42.02 -1.00
N VAL O 26 -72.05 42.96 -1.28
CA VAL O 26 -71.77 44.11 -0.37
C VAL O 26 -71.54 45.35 -1.24
N LYS O 27 -71.82 46.53 -0.71
CA LYS O 27 -71.50 47.79 -1.45
C LYS O 27 -70.15 48.27 -0.94
N GLU O 28 -69.16 48.39 -1.81
CA GLU O 28 -67.78 48.74 -1.38
C GLU O 28 -67.71 50.19 -0.89
N ILE O 29 -66.76 50.51 -0.02
CA ILE O 29 -66.57 51.90 0.47
C ILE O 29 -66.11 52.81 -0.67
N GLY O 30 -66.66 54.02 -0.78
CA GLY O 30 -66.30 54.97 -1.80
C GLY O 30 -65.53 56.18 -1.33
N ALA O 31 -65.01 56.16 -0.11
CA ALA O 31 -64.21 57.26 0.39
C ALA O 31 -62.78 57.12 -0.07
N SER O 32 -62.14 58.25 -0.35
CA SER O 32 -60.77 58.27 -0.84
C SER O 32 -59.81 58.16 0.34
N SER O 33 -58.51 58.29 0.03
CA SER O 33 -57.47 58.08 1.03
C SER O 33 -57.55 59.11 2.15
N ALA O 34 -57.81 60.37 1.81
CA ALA O 34 -57.76 61.42 2.83
C ALA O 34 -59.00 61.40 3.72
N PRO O 35 -60.21 61.28 3.18
CA PRO O 35 -61.37 61.08 4.07
C PRO O 35 -61.26 59.85 4.96
N LEU O 36 -60.65 58.77 4.48
CA LEU O 36 -60.51 57.58 5.32
C LEU O 36 -59.57 57.84 6.50
N LEU O 37 -58.53 58.64 6.28
CA LEU O 37 -57.59 58.92 7.36
C LEU O 37 -58.15 59.91 8.36
N SER O 38 -59.03 60.82 7.93
CA SER O 38 -59.71 61.70 8.88
C SER O 38 -60.59 60.91 9.82
N ALA O 39 -61.29 59.91 9.30
CA ALA O 39 -62.22 59.12 10.08
C ALA O 39 -61.63 57.81 10.55
N SER O 40 -60.32 57.61 10.39
CA SER O 40 -59.70 56.33 10.72
C SER O 40 -59.83 56.01 12.19
N PHE O 41 -59.75 57.02 13.04
CA PHE O 41 -59.79 56.79 14.51
C PHE O 41 -61.23 56.56 14.92
N PHE O 42 -62.19 57.22 14.26
CA PHE O 42 -63.64 57.04 14.51
C PHE O 42 -64.10 55.65 14.09
N ILE O 43 -63.53 55.12 13.02
CA ILE O 43 -63.87 53.78 12.49
C ILE O 43 -63.29 52.76 13.46
N GLY O 44 -62.07 52.95 13.93
CA GLY O 44 -61.50 52.06 14.92
C GLY O 44 -62.06 52.22 16.31
N ALA O 45 -62.79 53.30 16.57
CA ALA O 45 -63.48 53.43 17.84
C ALA O 45 -64.74 52.58 17.89
N ARG O 46 -65.38 52.37 16.75
CA ARG O 46 -66.63 51.64 16.68
C ARG O 46 -66.49 50.26 16.05
N CYS O 47 -65.65 50.13 15.04
CA CYS O 47 -65.51 48.90 14.28
C CYS O 47 -64.42 48.00 14.80
N LYS O 48 -63.81 48.35 15.94
CA LYS O 48 -62.62 47.64 16.40
C LYS O 48 -62.89 46.16 16.62
N ASP O 49 -64.04 45.84 17.20
CA ASP O 49 -64.38 44.44 17.45
C ASP O 49 -64.50 43.66 16.15
N TYR O 50 -65.14 44.26 15.16
CA TYR O 50 -65.38 43.59 13.87
C TYR O 50 -64.08 43.52 13.10
N ASN O 51 -63.25 44.57 13.18
CA ASN O 51 -61.94 44.65 12.50
C ASN O 51 -61.04 43.58 13.09
N ASP O 52 -61.22 43.29 14.37
CA ASP O 52 -60.34 42.31 15.06
C ASP O 52 -60.86 40.91 14.78
N ASP O 53 -62.18 40.74 14.70
CA ASP O 53 -62.74 39.42 14.37
C ASP O 53 -62.24 39.01 13.00
N TYR O 54 -62.23 39.92 12.04
CA TYR O 54 -61.85 39.56 10.66
C TYR O 54 -60.41 39.09 10.60
N MET O 55 -59.52 39.82 11.25
CA MET O 55 -58.08 39.45 11.26
C MET O 55 -57.88 38.15 12.01
N GLN O 56 -58.57 37.97 13.13
CA GLN O 56 -58.49 36.73 13.93
C GLN O 56 -58.99 35.53 13.13
N CYS O 57 -60.09 35.70 12.37
CA CYS O 57 -60.69 34.66 11.47
C CYS O 57 -59.71 34.20 10.42
N LYS O 58 -59.11 35.14 9.69
CA LYS O 58 -58.17 34.79 8.59
C LYS O 58 -56.97 34.06 9.18
N ASN O 59 -56.59 34.43 10.40
CA ASN O 59 -55.45 33.81 11.11
C ASN O 59 -55.82 32.37 11.42
N GLU O 60 -57.07 32.14 11.78
CA GLU O 60 -57.54 30.78 12.17
C GLU O 60 -57.62 29.90 10.93
N ASN O 61 -57.56 30.48 9.72
CA ASN O 61 -57.53 29.65 8.50
C ASN O 61 -56.33 30.07 7.65
N PRO O 62 -55.15 29.47 7.88
CA PRO O 62 -53.95 29.81 7.11
C PRO O 62 -53.97 29.31 5.66
N GLY O 63 -53.76 30.21 4.71
CA GLY O 63 -53.74 29.87 3.27
C GLY O 63 -55.13 29.78 2.68
N ARG O 64 -56.17 29.96 3.49
CA ARG O 64 -57.55 29.75 3.01
C ARG O 64 -58.42 30.87 3.52
N GLY O 65 -57.85 32.01 3.91
CA GLY O 65 -58.63 33.07 4.58
C GLY O 65 -59.28 34.06 3.66
N GLU O 66 -58.82 34.20 2.42
CA GLU O 66 -59.57 35.10 1.50
C GLU O 66 -60.96 34.51 1.34
N PHE O 67 -61.06 33.22 1.12
CA PHE O 67 -62.33 32.47 1.11
C PHE O 67 -62.48 32.09 2.56
N GLU O 68 -63.63 31.69 3.07
CA GLU O 68 -63.69 31.23 4.47
C GLU O 68 -63.68 32.40 5.46
N CYS O 69 -63.44 33.63 5.00
CA CYS O 69 -63.61 34.80 5.91
C CYS O 69 -64.37 35.91 5.19
N LEU O 70 -65.14 35.57 4.15
CA LEU O 70 -65.94 36.59 3.41
C LEU O 70 -67.00 37.30 4.25
N LYS O 71 -67.79 36.55 5.02
CA LYS O 71 -68.91 37.19 5.77
C LYS O 71 -68.37 38.24 6.73
N GLU O 72 -67.25 37.97 7.38
CA GLU O 72 -66.59 38.91 8.31
C GLU O 72 -66.11 40.16 7.57
N GLY O 73 -65.57 40.01 6.37
CA GLY O 73 -65.15 41.19 5.58
C GLY O 73 -66.34 42.04 5.25
N ARG O 74 -67.48 41.40 4.99
CA ARG O 74 -68.72 42.13 4.67
C ARG O 74 -69.21 42.89 5.91
N ARG O 75 -68.93 42.34 7.10
CA ARG O 75 -69.35 43.00 8.34
C ARG O 75 -68.46 44.22 8.59
N VAL O 76 -67.16 44.11 8.31
CA VAL O 76 -66.24 45.28 8.49
C VAL O 76 -66.60 46.41 7.51
N THR O 77 -67.03 46.12 6.29
CA THR O 77 -67.32 47.19 5.31
C THR O 77 -68.68 47.83 5.63
N ARG O 78 -69.60 47.08 6.22
CA ARG O 78 -70.90 47.66 6.66
C ARG O 78 -70.71 48.56 7.87
N CYS O 79 -69.82 48.17 8.77
CA CYS O 79 -69.61 48.93 10.01
C CYS O 79 -68.82 50.19 9.68
N ALA O 80 -67.81 50.07 8.84
CA ALA O 80 -67.08 51.25 8.41
C ALA O 80 -67.96 52.17 7.57
N ARG O 81 -68.87 51.58 6.79
CA ARG O 81 -69.81 52.38 6.01
C ARG O 81 -70.77 53.14 6.92
N SER O 82 -71.09 52.58 8.08
CA SER O 82 -71.96 53.27 9.02
C SER O 82 -71.27 54.45 9.68
N VAL O 83 -69.95 54.45 9.77
CA VAL O 83 -69.28 55.59 10.47
C VAL O 83 -69.15 56.70 9.44
N LEU O 84 -68.83 56.34 8.21
CA LEU O 84 -68.65 57.33 7.13
C LEU O 84 -69.98 58.03 6.90
N LYS O 85 -71.08 57.28 6.91
CA LYS O 85 -72.42 57.86 6.73
C LYS O 85 -72.71 58.86 7.85
N ASP O 86 -72.37 58.51 9.09
CA ASP O 86 -72.66 59.36 10.27
C ASP O 86 -71.87 60.67 10.26
N ILE O 87 -70.59 60.63 9.89
CA ILE O 87 -69.77 61.87 9.81
C ILE O 87 -70.42 62.76 8.75
N ASN O 88 -70.80 62.21 7.61
CA ASN O 88 -71.44 63.02 6.55
C ASN O 88 -72.73 63.63 7.06
N THR O 89 -73.55 62.85 7.76
CA THR O 89 -74.86 63.37 8.21
C THR O 89 -74.71 64.49 9.24
N HIS O 90 -73.69 64.43 10.12
CA HIS O 90 -73.60 65.43 11.22
C HIS O 90 -72.36 66.32 11.15
N CYS O 91 -71.14 65.58 10.87
CA CYS O 91 -69.86 66.34 10.96
C CYS O 91 -69.36 66.80 9.58
N LEU O 92 -70.23 66.85 8.55
CA LEU O 92 -69.78 67.14 7.16
C LEU O 92 -68.94 68.42 7.04
N GLU O 93 -69.32 69.52 7.70
CA GLU O 93 -68.59 70.80 7.53
C GLU O 93 -67.17 70.66 8.08
N GLN O 94 -67.04 70.11 9.28
CA GLN O 94 -65.72 69.98 9.89
C GLN O 94 -64.95 68.83 9.29
N PHE O 95 -65.64 67.78 8.86
CA PHE O 95 -65.00 66.61 8.28
C PHE O 95 -64.27 66.96 6.99
N ARG O 96 -64.96 67.67 6.08
CA ARG O 96 -64.32 68.07 4.83
C ARG O 96 -63.18 69.04 5.08
N ALA O 97 -63.37 69.96 6.03
CA ALA O 97 -62.30 70.90 6.38
C ALA O 97 -61.04 70.17 6.83
N HIS O 98 -61.19 69.02 7.47
CA HIS O 98 -60.05 68.29 7.96
C HIS O 98 -59.33 67.55 6.84
N TRP O 99 -60.05 66.75 6.05
CA TRP O 99 -59.35 65.92 5.08
C TRP O 99 -58.88 66.69 3.86
N GLN O 100 -59.53 67.82 3.54
CA GLN O 100 -58.97 68.69 2.52
C GLN O 100 -57.69 69.36 3.01
N CYS O 101 -57.54 69.53 4.32
CA CYS O 101 -56.25 69.96 4.86
C CYS O 101 -55.20 68.88 4.67
N LEU O 102 -55.51 67.65 5.09
CA LEU O 102 -54.57 66.55 4.91
C LEU O 102 -54.21 66.37 3.43
N ASP O 103 -55.11 66.71 2.52
CA ASP O 103 -54.79 66.64 1.06
C ASP O 103 -53.54 67.45 0.72
N ASN O 104 -53.36 68.62 1.34
CA ASN O 104 -52.25 69.54 0.98
C ASN O 104 -51.12 69.46 2.02
N ASN O 105 -51.17 68.49 2.93
CA ASN O 105 -50.18 68.38 4.03
C ASN O 105 -49.48 67.03 4.01
N ASN O 106 -49.41 66.34 2.86
CA ASN O 106 -48.72 65.02 2.72
C ASN O 106 -49.52 63.98 3.49
N GLN O 107 -50.78 64.27 3.77
CA GLN O 107 -51.63 63.35 4.58
C GLN O 107 -50.91 63.11 5.90
N GLN O 108 -50.42 64.16 6.56
CA GLN O 108 -49.69 64.04 7.86
C GLN O 108 -50.54 64.68 8.94
N LEU O 109 -50.98 63.92 9.95
CA LEU O 109 -51.95 64.42 10.96
C LEU O 109 -51.43 65.62 11.75
N TRP O 110 -50.15 65.65 12.08
CA TRP O 110 -49.60 66.75 12.91
C TRP O 110 -49.71 68.07 12.17
N GLN O 111 -49.80 68.03 10.84
CA GLN O 111 -49.90 69.26 10.01
C GLN O 111 -51.31 69.88 10.06
N CYS O 112 -52.31 69.18 10.58
CA CYS O 112 -53.69 69.69 10.48
C CYS O 112 -54.40 69.57 11.83
N ARG O 113 -53.71 69.90 12.91
CA ARG O 113 -54.29 69.72 14.28
C ARG O 113 -55.54 70.59 14.48
N PRO O 114 -55.57 71.88 14.10
CA PRO O 114 -56.74 72.70 14.40
C PRO O 114 -58.03 72.15 13.78
N ALA O 115 -57.99 71.69 12.54
CA ALA O 115 -59.17 71.09 11.87
C ALA O 115 -59.62 69.81 12.58
N GLU O 116 -58.68 68.94 12.97
CA GLU O 116 -59.01 67.68 13.66
C GLU O 116 -59.63 67.98 15.02
N TRP O 117 -59.13 68.97 15.73
CA TRP O 117 -59.65 69.29 17.08
C TRP O 117 -61.12 69.72 16.98
N LYS O 118 -61.47 70.47 15.93
CA LYS O 118 -62.85 70.94 15.74
C LYS O 118 -63.73 69.78 15.28
N LEU O 119 -63.15 68.84 14.54
CA LEU O 119 -63.87 67.63 14.07
C LEU O 119 -64.01 66.67 15.24
N ASN O 120 -63.00 66.61 16.09
CA ASN O 120 -63.10 65.72 17.29
C ASN O 120 -64.24 66.18 18.18
N LYS O 121 -64.47 67.49 18.28
CA LYS O 121 -65.50 68.04 19.19
C LYS O 121 -66.87 67.83 18.56
N CYS O 122 -66.97 67.87 17.24
CA CYS O 122 -68.25 67.56 16.58
C CYS O 122 -68.64 66.08 16.70
N VAL O 123 -67.74 65.17 16.35
CA VAL O 123 -67.98 63.70 16.46
C VAL O 123 -68.33 63.35 17.89
N TYR O 124 -67.53 63.78 18.86
CA TYR O 124 -67.76 63.39 20.26
C TYR O 124 -69.12 63.91 20.71
N GLU O 125 -69.52 65.08 20.24
CA GLU O 125 -70.79 65.62 20.75
C GLU O 125 -71.94 64.93 20.02
N ASN O 126 -71.75 64.59 18.75
CA ASN O 126 -72.85 63.95 17.96
C ASN O 126 -72.88 62.42 18.04
N LEU O 127 -71.73 61.75 17.96
CA LEU O 127 -71.68 60.27 17.89
C LEU O 127 -70.99 59.67 19.13
N LYS O 128 -70.60 60.49 20.09
CA LYS O 128 -69.97 60.03 21.35
C LYS O 128 -68.68 59.26 21.05
N LEU O 129 -68.12 59.43 19.86
CA LEU O 129 -66.95 58.61 19.47
C LEU O 129 -65.69 59.40 19.77
N GLU O 130 -64.68 58.74 20.34
CA GLU O 130 -63.44 59.45 20.77
C GLU O 130 -62.21 58.81 20.15
N LYS O 131 -61.18 59.60 19.87
CA LYS O 131 -59.95 59.09 19.22
C LYS O 131 -59.00 58.62 20.32
N VAL O 132 -58.68 57.33 20.36
CA VAL O 132 -57.73 56.78 21.37
C VAL O 132 -56.55 56.14 20.67
N ILE O 133 -55.35 56.69 20.82
CA ILE O 133 -54.13 55.99 20.30
C ILE O 133 -53.65 55.07 21.42
N PRO O 134 -53.66 53.73 21.25
CA PRO O 134 -53.27 52.81 22.32
C PRO O 134 -51.81 52.83 22.79
N ASP O 135 -51.56 52.63 24.08
CA ASP O 135 -50.18 52.54 24.66
C ASP O 135 -49.35 53.83 24.51
N GLN O 136 -49.97 54.99 24.59
CA GLN O 136 -49.21 56.27 24.53
C GLN O 136 -48.48 56.52 25.87
N PRO O 137 -47.30 57.18 25.94
CA PRO O 137 -46.56 57.36 27.20
C PRO O 137 -47.33 58.14 28.27
N LYS O 138 -47.08 57.86 29.54
CA LYS O 138 -47.87 58.47 30.61
C LYS O 138 -47.17 59.65 31.28
N ASN O 139 -45.89 59.86 31.01
CA ASN O 139 -45.14 60.95 31.59
C ASN O 139 -45.25 62.24 30.78
N SER O 140 -46.01 62.20 29.68
CA SER O 140 -46.08 63.37 28.77
C SER O 140 -47.48 63.56 28.20
N THR O 141 -47.76 64.75 27.65
CA THR O 141 -49.07 65.03 27.02
C THR O 141 -49.20 64.17 25.77
N PRO O 142 -50.40 63.64 25.44
CA PRO O 142 -50.58 62.91 24.19
C PRO O 142 -50.17 63.79 23.00
N VAL O 143 -49.44 63.25 22.02
CA VAL O 143 -48.90 64.07 20.91
C VAL O 143 -50.03 64.76 20.15
N HIS O 144 -51.21 64.16 20.08
CA HIS O 144 -52.35 64.68 19.30
C HIS O 144 -53.08 65.76 20.09
N LEU O 145 -52.77 65.88 21.38
CA LEU O 145 -53.46 66.84 22.26
C LEU O 145 -52.48 67.93 22.67
N ARG O 146 -51.34 68.04 22.00
CA ARG O 146 -50.29 69.05 22.36
C ARG O 146 -50.53 70.37 21.63
N GLN O 147 -50.40 71.47 22.34
CA GLN O 147 -50.60 72.82 21.76
C GLN O 147 -49.52 73.09 20.70
N ARG O 148 -48.31 72.60 20.93
CA ARG O 148 -47.26 72.85 19.95
C ARG O 148 -46.89 71.54 19.26
N GLN O 149 -46.76 71.60 17.94
CA GLN O 149 -46.26 70.43 17.17
C GLN O 149 -44.95 70.87 16.55
N ILE O 150 -43.85 70.22 16.95
CA ILE O 150 -42.49 70.63 16.48
C ILE O 150 -42.37 70.41 14.98
N PHE O 151 -42.87 69.28 14.48
CA PHE O 151 -42.63 68.93 13.06
C PHE O 151 -43.68 69.54 12.15
N ALA O 152 -44.57 70.36 12.71
CA ALA O 152 -45.57 71.06 11.87
C ALA O 152 -44.91 72.13 11.01
N HIS O 153 -45.25 72.18 9.72
CA HIS O 153 -44.72 73.19 8.77
C HIS O 153 -45.22 74.57 9.17
N HIS O 154 -46.46 74.66 9.64
CA HIS O 154 -47.04 75.96 10.08
C HIS O 154 -47.33 75.90 11.58
N ALA O 155 -47.04 76.99 12.30
CA ALA O 155 -47.30 77.06 13.72
C ALA O 155 -48.79 76.97 14.02
N ILE O 156 -49.11 76.28 15.12
CA ILE O 156 -50.49 76.18 15.57
C ILE O 156 -50.83 77.44 16.36
N PRO O 157 -51.88 78.16 15.99
CA PRO O 157 -52.24 79.38 16.70
C PRO O 157 -52.60 79.11 18.14
N PRO O 158 -52.22 80.00 19.06
CA PRO O 158 -52.51 79.76 20.48
C PRO O 158 -53.99 79.65 20.80
N TRP O 159 -54.85 80.34 20.06
CA TRP O 159 -56.27 80.28 20.34
C TRP O 159 -56.91 78.98 19.88
N GLU O 160 -56.26 78.24 18.98
CA GLU O 160 -56.73 76.92 18.57
C GLU O 160 -56.40 75.93 19.68
N ARG O 161 -57.41 75.36 20.31
CA ARG O 161 -57.17 74.57 21.50
C ARG O 161 -57.41 73.09 21.24
N PRO O 162 -56.59 72.18 21.83
CA PRO O 162 -56.79 70.77 21.63
C PRO O 162 -58.06 70.33 22.35
N PHE O 163 -58.84 69.45 21.72
CA PHE O 163 -60.13 69.02 22.31
C PHE O 163 -59.88 67.93 23.34
N ILE O 164 -60.23 68.22 24.57
CA ILE O 164 -60.11 67.16 25.59
C ILE O 164 -61.56 66.71 25.82
N PRO O 165 -61.91 65.39 25.81
CA PRO O 165 -63.31 64.99 25.93
C PRO O 165 -63.84 65.18 27.34
N GLY O 166 -64.25 66.40 27.66
CA GLY O 166 -64.78 66.72 28.97
C GLY O 166 -63.90 67.67 29.75
N GLN O 167 -64.29 68.95 29.78
CA GLN O 167 -63.54 69.97 30.50
C GLN O 167 -64.38 71.22 30.71
N PRO P 21 -1.25 90.77 21.23
CA PRO P 21 -2.46 91.46 21.72
C PRO P 21 -3.60 90.48 21.97
N SER P 22 -3.51 89.72 23.06
CA SER P 22 -4.44 88.64 23.33
C SER P 22 -5.86 89.17 23.50
N ARG P 23 -6.83 88.47 22.90
CA ARG P 23 -8.23 88.82 22.98
C ARG P 23 -9.02 87.59 23.42
N GLY P 24 -10.02 87.80 24.27
CA GLY P 24 -10.80 86.70 24.80
C GLY P 24 -11.62 85.96 23.77
N LEU P 25 -11.81 86.54 22.58
CA LEU P 25 -12.60 85.88 21.55
C LEU P 25 -11.95 84.60 21.06
N PHE P 26 -10.62 84.48 21.20
CA PHE P 26 -9.90 83.29 20.76
C PHE P 26 -9.17 82.60 21.90
N ARG P 27 -9.51 82.92 23.13
CA ARG P 27 -8.92 82.18 24.24
C ARG P 27 -9.61 80.83 24.39
N PRO P 28 -8.86 79.76 24.64
CA PRO P 28 -9.47 78.43 24.65
C PRO P 28 -10.55 78.25 25.70
N ARG P 29 -10.39 78.82 26.89
CA ARG P 29 -11.38 78.59 27.94
C ARG P 29 -12.78 79.08 27.57
N PRO P 30 -12.98 80.32 27.11
CA PRO P 30 -14.33 80.71 26.68
C PRO P 30 -14.85 79.90 25.50
N LEU P 31 -13.96 79.44 24.62
CA LEU P 31 -14.41 78.73 23.43
C LEU P 31 -14.94 77.34 23.77
N LEU P 32 -14.20 76.60 24.60
CA LEU P 32 -14.66 75.27 25.00
C LEU P 32 -15.96 75.36 25.80
N ALA P 33 -16.06 76.35 26.68
CA ALA P 33 -17.31 76.54 27.43
C ALA P 33 -18.46 76.87 26.49
N GLY P 34 -18.23 77.77 25.54
CA GLY P 34 -19.28 78.11 24.60
C GLY P 34 -19.66 76.95 23.70
N ALA P 35 -18.65 76.20 23.22
CA ALA P 35 -18.94 75.05 22.38
C ALA P 35 -19.67 73.97 23.16
N ALA P 36 -19.29 73.78 24.43
CA ALA P 36 -19.92 72.74 25.24
C ALA P 36 -21.40 73.04 25.48
N VAL P 37 -21.72 74.28 25.84
CA VAL P 37 -23.11 74.61 26.16
C VAL P 37 -23.99 74.51 24.91
N LEU P 38 -23.44 74.82 23.73
CA LEU P 38 -24.19 74.65 22.50
C LEU P 38 -24.53 73.19 22.25
N MET P 39 -23.59 72.29 22.53
CA MET P 39 -23.83 70.87 22.31
C MET P 39 -24.88 70.33 23.25
N LEU P 40 -24.88 70.78 24.51
CA LEU P 40 -25.89 70.32 25.46
C LEU P 40 -27.28 70.82 25.08
N TYR P 41 -27.39 72.09 24.67
CA TYR P 41 -28.69 72.61 24.27
C TYR P 41 -29.23 71.83 23.07
N GLY P 42 -28.39 71.58 22.07
CA GLY P 42 -28.83 70.82 20.92
C GLY P 42 -29.17 69.38 21.27
N TRP P 43 -28.42 68.80 22.20
CA TRP P 43 -28.73 67.45 22.64
C TRP P 43 -30.00 67.41 23.48
N TYR P 44 -30.36 68.50 24.13
CA TYR P 44 -31.68 68.55 24.82
C TYR P 44 -32.78 68.61 23.76
N LYS P 45 -32.59 69.39 22.70
CA LYS P 45 -33.64 69.60 21.67
C LYS P 45 -33.77 68.35 20.77
N LEU P 46 -32.69 67.60 20.56
CA LEU P 46 -32.73 66.32 19.82
C LEU P 46 -33.49 65.29 20.65
N VAL P 47 -33.33 65.32 21.96
CA VAL P 47 -33.97 64.29 22.81
C VAL P 47 -35.47 64.48 22.71
N LYS P 48 -35.91 65.71 22.88
CA LYS P 48 -37.37 65.99 22.83
C LYS P 48 -37.95 65.72 21.44
N GLY P 49 -37.27 66.14 20.38
CA GLY P 49 -37.81 65.98 19.02
C GLY P 49 -38.00 64.53 18.65
N ILE P 50 -36.99 63.70 18.86
CA ILE P 50 -37.10 62.29 18.39
C ILE P 50 -38.21 61.61 19.20
N ARG P 51 -38.38 62.02 20.45
CA ARG P 51 -39.47 61.47 21.31
C ARG P 51 -40.83 61.84 20.71
N GLU P 52 -40.97 63.06 20.15
CA GLU P 52 -42.22 63.49 19.49
C GLU P 52 -42.40 62.72 18.18
N GLN P 53 -41.33 62.53 17.40
CA GLN P 53 -41.40 61.80 16.12
C GLN P 53 -41.88 60.39 16.37
N ASN P 54 -41.44 59.79 17.47
CA ASN P 54 -41.76 58.37 17.76
C ASN P 54 -43.20 58.24 18.22
N GLU P 55 -43.78 59.32 18.71
CA GLU P 55 -45.19 59.32 19.14
C GLU P 55 -46.08 59.70 17.95
N LEU P 56 -45.56 60.46 17.01
CA LEU P 56 -46.27 60.74 15.74
C LEU P 56 -46.35 59.46 14.92
N ALA P 57 -45.28 58.66 14.96
CA ALA P 57 -45.24 57.36 14.27
C ALA P 57 -46.26 56.40 14.88
N ARG P 58 -46.45 56.43 16.19
CA ARG P 58 -47.44 55.57 16.87
C ARG P 58 -48.83 55.91 16.37
N GLU P 59 -49.12 57.18 16.10
CA GLU P 59 -50.49 57.58 15.72
C GLU P 59 -50.68 57.27 14.25
N LYS P 60 -49.62 57.36 13.46
CA LYS P 60 -49.68 57.00 12.04
C LYS P 60 -49.97 55.51 11.90
N MET P 61 -49.35 54.68 12.73
CA MET P 61 -49.51 53.22 12.59
C MET P 61 -50.94 52.84 12.97
N TRP P 62 -51.43 53.33 14.10
CA TRP P 62 -52.79 53.03 14.58
C TRP P 62 -53.83 53.52 13.59
N ALA P 63 -53.53 54.59 12.86
CA ALA P 63 -54.42 55.14 11.84
C ALA P 63 -54.52 54.18 10.65
N ARG P 64 -53.40 53.59 10.21
CA ARG P 64 -53.37 52.58 9.12
C ARG P 64 -53.90 51.23 9.60
N ILE P 65 -53.73 50.87 10.87
CA ILE P 65 -54.31 49.61 11.43
C ILE P 65 -55.85 49.64 11.39
N HIS P 66 -56.48 50.74 11.76
CA HIS P 66 -57.97 50.81 11.80
C HIS P 66 -58.53 50.74 10.38
N LEU P 67 -57.70 51.01 9.37
CA LEU P 67 -58.15 51.01 7.96
C LEU P 67 -57.75 49.70 7.27
N ILE P 68 -56.80 48.94 7.84
CA ILE P 68 -56.28 47.72 7.15
C ILE P 68 -57.39 46.69 6.92
N PRO P 69 -58.30 46.37 7.87
CA PRO P 69 -59.35 45.38 7.62
C PRO P 69 -60.35 45.76 6.51
N LEU P 70 -60.80 47.02 6.43
CA LEU P 70 -61.70 47.43 5.31
C LEU P 70 -60.95 47.33 3.99
N LEU P 71 -59.69 47.69 4.00
CA LEU P 71 -58.96 47.72 2.71
C LEU P 71 -58.65 46.30 2.27
N GLN P 72 -58.30 45.42 3.20
CA GLN P 72 -58.01 44.03 2.88
C GLN P 72 -59.27 43.26 2.48
N ALA P 73 -60.41 43.64 3.05
CA ALA P 73 -61.65 42.95 2.72
C ALA P 73 -62.05 43.19 1.28
N GLU P 74 -61.89 44.43 0.80
CA GLU P 74 -62.22 44.75 -0.58
C GLU P 74 -61.23 44.09 -1.53
N GLU P 75 -59.98 43.95 -1.11
CA GLU P 75 -59.00 43.19 -1.89
C GLU P 75 -59.35 41.71 -1.93
N ASP P 76 -59.85 41.16 -0.82
CA ASP P 76 -60.12 39.74 -0.74
C ASP P 76 -61.28 39.32 -1.63
N ARG P 77 -62.31 40.17 -1.75
CA ARG P 77 -63.38 39.86 -2.67
C ARG P 77 -62.91 39.91 -4.11
N ASP P 78 -61.97 40.80 -4.41
CA ASP P 78 -61.42 40.89 -5.75
C ASP P 78 -60.59 39.64 -6.08
N HIS P 79 -59.85 39.13 -5.12
CA HIS P 79 -59.05 37.90 -5.32
C HIS P 79 -60.00 36.70 -5.45
N VAL P 80 -61.07 36.67 -4.67
CA VAL P 80 -62.07 35.58 -4.83
C VAL P 80 -62.69 35.70 -6.22
N ARG P 81 -63.09 36.92 -6.62
CA ARG P 81 -63.73 37.13 -7.94
C ARG P 81 -62.88 36.61 -9.10
N ARG P 82 -61.63 37.05 -9.20
CA ARG P 82 -60.82 36.69 -10.39
C ARG P 82 -60.50 35.21 -10.40
N TYR P 83 -60.29 34.63 -9.22
CA TYR P 83 -59.94 33.20 -9.11
C TYR P 83 -61.11 32.35 -9.58
N LEU P 84 -62.32 32.72 -9.20
CA LEU P 84 -63.52 31.94 -9.58
C LEU P 84 -63.79 32.13 -11.07
N ALA P 85 -63.49 33.30 -11.63
CA ALA P 85 -63.58 33.53 -13.08
C ALA P 85 -62.55 32.71 -13.85
N ASP P 86 -61.31 32.67 -13.37
CA ASP P 86 -60.22 31.91 -14.04
C ASP P 86 -60.52 30.42 -13.98
N GLN P 87 -61.10 29.98 -12.88
CA GLN P 87 -61.46 28.55 -12.73
C GLN P 87 -62.55 28.20 -13.73
N ALA P 88 -63.48 29.12 -13.98
CA ALA P 88 -64.56 28.90 -14.96
C ALA P 88 -64.02 29.03 -16.38
N ARG P 89 -63.20 30.05 -16.64
CA ARG P 89 -62.65 30.28 -18.00
C ARG P 89 -61.94 29.01 -18.45
N GLU P 90 -61.25 28.33 -17.53
CA GLU P 90 -60.53 27.07 -17.84
C GLU P 90 -61.54 25.97 -18.11
N LYS P 91 -62.51 25.81 -17.23
CA LYS P 91 -63.42 24.69 -17.46
C LYS P 91 -64.11 24.80 -18.81
N GLY P 92 -64.30 26.02 -19.30
CA GLY P 92 -64.92 26.21 -20.60
C GLY P 92 -63.98 26.08 -21.79
N LEU P 93 -62.67 26.15 -21.54
CA LEU P 93 -61.69 26.13 -22.61
C LEU P 93 -60.92 24.82 -22.69
N LEU P 94 -60.26 24.43 -21.61
CA LEU P 94 -59.45 23.24 -21.60
C LEU P 94 -60.22 21.99 -21.21
N GLY P 95 -61.49 22.12 -20.83
CA GLY P 95 -62.31 21.00 -20.47
C GLY P 95 -62.25 20.59 -19.01
N GLU P 96 -61.25 21.07 -18.29
CA GLU P 96 -61.10 20.75 -16.87
C GLU P 96 -60.17 21.80 -16.25
N ASN P 97 -59.95 21.66 -14.95
CA ASN P 97 -59.05 22.54 -14.20
C ASN P 97 -57.79 21.76 -13.86
N ILE P 98 -56.65 22.30 -14.25
CA ILE P 98 -55.36 21.68 -13.95
C ILE P 98 -54.89 22.15 -12.58
N LYS P 99 -54.74 21.21 -11.65
CA LYS P 99 -54.31 21.52 -10.30
C LYS P 99 -52.82 21.82 -10.29
N VAL P 100 -52.45 22.92 -9.64
CA VAL P 100 -51.07 23.37 -9.59
C VAL P 100 -50.40 22.97 -8.28
N TYR P 101 -51.13 23.20 -7.18
CA TYR P 101 -50.62 22.87 -5.84
C TYR P 101 -51.41 21.69 -5.30
N ASN P 102 -50.77 20.73 -4.66
CA ASN P 102 -51.45 19.53 -4.08
C ASN P 102 -52.24 19.96 -2.86
N SER P 103 -51.90 21.11 -2.27
CA SER P 103 -52.64 21.68 -1.12
C SER P 103 -53.86 22.48 -1.61
N ASP P 104 -54.80 22.76 -0.70
CA ASP P 104 -56.04 23.52 -1.06
C ASP P 104 -55.85 25.01 -0.77
N ARG P 105 -54.64 25.45 -0.44
CA ARG P 105 -54.36 26.87 -0.10
C ARG P 105 -54.59 27.77 -1.29
N TYR P 106 -54.98 29.03 -1.04
CA TYR P 106 -55.07 30.01 -2.16
C TYR P 106 -53.69 30.61 -2.34
N VAL P 107 -53.14 30.42 -3.52
CA VAL P 107 -51.83 31.02 -3.84
C VAL P 107 -52.12 32.16 -4.81
N ARG P 108 -51.63 33.37 -4.52
CA ARG P 108 -51.91 34.57 -5.36
C ARG P 108 -51.25 34.38 -6.73
N PRO P 109 -51.96 34.56 -7.89
CA PRO P 109 -51.34 34.23 -9.17
C PRO P 109 -50.01 34.88 -9.57
N THR P 110 -49.10 34.12 -10.17
CA THR P 110 -47.78 34.65 -10.63
C THR P 110 -47.94 35.08 -12.07
N PHE P 111 -48.59 34.24 -12.87
CA PHE P 111 -48.82 34.52 -14.30
C PHE P 111 -50.32 34.59 -14.51
N ALA P 112 -50.76 35.25 -15.57
CA ALA P 112 -52.20 35.35 -15.89
C ALA P 112 -52.40 35.18 -17.39
N VAL P 113 -53.60 34.80 -17.82
CA VAL P 113 -53.86 34.74 -19.29
C VAL P 113 -54.16 36.17 -19.69
N THR P 114 -53.61 36.60 -20.82
CA THR P 114 -53.75 38.01 -21.23
C THR P 114 -54.36 38.05 -22.62
N PRO P 115 -55.16 39.09 -22.99
CA PRO P 115 -55.62 39.19 -24.37
C PRO P 115 -54.40 39.35 -25.28
N SER P 116 -54.54 38.95 -26.54
CA SER P 116 -53.41 39.02 -27.51
C SER P 116 -52.97 40.47 -27.73
N LYS P 117 -53.92 41.41 -27.76
CA LYS P 117 -53.58 42.84 -28.04
C LYS P 117 -54.18 43.80 -27.00
N PRO P 118 -53.53 44.94 -26.63
CA PRO P 118 -54.15 45.92 -25.76
C PRO P 118 -55.27 46.73 -26.41
N ALA P 119 -56.07 47.43 -25.62
CA ALA P 119 -57.16 48.29 -26.15
C ALA P 119 -56.59 49.33 -27.13
N GLN P 120 -57.26 49.56 -28.26
CA GLN P 120 -56.75 50.48 -29.31
C GLN P 120 -56.18 51.78 -28.76
N GLU P 121 -56.92 52.48 -27.91
CA GLU P 121 -56.48 53.77 -27.36
C GLU P 121 -56.33 54.82 -28.44
N THR Q 4 -51.22 29.08 36.40
CA THR Q 4 -50.88 28.30 35.21
C THR Q 4 -51.19 29.07 33.93
N PRO Q 5 -50.18 29.40 33.07
CA PRO Q 5 -50.45 30.20 31.87
C PRO Q 5 -51.09 29.33 30.78
N THR Q 6 -51.16 28.00 30.98
CA THR Q 6 -51.80 27.03 30.04
C THR Q 6 -50.88 26.72 28.85
N GLN Q 7 -49.67 27.31 28.81
CA GLN Q 7 -48.69 26.97 27.74
C GLN Q 7 -47.32 26.81 28.39
N THR Q 8 -47.13 25.76 29.19
CA THR Q 8 -45.85 25.57 29.92
C THR Q 8 -44.71 25.35 28.93
N TYR Q 9 -44.94 24.57 27.86
CA TYR Q 9 -43.92 24.41 26.80
C TYR Q 9 -44.47 25.21 25.60
N GLN Q 10 -43.87 26.35 25.29
CA GLN Q 10 -44.43 27.23 24.23
C GLN Q 10 -43.53 27.26 23.00
N PHE Q 11 -42.29 26.80 23.12
CA PHE Q 11 -41.35 26.95 21.98
C PHE Q 11 -40.70 25.60 21.62
N PRO Q 12 -40.46 25.23 20.33
CA PRO Q 12 -39.82 23.96 20.04
C PRO Q 12 -38.36 24.06 20.51
N SER Q 13 -37.87 23.06 21.23
CA SER Q 13 -36.51 23.16 21.81
C SER Q 13 -35.75 21.88 21.48
N LYS Q 14 -34.43 21.95 21.46
CA LYS Q 14 -33.60 20.76 21.18
C LYS Q 14 -33.44 19.92 22.44
N THR Q 15 -33.75 18.62 22.37
CA THR Q 15 -33.47 17.72 23.52
C THR Q 15 -32.07 17.13 23.31
N VAL Q 16 -31.23 17.21 24.33
CA VAL Q 16 -29.87 16.63 24.24
C VAL Q 16 -29.77 15.40 25.14
N LYS Q 17 -29.20 14.32 24.62
CA LYS Q 17 -28.92 13.13 25.46
C LYS Q 17 -27.81 13.42 26.47
N THR Q 18 -28.21 13.73 27.73
CA THR Q 18 -27.23 13.93 28.79
C THR Q 18 -27.49 12.95 29.93
N ASP Q 19 -26.77 13.11 31.03
CA ASP Q 19 -26.84 12.17 32.15
C ASP Q 19 -27.62 12.70 33.34
N TYR Q 20 -27.96 13.98 33.38
CA TYR Q 20 -28.60 14.59 34.53
C TYR Q 20 -29.71 15.51 34.05
N PRO Q 21 -30.70 15.78 34.89
CA PRO Q 21 -31.84 16.59 34.46
C PRO Q 21 -31.44 18.00 34.02
N LEU Q 22 -32.08 18.46 32.95
CA LEU Q 22 -31.81 19.82 32.44
C LEU Q 22 -32.58 20.81 33.31
N ILE Q 23 -31.92 21.90 33.69
CA ILE Q 23 -32.57 22.99 34.49
C ILE Q 23 -32.87 24.12 33.51
N ASP Q 24 -31.87 24.56 32.75
CA ASP Q 24 -32.04 25.67 31.80
C ASP Q 24 -31.17 25.41 30.57
N ASN Q 25 -31.72 25.64 29.37
CA ASN Q 25 -30.93 25.52 28.11
C ASN Q 25 -30.11 26.80 27.99
N ASP Q 26 -30.56 27.86 28.65
CA ASP Q 26 -29.87 29.17 28.56
C ASP Q 26 -29.97 29.94 29.86
N PRO Q 27 -29.20 29.63 30.93
CA PRO Q 27 -29.39 30.40 32.15
C PRO Q 27 -28.91 31.84 31.98
N HIS Q 28 -29.43 32.76 32.80
CA HIS Q 28 -28.92 34.15 32.86
C HIS Q 28 -27.56 34.18 33.55
N PHE Q 29 -26.70 35.14 33.22
CA PHE Q 29 -25.34 35.23 33.76
C PHE Q 29 -25.37 35.29 35.29
N THR Q 30 -26.27 36.07 35.87
CA THR Q 30 -26.32 36.27 37.34
C THR Q 30 -26.61 34.95 38.04
N ARG Q 31 -27.52 34.13 37.51
CA ARG Q 31 -27.84 32.81 38.06
C ARG Q 31 -26.63 31.86 38.00
N VAL Q 32 -25.85 31.90 36.91
CA VAL Q 32 -24.70 30.97 36.76
C VAL Q 32 -23.68 31.29 37.86
N ILE Q 33 -23.44 32.57 38.11
CA ILE Q 33 -22.51 32.99 39.19
C ILE Q 33 -23.12 32.58 40.53
N ARG Q 34 -24.43 32.75 40.69
CA ARG Q 34 -25.09 32.48 41.98
C ARG Q 34 -25.06 30.98 42.33
N TYR Q 35 -25.20 30.11 41.34
CA TYR Q 35 -25.29 28.66 41.63
C TYR Q 35 -23.91 28.05 41.65
N ALA Q 36 -22.87 28.86 41.48
CA ALA Q 36 -21.53 28.26 41.37
C ALA Q 36 -21.05 27.79 42.73
N ARG Q 37 -20.43 26.60 42.77
CA ARG Q 37 -19.89 26.05 44.00
C ARG Q 37 -18.52 26.63 44.30
N PRO Q 38 -18.10 26.62 45.56
CA PRO Q 38 -16.76 27.11 45.88
C PRO Q 38 -15.66 26.35 45.18
N SER Q 39 -15.93 25.11 44.77
CA SER Q 39 -14.96 24.36 43.98
C SER Q 39 -14.75 25.03 42.62
N ASP Q 40 -15.81 25.60 42.04
CA ASP Q 40 -15.67 26.29 40.77
C ASP Q 40 -14.73 27.48 40.89
N TYR Q 41 -14.76 28.15 42.04
CA TYR Q 41 -13.88 29.30 42.25
C TYR Q 41 -12.42 28.87 42.31
N ALA Q 42 -12.14 27.78 43.02
CA ALA Q 42 -10.78 27.27 43.09
C ALA Q 42 -10.31 26.82 41.71
N HIS Q 43 -11.15 26.05 41.02
CA HIS Q 43 -10.82 25.55 39.67
C HIS Q 43 -10.55 26.73 38.71
N GLY Q 44 -11.39 27.76 38.75
CA GLY Q 44 -11.20 28.89 37.85
C GLY Q 44 -9.92 29.65 38.14
N LEU Q 45 -9.65 29.93 39.42
CA LEU Q 45 -8.43 30.63 39.80
C LEU Q 45 -7.20 29.78 39.53
N ALA Q 46 -7.30 28.47 39.77
CA ALA Q 46 -6.17 27.58 39.51
C ALA Q 46 -5.78 27.60 38.04
N ALA Q 47 -6.77 27.50 37.16
CA ALA Q 47 -6.48 27.58 35.71
C ALA Q 47 -5.93 28.97 35.41
N ALA Q 48 -6.58 30.02 35.91
CA ALA Q 48 -6.16 31.39 35.58
C ALA Q 48 -4.67 31.57 35.83
N ALA Q 49 -4.20 31.29 37.04
CA ALA Q 49 -2.80 31.45 37.37
C ALA Q 49 -1.89 30.56 36.53
N ALA Q 50 -2.43 29.50 35.95
CA ALA Q 50 -1.61 28.54 35.22
C ALA Q 50 -0.96 29.16 33.98
N GLY Q 51 -1.60 30.14 33.37
CA GLY Q 51 -1.10 30.77 32.18
C GLY Q 51 0.15 31.58 32.41
N PRO Q 52 0.07 32.59 33.28
CA PRO Q 52 1.28 33.34 33.64
C PRO Q 52 2.35 32.47 34.28
N ALA Q 53 1.96 31.47 35.08
CA ALA Q 53 2.95 30.63 35.75
C ALA Q 53 3.68 29.75 34.75
N ALA Q 54 2.99 29.28 33.71
CA ALA Q 54 3.66 28.55 32.65
C ALA Q 54 4.68 29.42 31.94
N LEU Q 55 4.37 30.70 31.74
CA LEU Q 55 5.30 31.58 31.06
C LEU Q 55 6.51 31.88 31.93
N TRP Q 56 6.31 31.99 33.24
CA TRP Q 56 7.44 32.22 34.12
C TRP Q 56 8.34 30.99 34.19
N LEU Q 57 7.73 29.81 34.37
CA LEU Q 57 8.51 28.59 34.43
C LEU Q 57 9.26 28.35 33.13
N MET Q 58 8.60 28.61 32.01
CA MET Q 58 9.23 28.50 30.70
C MET Q 58 10.34 29.51 30.50
N GLU Q 59 10.36 30.61 31.28
CA GLU Q 59 11.42 31.66 31.20
C GLU Q 59 12.65 31.18 31.98
N ARG Q 60 12.44 30.69 33.18
CA ARG Q 60 13.54 30.18 34.03
C ARG Q 60 14.27 29.04 33.32
N ILE Q 61 13.54 28.07 32.78
CA ILE Q 61 14.19 26.86 32.22
C ILE Q 61 14.80 27.14 30.85
N SER Q 62 13.99 27.53 29.86
CA SER Q 62 14.58 27.94 28.56
C SER Q 62 14.47 29.46 28.44
N PRO Q 63 15.54 30.23 28.72
CA PRO Q 63 15.43 31.69 28.72
C PRO Q 63 15.23 32.31 27.32
N SER Q 64 14.30 33.26 27.21
CA SER Q 64 13.99 33.93 25.93
C SER Q 64 15.10 34.81 25.39
N GLN Q 65 15.97 35.37 26.22
CA GLN Q 65 17.10 36.20 25.76
C GLN Q 65 16.54 37.48 25.18
N VAL Q 66 15.42 37.95 25.70
CA VAL Q 66 14.76 39.19 25.20
C VAL Q 66 15.46 40.37 25.86
N GLY Q 67 15.08 41.60 25.50
CA GLY Q 67 15.65 42.81 26.09
C GLY Q 67 15.01 43.16 27.40
N ARG Q 68 15.27 44.37 27.91
CA ARG Q 68 14.86 44.76 29.28
C ARG Q 68 13.37 44.75 29.58
N GLY Q 69 12.49 45.23 28.71
CA GLY Q 69 11.08 45.25 29.14
C GLY Q 69 10.18 44.16 28.56
N GLY Q 70 10.70 43.25 27.75
CA GLY Q 70 9.84 42.30 27.04
C GLY Q 70 9.09 41.34 27.93
N PHE Q 71 9.75 40.82 28.95
CA PHE Q 71 9.09 39.79 29.77
C PHE Q 71 7.91 40.41 30.50
N ALA Q 72 8.06 41.63 31.02
CA ALA Q 72 6.98 42.35 31.72
C ALA Q 72 5.75 42.53 30.82
N LYS Q 73 5.96 42.89 29.56
CA LYS Q 73 4.83 43.02 28.61
C LYS Q 73 4.17 41.66 28.37
N ALA Q 74 4.96 40.61 28.20
CA ALA Q 74 4.47 39.24 27.95
C ALA Q 74 3.68 38.73 29.15
N MET Q 75 4.15 38.99 30.36
CA MET Q 75 3.46 38.54 31.59
C MET Q 75 2.11 39.21 31.73
N ARG Q 76 2.00 40.47 31.35
CA ARG Q 76 0.68 41.14 31.35
C ARG Q 76 -0.26 40.48 30.33
N LEU Q 77 0.23 40.13 29.14
CA LEU Q 77 -0.59 39.45 28.11
C LEU Q 77 -0.97 38.04 28.57
N ALA Q 78 -0.02 37.29 29.14
CA ALA Q 78 -0.29 35.95 29.68
C ALA Q 78 -1.26 36.08 30.84
N GLY Q 79 -1.11 37.13 31.64
CA GLY Q 79 -2.02 37.41 32.77
C GLY Q 79 -3.43 37.73 32.31
N PHE Q 80 -3.59 38.49 31.24
CA PHE Q 80 -4.93 38.78 30.69
C PHE Q 80 -5.56 37.50 30.17
N ILE Q 81 -4.77 36.66 29.51
CA ILE Q 81 -5.27 35.40 28.91
C ILE Q 81 -5.54 34.45 30.06
N GLY Q 82 -4.84 34.59 31.18
CA GLY Q 82 -5.13 33.75 32.34
C GLY Q 82 -6.48 34.08 32.91
N LEU Q 83 -6.75 35.36 33.15
CA LEU Q 83 -8.04 35.79 33.72
C LEU Q 83 -9.15 35.49 32.72
N ALA Q 84 -8.89 35.70 31.43
CA ALA Q 84 -9.85 35.37 30.37
C ALA Q 84 -10.18 33.87 30.42
N GLY Q 85 -9.19 33.02 30.17
CA GLY Q 85 -9.44 31.58 30.20
C GLY Q 85 -9.95 31.10 31.54
N GLY Q 86 -9.46 31.70 32.63
CA GLY Q 86 -9.86 31.26 33.95
C GLY Q 86 -11.33 31.55 34.26
N PHE Q 87 -11.83 32.70 33.82
CA PHE Q 87 -13.25 32.99 34.04
C PHE Q 87 -14.14 32.20 33.10
N LEU Q 88 -13.68 31.97 31.87
CA LEU Q 88 -14.44 31.13 30.94
C LEU Q 88 -14.55 29.71 31.46
N TYR Q 89 -13.47 29.18 32.04
CA TYR Q 89 -13.47 27.82 32.62
C TYR Q 89 -14.37 27.78 33.85
N PHE Q 90 -14.30 28.81 34.69
CA PHE Q 90 -15.15 28.86 35.88
C PHE Q 90 -16.63 28.97 35.52
N TYR Q 91 -16.96 29.84 34.57
CA TYR Q 91 -18.34 30.01 34.14
C TYR Q 91 -18.86 28.76 33.45
N GLN Q 92 -18.03 28.06 32.70
CA GLN Q 92 -18.45 26.79 32.04
C GLN Q 92 -18.75 25.69 33.05
N ARG Q 93 -18.07 25.68 34.20
CA ARG Q 93 -18.22 24.60 35.19
C ARG Q 93 -19.59 24.68 35.83
N SER Q 94 -20.04 25.89 36.12
CA SER Q 94 -21.38 26.11 36.70
C SER Q 94 -22.49 25.87 35.67
N ILE Q 95 -22.34 26.34 34.44
CA ILE Q 95 -23.38 26.23 33.36
C ILE Q 95 -23.68 24.77 32.96
N LEU Q 96 -22.70 23.87 32.98
CA LEU Q 96 -22.89 22.45 32.59
C LEU Q 96 -23.88 21.79 33.55
N ARG Q 97 -24.01 22.30 34.78
CA ARG Q 97 -25.00 21.74 35.73
C ARG Q 97 -26.40 22.22 35.38
N PHE Q 98 -26.55 23.43 34.86
CA PHE Q 98 -27.88 23.87 34.34
C PHE Q 98 -28.22 23.06 33.10
N TYR Q 99 -27.24 22.78 32.23
CA TYR Q 99 -27.42 22.03 30.96
C TYR Q 99 -27.68 20.55 31.23
N GLY Q 100 -27.38 20.06 32.43
CA GLY Q 100 -27.49 18.65 32.74
C GLY Q 100 -26.29 17.83 32.37
N MET Q 101 -25.18 18.44 31.99
CA MET Q 101 -23.98 17.71 31.52
C MET Q 101 -22.97 17.48 32.66
N SER Q 102 -23.35 17.83 33.89
CA SER Q 102 -22.50 17.60 35.09
C SER Q 102 -23.46 17.31 36.24
N GLU Q 103 -22.99 16.66 37.32
CA GLU Q 103 -23.85 16.35 38.50
C GLU Q 103 -24.46 17.62 39.03
N ASN Q 104 -25.79 17.74 38.94
CA ASN Q 104 -26.45 19.00 39.32
C ASN Q 104 -27.47 18.78 40.42
N ALA Q 105 -27.28 17.77 41.26
CA ALA Q 105 -28.32 17.43 42.24
C ALA Q 105 -28.60 18.59 43.18
N ARG Q 106 -27.56 19.28 43.63
CA ARG Q 106 -27.77 20.38 44.54
C ARG Q 106 -28.47 21.53 43.83
N GLU Q 107 -28.12 21.74 42.55
CA GLU Q 107 -28.60 22.87 41.79
C GLU Q 107 -30.07 22.72 41.41
N VAL Q 108 -30.54 21.49 41.23
CA VAL Q 108 -31.96 21.25 41.00
C VAL Q 108 -32.76 21.71 42.21
N GLU Q 109 -32.26 21.45 43.41
CA GLU Q 109 -32.97 21.86 44.61
C GLU Q 109 -33.08 23.37 44.72
N MET Q 110 -31.97 24.04 44.44
CA MET Q 110 -31.89 25.53 44.51
C MET Q 110 -32.87 26.10 43.51
N ASP Q 111 -32.81 25.60 42.28
CA ASP Q 111 -33.67 26.11 41.18
C ASP Q 111 -35.13 25.91 41.50
N MET Q 112 -35.48 24.75 42.00
CA MET Q 112 -36.90 24.47 42.26
C MET Q 112 -37.38 25.48 43.29
N ARG Q 113 -36.57 25.70 44.34
CA ARG Q 113 -36.95 26.66 45.40
C ARG Q 113 -37.13 28.05 44.82
N GLU Q 114 -36.16 28.52 44.06
CA GLU Q 114 -36.18 29.92 43.57
C GLU Q 114 -37.38 30.14 42.65
N MET Q 115 -37.60 29.24 41.71
CA MET Q 115 -38.68 29.42 40.71
C MET Q 115 -40.06 29.21 41.32
N THR Q 116 -40.16 28.40 42.38
CA THR Q 116 -41.49 28.13 42.97
C THR Q 116 -41.77 29.32 43.86
N ASP Q 117 -40.74 29.85 44.49
CA ASP Q 117 -40.93 31.07 45.26
C ASP Q 117 -41.16 32.30 44.38
N ARG Q 118 -40.76 32.24 43.11
CA ARG Q 118 -41.15 33.30 42.18
C ARG Q 118 -42.62 33.16 41.78
N VAL Q 119 -43.06 31.92 41.53
CA VAL Q 119 -44.43 31.68 41.08
C VAL Q 119 -45.42 32.22 42.11
N LYS Q 120 -45.19 31.91 43.38
CA LYS Q 120 -46.13 32.33 44.41
C LYS Q 120 -45.99 33.81 44.75
N ALA Q 121 -44.95 34.48 44.27
CA ALA Q 121 -44.80 35.91 44.43
C ALA Q 121 -45.40 36.69 43.27
N GLY Q 122 -46.02 36.01 42.31
CA GLY Q 122 -46.59 36.66 41.16
C GLY Q 122 -45.60 37.13 40.12
N LEU Q 123 -44.35 36.70 40.26
CA LEU Q 123 -43.28 37.21 39.37
C LEU Q 123 -43.22 36.39 38.10
N PRO Q 124 -42.78 36.97 36.96
CA PRO Q 124 -42.55 36.19 35.76
C PRO Q 124 -41.44 35.20 36.18
N LEU Q 125 -41.47 33.99 35.65
CA LEU Q 125 -40.52 32.96 36.09
C LEU Q 125 -39.09 33.42 35.86
N TYR Q 126 -38.80 34.04 34.71
CA TYR Q 126 -37.39 34.38 34.37
C TYR Q 126 -37.20 35.88 34.27
N GLY Q 127 -38.18 36.67 34.67
CA GLY Q 127 -37.98 38.13 34.70
C GLY Q 127 -38.62 38.89 33.55
N GLU Q 128 -38.33 40.17 33.41
CA GLU Q 128 -39.01 40.82 32.27
C GLU Q 128 -38.00 41.57 31.39
N SER Q 129 -38.11 41.40 30.07
CA SER Q 129 -37.14 42.02 29.14
C SER Q 129 -37.61 43.37 28.63
N ARG Q 130 -36.68 44.27 28.35
CA ARG Q 130 -37.02 45.55 27.71
C ARG Q 130 -36.91 45.29 26.21
N LEU Q 131 -36.64 44.04 25.85
CA LEU Q 131 -36.50 43.62 24.44
C LEU Q 131 -37.86 43.13 23.97
N SER Q 132 -38.06 43.08 22.67
CA SER Q 132 -39.37 42.64 22.09
C SER Q 132 -39.55 41.13 22.28
N PRO Q 133 -40.79 40.57 22.27
CA PRO Q 133 -40.94 39.12 22.28
C PRO Q 133 -40.03 38.49 21.22
N ALA Q 134 -39.99 39.04 20.01
CA ALA Q 134 -39.19 38.52 18.88
C ALA Q 134 -37.69 38.63 19.10
N MET Q 135 -37.18 39.74 19.64
CA MET Q 135 -35.74 39.85 19.99
C MET Q 135 -35.40 38.88 21.12
N GLN Q 136 -36.32 38.69 22.06
CA GLN Q 136 -36.14 37.68 23.14
C GLN Q 136 -36.01 36.31 22.49
N GLY Q 137 -36.80 36.02 21.46
CA GLY Q 137 -36.64 34.76 20.72
C GLY Q 137 -35.30 34.64 20.03
N VAL Q 138 -34.83 35.73 19.41
CA VAL Q 138 -33.54 35.72 18.68
C VAL Q 138 -32.41 35.52 19.68
N ALA Q 139 -32.43 36.24 20.79
CA ALA Q 139 -31.40 36.12 21.84
C ALA Q 139 -31.35 34.68 22.33
N ALA Q 140 -32.49 34.12 22.66
CA ALA Q 140 -32.57 32.73 23.16
C ALA Q 140 -31.99 31.79 22.12
N ARG Q 141 -32.24 32.03 20.85
CA ARG Q 141 -31.77 31.06 19.82
C ARG Q 141 -30.26 31.23 19.61
N GLN Q 142 -29.65 32.23 20.22
CA GLN Q 142 -28.20 32.47 20.07
C GLN Q 142 -27.46 31.91 21.28
N SER Q 143 -28.05 31.99 22.48
CA SER Q 143 -27.30 31.60 23.70
C SER Q 143 -27.65 30.19 24.20
N ARG Q 144 -28.60 29.52 23.55
CA ARG Q 144 -28.99 28.14 23.95
C ARG Q 144 -27.77 27.21 23.77
N TYR Q 145 -27.33 26.49 24.82
CA TYR Q 145 -26.14 25.60 24.77
C TYR Q 145 -24.90 26.29 24.20
N SER Q 146 -24.73 27.60 24.41
CA SER Q 146 -23.62 28.40 23.85
C SER Q 146 -22.30 28.14 24.54
N ALA Q 147 -22.33 27.81 25.84
CA ALA Q 147 -21.06 27.68 26.58
C ALA Q 147 -20.40 26.42 26.13
N LEU Q 148 -21.14 25.63 25.36
CA LEU Q 148 -20.48 24.49 24.77
C LEU Q 148 -19.57 24.87 23.63
N PHE Q 149 -19.38 26.17 23.37
CA PHE Q 149 -18.56 26.65 22.27
C PHE Q 149 -17.52 27.69 22.72
N PHE Q 150 -17.25 27.80 24.02
CA PHE Q 150 -16.30 28.81 24.50
C PHE Q 150 -14.88 28.58 23.99
N GLY Q 151 -14.48 27.34 23.73
CA GLY Q 151 -13.16 27.14 23.19
C GLY Q 151 -12.94 27.86 21.88
N VAL Q 152 -14.00 28.29 21.22
CA VAL Q 152 -13.92 29.05 19.97
C VAL Q 152 -14.40 30.48 20.16
N MET Q 153 -15.68 30.60 20.52
CA MET Q 153 -16.31 31.95 20.60
C MET Q 153 -16.99 32.17 21.97
N PRO Q 154 -16.74 33.30 22.68
CA PRO Q 154 -17.43 33.58 23.94
C PRO Q 154 -18.84 34.18 23.78
N TRP Q 155 -19.83 33.69 24.52
CA TRP Q 155 -21.18 34.28 24.50
C TRP Q 155 -21.78 34.20 25.89
N PHE Q 156 -22.55 35.20 26.30
CA PHE Q 156 -23.22 35.16 27.62
C PHE Q 156 -24.67 35.61 27.49
N ASN Q 157 -25.51 35.21 28.43
CA ASN Q 157 -26.93 35.59 28.46
C ASN Q 157 -27.12 36.77 29.38
N PHE Q 158 -27.66 37.86 28.86
CA PHE Q 158 -27.89 39.11 29.62
C PHE Q 158 -29.33 39.51 29.33
N VAL Q 159 -30.08 38.62 28.70
CA VAL Q 159 -31.49 38.92 28.31
C VAL Q 159 -32.48 38.07 29.13
N ASN Q 160 -33.48 38.69 29.75
CA ASN Q 160 -34.54 37.97 30.49
C ASN Q 160 -35.63 37.50 29.52
N HIS Q 161 -35.53 36.29 29.01
CA HIS Q 161 -36.52 35.69 28.09
C HIS Q 161 -37.17 34.49 28.78
N ASN Q 162 -38.19 33.89 28.18
CA ASN Q 162 -38.81 32.70 28.79
C ASN Q 162 -38.65 31.45 27.93
N GLN Q 163 -37.66 31.43 27.03
CA GLN Q 163 -37.39 30.19 26.25
C GLN Q 163 -36.18 29.49 26.86
N HIS Q 164 -36.39 28.56 27.80
CA HIS Q 164 -35.28 27.89 28.55
C HIS Q 164 -35.24 26.39 28.33
N GLY Q 165 -36.06 25.87 27.42
CA GLY Q 165 -36.02 24.45 27.07
C GLY Q 165 -36.75 23.52 28.00
N VAL Q 166 -37.42 24.04 29.03
CA VAL Q 166 -38.03 23.17 30.06
C VAL Q 166 -39.54 23.41 30.14
N ASP Q 167 -40.33 22.35 30.37
CA ASP Q 167 -41.80 22.51 30.62
C ASP Q 167 -41.90 23.17 31.97
N THR Q 168 -42.74 24.19 32.13
CA THR Q 168 -42.71 24.94 33.43
C THR Q 168 -43.84 24.52 34.37
N ALA Q 169 -44.55 23.44 34.05
CA ALA Q 169 -45.64 22.94 34.91
C ALA Q 169 -45.13 22.58 36.31
N LYS Q 170 -43.95 21.98 36.42
CA LYS Q 170 -43.40 21.53 37.71
C LYS Q 170 -43.29 22.71 38.66
N TYR Q 171 -42.90 23.86 38.17
CA TYR Q 171 -42.76 25.09 38.99
C TYR Q 171 -44.13 25.45 39.51
N TYR Q 172 -45.13 25.47 38.63
CA TYR Q 172 -46.46 25.87 39.05
C TYR Q 172 -47.12 24.80 39.89
N GLN Q 173 -46.79 23.53 39.64
CA GLN Q 173 -47.36 22.44 40.41
C GLN Q 173 -46.88 22.48 41.86
N GLN Q 174 -45.59 22.71 42.08
CA GLN Q 174 -45.10 22.76 43.46
C GLN Q 174 -45.60 23.99 44.18
N ALA Q 175 -45.73 25.11 43.47
CA ALA Q 175 -46.31 26.29 44.08
C ALA Q 175 -47.75 26.04 44.50
N GLU Q 176 -48.51 25.33 43.67
CA GLU Q 176 -49.87 24.96 44.05
C GLU Q 176 -49.87 24.08 45.29
N ARG Q 177 -48.98 23.10 45.34
CA ARG Q 177 -48.94 22.19 46.47
C ARG Q 177 -48.29 22.83 47.70
N GLU Q 178 -47.58 23.94 47.52
CA GLU Q 178 -46.94 24.58 48.66
C GLU Q 178 -47.84 25.64 49.27
N LEU Q 179 -48.58 26.38 48.44
CA LEU Q 179 -49.62 27.26 48.96
C LEU Q 179 -50.72 26.46 49.64
N GLU Q 180 -51.09 25.33 49.04
CA GLU Q 180 -52.11 24.47 49.65
C GLU Q 180 -51.65 23.90 50.98
N ALA Q 181 -50.37 23.53 51.09
CA ALA Q 181 -49.86 23.00 52.34
C ALA Q 181 -49.91 24.06 53.45
N GLU Q 182 -49.58 25.31 53.11
CA GLU Q 182 -49.60 26.38 54.08
C GLU Q 182 -50.99 26.94 54.35
N ARG Q 183 -51.91 26.82 53.40
CA ARG Q 183 -53.25 27.37 53.60
C ARG Q 183 -54.00 26.62 54.69
N LEU Q 184 -53.98 25.29 54.65
CA LEU Q 184 -54.68 24.50 55.66
C LEU Q 184 -54.04 24.68 57.03
N ALA Q 185 -52.70 24.75 57.08
CA ALA Q 185 -52.01 24.94 58.34
C ALA Q 185 -52.37 26.29 58.96
N ARG Q 186 -52.48 27.33 58.14
CA ARG Q 186 -52.83 28.65 58.66
C ARG Q 186 -54.26 28.68 59.17
N GLU Q 187 -55.15 27.89 58.56
CA GLU Q 187 -56.57 27.89 58.91
C GLU Q 187 -56.95 26.82 59.92
N GLN Q 188 -56.10 25.81 60.13
CA GLN Q 188 -56.39 24.76 61.10
C GLN Q 188 -55.73 25.01 62.45
N ALA Q 189 -55.05 26.14 62.62
CA ALA Q 189 -54.39 26.46 63.88
C ALA Q 189 -54.25 27.96 64.06
N PHE R 32 7.50 30.28 -12.82
CA PHE R 32 7.86 31.26 -11.76
C PHE R 32 9.07 30.76 -10.97
N LEU R 33 9.24 29.44 -10.89
CA LEU R 33 10.31 28.89 -10.04
C LEU R 33 11.61 28.63 -10.85
N PRO R 34 12.81 28.49 -10.22
CA PRO R 34 14.03 28.18 -10.97
C PRO R 34 13.96 26.84 -11.66
N GLU R 35 14.71 26.71 -12.75
CA GLU R 35 14.79 25.44 -13.46
C GLU R 35 15.54 24.39 -12.66
N ALA R 36 16.40 24.81 -11.72
CA ALA R 36 17.09 23.87 -10.86
C ALA R 36 16.15 23.15 -9.91
N MET R 37 14.96 23.68 -9.67
CA MET R 37 14.05 23.16 -8.68
C MET R 37 12.88 22.38 -9.26
N VAL R 38 12.40 22.74 -10.45
CA VAL R 38 11.22 22.10 -11.02
C VAL R 38 11.51 21.64 -12.44
N GLY R 39 12.64 22.08 -12.99
CA GLY R 39 12.95 21.76 -14.38
C GLY R 39 13.16 20.27 -14.60
N ARG R 40 12.75 19.81 -15.78
CA ARG R 40 13.02 18.43 -16.18
C ARG R 40 14.50 18.20 -16.40
N SER R 41 15.27 19.26 -16.66
CA SER R 41 16.67 19.11 -17.03
C SER R 41 17.47 18.44 -15.94
N LYS R 42 17.21 18.77 -14.67
CA LYS R 42 18.00 18.21 -13.60
C LYS R 42 17.45 16.87 -13.13
N ILE R 43 16.23 16.52 -13.54
CA ILE R 43 15.79 15.13 -13.44
C ILE R 43 16.65 14.25 -14.36
N ASP R 44 16.91 14.74 -15.57
CA ASP R 44 17.70 14.01 -16.55
C ASP R 44 19.15 13.82 -16.13
N GLU R 45 19.63 14.54 -15.12
CA GLU R 45 20.95 14.29 -14.56
C GLU R 45 20.88 13.29 -13.42
N LYS R 46 19.83 13.33 -12.62
CA LYS R 46 19.66 12.37 -11.54
C LYS R 46 19.26 11.01 -12.08
N TYR R 47 18.44 10.99 -13.12
CA TYR R 47 17.88 9.77 -13.70
C TYR R 47 18.06 9.81 -15.21
N PRO R 48 19.30 9.77 -15.67
CA PRO R 48 19.54 9.87 -17.12
C PRO R 48 19.05 8.63 -17.86
N ASP R 49 18.67 8.84 -19.12
CA ASP R 49 18.24 7.71 -19.95
C ASP R 49 19.37 6.75 -20.23
N SER R 50 20.63 7.19 -20.07
CA SER R 50 21.78 6.34 -20.30
C SER R 50 21.94 5.25 -19.25
N ASP R 51 21.18 5.30 -18.16
CA ASP R 51 21.25 4.29 -17.13
C ASP R 51 20.79 2.93 -17.61
N TYR R 52 20.12 2.86 -18.76
CA TYR R 52 19.55 1.63 -19.27
C TYR R 52 20.08 1.34 -20.66
N PRO R 53 20.89 0.30 -20.83
CA PRO R 53 21.46 0.01 -22.15
C PRO R 53 20.39 -0.31 -23.19
N THR R 54 20.68 0.07 -24.42
CA THR R 54 19.82 -0.19 -25.58
C THR R 54 20.65 -0.64 -26.78
N LEU R 55 21.60 -1.55 -26.54
CA LEU R 55 22.43 -2.05 -27.62
C LEU R 55 21.58 -2.81 -28.64
N THR R 56 21.99 -2.72 -29.91
CA THR R 56 21.23 -3.32 -31.00
C THR R 56 21.84 -4.66 -31.39
N ASP R 57 21.23 -5.28 -32.41
CA ASP R 57 21.71 -6.59 -32.85
C ASP R 57 23.14 -6.51 -33.38
N LYS R 58 23.48 -5.43 -34.08
CA LYS R 58 24.85 -5.26 -34.54
C LYS R 58 25.81 -5.09 -33.36
N GLU R 59 25.42 -4.29 -32.37
CA GLU R 59 26.30 -4.07 -31.23
C GLU R 59 26.32 -5.28 -30.30
N ASP R 60 25.17 -5.89 -30.07
CA ASP R 60 25.02 -6.95 -29.06
C ASP R 60 24.23 -8.09 -29.67
N PRO R 61 24.88 -8.95 -30.46
CA PRO R 61 24.18 -10.12 -30.99
C PRO R 61 23.98 -11.20 -29.96
N ASP R 62 24.94 -11.35 -29.04
CA ASP R 62 24.82 -12.33 -27.98
C ASP R 62 23.97 -11.85 -26.82
N MET R 63 23.53 -10.59 -26.85
CA MET R 63 22.60 -10.06 -25.86
C MET R 63 23.19 -10.17 -24.45
N ASN R 64 24.48 -9.82 -24.36
CA ASN R 64 25.25 -9.95 -23.13
C ASN R 64 26.00 -8.67 -22.76
N GLY R 65 26.00 -7.67 -23.63
CA GLY R 65 26.66 -6.42 -23.31
C GLY R 65 27.73 -6.03 -24.32
N GLY R 66 27.78 -6.75 -25.43
CA GLY R 66 28.86 -6.56 -26.37
C GLY R 66 30.13 -7.30 -26.03
N TYR R 67 30.07 -8.23 -25.08
CA TYR R 67 31.21 -9.06 -24.72
C TYR R 67 31.75 -9.79 -25.95
N ILE R 68 33.02 -9.57 -26.25
CA ILE R 68 33.64 -10.27 -27.36
C ILE R 68 34.01 -11.68 -26.94
N ASN R 69 33.70 -12.65 -27.79
CA ASN R 69 33.68 -14.05 -27.39
C ASN R 69 34.68 -14.84 -28.22
N PRO R 70 35.60 -15.58 -27.60
CA PRO R 70 36.47 -16.47 -28.36
C PRO R 70 35.68 -17.60 -28.99
N PRO R 71 36.29 -18.38 -29.88
CA PRO R 71 35.61 -19.59 -30.36
C PRO R 71 35.29 -20.54 -29.21
N ARG R 72 34.12 -21.18 -29.30
CA ARG R 72 33.66 -22.11 -28.29
C ARG R 72 34.32 -23.46 -28.55
N ILE R 73 35.55 -23.62 -28.09
CA ILE R 73 36.34 -24.81 -28.33
C ILE R 73 36.67 -25.45 -26.99
N LYS R 74 36.46 -26.75 -26.88
CA LYS R 74 36.86 -27.48 -25.69
C LYS R 74 38.37 -27.49 -25.57
N ARG R 75 38.86 -27.28 -24.35
CA ARG R 75 40.30 -27.20 -24.17
C ARG R 75 40.98 -28.55 -24.23
N GLN R 76 40.23 -29.64 -24.37
CA GLN R 76 40.85 -30.94 -24.61
C GLN R 76 41.43 -31.04 -26.01
N PHE R 77 41.13 -30.10 -26.89
CA PHE R 77 41.73 -30.01 -28.21
C PHE R 77 42.93 -29.07 -28.26
N ARG R 78 43.34 -28.53 -27.12
CA ARG R 78 44.56 -27.76 -27.05
C ARG R 78 45.75 -28.69 -26.90
N ASP R 79 46.94 -28.14 -27.13
CA ASP R 79 48.16 -28.92 -27.01
C ASP R 79 48.48 -29.13 -25.54
N PRO R 80 48.60 -30.38 -25.07
CA PRO R 80 49.02 -30.60 -23.68
C PRO R 80 50.48 -30.28 -23.43
N HIS R 81 51.27 -30.02 -24.47
CA HIS R 81 52.70 -29.77 -24.34
C HIS R 81 53.07 -28.32 -24.56
N ALA R 82 52.09 -27.43 -24.69
CA ALA R 82 52.42 -26.02 -24.82
C ALA R 82 52.81 -25.45 -23.47
N ASP R 83 53.45 -24.30 -23.50
CA ASP R 83 53.94 -23.67 -22.27
C ASP R 83 52.79 -22.99 -21.51
N TRP R 84 51.81 -23.82 -21.15
CA TRP R 84 50.64 -23.32 -20.46
C TRP R 84 51.00 -22.84 -19.06
N TRP R 85 50.43 -21.72 -18.63
CA TRP R 85 50.62 -21.31 -17.23
C TRP R 85 49.97 -22.39 -16.36
N ASP R 86 48.67 -22.63 -16.54
CA ASP R 86 47.98 -23.76 -15.86
C ASP R 86 48.01 -24.94 -16.82
N LYS R 87 48.95 -25.85 -16.64
CA LYS R 87 49.12 -27.01 -17.55
C LYS R 87 47.92 -27.93 -17.42
N GLN R 88 47.38 -28.08 -16.22
CA GLN R 88 46.28 -29.04 -16.00
C GLN R 88 45.09 -28.60 -16.81
N GLU R 89 44.84 -27.30 -16.85
CA GLU R 89 43.65 -26.81 -17.56
C GLU R 89 44.01 -26.44 -18.99
N ARG R 90 45.31 -26.38 -19.32
CA ARG R 90 45.77 -25.94 -20.66
C ARG R 90 45.34 -24.50 -20.92
N ARG R 91 45.69 -23.59 -20.01
CA ARG R 91 45.27 -22.18 -20.11
C ARG R 91 46.43 -21.24 -19.78
N ASN R 92 46.36 -19.97 -20.18
CA ASN R 92 47.34 -18.94 -19.83
C ASN R 92 46.67 -17.88 -18.98
N PHE R 93 47.48 -17.09 -18.29
CA PHE R 93 46.92 -16.22 -17.26
C PHE R 93 46.11 -15.06 -17.83
N GLY R 94 46.32 -14.68 -19.07
CA GLY R 94 45.57 -13.52 -19.53
C GLY R 94 44.58 -13.79 -20.63
N GLU R 95 44.62 -15.00 -21.19
CA GLU R 95 43.92 -15.25 -22.44
C GLU R 95 42.41 -15.15 -22.25
N PRO R 96 41.70 -14.66 -23.26
CA PRO R 96 40.26 -14.45 -23.14
C PRO R 96 39.51 -15.78 -23.03
N VAL R 97 38.37 -15.71 -22.34
CA VAL R 97 37.58 -16.89 -22.03
C VAL R 97 36.23 -16.77 -22.73
N HIS R 98 35.78 -17.86 -23.32
CA HIS R 98 34.41 -17.92 -23.81
C HIS R 98 33.44 -17.85 -22.64
N GLU R 99 32.26 -17.31 -22.90
CA GLU R 99 31.27 -17.16 -21.83
C GLU R 99 30.82 -18.51 -21.27
N ASP R 100 31.12 -19.60 -21.97
CA ASP R 100 30.75 -20.95 -21.56
C ASP R 100 31.91 -21.66 -20.88
N HIS R 101 32.79 -20.88 -20.25
CA HIS R 101 34.02 -21.42 -19.62
C HIS R 101 33.76 -22.68 -18.78
N ASP R 102 32.64 -22.74 -18.05
CA ASP R 102 32.41 -23.87 -17.15
C ASP R 102 32.54 -25.20 -17.88
N ILE R 103 31.83 -25.34 -19.00
CA ILE R 103 31.70 -26.63 -19.67
C ILE R 103 32.61 -26.70 -20.89
N LEU R 104 33.68 -25.92 -20.91
CA LEU R 104 34.67 -25.98 -21.97
C LEU R 104 36.04 -26.42 -21.46
N GLY R 105 36.19 -26.63 -20.16
CA GLY R 105 37.48 -26.93 -19.57
C GLY R 105 37.77 -28.41 -19.50
N MET R 106 38.91 -28.73 -18.90
CA MET R 106 39.35 -30.11 -18.80
C MET R 106 38.45 -30.91 -17.88
N PHE R 107 37.78 -30.27 -16.94
CA PHE R 107 36.83 -30.93 -16.05
C PHE R 107 35.43 -30.64 -16.58
N SER R 108 35.08 -31.34 -17.66
CA SER R 108 33.81 -31.14 -18.34
C SER R 108 33.53 -32.40 -19.16
N PRO R 109 32.30 -32.58 -19.64
CA PRO R 109 32.00 -33.80 -20.41
C PRO R 109 32.94 -33.97 -21.58
N TYR R 110 33.34 -35.21 -21.81
CA TYR R 110 34.33 -35.49 -22.86
C TYR R 110 33.71 -35.36 -24.24
N GLU R 111 34.57 -35.12 -25.22
CA GLU R 111 34.19 -35.03 -26.62
C GLU R 111 34.88 -36.17 -27.36
N TYR R 112 34.08 -37.09 -27.89
CA TYR R 112 34.61 -38.26 -28.58
C TYR R 112 34.66 -37.97 -30.07
N THR R 113 35.83 -38.16 -30.67
CA THR R 113 36.11 -37.75 -32.04
C THR R 113 36.42 -38.95 -32.93
N TRP R 114 35.81 -40.10 -32.65
CA TRP R 114 36.11 -41.28 -33.45
C TRP R 114 35.39 -41.24 -34.80
N ILE R 115 34.08 -41.03 -34.82
CA ILE R 115 33.32 -40.91 -36.06
C ILE R 115 32.22 -39.87 -35.87
N THR R 116 31.50 -39.62 -36.97
CA THR R 116 30.46 -38.61 -37.02
C THR R 116 29.17 -39.18 -36.42
N PRO R 117 28.33 -38.32 -35.82
CA PRO R 117 27.04 -38.81 -35.30
C PRO R 117 26.19 -39.55 -36.32
N GLY R 118 26.15 -39.09 -37.57
CA GLY R 118 25.35 -39.78 -38.56
C GLY R 118 25.88 -41.16 -38.89
N LYS R 119 27.20 -41.29 -39.05
CA LYS R 119 27.79 -42.59 -39.33
C LYS R 119 27.62 -43.53 -38.14
N GLY R 120 27.59 -42.98 -36.93
CA GLY R 120 27.38 -43.81 -35.75
C GLY R 120 25.99 -44.43 -35.70
N LEU R 121 24.95 -43.65 -36.01
CA LEU R 121 23.60 -44.20 -36.07
C LEU R 121 23.52 -45.35 -37.07
N PHE R 122 24.21 -45.23 -38.19
CA PHE R 122 24.26 -46.31 -39.16
C PHE R 122 24.82 -47.57 -38.53
N GLN R 123 25.98 -47.47 -37.89
CA GLN R 123 26.63 -48.65 -37.34
C GLN R 123 25.87 -49.23 -36.16
N ILE R 124 25.14 -48.39 -35.42
CA ILE R 124 24.25 -48.91 -34.37
C ILE R 124 23.09 -49.66 -34.99
N GLY R 125 22.60 -49.17 -36.13
CA GLY R 125 21.55 -49.88 -36.85
C GLY R 125 22.02 -51.22 -37.39
N LEU R 126 23.26 -51.28 -37.88
CA LEU R 126 23.76 -52.54 -38.41
C LEU R 126 23.96 -53.59 -37.32
N PHE R 127 24.36 -53.15 -36.13
CA PHE R 127 24.47 -54.12 -35.01
C PHE R 127 23.07 -54.65 -34.73
N ILE R 128 22.11 -53.73 -34.57
CA ILE R 128 20.76 -54.13 -34.21
C ILE R 128 20.16 -55.02 -35.28
N ALA R 129 20.35 -54.67 -36.55
CA ALA R 129 19.80 -55.47 -37.64
C ALA R 129 20.36 -56.88 -37.62
N SER R 130 21.64 -57.00 -37.28
CA SER R 130 22.28 -58.33 -37.23
C SER R 130 21.73 -59.13 -36.06
N PHE R 131 21.41 -58.46 -34.95
CA PHE R 131 20.99 -59.20 -33.73
C PHE R 131 19.52 -59.55 -33.85
N LEU R 132 18.74 -58.65 -34.47
CA LEU R 132 17.35 -59.01 -34.70
C LEU R 132 17.23 -60.16 -35.69
N GLY R 133 18.07 -60.16 -36.71
CA GLY R 133 18.03 -61.25 -37.69
C GLY R 133 18.41 -62.58 -37.08
N LEU R 134 19.36 -62.59 -36.15
CA LEU R 134 19.68 -63.85 -35.45
C LEU R 134 18.45 -64.31 -34.66
N CYS R 135 17.79 -63.38 -33.98
CA CYS R 135 16.56 -63.74 -33.31
C CYS R 135 15.54 -64.29 -34.30
N TYR R 136 15.54 -63.78 -35.53
CA TYR R 136 14.54 -64.20 -36.51
C TYR R 136 14.78 -65.63 -36.96
N VAL R 137 16.04 -66.04 -37.08
CA VAL R 137 16.31 -67.41 -37.50
C VAL R 137 15.99 -68.39 -36.38
N VAL R 138 16.16 -67.97 -35.12
CA VAL R 138 15.85 -68.85 -34.00
C VAL R 138 14.34 -69.08 -33.90
N LYS R 139 13.55 -68.03 -34.18
CA LYS R 139 12.10 -68.18 -34.09
C LYS R 139 11.58 -69.14 -35.16
N LEU R 140 12.28 -69.20 -36.29
CA LEU R 140 11.87 -70.12 -37.35
C LEU R 140 12.13 -71.56 -36.97
N THR R 141 13.31 -71.87 -36.45
CA THR R 141 13.71 -73.25 -36.18
C THR R 141 14.26 -73.34 -34.76
N TYR R 142 13.38 -73.55 -33.79
CA TYR R 142 13.76 -73.79 -32.42
C TYR R 142 12.92 -74.92 -31.87
N PRO R 143 13.45 -75.70 -30.92
CA PRO R 143 12.81 -76.96 -30.56
C PRO R 143 11.50 -76.75 -29.82
N ASP R 144 10.67 -77.80 -29.86
CA ASP R 144 9.48 -77.87 -29.02
C ASP R 144 9.84 -78.51 -27.68
N ARG R 145 9.01 -78.25 -26.68
CA ARG R 145 9.24 -78.85 -25.38
C ARG R 145 9.09 -80.37 -25.47
N VAL R 146 9.99 -81.07 -24.78
CA VAL R 146 10.12 -82.51 -24.99
C VAL R 146 9.39 -83.33 -23.93
N SER R 147 9.07 -82.75 -22.78
CA SER R 147 8.41 -83.45 -21.69
C SER R 147 7.13 -82.73 -21.33
N TYR R 148 6.12 -83.50 -20.92
CA TYR R 148 4.86 -82.92 -20.49
C TYR R 148 5.06 -82.14 -19.19
N PRO R 149 4.29 -81.06 -18.99
CA PRO R 149 4.41 -80.31 -17.74
C PRO R 149 4.13 -81.18 -16.53
N ARG R 150 4.89 -80.94 -15.46
CA ARG R 150 4.83 -81.80 -14.29
C ARG R 150 3.57 -81.51 -13.48
N GLU R 151 2.91 -82.57 -13.03
CA GLU R 151 1.56 -82.50 -12.50
C GLU R 151 1.58 -82.72 -10.99
N PHE R 152 0.87 -81.86 -10.26
CA PHE R 152 0.90 -81.88 -8.81
C PHE R 152 -0.45 -82.32 -8.25
N GLU R 153 -0.40 -82.98 -7.10
CA GLU R 153 -1.61 -83.45 -6.42
C GLU R 153 -2.38 -82.26 -5.89
N GLY R 154 -3.55 -82.00 -6.48
CA GLY R 154 -4.38 -80.90 -6.04
C GLY R 154 -3.89 -79.52 -6.43
N GLY R 155 -2.86 -79.43 -7.26
CA GLY R 155 -2.30 -78.15 -7.61
C GLY R 155 -1.57 -77.45 -6.48
N LEU R 156 -1.41 -78.11 -5.33
CA LEU R 156 -0.72 -77.53 -4.18
C LEU R 156 -1.37 -76.23 -3.75
N GLU R 157 -2.67 -76.12 -3.97
CA GLU R 157 -3.35 -74.84 -3.83
C GLU R 157 -3.28 -74.33 -2.39
N ARG R 158 -3.31 -75.23 -1.41
CA ARG R 158 -3.17 -74.81 -0.02
C ARG R 158 -1.76 -74.29 0.25
N GLU R 159 -0.75 -75.05 -0.16
CA GLU R 159 0.63 -74.70 0.10
C GLU R 159 1.11 -73.48 -0.67
N LEU R 160 0.37 -73.02 -1.68
CA LEU R 160 0.76 -71.86 -2.45
C LEU R 160 -0.09 -70.64 -2.15
N GLY R 161 -0.94 -70.70 -1.13
CA GLY R 161 -1.69 -69.53 -0.69
C GLY R 161 -3.20 -69.65 -0.76
N GLY R 162 -3.75 -70.79 -1.15
CA GLY R 162 -5.20 -70.96 -1.18
C GLY R 162 -5.77 -70.70 -2.55
N ALA R 163 -7.10 -70.66 -2.59
CA ALA R 163 -7.81 -70.36 -3.83
C ALA R 163 -7.50 -68.96 -4.34
N GLY R 164 -7.16 -68.07 -3.40
CA GLY R 164 -6.91 -66.68 -3.78
C GLY R 164 -5.47 -66.49 -4.19
N ALA R 165 -4.77 -67.59 -4.50
CA ALA R 165 -3.38 -67.47 -4.99
C ALA R 165 -3.17 -68.42 -6.17
N VAL R 166 -2.19 -68.11 -7.04
CA VAL R 166 -1.91 -68.94 -8.20
C VAL R 166 -1.27 -70.25 -7.75
N ARG R 167 -1.61 -71.34 -8.43
CA ARG R 167 -1.16 -72.67 -8.07
C ARG R 167 -0.50 -73.33 -9.28
N ALA R 168 -0.11 -74.59 -9.10
CA ALA R 168 0.63 -75.33 -10.09
C ALA R 168 -0.30 -76.12 -11.02
N PHE R 169 0.30 -76.90 -11.90
CA PHE R 169 -0.44 -77.64 -12.92
C PHE R 169 -1.32 -78.69 -12.28
N LEU R 170 -2.56 -78.81 -12.75
CA LEU R 170 -3.50 -79.77 -12.19
C LEU R 170 -4.55 -80.10 -13.25
N CYS R 171 -4.34 -81.22 -13.96
CA CYS R 171 -5.31 -81.81 -14.90
C CYS R 171 -6.03 -80.75 -15.73
N LEU R 172 -5.25 -79.95 -16.46
CA LEU R 172 -5.79 -78.91 -17.32
C LEU R 172 -5.39 -79.15 -18.77
N ASP R 173 -5.71 -78.19 -19.62
CA ASP R 173 -5.40 -78.25 -21.04
C ASP R 173 -3.93 -77.93 -21.29
N ASP R 174 -3.46 -78.30 -22.48
CA ASP R 174 -2.10 -77.98 -22.88
C ASP R 174 -2.04 -77.59 -24.36
N VAL S 2 -1.61 -5.42 28.11
CA VAL S 2 -0.76 -5.43 29.34
C VAL S 2 -1.31 -4.39 30.33
N ASN S 3 -0.69 -4.26 31.51
CA ASN S 3 -1.12 -3.20 32.45
C ASN S 3 -0.86 -1.85 31.79
N ARG S 4 -1.82 -0.93 31.85
CA ARG S 4 -1.67 0.38 31.19
C ARG S 4 -0.72 1.23 32.03
N ILE S 5 -0.81 1.09 33.33
CA ILE S 5 0.00 1.98 34.23
C ILE S 5 1.47 1.62 33.98
N LEU S 6 1.76 0.32 33.89
CA LEU S 6 3.16 -0.11 33.61
C LEU S 6 3.60 0.31 32.21
N PHE S 7 2.73 0.13 31.20
CA PHE S 7 3.16 0.43 29.81
C PHE S 7 3.47 1.92 29.71
N TRP S 8 2.58 2.75 30.27
CA TRP S 8 2.78 4.22 30.23
C TRP S 8 3.96 4.66 31.09
N THR S 9 4.18 3.99 32.23
CA THR S 9 5.36 4.31 33.06
C THR S 9 6.64 4.03 32.27
N GLY S 10 6.68 2.91 31.55
CA GLY S 10 7.85 2.55 30.73
C GLY S 10 7.91 3.38 29.48
N PHE S 11 6.76 3.76 28.94
CA PHE S 11 6.70 4.67 27.78
C PHE S 11 7.41 5.96 28.15
N GLY S 12 7.15 6.52 29.33
CA GLY S 12 7.87 7.71 29.74
C GLY S 12 9.35 7.45 29.94
N LEU S 13 9.69 6.27 30.47
CA LEU S 13 11.09 5.89 30.57
C LEU S 13 11.73 5.78 29.20
N ALA S 14 11.00 5.22 28.22
CA ALA S 14 11.55 5.06 26.88
C ALA S 14 11.68 6.39 26.15
N VAL S 15 10.82 7.36 26.48
CA VAL S 15 10.91 8.67 25.84
C VAL S 15 12.15 9.40 26.32
N ARG S 16 12.46 9.30 27.60
CA ARG S 16 13.69 9.90 28.12
C ARG S 16 14.92 9.26 27.48
N PHE S 17 14.90 7.94 27.32
CA PHE S 17 16.02 7.25 26.69
C PHE S 17 16.21 7.66 25.25
N TRP S 18 15.10 7.77 24.51
CA TRP S 18 15.18 8.16 23.10
C TRP S 18 15.57 9.62 22.95
N GLN S 19 15.13 10.48 23.86
CA GLN S 19 15.51 11.88 23.82
C GLN S 19 17.02 12.06 23.88
N LEU S 20 17.66 11.42 24.85
CA LEU S 20 19.10 11.58 25.01
C LEU S 20 19.85 10.92 23.87
N GLY S 21 19.31 9.83 23.31
CA GLY S 21 19.92 9.23 22.14
C GLY S 21 19.88 10.14 20.93
N ILE S 22 18.78 10.84 20.70
CA ILE S 22 18.70 11.83 19.58
C ILE S 22 19.68 12.98 19.81
N GLU S 23 19.71 13.53 21.02
CA GLU S 23 20.61 14.65 21.39
C GLU S 23 22.03 14.13 21.51
N MET S 24 22.23 12.83 21.44
CA MET S 24 23.55 12.16 21.58
C MET S 24 24.20 12.59 22.89
N ARG S 25 23.40 12.69 23.94
CA ARG S 25 23.88 13.08 25.30
C ARG S 25 24.12 11.79 26.09
N PRO S 26 24.90 11.79 27.22
CA PRO S 26 25.17 10.55 27.94
C PRO S 26 23.97 10.02 28.73
N PHE S 27 23.51 8.80 28.43
CA PHE S 27 22.44 8.24 29.28
C PHE S 27 23.05 7.99 30.65
N PHE S 28 22.37 8.32 31.74
CA PHE S 28 22.83 7.97 33.11
C PHE S 28 23.82 8.94 33.75
N ASN S 29 23.75 10.24 33.44
CA ASN S 29 24.57 11.21 34.21
C ASN S 29 23.87 11.32 35.57
N ARG S 30 24.62 11.24 36.68
CA ARG S 30 24.00 11.21 38.02
C ARG S 30 23.23 12.48 38.35
N LYS S 31 23.77 13.67 38.04
CA LYS S 31 23.10 14.92 38.45
C LYS S 31 21.88 15.17 37.58
N SER S 32 21.59 14.30 36.62
CA SER S 32 20.38 14.44 35.82
C SER S 32 19.54 13.17 35.84
N LEU S 33 19.76 12.28 36.81
CA LEU S 33 18.99 11.05 36.89
C LEU S 33 17.54 11.29 37.27
N TRP S 34 17.23 12.41 37.91
CA TRP S 34 15.88 12.71 38.37
C TRP S 34 14.89 12.79 37.22
N ALA S 35 15.37 12.97 35.99
CA ALA S 35 14.48 13.04 34.85
C ALA S 35 13.77 11.72 34.61
N TYR S 36 14.44 10.61 34.88
CA TYR S 36 13.79 9.31 34.70
C TYR S 36 12.58 9.12 35.60
N PRO S 37 12.63 9.41 36.91
CA PRO S 37 11.39 9.39 37.69
C PRO S 37 10.35 10.38 37.18
N LEU S 38 10.79 11.55 36.70
CA LEU S 38 9.85 12.55 36.24
C LEU S 38 9.15 12.10 34.97
N PHE S 39 9.91 11.62 33.98
CA PHE S 39 9.31 11.17 32.74
C PHE S 39 8.40 9.97 32.98
N GLY S 40 8.84 9.02 33.80
CA GLY S 40 8.00 7.89 34.14
C GLY S 40 6.80 8.26 34.97
N GLY S 41 6.97 9.21 35.90
CA GLY S 41 5.84 9.69 36.67
C GLY S 41 4.78 10.35 35.82
N VAL S 42 5.19 11.15 34.85
CA VAL S 42 4.24 11.70 33.88
C VAL S 42 3.59 10.57 33.10
N GLY S 43 4.36 9.53 32.79
CA GLY S 43 3.79 8.39 32.10
C GLY S 43 2.76 7.65 32.94
N ALA S 44 3.03 7.50 34.23
CA ALA S 44 2.05 6.84 35.10
C ALA S 44 0.76 7.66 35.18
N SER S 45 0.87 8.98 35.29
CA SER S 45 -0.32 9.82 35.37
C SER S 45 -1.17 9.68 34.11
N PHE S 46 -0.54 9.80 32.94
CA PHE S 46 -1.25 9.52 31.67
C PHE S 46 -1.39 8.00 31.63
N GLY S 47 -2.52 7.47 32.05
CA GLY S 47 -2.67 6.01 32.17
C GLY S 47 -3.75 5.85 33.19
N TYR S 48 -3.63 6.60 34.29
CA TYR S 48 -4.75 6.66 35.25
C TYR S 48 -5.87 7.36 34.48
N TRP S 49 -5.49 8.34 33.64
CA TRP S 49 -6.47 9.04 32.79
C TRP S 49 -6.98 8.13 31.67
N LEU S 50 -6.11 7.35 31.03
CA LEU S 50 -6.58 6.38 30.01
C LEU S 50 -7.40 5.28 30.67
N GLN S 51 -7.19 5.03 31.96
CA GLN S 51 -7.99 4.04 32.70
C GLN S 51 -9.38 4.62 32.91
N SER S 52 -9.47 5.91 33.22
CA SER S 52 -10.80 6.52 33.33
C SER S 52 -11.47 6.61 31.98
N ILE S 53 -10.70 6.88 30.92
CA ILE S 53 -11.25 6.91 29.57
C ILE S 53 -11.77 5.53 29.20
N ASP S 54 -10.99 4.48 29.48
CA ASP S 54 -11.41 3.14 29.12
C ASP S 54 -12.65 2.71 29.89
N GLU S 55 -12.71 3.07 31.17
CA GLU S 55 -13.85 2.67 31.99
C GLU S 55 -15.14 3.24 31.41
N LYS S 56 -15.13 4.49 30.97
CA LYS S 56 -16.32 5.13 30.43
C LYS S 56 -16.63 4.65 29.02
N GLN S 57 -15.61 4.43 28.20
CA GLN S 57 -15.82 3.89 26.87
C GLN S 57 -16.46 2.52 26.92
N THR S 58 -16.04 1.70 27.89
CA THR S 58 -16.62 0.37 28.05
C THR S 58 -18.11 0.45 28.37
N LYS S 59 -18.50 1.38 29.24
CA LYS S 59 -19.90 1.52 29.59
C LYS S 59 -20.73 1.92 28.38
N MET S 60 -20.22 2.82 27.56
CA MET S 60 -21.02 3.35 26.46
C MET S 60 -21.01 2.41 25.26
N LEU S 61 -19.92 1.69 25.02
CA LEU S 61 -19.95 0.69 23.97
C LEU S 61 -20.82 -0.49 24.36
N GLU S 62 -20.89 -0.80 25.65
CA GLU S 62 -21.82 -1.83 26.11
C GLU S 62 -23.26 -1.42 25.88
N GLU S 63 -23.62 -0.19 26.25
CA GLU S 63 -24.98 0.36 26.03
C GLU S 63 -25.36 0.26 24.56
N ARG S 64 -24.48 0.69 23.66
CA ARG S 64 -24.78 0.71 22.21
C ARG S 64 -25.10 -0.70 21.72
N LYS S 65 -24.35 -1.69 22.18
CA LYS S 65 -24.58 -3.06 21.70
C LYS S 65 -25.94 -3.50 22.21
N GLN S 66 -26.34 -2.98 23.37
CA GLN S 66 -27.67 -3.28 23.87
C GLN S 66 -28.74 -2.56 23.07
N ALA S 67 -28.45 -1.34 22.60
CA ALA S 67 -29.41 -0.59 21.76
C ALA S 67 -29.63 -1.26 20.40
N ILE S 68 -28.57 -1.69 19.72
CA ILE S 68 -28.68 -2.30 18.37
C ILE S 68 -29.50 -3.57 18.53
N LEU S 69 -29.48 -4.17 19.72
CA LEU S 69 -30.21 -5.44 19.97
C LEU S 69 -31.68 -5.15 20.30
N GLU S 70 -32.00 -4.03 20.95
CA GLU S 70 -33.40 -3.66 21.10
C GLU S 70 -34.00 -3.23 19.78
N LYS S 71 -33.25 -2.49 18.97
CA LYS S 71 -33.78 -2.07 17.65
C LYS S 71 -34.08 -3.30 16.80
N ARG S 72 -33.12 -4.22 16.69
CA ARG S 72 -33.29 -5.42 15.83
C ARG S 72 -34.45 -6.26 16.36
N ALA S 73 -34.77 -6.14 17.64
CA ALA S 73 -35.82 -6.96 18.27
C ALA S 73 -37.16 -6.26 18.14
N ARG S 74 -37.23 -4.96 18.45
CA ARG S 74 -38.48 -4.23 18.23
C ARG S 74 -38.92 -4.33 16.79
N ARG S 75 -37.98 -4.22 15.85
CA ARG S 75 -38.31 -4.37 14.44
C ARG S 75 -38.77 -5.80 14.15
N ALA S 76 -38.11 -6.79 14.73
CA ALA S 76 -38.52 -8.17 14.52
C ALA S 76 -39.92 -8.42 15.10
N GLN S 77 -40.21 -7.83 16.26
CA GLN S 77 -41.52 -8.01 16.86
C GLN S 77 -42.61 -7.40 15.98
N ARG S 78 -42.35 -6.23 15.40
CA ARG S 78 -43.35 -5.58 14.57
C ARG S 78 -43.51 -6.26 13.21
N GLN S 79 -42.60 -7.15 12.83
CA GLN S 79 -42.73 -7.92 11.60
C GLN S 79 -43.48 -9.23 11.81
N ALA S 80 -43.84 -9.56 13.05
CA ALA S 80 -44.56 -10.80 13.32
C ALA S 80 -46.03 -10.71 12.93
N GLU S 81 -46.55 -9.51 12.68
CA GLU S 81 -47.95 -9.35 12.29
C GLU S 81 -48.19 -9.88 10.89
N LYS T 13 44.32 -41.36 -60.44
CA LYS T 13 43.77 -42.23 -59.39
C LYS T 13 44.69 -42.38 -58.17
N PRO T 14 45.99 -42.67 -58.36
CA PRO T 14 46.89 -42.74 -57.20
C PRO T 14 47.04 -41.39 -56.53
N ASN T 15 47.22 -41.42 -55.21
CA ASN T 15 47.43 -40.20 -54.46
C ASN T 15 48.80 -39.60 -54.76
N ILE T 16 48.95 -38.32 -54.43
CA ILE T 16 50.23 -37.65 -54.66
C ILE T 16 51.31 -38.27 -53.79
N THR T 17 50.91 -38.72 -52.59
CA THR T 17 51.84 -39.45 -51.69
C THR T 17 51.96 -40.85 -52.26
N GLY T 18 53.15 -41.46 -52.19
CA GLY T 18 53.33 -42.77 -52.73
C GLY T 18 52.66 -43.88 -51.97
N PHE T 19 51.79 -43.50 -51.02
CA PHE T 19 51.19 -44.50 -50.12
C PHE T 19 50.10 -45.31 -50.81
N ASP T 20 50.27 -46.63 -50.86
CA ASP T 20 49.23 -47.52 -51.33
C ASP T 20 49.03 -48.54 -50.22
N MET T 21 47.79 -48.79 -49.83
CA MET T 21 47.57 -49.68 -48.70
C MET T 21 47.82 -51.14 -49.07
N ARG T 22 47.60 -51.51 -50.34
CA ARG T 22 47.96 -52.86 -50.76
C ARG T 22 49.45 -53.09 -50.62
N GLU T 23 50.26 -52.13 -51.04
CA GLU T 23 51.71 -52.25 -50.91
C GLU T 23 52.14 -52.15 -49.46
N PHE T 24 51.41 -51.37 -48.66
CA PHE T 24 51.73 -51.25 -47.22
C PHE T 24 51.61 -52.63 -46.58
N LEU T 25 50.52 -53.35 -46.85
CA LEU T 25 50.33 -54.66 -46.24
C LEU T 25 51.29 -55.69 -46.78
N ARG T 26 51.77 -55.51 -48.01
CA ARG T 26 52.75 -56.44 -48.56
C ARG T 26 54.04 -56.42 -47.77
N HIS T 27 54.41 -55.26 -47.24
CA HIS T 27 55.63 -55.11 -46.47
C HIS T 27 55.43 -55.43 -44.99
N THR T 28 54.22 -55.82 -44.57
CA THR T 28 53.99 -56.24 -43.20
C THR T 28 54.59 -57.63 -43.04
N LYS T 29 55.90 -57.65 -42.88
CA LYS T 29 56.67 -58.87 -42.72
C LYS T 29 57.90 -58.55 -41.90
N THR T 30 58.76 -59.53 -41.73
CA THR T 30 60.07 -59.27 -41.14
C THR T 30 61.04 -58.91 -42.24
N PRO T 31 61.53 -57.67 -42.30
CA PRO T 31 62.35 -57.24 -43.44
C PRO T 31 63.67 -58.01 -43.51
N THR T 32 64.16 -58.17 -44.73
CA THR T 32 65.42 -58.88 -44.93
C THR T 32 66.60 -58.10 -44.34
N TYR T 33 66.70 -56.82 -44.66
CA TYR T 33 67.69 -55.93 -44.06
C TYR T 33 66.99 -54.85 -43.26
N ASP T 34 67.54 -54.52 -42.10
CA ASP T 34 66.97 -53.49 -41.26
C ASP T 34 68.09 -52.73 -40.57
N PRO T 35 68.13 -51.40 -40.69
CA PRO T 35 69.14 -50.64 -39.96
C PRO T 35 69.06 -50.83 -38.46
N TRP T 36 67.87 -51.07 -37.93
CA TRP T 36 67.67 -51.30 -36.51
C TRP T 36 67.67 -52.78 -36.17
N GLU T 37 68.08 -53.64 -37.11
CA GLU T 37 67.95 -55.09 -36.94
C GLU T 37 68.60 -55.55 -35.64
N ARG T 38 69.84 -55.14 -35.41
CA ARG T 38 70.56 -55.61 -34.23
C ARG T 38 70.02 -55.00 -32.95
N HIS T 39 69.42 -53.81 -33.04
CA HIS T 39 68.88 -53.13 -31.82
C HIS T 39 67.65 -53.90 -31.31
N GLU T 40 66.99 -54.65 -32.17
CA GLU T 40 65.76 -55.35 -31.79
C GLU T 40 65.94 -56.85 -31.68
N ALA T 41 67.15 -57.36 -31.95
CA ALA T 41 67.36 -58.80 -32.03
C ALA T 41 67.24 -59.50 -30.68
N TRP T 42 67.26 -58.75 -29.58
CA TRP T 42 67.17 -59.35 -28.25
C TRP T 42 65.78 -59.89 -27.93
N ARG T 43 64.77 -59.45 -28.69
CA ARG T 43 63.37 -59.79 -28.34
C ARG T 43 62.94 -61.12 -28.95
N TYR T 44 63.79 -61.74 -29.75
CA TYR T 44 63.42 -62.99 -30.45
C TYR T 44 64.42 -64.09 -30.12
N THR T 45 65.27 -63.86 -29.13
CA THR T 45 66.36 -64.82 -28.84
C THR T 45 66.43 -65.09 -27.34
N GLY T 46 67.10 -66.17 -26.95
CA GLY T 46 67.27 -66.50 -25.52
C GLY T 46 65.93 -66.82 -24.89
N ARG T 47 65.66 -66.03 -23.76
CA ARG T 47 64.38 -66.20 -23.04
C ARG T 47 63.24 -65.97 -24.03
N PHE T 48 63.49 -65.36 -25.16
CA PHE T 48 62.38 -64.91 -25.99
C PHE T 48 62.35 -65.64 -27.32
N SER T 49 63.00 -66.80 -27.39
CA SER T 49 62.81 -67.72 -28.48
C SER T 49 61.44 -68.38 -28.37
N ARG T 50 61.03 -69.02 -29.46
CA ARG T 50 59.71 -69.64 -29.52
C ARG T 50 59.55 -70.66 -28.39
N PHE T 51 60.54 -71.56 -28.26
CA PHE T 51 60.46 -72.62 -27.25
C PHE T 51 60.41 -72.03 -25.85
N ASN T 52 61.31 -71.11 -25.55
CA ASN T 52 61.42 -70.59 -24.19
C ASN T 52 60.13 -69.90 -23.76
N ARG T 53 59.49 -69.17 -24.67
CA ARG T 53 58.25 -68.47 -24.32
C ARG T 53 57.16 -69.46 -23.93
N PHE T 54 57.04 -70.57 -24.64
CA PHE T 54 56.01 -71.56 -24.37
C PHE T 54 56.53 -72.80 -23.66
N LYS T 55 57.76 -72.74 -23.12
CA LYS T 55 58.26 -73.87 -22.36
C LYS T 55 57.42 -74.12 -21.12
N GLY T 56 57.01 -73.06 -20.44
CA GLY T 56 56.24 -73.20 -19.21
C GLY T 56 54.86 -72.61 -19.29
N ALA T 57 54.24 -72.66 -20.47
CA ALA T 57 52.90 -72.12 -20.63
C ALA T 57 51.88 -72.91 -19.83
N LEU T 58 52.18 -74.17 -19.51
CA LEU T 58 51.31 -75.02 -18.69
C LEU T 58 52.15 -75.47 -17.50
N PRO T 59 52.23 -74.67 -16.44
CA PRO T 59 53.20 -74.94 -15.37
C PRO T 59 53.17 -76.33 -14.77
N GLY T 60 52.05 -76.73 -14.20
CA GLY T 60 52.02 -77.98 -13.47
C GLY T 60 51.70 -79.21 -14.28
N PHE T 61 51.60 -79.10 -15.60
CA PHE T 61 51.14 -80.22 -16.40
C PHE T 61 52.11 -81.39 -16.36
N GLY T 62 53.42 -81.11 -16.44
CA GLY T 62 54.39 -82.19 -16.47
C GLY T 62 54.44 -82.97 -15.17
N ILE T 63 54.44 -82.26 -14.03
CA ILE T 63 54.48 -82.94 -12.75
C ILE T 63 53.18 -83.69 -12.51
N ALA T 64 52.06 -83.12 -12.94
CA ALA T 64 50.76 -83.72 -12.69
C ALA T 64 50.54 -84.95 -13.57
N THR T 65 51.02 -84.92 -14.81
CA THR T 65 50.76 -86.01 -15.74
C THR T 65 51.38 -87.31 -15.24
N VAL T 66 52.66 -87.26 -14.83
CA VAL T 66 53.30 -88.46 -14.33
C VAL T 66 52.70 -88.87 -12.99
N ALA T 67 52.34 -87.89 -12.15
CA ALA T 67 51.72 -88.21 -10.87
C ALA T 67 50.36 -88.87 -11.06
N PHE T 68 49.57 -88.39 -12.01
CA PHE T 68 48.25 -88.97 -12.24
C PHE T 68 48.35 -90.38 -12.79
N THR T 69 49.39 -90.68 -13.58
CA THR T 69 49.57 -92.04 -14.07
C THR T 69 49.88 -92.99 -12.93
N ALA T 70 50.62 -92.52 -11.91
CA ALA T 70 50.89 -93.35 -10.75
C ALA T 70 49.59 -93.73 -10.05
N TYR T 71 48.67 -92.78 -9.88
CA TYR T 71 47.37 -93.09 -9.31
C TYR T 71 46.53 -93.93 -10.28
N CYS T 72 46.68 -93.69 -11.58
CA CYS T 72 45.88 -94.42 -12.56
C CYS T 72 46.20 -95.90 -12.53
N VAL T 73 47.45 -96.26 -12.24
CA VAL T 73 47.85 -97.67 -12.16
C VAL T 73 47.55 -98.12 -10.73
N PHE T 74 46.29 -98.51 -10.52
CA PHE T 74 45.84 -99.04 -9.25
C PHE T 74 45.28 -100.45 -9.38
N GLU T 75 45.23 -100.99 -10.60
CA GLU T 75 44.77 -102.35 -10.80
C GLU T 75 45.68 -103.35 -10.10
N HIS T 76 46.99 -103.14 -10.19
CA HIS T 76 47.96 -104.01 -9.53
C HIS T 76 48.09 -103.67 -8.05
N PRO U 2 -7.96 -59.00 30.29
CA PRO U 2 -6.86 -58.69 29.38
C PRO U 2 -5.72 -57.95 30.09
N THR U 3 -4.86 -57.31 29.31
CA THR U 3 -3.78 -56.51 29.88
C THR U 3 -4.37 -55.36 30.69
N PRO U 4 -3.88 -55.11 31.90
CA PRO U 4 -4.43 -54.02 32.70
C PRO U 4 -4.26 -52.67 32.01
N GLU U 5 -5.22 -51.78 32.26
CA GLU U 5 -5.19 -50.46 31.66
C GLU U 5 -4.24 -49.58 32.44
N SER U 6 -3.24 -49.02 31.76
CA SER U 6 -2.15 -48.32 32.42
C SER U 6 -2.63 -47.01 33.04
N GLU U 7 -1.83 -46.51 33.98
CA GLU U 7 -2.13 -45.21 34.57
C GLU U 7 -2.00 -44.09 33.55
N ALA U 8 -1.01 -44.18 32.66
CA ALA U 8 -0.92 -43.23 31.56
C ALA U 8 -2.13 -43.36 30.64
N PHE U 9 -2.75 -44.52 30.59
CA PHE U 9 -3.97 -44.71 29.83
C PHE U 9 -5.22 -44.50 30.69
N LEU U 10 -5.23 -43.41 31.45
CA LEU U 10 -6.48 -42.89 31.99
C LEU U 10 -6.52 -41.39 31.76
N ALA U 11 -5.34 -40.77 31.78
CA ALA U 11 -5.26 -39.33 31.60
C ALA U 11 -5.66 -38.94 30.19
N LYS U 12 -5.30 -39.74 29.20
CA LYS U 12 -5.55 -39.41 27.81
C LYS U 12 -6.68 -40.21 27.20
N LYS U 13 -7.43 -40.95 28.00
CA LYS U 13 -8.54 -41.73 27.46
C LYS U 13 -9.72 -40.81 27.18
N PRO U 14 -10.26 -40.82 25.96
CA PRO U 14 -11.39 -39.93 25.66
C PRO U 14 -12.60 -40.27 26.52
N GLN U 15 -13.30 -39.21 26.95
CA GLN U 15 -14.50 -39.35 27.75
C GLN U 15 -15.77 -39.20 26.91
N VAL U 16 -15.63 -39.08 25.60
CA VAL U 16 -16.75 -38.78 24.72
C VAL U 16 -16.69 -39.74 23.53
N PRO U 17 -17.81 -39.99 22.84
CA PRO U 17 -17.76 -40.86 21.67
C PRO U 17 -17.11 -40.17 20.49
N PRO U 18 -16.47 -40.92 19.61
CA PRO U 18 -15.84 -40.30 18.43
C PRO U 18 -16.85 -39.83 17.40
N THR U 19 -17.47 -38.68 17.64
CA THR U 19 -18.54 -38.17 16.80
C THR U 19 -18.62 -36.67 16.93
N PHE U 20 -19.33 -36.06 15.99
CA PHE U 20 -19.67 -34.64 16.03
C PHE U 20 -21.16 -34.41 16.11
N ASP U 21 -21.97 -35.45 15.95
CA ASP U 21 -23.41 -35.31 16.00
C ASP U 21 -23.84 -34.94 17.42
N GLY U 22 -24.75 -33.98 17.52
CA GLY U 22 -25.21 -33.51 18.82
C GLY U 22 -24.12 -32.86 19.64
N VAL U 23 -23.19 -32.16 19.00
CA VAL U 23 -22.11 -31.46 19.68
C VAL U 23 -22.25 -29.99 19.34
N ASP U 24 -22.48 -29.16 20.35
CA ASP U 24 -22.53 -27.73 20.15
C ASP U 24 -21.11 -27.20 19.89
N TYR U 25 -20.93 -26.54 18.75
CA TYR U 25 -19.58 -26.12 18.38
C TYR U 25 -19.11 -24.97 19.23
N GLU U 26 -20.00 -24.05 19.57
CA GLU U 26 -19.64 -22.93 20.43
C GLU U 26 -19.26 -23.37 21.84
N ASP U 27 -19.55 -24.63 22.22
CA ASP U 27 -18.96 -25.16 23.47
C ASP U 27 -17.62 -25.71 23.00
N ASN U 28 -16.55 -24.97 23.22
CA ASN U 28 -15.21 -25.35 22.74
C ASN U 28 -14.73 -26.59 23.47
N LYS U 29 -14.98 -26.68 24.77
CA LYS U 29 -14.59 -27.86 25.56
C LYS U 29 -15.18 -29.14 24.93
N ARG U 30 -16.50 -29.22 24.72
CA ARG U 30 -17.02 -30.44 24.12
C ARG U 30 -16.46 -30.64 22.72
N LEU U 31 -16.22 -29.57 21.98
CA LEU U 31 -15.78 -29.71 20.56
C LEU U 31 -14.37 -30.30 20.44
N LYS U 32 -13.43 -29.83 21.26
CA LYS U 32 -12.02 -30.27 21.20
C LYS U 32 -11.88 -31.71 21.63
N GLN U 33 -12.77 -32.16 22.50
CA GLN U 33 -12.75 -33.55 22.98
C GLN U 33 -13.32 -34.43 21.89
N ALA U 34 -14.30 -33.98 21.13
CA ALA U 34 -14.73 -34.74 19.96
C ALA U 34 -13.62 -34.84 18.93
N GLN U 35 -12.86 -33.77 18.76
CA GLN U 35 -11.71 -33.78 17.83
C GLN U 35 -10.73 -34.83 18.33
N ASP U 36 -10.38 -34.78 19.61
CA ASP U 36 -9.45 -35.76 20.22
C ASP U 36 -9.99 -37.19 20.14
N ALA U 37 -11.29 -37.39 20.36
CA ALA U 37 -11.87 -38.75 20.36
C ALA U 37 -11.73 -39.41 19.00
N ILE U 38 -11.98 -38.68 17.93
CA ILE U 38 -11.88 -39.22 16.55
C ILE U 38 -10.43 -39.53 16.20
N ILE U 39 -9.50 -38.66 16.54
CA ILE U 39 -8.07 -38.85 16.20
C ILE U 39 -7.55 -40.09 16.92
N ARG U 40 -7.93 -40.27 18.19
CA ARG U 40 -7.43 -41.41 19.01
C ARG U 40 -7.94 -42.73 18.45
N GLU U 41 -9.17 -42.78 17.97
CA GLU U 41 -9.73 -44.02 17.37
C GLU U 41 -8.97 -44.37 16.09
N GLN U 42 -8.75 -43.40 15.21
CA GLN U 42 -8.08 -43.65 13.92
C GLN U 42 -6.68 -44.19 14.21
N TRP U 43 -6.01 -43.65 15.22
CA TRP U 43 -4.67 -44.09 15.63
C TRP U 43 -4.65 -45.48 16.25
N VAL U 44 -5.65 -45.86 17.03
CA VAL U 44 -5.74 -47.23 17.61
C VAL U 44 -5.88 -48.23 16.47
N GLN U 45 -6.64 -47.85 15.46
CA GLN U 45 -6.86 -48.72 14.30
C GLN U 45 -5.55 -48.97 13.56
N VAL U 46 -4.70 -47.96 13.43
CA VAL U 46 -3.45 -48.11 12.64
C VAL U 46 -2.41 -48.83 13.49
N MET U 47 -2.44 -48.66 14.80
CA MET U 47 -1.53 -49.44 15.61
C MET U 47 -2.01 -50.87 15.78
N MET U 48 -3.32 -51.11 15.61
CA MET U 48 -3.82 -52.47 15.55
C MET U 48 -3.22 -53.23 14.38
N GLY U 49 -3.15 -52.58 13.22
CA GLY U 49 -2.50 -53.20 12.07
C GLY U 49 -1.00 -53.35 12.25
N ARG U 50 -0.34 -52.37 12.86
CA ARG U 50 1.10 -52.48 13.19
C ARG U 50 1.39 -53.78 13.96
N LEU U 51 0.65 -54.04 15.04
CA LEU U 51 0.83 -55.23 15.90
C LEU U 51 0.53 -56.52 15.15
N VAL U 52 -0.52 -56.55 14.33
CA VAL U 52 -0.81 -57.75 13.48
C VAL U 52 0.37 -57.98 12.53
N ARG U 53 0.94 -56.93 11.97
CA ARG U 53 2.11 -57.01 11.03
C ARG U 53 3.33 -57.58 11.75
N GLU U 54 3.55 -57.22 13.01
CA GLU U 54 4.66 -57.82 13.81
C GLU U 54 4.44 -59.32 14.02
N GLU U 55 3.21 -59.75 14.29
CA GLU U 55 2.92 -61.20 14.43
C GLU U 55 3.10 -61.91 13.08
N LEU U 56 2.66 -61.28 12.00
CA LEU U 56 2.80 -61.88 10.65
C LEU U 56 4.27 -62.18 10.40
N SER U 57 5.13 -61.21 10.71
CA SER U 57 6.60 -61.37 10.48
C SER U 57 7.16 -62.55 11.27
N LYS U 58 6.65 -62.79 12.48
CA LYS U 58 7.23 -63.86 13.32
C LYS U 58 6.67 -65.17 12.78
N CYS U 59 5.42 -65.19 12.29
CA CYS U 59 4.90 -66.39 11.64
C CYS U 59 5.65 -66.65 10.34
N TYR U 60 6.09 -65.60 9.66
CA TYR U 60 6.84 -65.76 8.38
C TYR U 60 8.21 -66.38 8.67
N TYR U 61 8.93 -65.88 9.67
CA TYR U 61 10.30 -66.38 9.98
C TYR U 61 10.22 -67.70 10.74
N ARG U 62 9.04 -68.06 11.25
CA ARG U 62 8.85 -69.33 11.93
C ARG U 62 8.50 -70.43 10.94
N GLU U 63 7.67 -70.12 9.94
CA GLU U 63 7.18 -71.13 9.02
C GLU U 63 8.02 -71.22 7.76
N GLY U 64 8.73 -70.15 7.41
CA GLY U 64 9.66 -70.20 6.30
C GLY U 64 9.02 -70.52 4.96
N VAL U 65 9.25 -71.74 4.49
CA VAL U 65 8.75 -72.12 3.17
C VAL U 65 7.23 -72.22 3.17
N ASN U 66 6.65 -72.89 4.16
CA ASN U 66 5.21 -73.04 4.20
C ASN U 66 4.56 -71.99 5.09
N HIS U 67 4.82 -70.74 4.78
CA HIS U 67 4.11 -69.62 5.44
C HIS U 67 2.86 -69.40 4.61
N LEU U 68 2.88 -69.81 3.34
CA LEU U 68 1.74 -69.61 2.46
C LEU U 68 0.53 -70.45 2.85
N GLU U 69 0.70 -71.39 3.79
CA GLU U 69 -0.41 -72.19 4.27
C GLU U 69 -0.51 -72.20 5.78
N LYS U 70 0.26 -71.37 6.48
CA LYS U 70 0.22 -71.31 7.93
C LYS U 70 -0.05 -69.92 8.48
N CYS U 71 0.07 -68.87 7.68
CA CYS U 71 -0.03 -67.50 8.15
C CYS U 71 -1.18 -66.76 7.49
N GLY U 72 -2.21 -67.49 7.05
CA GLY U 72 -3.29 -66.86 6.29
C GLY U 72 -4.24 -66.03 7.11
N LYS U 73 -4.50 -66.43 8.37
CA LYS U 73 -5.39 -65.66 9.23
C LYS U 73 -4.81 -64.29 9.53
N LEU U 74 -3.51 -64.23 9.83
CA LEU U 74 -2.86 -62.94 10.06
C LEU U 74 -2.84 -62.11 8.78
N ARG U 75 -2.67 -62.76 7.63
CA ARG U 75 -2.70 -62.03 6.36
C ARG U 75 -4.07 -61.42 6.12
N GLU U 76 -5.14 -62.15 6.42
CA GLU U 76 -6.49 -61.59 6.33
C GLU U 76 -6.63 -60.33 7.15
N ARG U 77 -6.27 -60.42 8.44
CA ARG U 77 -6.50 -59.30 9.34
C ARG U 77 -5.71 -58.07 8.92
N TYR U 78 -4.47 -58.26 8.48
CA TYR U 78 -3.66 -57.13 8.06
C TYR U 78 -4.21 -56.49 6.79
N LEU U 79 -4.72 -57.30 5.87
CA LEU U 79 -5.26 -56.76 4.64
C LEU U 79 -6.60 -56.08 4.87
N GLN U 80 -7.38 -56.57 5.82
CA GLN U 80 -8.59 -55.87 6.24
C GLN U 80 -8.25 -54.50 6.80
N LEU U 81 -7.33 -54.45 7.77
CA LEU U 81 -6.97 -53.19 8.39
C LEU U 81 -6.33 -52.23 7.40
N LEU U 82 -5.53 -52.75 6.46
CA LEU U 82 -4.83 -51.89 5.52
C LEU U 82 -5.81 -51.12 4.62
N ALA U 83 -6.94 -51.72 4.30
CA ALA U 83 -7.93 -51.06 3.47
C ALA U 83 -8.85 -50.13 4.26
N ASN U 84 -8.83 -50.19 5.59
CA ASN U 84 -9.80 -49.50 6.41
C ASN U 84 -9.22 -48.50 7.38
N ALA U 85 -7.95 -48.62 7.73
CA ALA U 85 -7.48 -47.65 8.72
C ALA U 85 -6.45 -46.73 8.12
N LYS U 86 -6.77 -45.45 8.07
CA LYS U 86 -5.80 -44.43 7.66
C LYS U 86 -6.03 -43.33 8.68
N VAL U 87 -5.08 -42.45 8.91
CA VAL U 87 -5.38 -41.32 9.82
C VAL U 87 -5.85 -40.21 8.88
N LYS U 88 -7.15 -39.94 8.87
CA LYS U 88 -7.70 -38.98 7.88
C LYS U 88 -8.06 -37.66 8.55
N GLY U 89 -7.98 -37.61 9.86
CA GLY U 89 -8.30 -36.38 10.60
C GLY U 89 -9.77 -36.23 10.95
N TYR U 90 -10.17 -35.10 11.53
CA TYR U 90 -11.55 -34.80 11.86
C TYR U 90 -12.13 -33.71 10.98
N LEU U 91 -11.32 -33.06 10.17
CA LEU U 91 -11.72 -31.81 9.53
C LEU U 91 -12.89 -32.02 8.59
N PHE U 92 -12.83 -33.06 7.75
CA PHE U 92 -13.98 -33.41 6.93
C PHE U 92 -15.15 -33.81 7.80
N GLU U 93 -14.90 -34.63 8.81
CA GLU U 93 -15.94 -35.14 9.70
C GLU U 93 -16.62 -33.99 10.43
N GLN U 94 -15.84 -33.01 10.87
CA GLN U 94 -16.37 -31.87 11.62
C GLN U 94 -17.24 -30.97 10.76
N GLN U 95 -16.96 -30.89 9.46
CA GLN U 95 -17.55 -29.89 8.58
C GLN U 95 -18.68 -30.40 7.72
N ASN U 96 -19.01 -31.68 7.82
CA ASN U 96 -20.08 -32.29 7.04
C ASN U 96 -20.86 -33.19 7.95
N TYR U 97 -22.16 -33.33 7.71
CA TYR U 97 -22.96 -34.36 8.38
C TYR U 97 -23.47 -35.34 7.36
N TRP U 98 -23.39 -36.63 7.71
CA TRP U 98 -23.85 -37.73 6.88
C TRP U 98 -25.01 -38.39 7.59
N SER U 99 -26.17 -38.45 6.91
CA SER U 99 -27.42 -38.79 7.60
C SER U 99 -27.49 -40.28 7.93
N LYS U 100 -26.77 -41.11 7.18
CA LYS U 100 -26.83 -42.57 7.29
C LYS U 100 -28.20 -43.13 6.96
N GLU U 101 -28.98 -42.42 6.16
CA GLU U 101 -30.31 -42.89 5.79
C GLU U 101 -30.50 -42.89 4.28
N VAL V 8 64.61 -64.65 -10.23
CA VAL V 8 63.28 -65.04 -9.71
C VAL V 8 63.43 -66.00 -8.52
N SER V 9 62.72 -65.75 -7.42
CA SER V 9 62.85 -66.57 -6.18
C SER V 9 62.32 -67.98 -6.34
N ARG V 10 62.90 -68.93 -5.60
CA ARG V 10 62.50 -70.35 -5.65
C ARG V 10 61.09 -70.56 -5.11
N VAL V 11 60.74 -69.72 -4.07
CA VAL V 11 59.43 -69.87 -3.39
C VAL V 11 58.32 -69.62 -4.41
N HIS V 12 58.36 -68.49 -5.11
CA HIS V 12 57.36 -68.18 -6.18
C HIS V 12 57.40 -69.27 -7.26
N ARG V 13 58.56 -69.88 -7.48
CA ARG V 13 58.70 -70.96 -8.49
C ARG V 13 57.99 -72.22 -7.99
N PHE V 14 58.14 -72.57 -6.71
CA PHE V 14 57.55 -73.82 -6.19
C PHE V 14 56.05 -73.60 -6.11
N LEU V 15 55.69 -72.41 -5.67
CA LEU V 15 54.26 -72.10 -5.60
C LEU V 15 53.62 -72.10 -6.98
N ALA V 16 54.31 -71.57 -7.97
CA ALA V 16 53.74 -71.48 -9.32
C ALA V 16 53.45 -72.86 -9.89
N THR V 17 54.42 -73.76 -9.83
CA THR V 17 54.21 -75.11 -10.35
C THR V 17 53.34 -75.94 -9.43
N GLY V 18 53.38 -75.66 -8.12
CA GLY V 18 52.50 -76.36 -7.21
C GLY V 18 51.04 -76.03 -7.44
N LEU V 19 50.75 -74.74 -7.65
CA LEU V 19 49.39 -74.34 -7.98
C LEU V 19 48.96 -74.91 -9.31
N GLY V 20 49.87 -74.96 -10.27
CA GLY V 20 49.57 -75.61 -11.53
C GLY V 20 49.35 -77.11 -11.39
N ALA V 21 50.21 -77.77 -10.62
CA ALA V 21 50.01 -79.19 -10.35
C ALA V 21 48.81 -79.44 -9.45
N SER V 22 48.29 -78.41 -8.79
CA SER V 22 47.00 -78.55 -8.12
C SER V 22 45.91 -78.88 -9.13
N MET V 23 45.84 -78.05 -10.18
CA MET V 23 44.93 -78.36 -11.31
C MET V 23 45.64 -79.46 -12.08
N TRP V 24 45.00 -80.06 -13.08
CA TRP V 24 45.68 -81.07 -13.93
C TRP V 24 45.90 -82.32 -13.08
N PHE V 25 45.39 -82.32 -11.85
CA PHE V 25 45.40 -83.56 -11.03
C PHE V 25 43.94 -83.65 -10.64
N TRP V 26 43.41 -82.52 -10.16
CA TRP V 26 41.95 -82.45 -9.87
C TRP V 26 41.23 -82.60 -11.20
N ILE V 27 41.76 -81.97 -12.25
CA ILE V 27 41.09 -81.99 -13.58
C ILE V 27 40.93 -83.44 -14.04
N PHE V 28 42.02 -84.22 -14.12
CA PHE V 28 41.86 -85.59 -14.60
C PHE V 28 41.26 -86.52 -13.56
N TYR V 29 41.44 -86.23 -12.27
CA TYR V 29 40.71 -87.01 -11.28
C TYR V 29 39.21 -86.81 -11.42
N ARG V 30 38.79 -85.57 -11.65
CA ARG V 30 37.38 -85.29 -11.85
C ARG V 30 36.89 -85.84 -13.18
N ALA V 31 37.76 -85.87 -14.18
CA ALA V 31 37.38 -86.48 -15.46
C ALA V 31 37.32 -87.99 -15.35
N LYS V 32 38.25 -88.60 -14.63
CA LYS V 32 38.21 -90.05 -14.46
C LYS V 32 36.97 -90.48 -13.68
N LYS V 33 36.52 -89.65 -12.75
CA LYS V 33 35.38 -90.01 -11.91
C LYS V 33 34.06 -89.53 -12.48
N ASP V 34 34.01 -88.31 -13.00
CA ASP V 34 32.76 -87.73 -13.48
C ASP V 34 32.70 -87.57 -14.99
N GLY V 35 33.73 -87.97 -15.70
CA GLY V 35 33.76 -87.89 -17.15
C GLY V 35 32.71 -88.74 -17.84
N PRO V 36 32.69 -90.05 -17.57
CA PRO V 36 31.71 -90.90 -18.27
C PRO V 36 30.28 -90.49 -18.05
N VAL V 37 29.97 -89.96 -16.88
CA VAL V 37 28.59 -89.51 -16.57
C VAL V 37 28.34 -88.22 -17.35
N LEU V 38 29.35 -87.37 -17.45
CA LEU V 38 29.20 -86.08 -18.13
C LEU V 38 29.00 -86.27 -19.63
N LEU V 39 29.77 -87.16 -20.25
CA LEU V 39 29.71 -87.33 -21.69
C LEU V 39 28.73 -88.41 -22.13
N GLY V 40 27.85 -88.85 -21.24
CA GLY V 40 26.65 -89.58 -21.63
C GLY V 40 26.74 -91.08 -21.55
N TRP V 41 27.95 -91.60 -21.33
CA TRP V 41 28.15 -93.07 -21.33
C TRP V 41 27.51 -93.70 -20.08
N LYS V 42 27.27 -92.88 -19.05
CA LYS V 42 26.77 -93.43 -17.77
C LYS V 42 25.52 -92.68 -17.31
N HIS V 43 25.04 -92.86 -16.16
CA HIS V 43 23.91 -92.12 -15.57
C HIS V 43 24.27 -91.96 -14.08
N PRO V 44 23.85 -91.03 -13.30
CA PRO V 44 24.31 -90.86 -11.92
C PRO V 44 23.56 -91.84 -11.01
N TRP V 45 23.64 -93.14 -11.28
CA TRP V 45 22.95 -94.19 -10.48
C TRP V 45 23.27 -95.57 -11.07
N THR W 4 12.35 60.94 28.94
CA THR W 4 11.52 62.07 28.56
C THR W 4 10.05 61.74 28.73
N THR W 5 9.47 61.07 27.73
CA THR W 5 8.08 60.66 27.82
C THR W 5 7.92 59.57 28.87
N PRO W 6 6.85 59.64 29.68
CA PRO W 6 6.58 58.63 30.71
C PRO W 6 6.33 57.19 30.24
N ARG W 7 6.17 56.25 31.17
CA ARG W 7 5.79 54.85 30.81
C ARG W 7 4.48 54.55 31.54
N PHE W 8 3.46 54.08 30.82
CA PHE W 8 2.12 53.94 31.45
C PHE W 8 2.16 52.99 32.63
N TRP W 9 2.79 51.85 32.47
CA TRP W 9 2.71 50.87 33.57
C TRP W 9 3.46 51.39 34.79
N SER W 10 4.63 52.01 34.58
CA SER W 10 5.44 52.60 35.68
C SER W 10 4.74 53.75 36.39
N THR W 11 4.23 54.75 35.65
CA THR W 11 3.50 55.88 36.21
C THR W 11 2.26 56.12 35.38
N PRO W 12 1.12 55.52 35.76
CA PRO W 12 -0.06 55.60 34.90
C PRO W 12 -0.75 56.95 34.90
N LEU W 13 -0.77 57.65 36.03
CA LEU W 13 -1.45 58.96 36.05
C LEU W 13 -0.61 60.03 35.38
N LYS W 14 0.70 59.93 35.40
CA LYS W 14 1.58 60.94 34.76
C LYS W 14 1.58 60.72 33.25
N TYR W 15 1.32 59.48 32.83
CA TYR W 15 1.19 59.19 31.38
C TYR W 15 -0.10 59.82 30.88
N CYS W 16 -1.15 59.73 31.68
CA CYS W 16 -2.45 60.24 31.23
C CYS W 16 -2.35 61.75 31.08
N ARG W 17 -1.50 62.40 31.87
CA ARG W 17 -1.31 63.83 31.67
C ARG W 17 -0.47 64.12 30.43
N TRP W 18 0.57 63.32 30.21
CA TRP W 18 1.42 63.54 29.05
C TRP W 18 0.67 63.27 27.75
N ALA W 19 -0.14 62.21 27.73
CA ALA W 19 -0.89 61.90 26.51
C ALA W 19 -1.98 62.92 26.25
N ALA W 20 -2.62 63.42 27.30
CA ALA W 20 -3.60 64.47 27.12
C ALA W 20 -2.96 65.74 26.56
N ARG W 21 -1.70 65.98 26.88
CA ARG W 21 -1.01 67.17 26.40
C ARG W 21 -0.28 66.93 25.09
N GLU W 22 0.30 65.74 24.90
CA GLU W 22 1.20 65.51 23.78
C GLU W 22 0.58 64.68 22.66
N ARG W 23 -0.41 63.86 22.96
CA ARG W 23 -1.14 63.08 21.96
C ARG W 23 -2.63 63.31 22.12
N PRO W 24 -3.09 64.55 21.93
CA PRO W 24 -4.48 64.87 22.32
C PRO W 24 -5.53 64.18 21.46
N ALA W 25 -5.33 64.11 20.15
CA ALA W 25 -6.33 63.48 19.28
C ALA W 25 -6.50 62.01 19.62
N LEU W 26 -5.38 61.31 19.84
CA LEU W 26 -5.44 59.91 20.20
C LEU W 26 -6.00 59.71 21.60
N PHE W 27 -5.55 60.52 22.56
CA PHE W 27 -5.96 60.30 23.95
C PHE W 27 -7.45 60.46 24.11
N PHE W 28 -8.03 61.49 23.50
CA PHE W 28 -9.44 61.74 23.65
C PHE W 28 -10.31 60.87 22.74
N SER W 29 -9.71 60.16 21.80
CA SER W 29 -10.49 59.18 21.04
C SER W 29 -10.74 58.03 22.00
N VAL W 30 -9.68 57.60 22.68
CA VAL W 30 -9.79 56.48 23.66
C VAL W 30 -10.76 56.89 24.77
N VAL W 31 -10.72 58.15 25.17
CA VAL W 31 -11.62 58.68 26.25
C VAL W 31 -13.06 58.74 25.74
N ILE W 32 -13.31 59.34 24.56
CA ILE W 32 -14.67 59.39 24.04
C ILE W 32 -15.20 57.98 23.80
N GLY W 33 -14.34 57.09 23.33
CA GLY W 33 -14.76 55.71 23.18
C GLY W 33 -15.19 55.07 24.50
N ALA W 34 -14.45 55.35 25.57
CA ALA W 34 -14.80 54.79 26.87
C ALA W 34 -16.06 55.43 27.44
N LEU W 35 -16.36 56.67 27.07
CA LEU W 35 -17.58 57.32 27.54
C LEU W 35 -18.83 56.69 26.97
N GLY W 36 -18.71 55.92 25.88
CA GLY W 36 -19.84 55.20 25.33
C GLY W 36 -20.24 54.05 26.21
N PRO W 37 -19.30 53.19 26.64
CA PRO W 37 -19.69 52.15 27.58
C PRO W 37 -20.09 52.71 28.95
N VAL W 38 -19.59 53.90 29.35
CA VAL W 38 -20.01 54.48 30.61
C VAL W 38 -21.46 54.97 30.52
N THR W 39 -21.81 55.66 29.43
CA THR W 39 -23.16 56.22 29.35
C THR W 39 -24.21 55.13 29.31
N LEU W 40 -23.81 53.93 28.88
CA LEU W 40 -24.79 52.84 28.71
C LEU W 40 -25.00 52.16 30.06
N ALA W 41 -24.13 52.44 31.03
CA ALA W 41 -24.18 51.71 32.32
C ALA W 41 -24.68 52.64 33.42
N THR W 42 -24.75 53.92 33.14
CA THR W 42 -25.12 54.89 34.16
C THR W 42 -26.42 55.62 33.88
N VAL W 43 -26.60 56.15 32.67
CA VAL W 43 -27.77 57.00 32.35
C VAL W 43 -29.08 56.23 32.53
N PRO W 44 -29.28 55.03 31.94
CA PRO W 44 -30.55 54.36 32.08
C PRO W 44 -30.92 54.08 33.53
N PRO W 45 -30.02 53.62 34.43
CA PRO W 45 -30.40 53.50 35.85
C PRO W 45 -30.83 54.84 36.47
N LEU W 46 -30.14 55.92 36.16
CA LEU W 46 -30.49 57.27 36.66
C LEU W 46 -31.82 57.72 36.03
N ARG W 47 -32.06 57.42 34.75
CA ARG W 47 -33.33 57.78 34.06
C ARG W 47 -34.51 57.10 34.76
N ARG W 48 -34.37 55.83 35.13
CA ARG W 48 -35.53 55.12 35.71
C ARG W 48 -35.60 55.48 37.19
N LEU W 49 -34.53 56.01 37.76
CA LEU W 49 -34.60 56.48 39.13
C LEU W 49 -35.48 57.71 39.24
N ILE W 50 -35.49 58.56 38.21
CA ILE W 50 -36.29 59.78 38.23
C ILE W 50 -37.62 59.62 37.48
N GLY W 51 -37.89 58.42 36.96
CA GLY W 51 -39.23 58.21 36.37
C GLY W 51 -39.31 58.45 34.88
N ASP W 52 -38.18 58.58 34.19
CA ASP W 52 -38.23 58.71 32.71
C ASP W 52 -38.34 57.30 32.13
N VAL W 53 -39.55 56.86 31.81
CA VAL W 53 -39.75 55.45 31.35
C VAL W 53 -39.48 55.33 29.85
N ASP W 54 -39.12 54.13 29.40
CA ASP W 54 -38.97 53.91 27.94
C ASP W 54 -40.35 53.86 27.31
N ALA W 55 -40.47 54.34 26.08
CA ALA W 55 -41.74 54.26 25.35
C ALA W 55 -41.99 52.79 24.98
N ALA W 56 -43.24 52.36 24.90
CA ALA W 56 -43.53 50.98 24.43
C ALA W 56 -43.13 50.93 22.96
N PRO W 57 -42.78 49.76 22.38
CA PRO W 57 -42.47 49.73 20.95
C PRO W 57 -43.72 50.12 20.16
N ILE W 58 -43.54 50.83 19.05
CA ILE W 58 -44.70 51.22 18.20
C ILE W 58 -45.16 50.00 17.40
N PRO W 59 -46.45 49.86 16.97
CA PRO W 59 -46.83 48.69 16.15
C PRO W 59 -46.24 48.64 14.73
N LEU W 60 -45.71 47.49 14.32
CA LEU W 60 -45.07 47.33 12.99
C LEU W 60 -45.73 46.16 12.28
N THR W 61 -46.74 45.55 12.89
CA THR W 61 -47.54 44.46 12.29
C THR W 61 -48.96 44.75 12.79
N TYR W 62 -49.99 44.26 12.11
CA TYR W 62 -51.35 44.45 12.68
C TYR W 62 -51.40 43.80 14.05
N PRO W 63 -51.97 44.49 15.05
CA PRO W 63 -51.96 43.98 16.41
C PRO W 63 -53.08 42.97 16.64
N ILE W 64 -52.83 41.69 16.34
CA ILE W 64 -53.88 40.64 16.47
C ILE W 64 -54.24 40.57 17.95
N PRO W 65 -55.54 40.42 18.29
CA PRO W 65 -55.95 40.30 19.66
C PRO W 65 -55.72 38.86 20.16
N PRO W 66 -55.20 38.58 21.39
CA PRO W 66 -55.06 37.20 21.85
C PRO W 66 -56.35 36.64 22.44
N GLY W 67 -56.48 35.33 22.34
CA GLY W 67 -57.62 34.64 22.89
C GLY W 67 -58.64 34.24 21.84
N PRO W 68 -59.75 33.65 22.29
CA PRO W 68 -60.79 33.23 21.33
C PRO W 68 -61.50 34.42 20.73
N ARG W 69 -62.15 34.17 19.58
CA ARG W 69 -62.91 35.21 18.91
C ARG W 69 -64.16 35.55 19.71
N LYS W 70 -64.67 36.76 19.50
CA LYS W 70 -65.69 37.34 20.37
C LYS W 70 -67.11 37.02 19.96
N GLN W 71 -67.32 36.35 18.83
CA GLN W 71 -68.66 35.96 18.38
C GLN W 71 -69.58 37.17 18.28
N LEU W 72 -69.23 38.03 17.33
CA LEU W 72 -69.93 39.30 17.16
C LEU W 72 -71.34 39.09 16.62
N LYS W 73 -72.20 40.08 16.86
CA LYS W 73 -73.54 40.12 16.29
C LYS W 73 -73.83 41.53 15.81
N GLY W 74 -74.29 41.65 14.58
CA GLY W 74 -74.56 42.95 14.00
C GLY W 74 -73.88 43.14 12.66
N TYR W 75 -74.32 44.14 11.89
CA TYR W 75 -73.71 44.47 10.60
C TYR W 75 -73.71 43.27 9.66
N ASP W 76 -74.81 42.54 9.63
CA ASP W 76 -74.91 41.33 8.84
C ASP W 76 -75.46 41.65 7.46
N ASP W 77 -75.65 40.60 6.66
CA ASP W 77 -76.14 40.79 5.26
C ASP W 77 -77.49 41.49 5.27
N ASP W 78 -78.33 41.23 6.28
CA ASP W 78 -79.69 41.82 6.32
C ASP W 78 -79.60 43.34 6.54
N THR W 79 -78.46 43.83 7.04
CA THR W 79 -78.30 45.27 7.33
C THR W 79 -77.73 46.01 6.11
N GLU W 80 -77.42 45.28 5.04
CA GLU W 80 -76.90 45.92 3.79
C GLU W 80 -77.68 47.20 3.50
N PRO X 5 61.63 -42.43 -3.71
CA PRO X 5 61.28 -41.01 -3.87
C PRO X 5 59.93 -40.67 -3.26
N LYS X 6 59.91 -39.70 -2.35
CA LYS X 6 58.70 -39.27 -1.68
C LYS X 6 58.32 -37.87 -2.15
N ILE X 7 57.03 -37.62 -2.26
CA ILE X 7 56.52 -36.34 -2.76
C ILE X 7 56.85 -35.23 -1.78
N PRO X 8 57.29 -34.06 -2.24
CA PRO X 8 57.39 -32.91 -1.34
C PRO X 8 56.02 -32.35 -1.00
N TYR X 9 55.79 -32.09 0.27
CA TYR X 9 54.49 -31.68 0.77
C TYR X 9 54.65 -30.58 1.80
N PRO X 10 53.60 -29.79 2.03
CA PRO X 10 53.69 -28.73 3.04
C PRO X 10 53.51 -29.27 4.45
N LYS X 11 54.37 -28.79 5.35
CA LYS X 11 54.47 -29.33 6.69
C LYS X 11 53.62 -28.59 7.72
N HIS X 12 52.89 -27.57 7.30
CA HIS X 12 51.96 -26.88 8.18
C HIS X 12 50.55 -27.42 8.08
N VAL X 13 50.29 -28.34 7.16
CA VAL X 13 48.94 -28.84 6.95
C VAL X 13 48.64 -29.93 7.96
N TRP X 14 47.56 -29.75 8.71
CA TRP X 14 47.14 -30.69 9.74
C TRP X 14 45.96 -31.49 9.21
N SER X 15 46.07 -32.82 9.27
CA SER X 15 45.02 -33.70 8.80
C SER X 15 44.72 -34.74 9.87
N PRO X 16 43.44 -35.05 10.10
CA PRO X 16 43.11 -36.10 11.07
C PRO X 16 43.61 -37.47 10.67
N ALA X 17 43.79 -37.72 9.37
CA ALA X 17 44.24 -39.02 8.87
C ALA X 17 45.75 -39.11 8.77
N GLY X 18 46.46 -38.08 9.19
CA GLY X 18 47.91 -38.09 9.26
C GLY X 18 48.58 -37.19 8.23
N GLY X 19 48.10 -37.20 7.00
CA GLY X 19 48.72 -36.44 5.94
C GLY X 19 49.49 -37.33 4.98
N TRP X 20 50.75 -36.97 4.72
CA TRP X 20 51.49 -37.60 3.63
C TRP X 20 52.27 -38.85 4.02
N TYR X 21 53.03 -38.88 5.10
CA TYR X 21 53.70 -40.17 5.41
C TYR X 21 53.71 -40.25 6.93
N ALA X 22 52.55 -40.07 7.55
CA ALA X 22 52.60 -39.90 9.01
C ALA X 22 52.55 -41.18 9.82
N GLN X 23 53.66 -41.47 10.52
CA GLN X 23 53.66 -42.58 11.48
C GLN X 23 54.30 -41.99 12.72
N PRO X 24 53.62 -41.93 13.88
CA PRO X 24 54.26 -41.44 15.10
C PRO X 24 55.24 -42.48 15.66
N ALA X 25 56.13 -42.07 16.56
CA ALA X 25 57.03 -43.05 17.18
C ALA X 25 56.27 -43.74 18.32
N ASN X 26 55.17 -43.16 18.78
CA ASN X 26 54.31 -43.82 19.80
C ASN X 26 53.23 -44.63 19.10
N TRP X 27 53.37 -44.86 17.79
CA TRP X 27 52.28 -45.51 17.01
C TRP X 27 51.82 -46.79 17.69
N LYS X 28 52.75 -47.61 18.21
CA LYS X 28 52.36 -48.88 18.78
C LYS X 28 51.54 -48.69 20.05
N GLN X 29 51.89 -47.73 20.87
CA GLN X 29 51.17 -47.51 22.14
C GLN X 29 49.76 -47.04 21.83
N ASN X 30 49.64 -46.04 20.99
CA ASN X 30 48.33 -45.50 20.60
C ASN X 30 47.50 -46.62 19.95
N THR X 31 48.07 -47.44 19.07
CA THR X 31 47.37 -48.55 18.36
C THR X 31 46.93 -49.58 19.38
N ALA X 32 47.73 -49.86 20.39
CA ALA X 32 47.30 -50.75 21.46
C ALA X 32 46.09 -50.19 22.20
N ILE X 33 46.10 -48.89 22.49
CA ILE X 33 45.01 -48.28 23.23
C ILE X 33 43.73 -48.30 22.40
N PHE X 34 43.83 -47.99 21.10
CA PHE X 34 42.67 -48.04 20.24
C PHE X 34 42.15 -49.46 20.09
N GLY X 35 43.03 -50.46 20.19
CA GLY X 35 42.57 -51.83 20.13
C GLY X 35 41.71 -52.22 21.32
N LEU X 36 42.09 -51.77 22.52
CA LEU X 36 41.31 -52.07 23.71
C LEU X 36 39.94 -51.41 23.66
N VAL X 37 39.87 -50.15 23.24
CA VAL X 37 38.57 -49.48 23.18
C VAL X 37 37.70 -50.11 22.10
N ILE X 38 38.30 -50.57 21.00
CA ILE X 38 37.55 -51.36 20.03
C ILE X 38 37.05 -52.63 20.69
N PHE X 39 37.93 -53.35 21.38
CA PHE X 39 37.55 -54.58 22.04
C PHE X 39 36.48 -54.34 23.11
N GLY X 40 36.60 -53.24 23.84
CA GLY X 40 35.59 -52.91 24.83
C GLY X 40 34.25 -52.54 24.21
N ILE X 41 34.27 -51.77 23.13
CA ILE X 41 33.03 -51.40 22.46
C ILE X 41 32.37 -52.63 21.86
N THR X 42 33.16 -53.47 21.19
CA THR X 42 32.58 -54.65 20.56
C THR X 42 32.14 -55.68 21.58
N ALA X 43 32.59 -55.53 22.83
CA ALA X 43 32.12 -56.40 23.92
C ALA X 43 30.73 -55.99 24.38
N MET X 44 30.39 -54.71 24.28
CA MET X 44 29.05 -54.28 24.67
C MET X 44 28.02 -54.67 23.62
N VAL X 45 28.35 -54.52 22.34
CA VAL X 45 27.41 -54.89 21.29
C VAL X 45 27.20 -56.38 21.27
N TRP X 46 28.20 -57.16 21.68
CA TRP X 46 28.05 -58.61 21.76
C TRP X 46 27.03 -58.99 22.83
N LYS X 47 27.15 -58.40 24.01
CA LYS X 47 26.20 -58.67 25.08
C LYS X 47 24.80 -58.17 24.72
N TYR X 48 24.71 -57.12 23.90
CA TYR X 48 23.41 -56.74 23.37
C TYR X 48 22.86 -57.81 22.43
N SER X 49 23.70 -58.34 21.55
CA SER X 49 23.27 -59.38 20.64
C SER X 49 22.75 -60.59 21.39
N ALA X 50 23.50 -61.03 22.41
CA ALA X 50 23.17 -62.25 23.12
C ALA X 50 21.77 -62.17 23.72
N GLU X 51 21.38 -61.01 24.22
CA GLU X 51 20.11 -60.83 24.90
C GLU X 51 19.00 -60.38 23.96
N HIS X 52 19.28 -60.11 22.70
CA HIS X 52 18.29 -59.54 21.81
C HIS X 52 18.18 -60.23 20.46
N GLU X 53 19.09 -61.14 20.11
CA GLU X 53 18.85 -61.99 18.95
C GLU X 53 17.61 -62.85 19.19
N VAL X 54 16.84 -63.04 18.12
CA VAL X 54 15.59 -63.78 18.18
C VAL X 54 15.65 -64.94 17.22
N ARG X 55 15.35 -66.13 17.72
CA ARG X 55 15.30 -67.35 16.92
C ARG X 55 13.95 -68.01 17.12
N HIS X 56 13.42 -68.60 16.04
CA HIS X 56 12.12 -69.31 16.10
C HIS X 56 12.37 -70.82 16.01
N LYS X 57 13.64 -71.25 16.11
CA LYS X 57 13.99 -72.65 16.03
C LYS X 57 15.26 -72.87 16.82
N MET X 58 15.22 -73.76 17.75
CA MET X 58 16.41 -73.98 18.54
C MET X 58 17.28 -75.06 17.92
N PRO X 59 18.59 -75.00 18.17
CA PRO X 59 19.50 -75.98 17.57
C PRO X 59 19.38 -77.35 18.21
N GLU X 60 19.96 -78.34 17.54
CA GLU X 60 19.97 -79.69 18.05
C GLU X 60 21.00 -79.83 19.18
N PRO X 61 20.76 -80.73 20.13
CA PRO X 61 21.68 -80.86 21.28
C PRO X 61 23.09 -81.24 20.90
N ASP X 62 23.28 -82.13 19.92
CA ASP X 62 24.61 -82.61 19.57
C ASP X 62 25.17 -81.96 18.32
N ARG X 63 24.50 -80.97 17.76
CA ARG X 63 24.87 -80.37 16.49
C ARG X 63 25.61 -79.06 16.72
N PHE X 64 26.75 -78.92 16.06
CA PHE X 64 27.67 -77.79 16.26
C PHE X 64 26.98 -76.44 16.10
N TYR X 65 26.92 -75.66 17.17
CA TYR X 65 26.21 -74.39 17.16
C TYR X 65 26.78 -73.54 18.29
N PRO X 66 27.93 -72.88 18.07
CA PRO X 66 28.61 -72.18 19.17
C PRO X 66 27.81 -71.03 19.78
N SER X 67 26.72 -70.58 19.16
CA SER X 67 25.89 -69.58 19.80
C SER X 67 25.28 -70.10 21.10
N ARG X 68 25.16 -71.42 21.24
CA ARG X 68 24.56 -72.02 22.43
C ARG X 68 25.16 -71.52 23.73
N TYR X 69 26.35 -70.96 23.68
CA TYR X 69 27.11 -70.71 24.89
C TYR X 69 26.92 -69.30 25.45
N TRP X 70 26.32 -68.38 24.70
CA TRP X 70 26.19 -67.01 25.19
C TRP X 70 24.83 -66.36 24.94
N VAL X 71 23.97 -66.91 24.11
CA VAL X 71 22.69 -66.26 23.82
C VAL X 71 21.64 -66.72 24.81
N LYS X 72 20.90 -65.76 25.37
CA LYS X 72 20.03 -66.07 26.49
C LYS X 72 18.83 -66.91 26.09
N GLN X 73 18.27 -66.66 24.90
CA GLN X 73 17.09 -67.41 24.48
C GLN X 73 17.40 -68.90 24.36
N ILE X 74 18.54 -69.23 23.77
CA ILE X 74 18.95 -70.62 23.67
C ILE X 74 19.31 -71.17 25.04
N LYS X 75 20.03 -70.39 25.84
CA LYS X 75 20.43 -70.84 27.16
C LYS X 75 19.22 -71.08 28.05
N ASP X 76 18.18 -70.25 27.91
CA ASP X 76 16.93 -70.51 28.60
C ASP X 76 16.29 -71.80 28.11
N TYR X 77 16.30 -72.04 26.81
CA TYR X 77 15.75 -73.27 26.26
C TYR X 77 16.52 -74.50 26.72
N GLU X 78 17.84 -74.50 26.56
CA GLU X 78 18.62 -75.71 26.83
C GLU X 78 18.62 -76.05 28.31
N ARG X 79 18.55 -75.03 29.18
CA ARG X 79 18.44 -75.30 30.61
C ARG X 79 17.07 -75.85 30.97
N ALA X 80 16.02 -75.32 30.35
CA ALA X 80 14.68 -75.85 30.59
C ALA X 80 14.57 -77.28 30.07
N GLN X 81 15.12 -77.56 28.89
CA GLN X 81 15.12 -78.93 28.36
C GLN X 81 15.96 -79.86 29.22
N LYS X 82 16.89 -79.34 30.01
CA LYS X 82 17.66 -80.17 30.93
C LYS X 82 16.94 -80.34 32.26
N GLU X 83 15.66 -80.74 32.17
CA GLU X 83 14.86 -81.01 33.34
C GLU X 83 13.74 -81.98 32.89
N LYS X 84 13.94 -83.26 33.17
CA LYS X 84 13.01 -84.28 32.71
C LYS X 84 13.18 -85.53 33.56
N GLN X 85 12.19 -86.41 33.48
CA GLN X 85 12.17 -87.67 34.21
C GLN X 85 12.40 -87.47 35.71
N GLY Y 3 36.39 -5.31 4.10
CA GLY Y 3 36.35 -5.90 5.45
C GLY Y 3 37.67 -6.46 5.90
N LEU Y 4 37.71 -7.72 6.34
CA LEU Y 4 39.00 -8.36 6.71
C LEU Y 4 39.90 -8.47 5.50
N GLN Y 5 41.21 -8.32 5.70
CA GLN Y 5 42.14 -8.55 4.57
C GLN Y 5 42.09 -10.03 4.21
N HIS Y 6 42.08 -10.31 2.92
CA HIS Y 6 42.04 -11.70 2.45
C HIS Y 6 43.47 -12.04 2.02
N TYR Y 7 43.73 -13.29 1.66
CA TYR Y 7 45.05 -13.69 1.17
C TYR Y 7 45.18 -13.18 -0.27
N LYS Y 8 46.40 -13.21 -0.82
CA LYS Y 8 46.63 -12.71 -2.19
C LYS Y 8 46.16 -13.71 -3.25
N ILE Y 9 45.34 -13.25 -4.19
CA ILE Y 9 44.81 -14.09 -5.30
C ILE Y 9 45.26 -13.43 -6.59
N ALA Y 10 45.73 -14.21 -7.54
CA ALA Y 10 46.13 -13.67 -8.84
C ALA Y 10 44.86 -13.51 -9.63
N MET Y 11 44.18 -12.37 -9.45
CA MET Y 11 42.86 -12.19 -10.06
C MET Y 11 43.06 -12.05 -11.56
N ASP Y 12 42.44 -12.95 -12.31
CA ASP Y 12 42.67 -12.94 -13.76
C ASP Y 12 41.80 -11.84 -14.34
N PRO Y 13 42.35 -10.79 -14.99
CA PRO Y 13 41.50 -9.78 -15.61
C PRO Y 13 40.45 -10.37 -16.53
N ALA Y 14 40.74 -11.49 -17.18
CA ALA Y 14 39.79 -12.09 -18.11
C ALA Y 14 38.62 -12.73 -17.38
N LEU Y 15 38.90 -13.42 -16.26
CA LEU Y 15 37.82 -14.03 -15.50
C LEU Y 15 37.05 -12.99 -14.70
N VAL Y 16 37.71 -11.91 -14.27
CA VAL Y 16 37.01 -10.86 -13.55
C VAL Y 16 36.01 -10.15 -14.44
N ARG Y 17 36.40 -9.86 -15.68
CA ARG Y 17 35.46 -9.21 -16.60
C ARG Y 17 34.38 -10.17 -17.06
N LEU Y 18 34.67 -11.47 -17.09
CA LEU Y 18 33.63 -12.45 -17.38
C LEU Y 18 32.59 -12.52 -16.27
N GLY Y 19 33.04 -12.56 -15.02
CA GLY Y 19 32.11 -12.54 -13.91
C GLY Y 19 31.31 -11.25 -13.83
N SER Y 20 31.93 -10.13 -14.21
CA SER Y 20 31.20 -8.89 -14.34
C SER Y 20 30.17 -8.97 -15.45
N MET Y 21 30.51 -9.62 -16.56
CA MET Y 21 29.57 -9.76 -17.67
C MET Y 21 28.34 -10.55 -17.24
N ILE Y 22 28.54 -11.65 -16.53
CA ILE Y 22 27.39 -12.52 -16.13
C ILE Y 22 26.47 -11.70 -15.23
N SER Y 23 27.03 -10.91 -14.31
CA SER Y 23 26.24 -10.09 -13.35
C SER Y 23 25.40 -9.00 -14.00
N ASN Y 24 25.88 -8.34 -15.05
CA ASN Y 24 25.13 -7.20 -15.62
C ASN Y 24 24.36 -7.63 -16.86
N ARG Y 25 24.46 -8.89 -17.27
CA ARG Y 25 23.86 -9.42 -18.53
C ARG Y 25 22.40 -9.04 -18.77
N TYR Y 26 21.57 -9.01 -17.73
CA TYR Y 26 20.12 -8.74 -17.87
C TYR Y 26 19.88 -7.37 -18.50
N LYS Y 27 20.72 -6.40 -18.18
CA LYS Y 27 20.61 -5.04 -18.73
C LYS Y 27 20.64 -5.10 -20.26
N TYR Y 28 20.96 -6.26 -20.86
CA TYR Y 28 21.02 -6.23 -22.31
C TYR Y 28 20.08 -7.23 -22.97
N PHE Y 29 19.15 -7.83 -22.23
CA PHE Y 29 18.20 -8.73 -22.85
C PHE Y 29 17.20 -7.94 -23.70
N ARG Y 30 16.94 -8.46 -24.90
CA ARG Y 30 15.99 -7.85 -25.81
C ARG Y 30 14.89 -8.86 -26.11
N TRP Y 31 13.80 -8.36 -26.70
CA TRP Y 31 12.72 -9.26 -27.15
C TRP Y 31 12.92 -9.49 -28.64
N THR Y 32 13.39 -10.66 -29.02
CA THR Y 32 13.59 -11.07 -30.40
C THR Y 32 12.58 -12.15 -30.74
N LYS Y 33 12.64 -12.60 -31.99
CA LYS Y 33 11.85 -13.77 -32.37
C LYS Y 33 12.39 -15.02 -31.69
N ARG Y 34 13.66 -15.03 -31.34
CA ARG Y 34 14.27 -16.20 -30.73
C ARG Y 34 14.02 -16.24 -29.22
N THR Y 35 14.24 -15.11 -28.54
CA THR Y 35 14.08 -15.09 -27.09
C THR Y 35 12.63 -15.29 -26.70
N ALA Y 36 11.70 -14.78 -27.50
CA ALA Y 36 10.28 -15.04 -27.27
C ALA Y 36 9.96 -16.52 -27.47
N LEU Y 37 10.54 -17.15 -28.48
CA LEU Y 37 10.26 -18.56 -28.73
C LEU Y 37 10.74 -19.44 -27.59
N VAL Y 38 11.93 -19.18 -27.07
CA VAL Y 38 12.44 -19.95 -25.94
C VAL Y 38 11.63 -19.62 -24.68
N SER Y 39 11.28 -18.35 -24.49
CA SER Y 39 10.54 -17.96 -23.30
C SER Y 39 9.14 -18.55 -23.30
N PHE Y 40 8.47 -18.54 -24.44
CA PHE Y 40 7.13 -19.10 -24.53
C PHE Y 40 7.12 -20.60 -24.30
N MET Y 41 8.14 -21.30 -24.81
CA MET Y 41 8.22 -22.75 -24.63
C MET Y 41 8.36 -23.10 -23.16
N TYR Y 42 9.35 -22.49 -22.49
CA TYR Y 42 9.68 -22.85 -21.11
C TYR Y 42 8.60 -22.41 -20.14
N VAL Y 43 8.09 -21.18 -20.29
CA VAL Y 43 7.18 -20.59 -19.25
C VAL Y 43 5.71 -20.95 -19.47
N VAL Y 44 5.31 -21.24 -20.69
CA VAL Y 44 3.91 -21.54 -20.98
C VAL Y 44 3.73 -23.01 -21.33
N VAL Y 45 4.43 -23.49 -22.35
CA VAL Y 45 4.10 -24.77 -22.96
C VAL Y 45 4.38 -25.92 -21.99
N VAL Y 46 5.59 -26.00 -21.46
CA VAL Y 46 5.94 -27.09 -20.56
C VAL Y 46 5.09 -27.08 -19.29
N PRO Y 47 4.92 -25.97 -18.57
CA PRO Y 47 4.01 -26.00 -17.42
C PRO Y 47 2.57 -26.33 -17.79
N SER Y 48 2.09 -25.87 -18.94
CA SER Y 48 0.72 -26.18 -19.34
C SER Y 48 0.57 -27.65 -19.69
N THR Y 49 1.61 -28.26 -20.25
CA THR Y 49 1.57 -29.68 -20.54
C THR Y 49 1.64 -30.51 -19.27
N ILE Y 50 2.52 -30.13 -18.35
CA ILE Y 50 2.60 -30.83 -17.06
C ILE Y 50 1.31 -30.64 -16.27
N GLY Y 51 0.76 -29.44 -16.29
CA GLY Y 51 -0.49 -29.18 -15.58
C GLY Y 51 -1.66 -29.94 -16.17
N TYR Y 52 -1.70 -30.05 -17.50
CA TYR Y 52 -2.79 -30.77 -18.15
C TYR Y 52 -2.80 -32.24 -17.78
N LEU Y 53 -1.62 -32.87 -17.80
CA LEU Y 53 -1.55 -34.26 -17.38
C LEU Y 53 -1.87 -34.42 -15.90
N ALA Y 54 -1.51 -33.41 -15.10
CA ALA Y 54 -1.82 -33.45 -13.68
C ALA Y 54 -3.32 -33.46 -13.44
N TYR Y 55 -4.07 -32.75 -14.28
CA TYR Y 55 -5.52 -32.68 -14.11
C TYR Y 55 -6.20 -33.94 -14.61
N LYS Y 56 -5.71 -34.49 -15.71
CA LYS Y 56 -6.37 -35.64 -16.35
C LYS Y 56 -6.18 -36.92 -15.55
N THR Y 57 -5.06 -37.03 -14.86
CA THR Y 57 -4.75 -38.28 -14.13
C THR Y 57 -4.97 -38.10 -12.64
N ASP Y 58 -5.64 -37.02 -12.23
CA ASP Y 58 -5.76 -36.72 -10.78
C ASP Y 58 -6.84 -37.61 -10.17
N GLY Y 59 -6.48 -38.40 -9.16
CA GLY Y 59 -7.44 -39.37 -8.56
C GLY Y 59 -7.71 -40.55 -9.46
N LEU Y 60 -6.95 -40.70 -10.55
CA LEU Y 60 -7.15 -41.82 -11.50
C LEU Y 60 -6.75 -43.16 -10.87
N TRP Y 61 -5.68 -43.20 -10.08
CA TRP Y 61 -5.20 -44.50 -9.56
C TRP Y 61 -5.00 -44.53 -8.06
N ASP Y 62 -5.15 -45.70 -7.43
CA ASP Y 62 -4.85 -45.89 -5.99
C ASP Y 62 -4.28 -47.29 -5.87
N LEU Y 63 -3.22 -47.48 -5.09
CA LEU Y 63 -2.57 -48.81 -5.00
C LEU Y 63 -2.83 -49.46 -3.64
N ARG Y 64 -3.33 -48.71 -2.66
CA ARG Y 64 -3.40 -49.26 -1.31
C ARG Y 64 -4.39 -50.43 -1.24
N ALA Y 65 -3.91 -51.54 -0.70
CA ALA Y 65 -4.71 -52.72 -0.38
C ALA Y 65 -5.31 -53.38 -1.63
N LYS Y 66 -5.04 -52.83 -2.80
CA LYS Y 66 -5.55 -53.40 -4.04
C LYS Y 66 -4.90 -54.75 -4.29
N ARG Y 67 -5.72 -55.78 -4.45
CA ARG Y 67 -5.25 -57.13 -4.63
C ARG Y 67 -5.79 -57.66 -5.95
N ARG Y 68 -5.45 -58.91 -6.29
CA ARG Y 68 -5.90 -59.48 -7.54
C ARG Y 68 -7.41 -59.62 -7.56
N GLY Y 69 -8.02 -59.29 -8.70
CA GLY Y 69 -9.45 -59.17 -8.82
C GLY Y 69 -9.96 -57.77 -8.67
N ASP Y 70 -9.16 -56.86 -8.11
CA ASP Y 70 -9.46 -55.44 -8.02
C ASP Y 70 -8.71 -54.72 -9.14
N LEU Y 71 -9.16 -53.51 -9.45
CA LEU Y 71 -8.51 -52.70 -10.51
C LEU Y 71 -7.82 -51.51 -9.86
N ILE Y 72 -6.65 -51.13 -10.35
CA ILE Y 72 -5.89 -49.96 -9.81
C ILE Y 72 -6.72 -48.69 -10.05
N SER Y 73 -7.41 -48.61 -11.17
CA SER Y 73 -8.16 -47.38 -11.55
C SER Y 73 -9.31 -47.05 -10.58
N GLU Y 74 -9.26 -45.88 -9.95
CA GLU Y 74 -10.35 -45.41 -9.11
C GLU Y 74 -11.56 -45.03 -9.94
N ARG Y 75 -11.34 -44.39 -11.08
CA ARG Y 75 -12.38 -43.70 -11.82
C ARG Y 75 -12.65 -44.41 -13.14
N GLY Z 44 65.52 -43.19 12.44
CA GLY Z 44 64.09 -42.84 12.48
C GLY Z 44 63.82 -41.69 13.42
N HIS Z 45 62.66 -41.03 13.26
CA HIS Z 45 62.33 -39.86 14.10
C HIS Z 45 61.80 -40.32 15.45
N ASN Z 46 61.62 -39.39 16.38
CA ASN Z 46 61.10 -39.70 17.71
C ASN Z 46 59.84 -38.89 17.95
N VAL Z 47 59.43 -38.07 16.98
CA VAL Z 47 58.25 -37.20 17.22
C VAL Z 47 57.10 -38.12 17.59
N GLU Z 48 56.45 -37.82 18.71
CA GLU Z 48 55.34 -38.68 19.18
C GLU Z 48 54.06 -37.85 19.14
N GLU Z 49 52.94 -38.49 18.80
CA GLU Z 49 51.64 -37.80 18.73
C GLU Z 49 50.83 -38.21 19.96
N PRO Z 50 50.32 -37.27 20.79
CA PRO Z 50 49.45 -37.66 21.90
C PRO Z 50 48.08 -38.16 21.40
N LEU Z 51 47.36 -38.92 22.22
CA LEU Z 51 46.03 -39.48 21.83
C LEU Z 51 45.05 -38.36 21.52
N GLY Z 52 45.15 -37.22 22.17
CA GLY Z 52 44.31 -36.08 21.78
C GLY Z 52 43.07 -35.87 22.62
N ALA Z 53 42.53 -34.66 22.59
CA ALA Z 53 41.29 -34.44 23.30
C ALA Z 53 40.10 -35.05 22.58
N ALA Z 54 40.10 -35.05 21.25
CA ALA Z 54 39.05 -35.70 20.49
C ALA Z 54 38.93 -37.17 20.84
N PHE Z 55 40.05 -37.81 21.21
CA PHE Z 55 40.00 -39.20 21.65
C PHE Z 55 39.17 -39.34 22.92
N TYR Z 56 39.39 -38.45 23.88
CA TYR Z 56 38.72 -38.59 25.17
C TYR Z 56 37.28 -38.13 25.13
N ILE Z 57 36.97 -37.11 24.34
CA ILE Z 57 35.59 -36.65 24.22
C ILE Z 57 34.74 -37.73 23.57
N ALA Z 58 35.29 -38.43 22.59
CA ALA Z 58 34.55 -39.51 21.95
C ALA Z 58 34.40 -40.70 22.89
N VAL Z 59 35.48 -41.10 23.54
CA VAL Z 59 35.41 -42.23 24.48
C VAL Z 59 34.51 -41.87 25.66
N GLY Z 60 34.71 -40.70 26.23
CA GLY Z 60 33.87 -40.28 27.34
C GLY Z 60 32.42 -40.08 26.91
N GLY Z 61 32.21 -39.60 25.69
CA GLY Z 61 30.85 -39.47 25.19
C GLY Z 61 30.17 -40.82 25.04
N ILE Z 62 30.90 -41.83 24.60
CA ILE Z 62 30.33 -43.17 24.50
C ILE Z 62 30.11 -43.75 25.89
N ALA Z 63 31.10 -43.61 26.77
CA ALA Z 63 30.98 -44.17 28.11
C ALA Z 63 29.85 -43.50 28.89
N SER Z 64 29.76 -42.17 28.81
CA SER Z 64 28.71 -41.46 29.53
C SER Z 64 27.34 -41.86 29.03
N SER Z 65 27.18 -41.98 27.72
CA SER Z 65 25.89 -42.35 27.15
C SER Z 65 25.45 -43.72 27.64
N PHE Z 66 26.38 -44.67 27.69
CA PHE Z 66 26.06 -45.99 28.21
C PHE Z 66 25.69 -45.93 29.68
N VAL Z 67 26.38 -45.09 30.45
CA VAL Z 67 26.09 -44.97 31.87
C VAL Z 67 24.75 -44.28 32.09
N ILE Z 68 24.51 -43.18 31.38
CA ILE Z 68 23.29 -42.40 31.59
C ILE Z 68 22.07 -43.20 31.17
N TYR Z 69 22.15 -43.89 30.03
CA TYR Z 69 21.03 -44.69 29.56
C TYR Z 69 20.70 -45.81 30.54
N ASN Z 70 21.74 -46.44 31.11
CA ASN Z 70 21.50 -47.52 32.06
C ASN Z 70 20.77 -47.03 33.30
N ILE Z 71 21.13 -45.84 33.79
CA ILE Z 71 20.53 -45.32 35.01
C ILE Z 71 19.07 -44.95 34.78
N SER Z 72 18.77 -44.31 33.64
CA SER Z 72 17.46 -43.72 33.40
C SER Z 72 16.42 -44.72 32.92
N ARG Z 73 16.65 -46.02 33.06
CA ARG Z 73 15.66 -46.99 32.63
C ARG Z 73 14.62 -47.22 33.72
N PRO Z 74 13.38 -47.54 33.36
CA PRO Z 74 12.34 -47.67 34.39
C PRO Z 74 12.55 -48.84 35.33
N GLY Z 75 12.75 -50.04 34.80
CA GLY Z 75 12.92 -51.21 35.63
C GLY Z 75 12.28 -52.46 35.06
N PRO Z 76 12.12 -53.49 35.90
CA PRO Z 76 11.56 -54.75 35.39
C PRO Z 76 10.11 -54.63 34.92
N ASN Z 77 9.23 -54.09 35.76
CA ASN Z 77 7.82 -53.96 35.42
C ASN Z 77 7.30 -52.65 36.00
N GLY Z 78 7.20 -51.62 35.16
CA GLY Z 78 6.77 -50.32 35.64
C GLY Z 78 7.72 -49.77 36.68
N GLU Z 79 7.14 -49.24 37.76
CA GLU Z 79 7.90 -48.69 38.87
C GLU Z 79 8.93 -47.65 38.42
N PRO Z 80 8.49 -46.46 38.01
CA PRO Z 80 9.43 -45.44 37.56
C PRO Z 80 10.31 -44.95 38.71
N SER Z 81 11.47 -44.39 38.34
CA SER Z 81 12.41 -43.90 39.31
C SER Z 81 11.94 -42.57 39.90
N SER Z 82 12.71 -42.08 40.87
CA SER Z 82 12.36 -40.83 41.54
C SER Z 82 12.36 -39.66 40.57
N LEU Z 83 13.39 -39.59 39.72
CA LEU Z 83 13.46 -38.52 38.72
C LEU Z 83 12.29 -38.59 37.76
N HIS Z 84 11.94 -39.82 37.35
CA HIS Z 84 10.77 -39.99 36.46
C HIS Z 84 9.53 -39.45 37.18
N LYS Z 85 9.36 -39.78 38.47
CA LYS Z 85 8.24 -39.24 39.24
C LYS Z 85 8.27 -37.72 39.26
N TRP Z 86 9.44 -37.14 39.48
CA TRP Z 86 9.55 -35.69 39.53
C TRP Z 86 9.21 -35.06 38.19
N PHE Z 87 9.74 -35.62 37.10
CA PHE Z 87 9.54 -35.01 35.78
C PHE Z 87 8.08 -35.05 35.38
N SER Z 88 7.41 -36.17 35.63
CA SER Z 88 6.00 -36.27 35.28
C SER Z 88 5.14 -35.38 36.16
N LYS Z 89 5.59 -35.10 37.38
CA LYS Z 89 4.80 -34.30 38.31
C LYS Z 89 4.79 -32.83 37.91
N ILE Z 90 5.96 -32.29 37.56
CA ILE Z 90 6.06 -30.86 37.30
C ILE Z 90 5.24 -30.46 36.08
N SER Z 91 5.33 -31.26 35.01
CA SER Z 91 4.57 -31.00 33.80
C SER Z 91 3.26 -31.76 33.79
N ASP Z 92 2.48 -31.65 34.86
CA ASP Z 92 1.21 -32.35 34.92
C ASP Z 92 0.16 -31.65 34.07
N TYR Z 93 -0.18 -30.41 34.42
CA TYR Z 93 -1.12 -29.59 33.67
C TYR Z 93 -2.37 -30.37 33.27
N LYS Z 94 -2.96 -31.04 34.28
CA LYS Z 94 -3.99 -32.04 34.01
C LYS Z 94 -5.11 -31.47 33.15
N ASP Z 95 -5.57 -30.26 33.47
CA ASP Z 95 -6.60 -29.63 32.63
C ASP Z 95 -6.41 -28.12 32.52
N GLU Z 96 -5.29 -27.57 32.97
CA GLU Z 96 -5.20 -26.12 33.08
C GLU Z 96 -4.89 -25.46 31.73
N TRP Z 97 -4.42 -26.23 30.74
CA TRP Z 97 -4.42 -25.70 29.38
C TRP Z 97 -5.84 -25.65 28.82
N GLU Z 98 -6.63 -26.68 29.08
CA GLU Z 98 -8.00 -26.70 28.58
C GLU Z 98 -8.85 -25.60 29.20
N THR Z 99 -8.75 -25.41 30.51
CA THR Z 99 -9.62 -24.43 31.16
C THR Z 99 -9.29 -23.01 30.72
N ARG Z 100 -8.07 -22.76 30.30
CA ARG Z 100 -7.69 -21.37 29.96
C ARG Z 100 -7.98 -21.14 28.48
N ASN Z 101 -7.80 -22.15 27.66
CA ASN Z 101 -8.10 -22.06 26.21
C ASN Z 101 -9.59 -21.90 26.00
N THR Z 102 -10.39 -22.63 26.76
CA THR Z 102 -11.86 -22.58 26.63
C THR Z 102 -12.38 -21.20 27.01
N LEU Z 103 -11.86 -20.62 28.07
CA LEU Z 103 -12.27 -19.25 28.46
C LEU Z 103 -11.88 -18.28 27.34
N MET Z 104 -10.68 -18.39 26.79
CA MET Z 104 -10.26 -17.41 25.79
C MET Z 104 -11.03 -17.57 24.50
N ALA Z 105 -11.28 -18.82 24.10
CA ALA Z 105 -12.07 -19.07 22.90
C ALA Z 105 -13.48 -18.54 23.06
N ALA Z 106 -14.06 -18.66 24.26
CA ALA Z 106 -15.40 -18.17 24.50
C ALA Z 106 -15.48 -16.65 24.34
N ALA Z 107 -14.50 -15.91 24.83
CA ALA Z 107 -14.52 -14.43 24.77
C ALA Z 107 -14.29 -13.93 23.35
N LEU Z 108 -13.29 -14.49 22.67
CA LEU Z 108 -12.95 -14.04 21.30
C LEU Z 108 -14.10 -14.43 20.37
N GLU Z 109 -14.87 -15.47 20.73
CA GLU Z 109 -16.10 -15.79 19.96
C GLU Z 109 -17.16 -14.72 20.24
N GLN Z 110 -17.27 -14.24 21.48
CA GLN Z 110 -18.26 -13.18 21.80
C GLN Z 110 -17.90 -11.92 21.04
N ALA Z 111 -16.64 -11.50 21.08
CA ALA Z 111 -16.20 -10.25 20.43
C ALA Z 111 -16.46 -10.29 18.93
N ALA Z 112 -16.34 -11.45 18.30
CA ALA Z 112 -16.68 -11.58 16.86
C ALA Z 112 -18.15 -11.25 16.62
N HIS Z 113 -19.04 -11.71 17.49
CA HIS Z 113 -20.50 -11.44 17.39
C HIS Z 113 -20.67 -9.94 17.58
N ASP Z 114 -19.95 -9.35 18.53
CA ASP Z 114 -20.06 -7.90 18.84
C ASP Z 114 -19.57 -7.09 17.65
N LYS Z 115 -18.40 -7.44 17.10
CA LYS Z 115 -17.81 -6.71 15.95
C LYS Z 115 -18.80 -6.72 14.80
N HIS Z 116 -19.55 -7.81 14.67
CA HIS Z 116 -20.51 -7.95 13.55
C HIS Z 116 -21.72 -7.07 13.88
N LEU Z 117 -22.13 -7.02 15.15
CA LEU Z 117 -23.32 -6.21 15.55
C LEU Z 117 -23.06 -4.72 15.35
N LEU Z 118 -21.90 -4.24 15.78
CA LEU Z 118 -21.58 -2.79 15.70
C LEU Z 118 -21.29 -2.38 14.25
N LEU Z 119 -20.68 -3.26 13.45
CA LEU Z 119 -20.25 -2.89 12.08
C LEU Z 119 -21.38 -3.08 11.06
N THR Z 120 -22.48 -3.75 11.42
CA THR Z 120 -23.54 -4.04 10.43
C THR Z 120 -24.84 -3.43 10.93
N ALA Z 121 -24.77 -2.22 11.47
CA ALA Z 121 -25.96 -1.63 12.10
C ALA Z 121 -26.73 -0.75 11.11
N GLU Z 122 -28.02 -0.60 11.34
CA GLU Z 122 -28.86 0.18 10.40
C GLU Z 122 -28.40 1.64 10.39
N ARG Z 123 -28.20 2.21 9.22
CA ARG Z 123 -27.83 3.63 9.09
C ARG Z 123 -29.13 4.41 9.25
N SER Z 124 -29.05 5.57 9.87
CA SER Z 124 -30.25 6.43 10.03
C SER Z 124 -30.76 6.84 8.67
N ARG Z 125 -32.07 6.71 8.47
CA ARG Z 125 -32.68 7.20 7.22
C ARG Z 125 -33.52 8.39 7.64
N HIS Z 126 -33.51 8.70 8.94
CA HIS Z 126 -34.26 9.85 9.47
C HIS Z 126 -33.29 10.94 9.87
N ILE Z 127 -33.61 12.19 9.58
CA ILE Z 127 -32.76 13.33 10.03
C ILE Z 127 -33.48 14.00 11.19
N GLU Z 128 -32.76 14.28 12.27
CA GLU Z 128 -33.35 15.04 13.40
C GLU Z 128 -32.73 16.43 13.31
N LEU Z 129 -33.55 17.47 13.36
CA LEU Z 129 -33.02 18.83 13.17
C LEU Z 129 -32.08 19.16 14.31
N LYS Z 130 -30.87 19.65 13.99
CA LYS Z 130 -29.88 20.04 15.03
C LYS Z 130 -30.42 21.33 15.63
N TYR Z 131 -31.22 22.07 14.85
CA TYR Z 131 -31.78 23.37 15.25
C TYR Z 131 -33.30 23.38 15.06
N PRO Z 132 -34.09 22.69 15.92
CA PRO Z 132 -35.57 22.70 15.84
C PRO Z 132 -36.15 24.12 16.04
N GLU Z 133 -35.33 25.07 16.48
CA GLU Z 133 -35.80 26.44 16.80
C GLU Z 133 -36.01 27.21 15.50
N VAL Z 134 -35.79 26.56 14.37
CA VAL Z 134 -36.08 27.19 13.05
C VAL Z 134 -37.59 27.36 12.91
N PHE Z 135 -38.38 26.53 13.61
CA PHE Z 135 -39.85 26.66 13.58
C PHE Z 135 -40.27 28.02 14.16
N SER Z 136 -39.41 28.63 14.97
CA SER Z 136 -39.71 29.95 15.57
C SER Z 136 -39.19 31.11 14.71
N HIS Z 137 -38.57 30.82 13.57
CA HIS Z 137 -38.04 31.84 12.64
C HIS Z 137 -39.18 32.57 11.90
N GLY Z 138 -38.87 33.67 11.22
CA GLY Z 138 -39.90 34.45 10.52
C GLY Z 138 -39.90 35.93 10.90
N SER Z 139 -40.04 36.83 9.93
CA SER Z 139 -40.12 38.23 10.29
C SER Z 139 -41.39 38.50 11.11
N PRO Z 140 -41.29 39.27 12.18
CA PRO Z 140 -42.48 39.68 12.94
C PRO Z 140 -43.12 40.98 12.48
N PHE Z 141 -42.72 41.51 11.32
CA PHE Z 141 -43.22 42.82 10.86
C PHE Z 141 -43.96 42.65 9.54
N ASN Z 142 -45.01 43.45 9.32
CA ASN Z 142 -45.73 43.46 8.03
C ASN Z 142 -46.23 42.05 7.75
N VAL Z 143 -46.65 41.38 8.82
CA VAL Z 143 -47.12 39.97 8.70
C VAL Z 143 -48.57 39.99 8.22
N PRO Z 144 -48.95 39.39 7.05
CA PRO Z 144 -50.37 39.35 6.72
C PRO Z 144 -51.14 38.26 7.47
N ALA Z 145 -52.39 38.52 7.85
CA ALA Z 145 -53.20 37.54 8.60
C ALA Z 145 -53.31 36.22 7.83
N GLY Z 146 -53.11 35.10 8.51
CA GLY Z 146 -53.19 33.78 7.88
C GLY Z 146 -51.94 33.43 7.11
N PHE Z 147 -50.91 34.26 7.18
CA PHE Z 147 -49.63 33.89 6.52
C PHE Z 147 -48.96 32.72 7.23
N TYR Z 148 -48.82 32.80 8.55
CA TYR Z 148 -48.04 31.76 9.26
C TYR Z 148 -48.89 30.54 9.56
N PRO Z 149 -48.38 29.32 9.26
CA PRO Z 149 -49.13 28.11 9.49
C PRO Z 149 -49.23 27.75 10.96
N ASN Z 150 -50.24 26.97 11.30
CA ASN Z 150 -50.42 26.54 12.69
C ASN Z 150 -49.48 25.37 12.96
N LEU Z 151 -48.63 25.51 13.97
CA LEU Z 151 -47.59 24.54 14.26
C LEU Z 151 -47.73 24.00 15.68
N ASP Z 152 -48.96 23.96 16.20
CA ASP Z 152 -49.19 23.36 17.51
C ASP Z 152 -48.85 21.89 17.55
N HIS Z 153 -49.03 21.17 16.43
CA HIS Z 153 -48.70 19.75 16.42
C HIS Z 153 -47.19 19.54 16.38
N VAL Z 154 -46.44 20.48 15.80
CA VAL Z 154 -44.99 20.46 15.93
C VAL Z 154 -44.59 20.68 17.38
N ILE Z 155 -45.24 21.63 18.04
CA ILE Z 155 -44.90 21.96 19.42
C ILE Z 155 -45.14 20.77 20.32
N GLU Z 156 -46.20 20.01 20.05
CA GLU Z 156 -46.52 18.83 20.88
C GLU Z 156 -45.53 17.69 20.66
N HIS Z 157 -44.98 17.52 19.47
CA HIS Z 157 -43.98 16.48 19.16
C HIS Z 157 -42.72 16.77 19.95
N TYR Z 158 -42.35 18.04 20.03
CA TYR Z 158 -41.09 18.42 20.70
C TYR Z 158 -41.34 18.46 22.20
N ARG Z 159 -42.60 18.68 22.60
CA ARG Z 159 -42.89 18.58 24.02
C ARG Z 159 -42.81 17.13 24.51
N LYS Z 160 -43.38 16.22 23.76
CA LYS Z 160 -43.28 14.79 24.11
C LYS Z 160 -41.81 14.43 24.27
N GLN Z 161 -40.96 14.81 23.31
CA GLN Z 161 -39.54 14.39 23.31
C GLN Z 161 -38.83 14.89 24.57
N HIS Z 162 -39.08 16.13 24.98
CA HIS Z 162 -38.46 16.69 26.21
C HIS Z 162 -38.93 15.91 27.42
N LEU Z 163 -40.22 15.59 27.51
CA LEU Z 163 -40.82 14.88 28.65
C LEU Z 163 -40.30 13.45 28.72
N GLU Z 164 -40.13 12.79 27.59
CA GLU Z 164 -39.59 11.42 27.59
C GLU Z 164 -38.12 11.37 28.06
N GLU Z 165 -37.26 12.28 27.62
CA GLU Z 165 -35.86 12.29 28.11
C GLU Z 165 -35.81 12.64 29.60
N GLU Z 166 -36.62 13.59 30.05
CA GLU Z 166 -36.67 13.94 31.48
C GLU Z 166 -37.01 12.68 32.28
N GLU Z 167 -38.05 11.97 31.89
CA GLU Z 167 -38.49 10.74 32.59
C GLU Z 167 -37.46 9.63 32.45
N ARG Z 168 -36.84 9.48 31.29
CA ARG Z 168 -35.89 8.36 31.12
C ARG Z 168 -34.74 8.57 32.08
N LYS Z 169 -34.24 9.79 32.16
CA LYS Z 169 -33.10 10.10 33.04
C LYS Z 169 -33.55 9.92 34.46
N ALA Z 170 -34.76 10.36 34.76
CA ALA Z 170 -35.27 10.26 36.13
C ALA Z 170 -35.30 8.80 36.53
N LYS Z 171 -35.75 7.92 35.65
CA LYS Z 171 -35.70 6.48 35.96
C LYS Z 171 -34.24 6.05 36.11
N LYS Z 172 -33.36 6.55 35.25
CA LYS Z 172 -31.93 6.13 35.25
C LYS Z 172 -31.23 6.46 36.57
N LEU Z 173 -31.41 7.67 37.11
CA LEU Z 173 -30.63 8.04 38.27
C LEU Z 173 -31.41 7.95 39.58
N ALA Z 174 -32.65 7.47 39.54
CA ALA Z 174 -33.41 7.21 40.76
C ALA Z 174 -33.60 5.74 41.06
N ALA Z 175 -33.67 4.89 40.02
CA ALA Z 175 -33.73 3.46 40.20
C ALA Z 175 -32.36 2.81 40.33
N ALA Z 176 -31.29 3.57 40.13
CA ALA Z 176 -29.93 3.07 40.30
C ALA Z 176 -29.19 3.75 41.45
N ALA Z 177 -29.79 4.73 42.11
CA ALA Z 177 -29.20 5.39 43.26
C ALA Z 177 -29.79 4.90 44.58
N ALA Z 178 -30.55 3.81 44.54
CA ALA Z 178 -31.13 3.24 45.75
C ALA Z 178 -30.74 1.78 45.90
#